data_8F6N
#
_entry.id   8F6N
#
_cell.length_a   82.445
_cell.length_b   158.144
_cell.length_c   165.707
_cell.angle_alpha   90.00
_cell.angle_beta   96.78
_cell.angle_gamma   90.00
#
_symmetry.space_group_name_H-M   'P 1 21 1'
#
loop_
_entity.id
_entity.type
_entity.pdbx_description
1 polymer 'Dihydropyrimidine dehydrogenase [NADP(+)]'
2 non-polymer 'IRON/SULFUR CLUSTER'
3 non-polymer 'FLAVIN MONONUCLEOTIDE'
4 non-polymer 'FLAVIN-ADENINE DINUCLEOTIDE'
5 non-polymer THYMINE
6 water water
#
_entity_poly.entity_id   1
_entity_poly.type   'polypeptide(L)'
_entity_poly.pdbx_seq_one_letter_code
;MAPVLSKDVADIESILALNPRTQSHAALHSTLAKKLDKKHWKRNPDKNCFHCEKLENNFDDIKHTTLGERGALREAMRCL
KCADAPCQKSCPTHLDIKSFITSISNKNYYGAAKMIFSDNPLGLTCGMVCPTSDLCVGGCNLYATEEGSINIGGLQQFAS
EVFKAMNIPQIRNPCLPSQEKMPEAYSAKIALLGAGPASISCASFLARLGYSDITIFEKQEYVGGLSTSEIPQFRLPYDV
VNFEIELMKDLGVKIICGKSLSENEITLNTLKEEGYKAAFIGIGLPEPKTDDIFQGLTQDQGFYTSKDFLPLVAKSSKAG
MCACHSPLPSIRGAVIVLGAGDTAFDCATSALRCGARRVFLVFRKGFVNIRAVPEEVELAKEEKCEFLPFLSPRKVIVKG
GRIVAVQFVRTEQDETGKWNEDEDQIVHLKADVVISAFGSVLRDPKVKEALSPIKFNRWDLPEVDPETMQTSEPWVFAGG
DIVGMANTTVESVNDGKQASWYIHKYIQAQYGASVSAKPELPLFYTPVDLVDISVEMAGLKFINPFGLASAAPTTSSSMI
RRAFEAGWGFALTKTFSLDKDIVTNVSPRIVRGTTSGPMYGPGQSSFLNIELISEKTAAYWCQSVTELKADFPDNIVIAS
IMCSYNKNDWMELSRKAEASGADALELNLSSPHGMGERGMGLACGQDPELVRNICRWVRQAVQIPFFAKLTPNVTDIVSI
ARAAKEGGADGVTATNTVSGLMGLKADGTPWPAVGAGKRTTYGGVSGTAIRPIALRAVTTIARALPGFPILATGGIDSAE
SGLQFLHSGASVLQVCSAVQNQDFTVIQDYCTGLKALLYLKSIEELQGWDGQSPGTESHQKGKPVPRIAELMGKKLPNFG
PYLEQRKKIIAEEKMRLKEQNAAFPPLERKPFIPKKPIPAIKDVIGKALQYLGTFGELSNIEQVVAVIDEEMCINCGKCY
MTCNDSGYQAIQFDPETHLPTVTDTCTGCTLCLSVCPIIDCIRMVSRTTPYEPKRGLPLAVNPVC
;
_entity_poly.pdbx_strand_id   A,B,C,D
#
# COMPACT_ATOMS: atom_id res chain seq x y z
N ALA A 2 20.00 24.65 -45.23
CA ALA A 2 20.62 23.40 -44.70
C ALA A 2 22.08 23.22 -45.26
N PRO A 3 23.01 23.06 -44.37
CA PRO A 3 24.34 22.64 -44.82
C PRO A 3 24.45 21.12 -44.73
N VAL A 4 25.62 20.61 -44.37
CA VAL A 4 25.88 19.19 -44.36
C VAL A 4 25.63 18.69 -42.95
N LEU A 5 24.39 18.24 -42.70
CA LEU A 5 23.91 17.85 -41.38
C LEU A 5 24.74 16.74 -40.74
N SER A 6 25.50 16.00 -41.49
CA SER A 6 25.98 14.76 -40.91
C SER A 6 27.50 14.85 -40.79
N LYS A 7 28.04 16.06 -40.86
CA LYS A 7 29.39 16.42 -40.47
C LYS A 7 29.35 17.40 -39.29
N ASP A 8 30.26 17.24 -38.34
CA ASP A 8 30.24 17.98 -37.07
C ASP A 8 30.79 19.36 -37.31
N VAL A 9 30.09 20.40 -36.92
CA VAL A 9 30.66 21.72 -37.12
C VAL A 9 31.99 21.84 -36.34
N ALA A 10 32.82 22.84 -36.70
CA ALA A 10 34.20 22.76 -36.20
C ALA A 10 34.33 22.88 -34.64
N ASP A 11 33.37 23.49 -33.89
CA ASP A 11 33.44 23.40 -32.43
C ASP A 11 33.48 21.97 -31.94
N ILE A 12 32.56 21.15 -32.41
CA ILE A 12 32.56 19.75 -32.04
C ILE A 12 33.76 18.98 -32.65
N GLU A 13 34.17 19.34 -33.87
CA GLU A 13 35.41 18.80 -34.40
C GLU A 13 36.51 19.02 -33.39
N SER A 14 36.50 20.18 -32.78
CA SER A 14 37.47 20.51 -31.78
C SER A 14 37.20 19.84 -30.37
N ILE A 15 35.96 19.70 -29.87
CA ILE A 15 35.73 18.90 -28.65
C ILE A 15 36.16 17.44 -28.76
N LEU A 16 36.00 16.83 -29.94
CA LEU A 16 36.40 15.45 -30.27
C LEU A 16 37.90 15.19 -30.33
N ALA A 17 38.77 16.17 -30.02
CA ALA A 17 40.17 16.12 -30.44
C ALA A 17 40.96 14.97 -29.81
N LEU A 18 40.67 14.57 -28.58
CA LEU A 18 41.31 13.41 -27.97
C LEU A 18 40.43 12.14 -28.03
N ASN A 19 39.43 12.08 -28.89
CA ASN A 19 38.66 10.82 -28.96
C ASN A 19 39.47 9.74 -29.66
N PRO A 20 39.34 8.44 -29.30
CA PRO A 20 40.07 7.38 -30.08
C PRO A 20 39.64 7.21 -31.52
N ARG A 21 40.66 6.98 -32.40
CA ARG A 21 40.42 6.83 -33.87
C ARG A 21 41.16 5.60 -34.34
N THR A 22 40.62 4.92 -35.35
CA THR A 22 41.26 3.65 -35.72
C THR A 22 42.63 3.84 -36.38
N GLN A 23 43.57 3.06 -35.91
CA GLN A 23 44.95 3.43 -36.15
C GLN A 23 45.46 2.77 -37.46
N SER A 24 46.16 3.54 -38.27
CA SER A 24 46.55 3.03 -39.56
C SER A 24 48.07 3.01 -39.89
N HIS A 25 48.90 3.68 -39.18
CA HIS A 25 50.34 3.50 -39.36
C HIS A 25 50.95 3.15 -37.96
N ALA A 26 52.27 2.88 -37.86
CA ALA A 26 52.89 2.84 -36.54
C ALA A 26 53.34 4.25 -36.21
N ALA A 27 53.18 4.64 -34.94
CA ALA A 27 53.48 6.00 -34.50
C ALA A 27 54.99 6.26 -34.57
N LEU A 28 55.42 7.53 -34.49
CA LEU A 28 56.81 7.90 -34.63
C LEU A 28 57.15 8.86 -33.47
N HIS A 29 57.99 8.46 -32.50
CA HIS A 29 58.31 9.31 -31.37
C HIS A 29 59.72 9.07 -30.86
N SER A 30 60.54 10.08 -30.74
CA SER A 30 61.92 9.81 -30.48
C SER A 30 62.15 9.45 -29.03
N THR A 31 63.23 8.71 -28.76
CA THR A 31 63.44 8.35 -27.36
C THR A 31 63.66 9.58 -26.51
N LEU A 32 64.28 10.62 -27.04
CA LEU A 32 64.43 11.81 -26.21
C LEU A 32 63.05 12.45 -25.93
N ALA A 33 62.16 12.58 -26.97
CA ALA A 33 60.85 13.12 -26.65
C ALA A 33 60.14 12.27 -25.58
N LYS A 34 60.15 10.95 -25.75
CA LYS A 34 59.53 10.11 -24.71
C LYS A 34 60.11 10.44 -23.37
N LYS A 35 61.46 10.50 -23.27
CA LYS A 35 62.00 10.69 -21.93
C LYS A 35 61.41 11.96 -21.37
N LEU A 36 61.20 13.01 -22.22
CA LEU A 36 60.63 14.25 -21.68
C LEU A 36 59.13 14.09 -21.38
N ASP A 37 58.33 13.54 -22.31
CA ASP A 37 56.89 13.44 -22.07
C ASP A 37 56.62 12.66 -20.78
N LYS A 38 57.44 11.63 -20.50
CA LYS A 38 57.14 10.63 -19.47
C LYS A 38 56.84 11.27 -18.12
N LYS A 39 57.58 12.31 -17.75
CA LYS A 39 57.37 13.04 -16.51
C LYS A 39 56.03 13.76 -16.45
N HIS A 40 55.41 14.07 -17.56
CA HIS A 40 54.16 14.81 -17.42
C HIS A 40 53.06 13.91 -16.85
N TRP A 41 53.02 12.62 -17.20
CA TRP A 41 51.98 11.70 -16.72
C TRP A 41 52.39 10.78 -15.55
N LYS A 42 53.57 10.99 -14.92
CA LYS A 42 54.08 10.06 -13.92
C LYS A 42 53.08 10.00 -12.76
N ARG A 43 52.60 8.77 -12.44
CA ARG A 43 51.72 8.68 -11.26
C ARG A 43 52.50 8.48 -9.98
N ASN A 44 53.65 7.84 -10.07
CA ASN A 44 54.19 7.10 -8.95
C ASN A 44 55.47 7.77 -8.42
N PRO A 45 55.88 7.33 -7.17
CA PRO A 45 57.29 7.19 -6.77
C PRO A 45 58.40 7.26 -7.81
N ASP A 46 59.51 7.90 -7.42
CA ASP A 46 60.49 8.19 -8.44
C ASP A 46 61.88 7.83 -7.94
N LYS A 47 62.64 7.13 -8.79
CA LYS A 47 64.02 6.80 -8.50
C LYS A 47 65.02 7.79 -9.15
N ASN A 48 64.52 8.74 -9.98
CA ASN A 48 65.14 10.05 -10.29
C ASN A 48 64.65 11.13 -9.29
N CYS A 49 64.39 10.74 -8.03
CA CYS A 49 63.89 11.58 -6.93
C CYS A 49 64.44 10.97 -5.64
N PHE A 50 65.13 11.78 -4.79
CA PHE A 50 65.71 11.31 -3.53
C PHE A 50 65.20 12.02 -2.29
N HIS A 51 64.80 13.30 -2.39
CA HIS A 51 64.09 14.06 -1.34
C HIS A 51 62.60 14.10 -1.73
N CYS A 52 61.85 13.09 -1.29
CA CYS A 52 60.38 13.08 -1.39
C CYS A 52 59.85 14.22 -0.51
N GLU A 53 58.52 14.29 -0.29
CA GLU A 53 57.97 15.50 0.32
C GLU A 53 58.54 15.72 1.74
N LYS A 54 58.32 16.94 2.22
CA LYS A 54 58.36 17.22 3.63
C LYS A 54 57.27 16.40 4.38
N LEU A 55 57.70 15.68 5.40
CA LEU A 55 56.80 14.89 6.22
C LEU A 55 56.46 15.58 7.52
N GLU A 56 57.12 16.71 7.83
CA GLU A 56 57.16 17.17 9.20
C GLU A 56 55.77 17.64 9.59
N ASN A 57 55.38 17.32 10.81
CA ASN A 57 54.03 17.49 11.34
C ASN A 57 52.95 16.99 10.41
N ASN A 58 53.20 15.89 9.66
CA ASN A 58 52.18 15.19 8.83
C ASN A 58 51.78 13.84 9.43
N PHE A 59 50.61 13.79 10.06
CA PHE A 59 50.14 12.56 10.69
C PHE A 59 48.98 11.91 9.92
N ASP A 60 48.77 12.29 8.66
CA ASP A 60 47.69 11.69 7.87
C ASP A 60 48.05 10.27 7.48
N ASP A 61 47.01 9.48 7.23
CA ASP A 61 47.09 8.05 6.99
C ASP A 61 48.05 7.68 5.87
N ILE A 62 48.93 6.71 6.12
CA ILE A 62 49.85 6.21 5.11
C ILE A 62 49.71 4.74 4.81
N LYS A 63 48.74 4.02 5.41
CA LYS A 63 48.59 2.60 5.13
C LYS A 63 48.23 2.37 3.64
N HIS A 64 48.85 1.33 3.01
CA HIS A 64 48.42 1.04 1.67
C HIS A 64 47.18 0.15 1.63
N THR A 65 46.71 -0.39 2.76
CA THR A 65 45.61 -1.37 2.74
C THR A 65 44.30 -0.71 3.08
N THR A 66 44.31 0.59 3.28
CA THR A 66 43.08 1.33 3.43
C THR A 66 42.18 1.31 2.15
N LEU A 67 40.93 0.85 2.30
CA LEU A 67 39.93 0.75 1.23
C LEU A 67 38.75 1.66 1.55
N GLY A 68 38.27 2.38 0.48
CA GLY A 68 36.98 3.04 0.49
C GLY A 68 36.02 2.06 -0.10
N GLU A 69 34.74 2.52 -0.27
CA GLU A 69 33.62 1.60 -0.60
C GLU A 69 33.75 0.91 -2.00
N ARG A 70 33.94 1.69 -3.08
CA ARG A 70 34.22 1.04 -4.37
C ARG A 70 35.28 -0.03 -4.20
N GLY A 71 36.44 0.39 -3.62
CA GLY A 71 37.57 -0.54 -3.41
C GLY A 71 37.17 -1.73 -2.60
N ALA A 72 36.55 -1.51 -1.44
CA ALA A 72 36.19 -2.66 -0.61
C ALA A 72 35.16 -3.59 -1.31
N LEU A 73 34.23 -3.03 -2.12
CA LEU A 73 33.28 -3.92 -2.81
C LEU A 73 34.02 -4.85 -3.81
N ARG A 74 35.08 -4.35 -4.52
CA ARG A 74 35.74 -5.18 -5.51
C ARG A 74 36.56 -6.25 -4.87
N GLU A 75 37.36 -5.85 -3.86
CA GLU A 75 38.13 -6.89 -3.19
C GLU A 75 37.22 -7.96 -2.58
N ALA A 76 36.13 -7.59 -1.90
CA ALA A 76 35.30 -8.67 -1.31
C ALA A 76 34.70 -9.56 -2.37
N MET A 77 34.31 -9.00 -3.56
CA MET A 77 33.81 -9.86 -4.63
C MET A 77 34.87 -10.85 -5.07
N ARG A 78 36.13 -10.41 -5.12
CA ARG A 78 37.22 -11.24 -5.58
C ARG A 78 37.41 -12.48 -4.74
N CYS A 79 37.17 -12.42 -3.42
CA CYS A 79 37.57 -13.50 -2.55
C CYS A 79 36.69 -14.76 -2.81
N LEU A 80 37.31 -15.97 -2.74
CA LEU A 80 36.60 -17.23 -3.10
C LEU A 80 35.63 -17.65 -2.02
N LYS A 81 35.80 -17.17 -0.80
CA LYS A 81 34.85 -17.55 0.22
C LYS A 81 34.91 -19.06 0.48
N CYS A 82 36.08 -19.55 0.95
CA CYS A 82 36.52 -20.92 0.81
C CYS A 82 35.96 -21.77 1.96
N ALA A 83 35.75 -23.06 1.70
CA ALA A 83 35.43 -23.91 2.86
C ALA A 83 36.67 -24.13 3.73
N ASP A 84 36.43 -24.21 5.02
CA ASP A 84 37.46 -24.46 6.03
C ASP A 84 38.69 -23.54 5.77
N ALA A 85 38.39 -22.26 5.51
CA ALA A 85 39.40 -21.31 4.99
C ALA A 85 40.72 -21.32 5.75
N PRO A 86 41.84 -21.37 5.05
CA PRO A 86 43.13 -21.18 5.73
C PRO A 86 43.41 -19.74 6.24
N CYS A 87 42.85 -18.67 5.66
CA CYS A 87 43.03 -17.37 6.26
C CYS A 87 42.62 -17.44 7.71
N GLN A 88 41.39 -17.89 7.96
CA GLN A 88 40.89 -17.95 9.35
C GLN A 88 41.73 -18.93 10.18
N LYS A 89 42.25 -20.01 9.55
CA LYS A 89 43.16 -20.88 10.29
C LYS A 89 44.41 -20.09 10.71
N SER A 90 44.81 -19.14 9.86
CA SER A 90 46.02 -18.41 10.17
C SER A 90 45.82 -17.17 11.03
N CYS A 91 44.61 -16.92 11.45
CA CYS A 91 44.33 -15.70 12.23
C CYS A 91 44.45 -16.03 13.71
N PRO A 92 45.25 -15.40 14.50
CA PRO A 92 45.26 -15.76 15.92
C PRO A 92 43.93 -15.70 16.59
N THR A 93 42.99 -14.83 16.17
CA THR A 93 41.75 -14.78 16.96
C THR A 93 40.65 -15.59 16.28
N HIS A 94 40.99 -16.30 15.16
CA HIS A 94 40.04 -17.20 14.45
C HIS A 94 38.86 -16.50 13.81
N LEU A 95 38.99 -15.22 13.39
CA LEU A 95 37.87 -14.52 12.75
C LEU A 95 37.32 -15.34 11.61
N ASP A 96 35.98 -15.48 11.52
CA ASP A 96 35.39 -16.04 10.33
C ASP A 96 35.44 -15.02 9.15
N ILE A 97 36.52 -15.05 8.36
CA ILE A 97 36.80 -14.13 7.26
C ILE A 97 35.88 -14.38 6.09
N LYS A 98 35.83 -15.62 5.52
CA LYS A 98 34.72 -16.12 4.71
C LYS A 98 33.38 -15.44 5.04
N SER A 99 32.80 -15.60 6.22
CA SER A 99 31.51 -14.91 6.47
C SER A 99 31.65 -13.42 6.34
N PHE A 100 32.59 -12.83 7.12
CA PHE A 100 32.59 -11.36 7.10
C PHE A 100 32.90 -10.91 5.68
N ILE A 101 33.71 -11.64 4.93
CA ILE A 101 33.97 -11.18 3.57
C ILE A 101 32.71 -11.41 2.74
N THR A 102 32.03 -12.50 3.04
CA THR A 102 30.76 -12.64 2.35
C THR A 102 29.88 -11.42 2.61
N SER A 103 29.91 -10.91 3.83
CA SER A 103 28.88 -9.88 4.06
C SER A 103 29.23 -8.58 3.41
N ILE A 104 30.54 -8.27 3.40
CA ILE A 104 30.94 -7.08 2.69
C ILE A 104 30.46 -7.18 1.25
N SER A 105 30.63 -8.38 0.63
CA SER A 105 30.29 -8.49 -0.82
C SER A 105 28.79 -8.22 -1.02
N ASN A 106 28.04 -8.42 0.03
CA ASN A 106 26.61 -8.23 -0.07
C ASN A 106 26.20 -6.86 0.48
N LYS A 107 27.16 -5.92 0.62
CA LYS A 107 26.82 -4.61 1.22
C LYS A 107 26.25 -4.73 2.61
N ASN A 108 26.39 -5.88 3.27
CA ASN A 108 26.02 -5.92 4.69
C ASN A 108 27.17 -5.54 5.63
N TYR A 109 27.51 -4.24 5.69
CA TYR A 109 28.60 -3.94 6.59
C TYR A 109 28.28 -4.22 8.08
N TYR A 110 26.98 -4.20 8.52
CA TYR A 110 26.76 -4.48 9.97
C TYR A 110 27.10 -5.97 10.31
N GLY A 111 26.62 -6.90 9.47
CA GLY A 111 26.86 -8.33 9.68
C GLY A 111 28.33 -8.69 9.53
N ALA A 112 29.05 -8.16 8.51
CA ALA A 112 30.53 -8.20 8.58
C ALA A 112 31.12 -7.62 9.88
N ALA A 113 30.82 -6.37 10.20
CA ALA A 113 31.37 -5.86 11.48
C ALA A 113 31.00 -6.77 12.66
N LYS A 114 29.80 -7.31 12.67
CA LYS A 114 29.44 -8.00 13.90
C LYS A 114 30.17 -9.32 14.00
N MET A 115 30.46 -9.94 12.85
CA MET A 115 31.22 -11.18 12.82
C MET A 115 32.62 -10.92 13.27
N ILE A 116 33.17 -9.74 12.80
CA ILE A 116 34.55 -9.33 13.10
C ILE A 116 34.71 -9.12 14.59
N PHE A 117 33.85 -8.28 15.20
CA PHE A 117 33.96 -8.03 16.65
C PHE A 117 33.57 -9.21 17.54
N SER A 118 32.80 -10.21 17.08
CA SER A 118 32.52 -11.33 18.01
C SER A 118 33.78 -12.03 18.38
N ASP A 119 34.64 -12.20 17.42
CA ASP A 119 35.86 -12.96 17.70
C ASP A 119 37.08 -12.10 18.04
N ASN A 120 37.05 -10.76 17.75
CA ASN A 120 38.12 -9.85 18.15
C ASN A 120 37.51 -8.49 18.55
N PRO A 121 37.24 -8.24 19.87
CA PRO A 121 36.71 -6.93 20.27
C PRO A 121 37.60 -5.72 19.86
N LEU A 122 38.82 -5.93 19.30
CA LEU A 122 39.51 -4.76 18.75
C LEU A 122 39.72 -4.95 17.25
N GLY A 123 38.65 -5.22 16.51
CA GLY A 123 38.77 -5.58 15.10
C GLY A 123 39.22 -4.47 14.16
N LEU A 124 38.86 -3.24 14.44
CA LEU A 124 39.35 -2.08 13.74
C LEU A 124 40.88 -1.89 13.87
N THR A 125 41.37 -1.61 15.09
CA THR A 125 42.80 -1.67 15.38
C THR A 125 43.44 -2.80 14.60
N CYS A 126 43.06 -4.04 14.93
CA CYS A 126 43.67 -5.16 14.23
C CYS A 126 43.53 -5.01 12.70
N GLY A 127 42.33 -4.53 12.18
CA GLY A 127 42.26 -4.20 10.75
C GLY A 127 43.42 -3.35 10.34
N MET A 128 43.73 -2.34 11.12
CA MET A 128 44.80 -1.43 10.71
C MET A 128 46.20 -1.96 10.97
N VAL A 129 46.48 -2.66 12.04
CA VAL A 129 47.91 -2.85 12.32
C VAL A 129 48.38 -4.29 12.16
N CYS A 130 47.51 -5.23 11.90
CA CYS A 130 47.93 -6.63 12.00
C CYS A 130 48.99 -6.76 10.90
N PRO A 131 50.10 -7.45 11.15
CA PRO A 131 50.98 -7.87 10.01
C PRO A 131 50.37 -9.02 9.14
N THR A 132 49.32 -8.69 8.35
CA THR A 132 48.51 -9.76 7.74
C THR A 132 49.35 -10.77 6.95
N SER A 133 50.54 -10.36 6.48
CA SER A 133 51.24 -11.26 5.66
C SER A 133 51.99 -12.27 6.49
N ASP A 134 52.17 -12.08 7.81
CA ASP A 134 52.68 -13.21 8.55
C ASP A 134 51.53 -13.89 9.32
N LEU A 135 50.31 -13.50 9.04
CA LEU A 135 49.14 -14.13 9.62
C LEU A 135 48.11 -14.61 8.51
N CYS A 136 46.95 -13.98 8.39
CA CYS A 136 45.84 -14.54 7.61
C CYS A 136 46.15 -14.54 6.17
N VAL A 137 46.62 -13.40 5.69
CA VAL A 137 46.99 -13.28 4.30
C VAL A 137 48.11 -14.23 3.94
N GLY A 138 49.01 -14.55 4.88
CA GLY A 138 49.99 -15.51 4.49
C GLY A 138 49.37 -16.86 4.15
N GLY A 139 48.15 -17.15 4.67
CA GLY A 139 47.47 -18.43 4.40
C GLY A 139 46.44 -18.45 3.27
N CYS A 140 46.27 -17.35 2.55
CA CYS A 140 45.10 -17.20 1.63
C CYS A 140 45.32 -18.07 0.42
N ASN A 141 44.24 -18.78 0.00
CA ASN A 141 44.32 -19.62 -1.20
C ASN A 141 44.64 -18.79 -2.44
N LEU A 142 44.18 -17.54 -2.52
CA LEU A 142 44.40 -16.83 -3.79
C LEU A 142 45.81 -16.41 -3.90
N TYR A 143 46.72 -16.75 -3.00
CA TYR A 143 48.12 -16.49 -3.29
C TYR A 143 48.60 -17.39 -4.40
N ALA A 144 47.94 -18.47 -4.59
CA ALA A 144 48.20 -19.32 -5.71
C ALA A 144 47.77 -18.69 -7.11
N THR A 145 47.33 -17.44 -7.15
CA THR A 145 47.00 -16.85 -8.42
C THR A 145 47.94 -15.68 -8.68
N GLU A 146 48.01 -15.29 -9.95
CA GLU A 146 48.81 -14.16 -10.33
C GLU A 146 48.35 -12.89 -9.65
N GLU A 147 47.04 -12.70 -9.43
CA GLU A 147 46.60 -11.45 -8.75
C GLU A 147 46.79 -11.46 -7.26
N GLY A 148 46.78 -12.62 -6.64
CA GLY A 148 47.32 -12.74 -5.28
C GLY A 148 46.23 -12.60 -4.23
N SER A 149 46.72 -12.75 -2.98
CA SER A 149 45.92 -12.80 -1.79
C SER A 149 44.98 -11.65 -1.71
N ILE A 150 43.85 -11.85 -1.04
CA ILE A 150 42.96 -10.78 -0.62
C ILE A 150 43.62 -9.87 0.45
N ASN A 151 43.38 -8.56 0.34
CA ASN A 151 43.69 -7.56 1.37
C ASN A 151 42.66 -7.72 2.50
N ILE A 152 42.83 -8.79 3.29
CA ILE A 152 41.82 -9.07 4.30
C ILE A 152 41.76 -7.88 5.32
N GLY A 153 42.89 -7.22 5.65
CA GLY A 153 42.86 -6.31 6.77
C GLY A 153 42.16 -5.05 6.33
N GLY A 154 42.45 -4.65 5.09
CA GLY A 154 41.75 -3.47 4.55
C GLY A 154 40.27 -3.70 4.56
N LEU A 155 39.86 -4.95 4.21
CA LEU A 155 38.40 -5.27 4.32
C LEU A 155 37.96 -5.29 5.76
N GLN A 156 38.72 -5.93 6.64
CA GLN A 156 38.31 -5.86 8.06
C GLN A 156 38.21 -4.39 8.52
N GLN A 157 39.19 -3.60 8.17
CA GLN A 157 39.20 -2.18 8.50
C GLN A 157 37.93 -1.45 8.05
N PHE A 158 37.56 -1.65 6.82
CA PHE A 158 36.46 -0.86 6.28
C PHE A 158 35.18 -1.25 6.94
N ALA A 159 34.92 -2.55 7.07
CA ALA A 159 33.58 -2.83 7.60
C ALA A 159 33.48 -2.24 9.02
N SER A 160 34.59 -2.28 9.73
CA SER A 160 34.48 -1.85 11.12
C SER A 160 34.34 -0.34 11.17
N GLU A 161 34.95 0.37 10.16
CA GLU A 161 34.89 1.83 10.05
C GLU A 161 33.49 2.28 9.75
N VAL A 162 32.83 1.74 8.73
CA VAL A 162 31.38 1.93 8.64
C VAL A 162 30.65 1.62 9.96
N PHE A 163 31.03 0.55 10.63
CA PHE A 163 30.26 0.28 11.86
C PHE A 163 30.55 1.37 12.94
N LYS A 164 31.82 1.78 13.11
CA LYS A 164 32.08 3.03 13.84
C LYS A 164 31.06 4.13 13.49
N ALA A 165 30.89 4.40 12.21
CA ALA A 165 30.10 5.58 11.83
C ALA A 165 28.63 5.37 12.09
N MET A 166 28.15 4.14 12.09
CA MET A 166 26.70 4.06 12.34
C MET A 166 26.40 4.42 13.80
N ASN A 167 27.38 4.29 14.72
CA ASN A 167 27.18 4.73 16.06
C ASN A 167 26.13 3.94 16.83
N ILE A 168 26.35 2.64 16.84
CA ILE A 168 25.52 1.67 17.53
C ILE A 168 26.26 1.10 18.76
N PRO A 169 25.63 1.12 19.92
CA PRO A 169 26.24 0.55 21.11
C PRO A 169 26.32 -0.97 21.00
N GLN A 170 27.25 -1.54 21.75
CA GLN A 170 27.21 -2.93 22.15
C GLN A 170 26.25 -3.10 23.33
N ILE A 171 25.63 -4.29 23.44
CA ILE A 171 24.68 -4.61 24.50
C ILE A 171 25.02 -5.92 25.17
N ARG A 172 24.51 -6.06 26.36
CA ARG A 172 24.60 -7.34 27.06
C ARG A 172 24.00 -8.49 26.24
N ASN A 173 24.63 -9.68 26.36
CA ASN A 173 24.25 -10.95 25.75
C ASN A 173 22.73 -11.07 25.97
N PRO A 174 21.85 -10.88 24.97
CA PRO A 174 20.41 -10.83 25.27
C PRO A 174 19.82 -12.16 25.66
N CYS A 175 20.52 -13.24 25.30
CA CYS A 175 20.21 -14.58 25.80
C CYS A 175 20.15 -14.61 27.32
N LEU A 176 21.08 -13.94 27.99
CA LEU A 176 21.25 -14.03 29.46
C LEU A 176 20.01 -13.61 30.23
N PRO A 177 19.85 -14.15 31.43
CA PRO A 177 18.77 -13.71 32.30
C PRO A 177 18.91 -12.25 32.61
N SER A 178 17.79 -11.66 33.06
CA SER A 178 17.79 -10.36 33.72
C SER A 178 18.89 -10.31 34.79
N GLN A 179 19.37 -9.09 35.13
CA GLN A 179 20.59 -8.99 35.94
C GLN A 179 20.38 -9.43 37.38
N GLU A 180 19.29 -9.06 37.96
CA GLU A 180 19.07 -9.46 39.33
C GLU A 180 18.73 -10.93 39.46
N LYS A 181 18.61 -11.69 38.34
CA LYS A 181 18.35 -13.14 38.35
C LYS A 181 19.63 -13.95 38.09
N MET A 182 20.75 -13.29 37.91
CA MET A 182 22.01 -13.96 37.69
C MET A 182 22.43 -14.66 38.96
N PRO A 183 23.01 -15.85 38.89
CA PRO A 183 23.63 -16.41 40.12
C PRO A 183 24.65 -15.46 40.74
N GLU A 184 24.99 -15.75 42.00
CA GLU A 184 25.86 -14.88 42.79
C GLU A 184 27.33 -14.91 42.26
N ALA A 185 27.83 -16.08 41.79
CA ALA A 185 29.20 -16.14 41.31
C ALA A 185 29.50 -14.99 40.37
N TYR A 186 28.60 -14.70 39.43
CA TYR A 186 28.77 -13.57 38.52
C TYR A 186 28.96 -12.19 39.18
N SER A 187 28.81 -12.03 40.50
CA SER A 187 29.13 -10.71 41.05
C SER A 187 30.50 -10.67 41.75
N ALA A 188 31.32 -11.69 41.55
CA ALA A 188 32.66 -11.63 42.08
C ALA A 188 33.47 -10.49 41.46
N LYS A 189 34.27 -9.87 42.31
CA LYS A 189 35.19 -8.82 41.87
C LYS A 189 36.37 -9.45 41.09
N ILE A 190 36.55 -8.94 39.87
CA ILE A 190 37.68 -9.29 39.02
C ILE A 190 38.52 -8.04 38.87
N ALA A 191 39.83 -8.18 38.96
CA ALA A 191 40.76 -7.07 38.75
C ALA A 191 41.56 -7.38 37.47
N LEU A 192 41.67 -6.47 36.56
CA LEU A 192 42.63 -6.63 35.50
C LEU A 192 43.63 -5.51 35.61
N LEU A 193 44.93 -5.82 35.39
CA LEU A 193 46.03 -4.89 35.52
C LEU A 193 46.49 -4.42 34.08
N GLY A 194 46.39 -3.09 33.81
CA GLY A 194 46.88 -2.40 32.61
C GLY A 194 45.82 -2.33 31.52
N ALA A 195 45.65 -1.20 30.90
CA ALA A 195 44.50 -1.11 29.97
C ALA A 195 44.96 -1.32 28.54
N GLY A 196 45.64 -2.46 28.24
CA GLY A 196 46.18 -2.63 26.87
C GLY A 196 45.22 -3.52 26.09
N PRO A 197 45.60 -3.95 24.85
CA PRO A 197 44.75 -4.91 24.12
C PRO A 197 44.43 -6.16 24.93
N ALA A 198 45.31 -6.57 25.78
CA ALA A 198 45.15 -7.84 26.48
C ALA A 198 44.04 -7.75 27.54
N SER A 199 44.14 -6.75 28.41
CA SER A 199 43.05 -6.63 29.37
C SER A 199 41.83 -6.13 28.64
N ILE A 200 41.95 -5.20 27.67
CA ILE A 200 40.65 -4.80 27.11
C ILE A 200 39.86 -6.04 26.59
N SER A 201 40.59 -6.96 25.92
CA SER A 201 39.96 -8.17 25.38
C SER A 201 39.33 -9.00 26.49
N CYS A 202 40.08 -9.18 27.59
CA CYS A 202 39.70 -10.16 28.65
C CYS A 202 38.48 -9.71 29.43
N ALA A 203 38.42 -8.44 29.78
CA ALA A 203 37.25 -7.92 30.45
C ALA A 203 36.02 -7.87 29.52
N SER A 204 36.19 -7.53 28.24
CA SER A 204 35.06 -7.62 27.27
C SER A 204 34.39 -9.00 27.30
N PHE A 205 35.21 -10.07 27.21
CA PHE A 205 34.65 -11.41 27.19
C PHE A 205 34.01 -11.74 28.52
N LEU A 206 34.71 -11.40 29.61
CA LEU A 206 34.10 -11.58 30.93
C LEU A 206 32.78 -10.78 31.04
N ALA A 207 32.76 -9.56 30.52
CA ALA A 207 31.48 -8.84 30.56
C ALA A 207 30.45 -9.59 29.79
N ARG A 208 30.86 -10.23 28.65
CA ARG A 208 29.91 -10.94 27.79
C ARG A 208 29.36 -12.17 28.45
N LEU A 209 30.20 -12.84 29.23
CA LEU A 209 29.71 -13.99 30.00
C LEU A 209 28.73 -13.57 31.13
N GLY A 210 28.64 -12.30 31.52
CA GLY A 210 27.62 -11.96 32.51
C GLY A 210 28.22 -11.43 33.81
N TYR A 211 29.55 -11.23 33.85
CA TYR A 211 30.17 -10.70 35.04
C TYR A 211 29.88 -9.24 35.15
N SER A 212 29.47 -8.84 36.34
CA SER A 212 28.97 -7.48 36.55
C SER A 212 29.91 -6.61 37.34
N ASP A 213 31.03 -7.11 37.83
CA ASP A 213 31.91 -6.23 38.66
C ASP A 213 33.34 -6.44 38.26
N ILE A 214 33.75 -5.80 37.18
CA ILE A 214 34.99 -5.99 36.46
C ILE A 214 35.70 -4.67 36.50
N THR A 215 36.96 -4.62 36.98
CA THR A 215 37.62 -3.30 37.04
C THR A 215 39.00 -3.35 36.37
N ILE A 216 39.35 -2.39 35.48
CA ILE A 216 40.67 -2.36 34.86
C ILE A 216 41.51 -1.33 35.59
N PHE A 217 42.63 -1.70 36.13
CA PHE A 217 43.46 -0.75 36.82
C PHE A 217 44.65 -0.42 35.96
N GLU A 218 44.80 0.86 35.57
CA GLU A 218 45.86 1.32 34.68
C GLU A 218 46.80 2.34 35.36
N LYS A 219 48.11 2.13 35.24
CA LYS A 219 49.14 3.09 35.68
C LYS A 219 48.94 4.51 35.12
N GLN A 220 48.85 4.65 33.81
CA GLN A 220 48.94 5.93 33.14
C GLN A 220 47.58 6.56 33.20
N GLU A 221 47.48 7.79 32.66
CA GLU A 221 46.25 8.59 32.57
C GLU A 221 45.36 8.24 31.40
N TYR A 222 46.00 7.83 30.32
CA TYR A 222 45.40 7.40 29.07
C TYR A 222 45.16 5.89 29.08
N VAL A 223 44.24 5.42 28.23
CA VAL A 223 44.03 3.98 28.10
C VAL A 223 44.38 3.54 26.72
N GLY A 224 44.50 2.23 26.59
CA GLY A 224 44.80 1.61 25.34
C GLY A 224 46.15 1.01 25.30
N GLY A 225 47.02 1.20 26.30
CA GLY A 225 48.35 0.61 26.11
C GLY A 225 49.15 1.05 24.86
N LEU A 226 49.86 0.13 24.22
CA LEU A 226 50.80 0.57 23.19
C LEU A 226 50.07 1.26 22.00
N SER A 227 48.83 0.86 21.71
CA SER A 227 48.08 1.40 20.60
C SER A 227 47.89 2.87 20.77
N THR A 228 47.88 3.36 22.00
CA THR A 228 47.81 4.80 22.30
C THR A 228 49.20 5.43 22.39
N SER A 229 50.10 4.84 23.19
CA SER A 229 51.22 5.63 23.61
C SER A 229 52.37 5.53 22.61
N GLU A 230 52.38 4.46 21.73
CA GLU A 230 53.52 4.31 20.82
C GLU A 230 53.14 3.99 19.38
N ILE A 231 52.07 3.22 19.15
CA ILE A 231 51.76 3.10 17.70
C ILE A 231 51.51 4.46 17.07
N PRO A 232 52.21 4.82 16.03
CA PRO A 232 52.06 6.17 15.47
C PRO A 232 50.58 6.49 15.05
N GLN A 233 50.16 7.82 15.09
CA GLN A 233 48.83 8.25 14.64
C GLN A 233 48.64 8.12 13.13
N PHE A 234 49.71 8.01 12.36
CA PHE A 234 49.53 7.94 10.92
C PHE A 234 49.41 6.49 10.52
N ARG A 235 49.55 5.55 11.42
CA ARG A 235 49.04 4.20 11.17
C ARG A 235 47.81 3.83 12.03
N LEU A 236 47.71 4.30 13.29
CA LEU A 236 46.55 3.94 14.11
C LEU A 236 45.89 5.18 14.71
N PRO A 237 44.92 5.80 14.00
CA PRO A 237 44.22 6.97 14.54
C PRO A 237 43.71 6.77 15.95
N TYR A 238 43.97 7.74 16.87
CA TYR A 238 43.63 7.60 18.24
C TYR A 238 42.15 7.36 18.44
N ASP A 239 41.34 7.76 17.47
CA ASP A 239 39.94 7.69 17.74
C ASP A 239 39.33 6.31 17.46
N VAL A 240 40.01 5.49 16.61
CA VAL A 240 39.79 4.04 16.57
C VAL A 240 39.96 3.43 17.96
N VAL A 241 41.01 3.79 18.68
CA VAL A 241 41.24 3.22 20.01
C VAL A 241 40.17 3.67 20.97
N ASN A 242 39.85 4.95 20.95
CA ASN A 242 38.78 5.41 21.77
C ASN A 242 37.49 4.54 21.58
N PHE A 243 36.84 4.60 20.43
CA PHE A 243 35.70 3.74 20.04
C PHE A 243 35.72 2.29 20.47
N GLU A 244 36.86 1.59 20.37
CA GLU A 244 36.84 0.19 20.85
C GLU A 244 36.68 0.12 22.37
N ILE A 245 37.34 1.05 23.11
CA ILE A 245 37.08 1.12 24.58
C ILE A 245 35.62 1.56 24.89
N GLU A 246 35.03 2.55 24.17
CA GLU A 246 33.63 2.87 24.39
C GLU A 246 32.77 1.65 24.17
N LEU A 247 33.07 0.81 23.14
CA LEU A 247 32.34 -0.46 23.07
C LEU A 247 32.51 -1.24 24.39
N MET A 248 33.76 -1.39 24.88
CA MET A 248 33.86 -2.26 26.03
C MET A 248 33.06 -1.67 27.19
N LYS A 249 33.15 -0.35 27.40
CA LYS A 249 32.43 0.31 28.49
C LYS A 249 30.93 0.17 28.34
N ASP A 250 30.42 0.02 27.11
CA ASP A 250 28.99 -0.30 26.95
C ASP A 250 28.49 -1.49 27.81
N LEU A 251 29.37 -2.48 28.15
CA LEU A 251 29.07 -3.69 28.94
C LEU A 251 29.28 -3.52 30.45
N GLY A 252 29.72 -2.34 30.92
CA GLY A 252 29.83 -2.05 32.33
C GLY A 252 31.20 -2.23 32.93
N VAL A 253 32.21 -2.40 32.10
CA VAL A 253 33.54 -2.52 32.59
C VAL A 253 34.03 -1.21 33.14
N LYS A 254 34.58 -1.25 34.33
CA LYS A 254 35.12 -0.06 34.98
C LYS A 254 36.62 0.07 34.76
N ILE A 255 37.10 1.28 34.39
CA ILE A 255 38.53 1.59 34.29
C ILE A 255 38.95 2.53 35.40
N ILE A 256 40.03 2.26 36.12
CA ILE A 256 40.58 3.24 37.09
C ILE A 256 42.04 3.50 36.76
N CYS A 257 42.34 4.74 36.31
CA CYS A 257 43.67 5.22 35.95
C CYS A 257 44.33 5.90 37.16
N GLY A 258 45.65 5.77 37.25
CA GLY A 258 46.50 6.30 38.31
C GLY A 258 46.95 5.29 39.37
N LYS A 259 46.67 4.01 39.20
CA LYS A 259 46.91 3.06 40.27
C LYS A 259 47.66 1.94 39.61
N SER A 260 48.85 1.71 40.04
CA SER A 260 49.74 0.74 39.42
C SER A 260 49.79 -0.55 40.21
N LEU A 261 50.08 -1.65 39.49
CA LEU A 261 50.57 -2.90 40.03
C LEU A 261 52.01 -2.67 40.42
N SER A 262 52.30 -2.68 41.76
CA SER A 262 53.63 -2.29 42.30
C SER A 262 53.64 -2.26 43.81
N GLU A 263 54.80 -2.35 44.45
CA GLU A 263 54.88 -2.46 45.93
C GLU A 263 54.26 -1.24 46.62
N ASN A 264 53.44 -1.44 47.65
CA ASN A 264 52.73 -0.29 48.25
C ASN A 264 51.83 0.47 47.27
N GLU A 265 51.54 -0.10 46.10
CA GLU A 265 50.32 0.26 45.38
C GLU A 265 49.54 -1.01 45.30
N ILE A 266 49.25 -1.49 44.16
CA ILE A 266 48.35 -2.65 44.17
C ILE A 266 49.25 -3.83 44.27
N THR A 267 48.92 -4.83 45.10
CA THR A 267 49.64 -6.12 45.02
C THR A 267 48.65 -7.27 44.94
N LEU A 268 49.17 -8.49 44.70
CA LEU A 268 48.26 -9.62 44.81
C LEU A 268 47.65 -9.61 46.19
N ASN A 269 48.49 -9.50 47.21
CA ASN A 269 48.06 -9.58 48.62
C ASN A 269 47.02 -8.56 48.93
N THR A 270 47.22 -7.30 48.53
CA THR A 270 46.10 -6.34 48.71
C THR A 270 44.87 -6.76 47.88
N LEU A 271 45.05 -7.18 46.61
CA LEU A 271 43.92 -7.66 45.82
C LEU A 271 43.11 -8.74 46.57
N LYS A 272 43.82 -9.73 47.18
CA LYS A 272 43.24 -10.69 48.16
C LYS A 272 42.49 -10.02 49.34
N GLU A 273 43.10 -9.09 50.06
CA GLU A 273 42.40 -8.58 51.23
C GLU A 273 41.22 -7.82 50.79
N GLU A 274 41.21 -7.33 49.60
CA GLU A 274 40.05 -6.53 49.27
C GLU A 274 38.96 -7.39 48.67
N GLY A 275 39.06 -8.71 48.72
CA GLY A 275 38.02 -9.55 48.19
C GLY A 275 37.99 -9.76 46.69
N TYR A 276 39.01 -9.41 45.94
CA TYR A 276 38.92 -9.67 44.51
C TYR A 276 39.09 -11.18 44.37
N LYS A 277 38.30 -11.82 43.50
CA LYS A 277 38.36 -13.27 43.30
C LYS A 277 39.29 -13.72 42.20
N ALA A 278 39.64 -12.89 41.23
CA ALA A 278 40.53 -13.35 40.15
C ALA A 278 41.27 -12.13 39.67
N ALA A 279 42.48 -12.29 39.15
CA ALA A 279 43.26 -11.15 38.72
C ALA A 279 43.84 -11.57 37.37
N PHE A 280 43.74 -10.68 36.37
CA PHE A 280 44.38 -10.89 35.06
C PHE A 280 45.48 -9.89 34.87
N ILE A 281 46.70 -10.33 34.60
CA ILE A 281 47.86 -9.41 34.54
C ILE A 281 48.16 -8.97 33.08
N GLY A 282 47.93 -7.68 32.68
CA GLY A 282 48.16 -7.39 31.31
C GLY A 282 48.97 -6.14 31.22
N ILE A 283 50.08 -6.07 31.92
CA ILE A 283 50.85 -4.84 31.97
C ILE A 283 51.90 -4.72 30.89
N GLY A 284 52.10 -5.74 30.02
CA GLY A 284 52.96 -5.42 28.84
C GLY A 284 54.41 -5.44 29.26
N LEU A 285 55.27 -4.85 28.42
CA LEU A 285 56.67 -4.80 28.83
C LEU A 285 57.01 -3.31 29.10
N PRO A 286 57.10 -2.88 30.37
CA PRO A 286 57.05 -1.44 30.60
C PRO A 286 58.30 -0.76 30.27
N GLU A 287 59.48 -1.40 30.25
CA GLU A 287 60.81 -0.77 30.25
C GLU A 287 61.54 -1.01 28.95
N PRO A 288 62.44 -0.09 28.63
CA PRO A 288 63.29 -0.20 27.42
C PRO A 288 64.49 -1.09 27.58
N LYS A 289 64.57 -2.16 26.79
CA LYS A 289 65.79 -2.93 26.60
C LYS A 289 66.90 -1.98 26.21
N THR A 290 67.77 -1.57 27.15
CA THR A 290 68.90 -0.66 26.92
C THR A 290 70.28 -1.29 27.01
N ASP A 291 71.14 -0.74 26.16
CA ASP A 291 72.58 -0.96 26.10
C ASP A 291 73.38 -0.07 27.05
N ASP A 292 74.37 -0.67 27.74
CA ASP A 292 75.22 0.04 28.70
C ASP A 292 76.01 1.22 28.11
N ILE A 293 76.37 1.15 26.83
CA ILE A 293 77.19 2.22 26.26
C ILE A 293 76.46 3.55 26.24
N PHE A 294 75.14 3.56 26.38
CA PHE A 294 74.41 4.81 26.30
C PHE A 294 74.16 5.39 27.66
N GLN A 295 74.74 4.80 28.69
CA GLN A 295 74.51 5.29 30.06
C GLN A 295 74.99 6.71 30.32
N GLY A 296 74.11 7.62 30.69
CA GLY A 296 74.54 8.95 30.99
C GLY A 296 74.03 9.97 29.99
N LEU A 297 73.84 9.58 28.75
CA LEU A 297 73.27 10.53 27.79
C LEU A 297 71.84 10.92 28.14
N THR A 298 71.46 12.11 27.74
CA THR A 298 70.16 12.65 28.09
C THR A 298 69.36 13.01 26.82
N GLN A 299 68.15 13.57 26.96
CA GLN A 299 67.46 14.07 25.76
C GLN A 299 68.07 15.40 25.29
N ASP A 300 68.72 16.15 26.21
CA ASP A 300 69.38 17.41 25.86
C ASP A 300 70.60 17.17 24.99
N GLN A 301 71.37 16.15 25.28
CA GLN A 301 72.41 15.75 24.33
C GLN A 301 71.88 15.07 23.09
N GLY A 302 70.53 14.94 22.96
CA GLY A 302 69.80 14.21 21.93
C GLY A 302 69.83 12.67 21.99
N PHE A 303 69.75 12.09 23.19
CA PHE A 303 69.59 10.65 23.31
C PHE A 303 68.17 10.30 23.78
N TYR A 304 67.54 9.37 23.07
CA TYR A 304 66.25 8.84 23.51
C TYR A 304 66.19 7.32 23.34
N THR A 305 65.56 6.65 24.32
CA THR A 305 65.02 5.34 24.06
C THR A 305 63.70 5.47 23.33
N SER A 306 63.33 4.38 22.69
CA SER A 306 62.02 4.46 22.06
C SER A 306 60.93 4.73 23.09
N LYS A 307 61.10 4.26 24.33
CA LYS A 307 60.04 4.54 25.27
C LYS A 307 60.02 6.02 25.74
N ASP A 308 61.06 6.80 25.44
CA ASP A 308 61.09 8.27 25.60
C ASP A 308 60.48 8.97 24.40
N PHE A 309 60.74 8.40 23.26
CA PHE A 309 60.54 9.12 22.00
C PHE A 309 59.11 8.92 21.54
N LEU A 310 58.76 7.69 21.20
CA LEU A 310 57.40 7.47 20.70
C LEU A 310 56.33 8.08 21.58
N PRO A 311 56.37 7.98 22.93
CA PRO A 311 55.22 8.50 23.68
C PRO A 311 55.08 10.00 23.55
N LEU A 312 56.22 10.71 23.36
CA LEU A 312 56.25 12.15 23.18
C LEU A 312 55.61 12.58 21.87
N VAL A 313 56.02 11.97 20.76
CA VAL A 313 55.35 12.23 19.51
C VAL A 313 53.89 11.87 19.65
N ALA A 314 53.54 10.79 20.36
CA ALA A 314 52.12 10.46 20.47
C ALA A 314 51.35 11.60 21.14
N LYS A 315 51.91 12.09 22.30
CA LYS A 315 51.19 13.04 23.14
C LYS A 315 50.89 14.30 22.34
N SER A 316 51.78 14.61 21.38
CA SER A 316 51.68 15.75 20.49
C SER A 316 50.78 15.49 19.24
N SER A 317 50.49 14.28 18.80
CA SER A 317 49.63 14.27 17.62
C SER A 317 48.33 13.57 17.95
N LYS A 318 48.01 13.53 19.20
CA LYS A 318 46.79 12.87 19.39
C LYS A 318 45.93 13.65 20.34
N GLY A 320 43.68 14.80 21.85
CA GLY A 320 42.82 14.20 22.84
C GLY A 320 43.28 12.90 23.50
N MET A 321 44.60 12.65 23.63
CA MET A 321 45.22 11.60 24.47
C MET A 321 45.57 12.12 25.88
N CYS A 322 46.31 13.26 25.97
CA CYS A 322 46.60 14.09 27.21
C CYS A 322 46.01 15.53 27.14
N PRO A 327 54.14 20.03 22.11
CA PRO A 327 55.30 20.41 21.26
C PRO A 327 56.02 19.14 20.72
N LEU A 328 56.60 19.07 19.52
CA LEU A 328 57.32 17.84 19.14
C LEU A 328 58.81 17.73 19.51
N SER A 330 60.86 17.89 17.81
CA SER A 330 62.02 18.75 17.47
C SER A 330 63.36 18.10 17.27
N ILE A 331 63.49 17.29 16.24
CA ILE A 331 64.55 16.32 16.05
C ILE A 331 65.24 16.76 14.80
N ARG A 332 66.06 17.79 14.84
CA ARG A 332 66.56 18.14 13.50
C ARG A 332 67.91 17.42 13.18
N GLY A 333 68.27 17.41 11.88
CA GLY A 333 69.58 16.88 11.51
C GLY A 333 69.58 15.40 11.19
N ALA A 334 70.80 14.82 11.17
CA ALA A 334 71.00 13.38 10.93
C ALA A 334 70.56 12.55 12.16
N VAL A 335 69.70 11.50 11.99
CA VAL A 335 69.12 10.71 13.12
C VAL A 335 69.53 9.26 12.97
N ILE A 336 70.06 8.63 14.04
CA ILE A 336 70.38 7.20 14.04
C ILE A 336 69.39 6.41 14.90
N VAL A 337 68.79 5.37 14.30
CA VAL A 337 67.77 4.57 14.95
C VAL A 337 68.29 3.14 15.06
N LEU A 338 68.45 2.62 16.28
CA LEU A 338 69.12 1.33 16.46
C LEU A 338 68.08 0.29 16.74
N GLY A 339 68.15 -0.83 16.04
CA GLY A 339 67.18 -1.86 16.27
C GLY A 339 66.46 -2.26 15.00
N ALA A 340 65.88 -3.50 14.98
CA ALA A 340 65.28 -4.09 13.77
C ALA A 340 63.81 -4.56 13.91
N GLY A 341 63.12 -4.21 15.00
CA GLY A 341 61.74 -4.60 15.18
C GLY A 341 60.79 -3.46 14.85
N ASP A 342 59.48 -3.69 15.14
CA ASP A 342 58.47 -2.68 14.82
C ASP A 342 58.85 -1.37 15.47
N THR A 343 59.48 -1.47 16.63
CA THR A 343 59.77 -0.28 17.39
C THR A 343 60.74 0.62 16.64
N ALA A 344 61.69 -0.01 15.91
CA ALA A 344 62.73 0.78 15.29
C ALA A 344 62.16 1.43 14.08
N PHE A 345 61.34 0.67 13.33
CA PHE A 345 60.77 1.24 12.09
C PHE A 345 59.79 2.42 12.35
N ASP A 346 59.10 2.45 13.53
CA ASP A 346 58.18 3.56 13.88
C ASP A 346 58.89 4.82 14.39
N CYS A 347 59.97 4.69 15.20
CA CYS A 347 60.89 5.83 15.40
C CYS A 347 61.43 6.35 14.07
N ALA A 348 61.89 5.47 13.18
CA ALA A 348 62.53 5.95 11.93
C ALA A 348 61.62 6.92 11.17
N THR A 349 60.33 6.56 11.02
CA THR A 349 59.27 7.32 10.35
C THR A 349 58.62 8.41 11.23
N SER A 350 58.70 8.36 12.57
CA SER A 350 58.16 9.52 13.30
C SER A 350 59.21 10.59 13.40
N ALA A 351 60.48 10.15 13.25
CA ALA A 351 61.59 11.08 13.17
C ALA A 351 61.32 12.07 12.05
N LEU A 352 60.86 11.58 10.91
CA LEU A 352 60.71 12.47 9.77
C LEU A 352 59.66 13.49 10.08
N ARG A 353 58.73 13.13 10.98
CA ARG A 353 57.60 13.97 11.33
C ARG A 353 57.98 15.10 12.28
N CYS A 354 58.97 14.94 13.15
CA CYS A 354 59.57 16.07 13.88
C CYS A 354 60.69 16.78 13.07
N GLY A 355 60.88 16.41 11.82
CA GLY A 355 61.74 17.20 10.97
C GLY A 355 63.17 16.74 10.75
N ALA A 356 63.49 15.48 10.94
CA ALA A 356 64.84 15.01 10.64
C ALA A 356 65.24 15.23 9.19
N ARG A 357 66.54 15.58 8.96
CA ARG A 357 67.03 15.55 7.58
C ARG A 357 67.36 14.15 7.10
N ARG A 358 67.88 13.24 7.91
CA ARG A 358 68.12 11.90 7.40
C ARG A 358 67.87 10.88 8.50
N VAL A 359 67.48 9.67 8.13
CA VAL A 359 67.22 8.64 9.11
C VAL A 359 68.00 7.41 8.70
N PHE A 360 69.02 7.06 9.42
CA PHE A 360 69.61 5.75 9.26
C PHE A 360 69.02 4.76 10.26
N LEU A 361 68.56 3.60 9.77
CA LEU A 361 68.32 2.45 10.65
C LEU A 361 69.52 1.54 10.58
N VAL A 362 70.00 1.12 11.75
CA VAL A 362 71.23 0.37 11.83
C VAL A 362 70.95 -0.99 12.52
N PHE A 363 71.29 -2.11 11.88
CA PHE A 363 71.00 -3.42 12.45
C PHE A 363 72.30 -4.10 12.87
N ARG A 364 72.22 -4.81 14.03
CA ARG A 364 73.14 -5.74 14.67
C ARG A 364 73.51 -6.81 13.65
N LYS A 365 72.55 -7.67 13.39
CA LYS A 365 72.55 -8.66 12.32
C LYS A 365 72.21 -7.99 10.97
N GLY A 366 71.79 -8.78 9.97
CA GLY A 366 71.67 -8.34 8.60
C GLY A 366 70.27 -8.09 8.07
N PHE A 367 70.17 -8.07 6.72
CA PHE A 367 68.88 -7.71 6.13
C PHE A 367 67.84 -8.77 6.38
N VAL A 368 68.19 -10.06 6.21
CA VAL A 368 67.16 -11.09 6.31
C VAL A 368 66.78 -11.38 7.76
N ASN A 369 67.42 -10.70 8.72
CA ASN A 369 67.03 -10.87 10.11
C ASN A 369 66.06 -9.76 10.59
N ILE A 370 65.49 -8.99 9.67
CA ILE A 370 64.55 -7.92 10.01
C ILE A 370 63.28 -8.50 10.64
N ARG A 371 62.98 -8.11 11.88
CA ARG A 371 61.83 -8.63 12.57
C ARG A 371 60.57 -7.80 12.36
N ALA A 372 60.66 -6.55 11.87
CA ALA A 372 59.46 -5.70 11.81
C ALA A 372 58.49 -6.09 10.68
N VAL A 373 57.26 -5.61 10.81
CA VAL A 373 56.12 -6.15 10.02
C VAL A 373 56.21 -5.76 8.53
N PRO A 374 56.87 -6.62 7.52
CA PRO A 374 57.25 -6.08 6.18
C PRO A 374 56.36 -4.98 5.54
N GLU A 375 55.09 -4.91 5.93
CA GLU A 375 54.39 -3.65 5.75
C GLU A 375 55.14 -2.51 6.43
N GLU A 376 55.66 -2.72 7.63
CA GLU A 376 56.25 -1.58 8.32
C GLU A 376 57.57 -1.17 7.70
N VAL A 377 58.31 -2.14 7.18
CA VAL A 377 59.53 -1.88 6.46
C VAL A 377 59.22 -1.13 5.16
N GLU A 378 58.06 -1.40 4.54
CA GLU A 378 57.68 -0.60 3.38
C GLU A 378 57.68 0.85 3.68
N LEU A 379 56.96 1.29 4.72
CA LEU A 379 56.83 2.74 4.90
C LEU A 379 58.21 3.43 5.03
N ALA A 380 59.12 2.85 5.83
CA ALA A 380 60.48 3.36 5.85
C ALA A 380 61.16 3.41 4.45
N LYS A 381 61.07 2.32 3.62
CA LYS A 381 61.67 2.40 2.27
C LYS A 381 61.13 3.59 1.51
N GLU A 382 59.79 3.68 1.32
CA GLU A 382 59.31 4.74 0.49
C GLU A 382 59.55 6.10 1.07
N GLU A 383 59.84 6.26 2.36
CA GLU A 383 60.18 7.58 2.87
C GLU A 383 61.64 7.92 2.72
N LYS A 384 62.47 7.10 2.10
CA LYS A 384 63.85 7.43 1.79
C LYS A 384 64.70 7.43 3.10
N CYS A 385 64.35 6.46 3.98
CA CYS A 385 65.26 5.96 4.99
C CYS A 385 66.44 5.22 4.38
N GLU A 386 67.53 5.16 5.19
CA GLU A 386 68.81 4.52 4.91
C GLU A 386 68.98 3.27 5.78
N PHE A 387 69.52 2.21 5.19
CA PHE A 387 69.56 0.92 5.87
C PHE A 387 71.02 0.49 6.13
N LEU A 388 71.48 0.41 7.39
CA LEU A 388 72.88 0.02 7.58
C LEU A 388 72.94 -1.31 8.26
N PRO A 389 73.27 -2.36 7.53
CA PRO A 389 73.42 -3.70 8.11
C PRO A 389 74.77 -3.91 8.76
N PHE A 390 74.76 -4.72 9.84
CA PHE A 390 75.99 -5.38 10.33
C PHE A 390 76.89 -4.42 11.13
N LEU A 391 76.39 -3.94 12.26
CA LEU A 391 77.12 -2.86 12.93
C LEU A 391 76.64 -2.80 14.40
N SER A 392 77.51 -3.23 15.37
CA SER A 392 77.15 -3.07 16.78
C SER A 392 77.77 -1.80 17.38
N PRO A 393 76.95 -1.06 18.12
CA PRO A 393 77.37 0.24 18.68
C PRO A 393 78.41 0.13 19.77
N ARG A 394 79.19 1.19 19.96
CA ARG A 394 80.32 1.14 20.87
C ARG A 394 80.54 2.43 21.56
N LYS A 395 80.36 3.58 20.90
CA LYS A 395 80.77 4.88 21.46
C LYS A 395 79.93 6.06 20.98
N VAL A 396 79.19 6.72 21.86
CA VAL A 396 78.46 7.92 21.48
C VAL A 396 79.37 9.10 21.84
N ILE A 397 80.10 9.61 20.82
CA ILE A 397 80.92 10.83 20.91
C ILE A 397 80.05 12.06 21.12
N VAL A 398 80.31 12.82 22.17
CA VAL A 398 79.57 14.06 22.36
C VAL A 398 80.56 15.21 22.24
N LYS A 399 80.07 16.42 21.91
CA LYS A 399 80.79 17.71 21.92
C LYS A 399 79.80 18.86 21.88
N GLY A 400 79.94 19.80 22.77
CA GLY A 400 79.17 20.99 22.59
C GLY A 400 77.89 20.93 23.32
N GLY A 401 77.78 20.02 24.27
CA GLY A 401 76.47 19.65 24.79
C GLY A 401 75.67 18.61 24.00
N ARG A 402 76.10 18.20 22.78
CA ARG A 402 75.24 17.46 21.84
C ARG A 402 75.96 16.27 21.17
N ILE A 403 75.29 15.11 21.07
CA ILE A 403 75.87 13.95 20.39
C ILE A 403 76.34 14.36 18.96
N VAL A 404 77.48 13.84 18.49
CA VAL A 404 77.79 14.25 17.13
C VAL A 404 78.14 13.11 16.25
N ALA A 405 78.52 11.96 16.78
CA ALA A 405 78.74 10.77 15.92
C ALA A 405 78.59 9.60 16.85
N VAL A 406 78.88 8.40 16.30
CA VAL A 406 78.68 7.14 16.98
C VAL A 406 79.59 6.12 16.31
N GLN A 407 80.27 5.33 17.10
CA GLN A 407 81.26 4.49 16.48
C GLN A 407 80.82 3.03 16.60
N PHE A 408 80.66 2.37 15.46
CA PHE A 408 80.22 0.99 15.51
C PHE A 408 81.35 0.01 15.18
N VAL A 409 81.16 -1.26 15.53
CA VAL A 409 82.04 -2.33 15.05
C VAL A 409 81.25 -3.27 14.12
N ARG A 410 81.94 -3.83 13.08
CA ARG A 410 81.30 -4.73 12.11
C ARG A 410 80.98 -6.05 12.76
N THR A 411 79.88 -6.66 12.40
CA THR A 411 79.62 -7.99 12.91
C THR A 411 79.41 -8.91 11.72
N GLU A 412 79.38 -10.25 11.96
CA GLU A 412 79.24 -11.32 10.92
C GLU A 412 79.10 -12.71 11.55
N GLN A 413 78.71 -13.68 10.73
CA GLN A 413 78.37 -15.03 11.19
C GLN A 413 79.15 -16.13 10.45
N ASP A 414 79.70 -17.07 11.25
CA ASP A 414 80.71 -18.06 10.84
C ASP A 414 80.12 -19.44 10.55
N GLU A 415 79.27 -19.53 9.52
CA GLU A 415 78.74 -20.79 8.99
C GLU A 415 78.64 -21.91 10.03
N THR A 416 78.33 -21.58 11.26
CA THR A 416 77.52 -22.42 12.13
C THR A 416 76.21 -21.69 12.41
N GLY A 417 76.31 -20.36 12.57
CA GLY A 417 75.23 -19.53 12.99
C GLY A 417 75.63 -18.96 14.34
N LYS A 418 76.77 -18.27 14.46
CA LYS A 418 76.88 -17.37 15.60
C LYS A 418 77.78 -16.19 15.23
N TRP A 419 77.62 -15.12 16.03
CA TRP A 419 78.01 -13.78 15.67
C TRP A 419 79.22 -13.34 16.48
N ASN A 420 80.04 -12.48 15.86
CA ASN A 420 81.20 -11.87 16.48
C ASN A 420 81.30 -10.43 15.99
N GLU A 421 82.41 -9.75 16.35
CA GLU A 421 82.73 -8.38 15.99
C GLU A 421 84.19 -8.27 15.54
N ASP A 422 84.45 -7.45 14.52
CA ASP A 422 85.79 -7.25 13.95
C ASP A 422 86.28 -5.85 14.40
N GLU A 423 87.20 -5.82 15.39
CA GLU A 423 87.60 -4.60 16.09
C GLU A 423 88.39 -3.64 15.23
N ASP A 424 89.03 -4.16 14.21
CA ASP A 424 89.78 -3.47 13.18
C ASP A 424 88.94 -2.55 12.25
N GLN A 425 87.61 -2.59 12.37
CA GLN A 425 86.73 -2.05 11.35
C GLN A 425 85.57 -1.42 12.08
N ILE A 426 85.51 -0.11 11.95
CA ILE A 426 84.63 0.76 12.70
C ILE A 426 84.02 1.75 11.69
N VAL A 427 82.82 2.23 11.97
CA VAL A 427 82.31 3.35 11.18
C VAL A 427 82.07 4.54 12.12
N HIS A 428 82.49 5.73 11.67
CA HIS A 428 82.17 7.01 12.29
C HIS A 428 80.94 7.48 11.52
N LEU A 429 79.89 7.86 12.26
CA LEU A 429 78.57 7.94 11.68
C LEU A 429 77.89 9.23 12.14
N LYS A 430 78.26 10.36 11.51
CA LYS A 430 77.79 11.69 11.93
C LYS A 430 76.33 11.64 12.31
N ALA A 431 75.98 12.14 13.48
CA ALA A 431 74.58 12.18 13.80
C ALA A 431 74.32 13.15 14.91
N ASP A 432 73.06 13.50 15.05
CA ASP A 432 72.51 14.44 16.01
C ASP A 432 71.63 13.79 17.04
N VAL A 433 70.91 12.78 16.63
CA VAL A 433 69.97 12.14 17.52
C VAL A 433 70.23 10.64 17.45
N VAL A 434 70.19 10.01 18.57
CA VAL A 434 70.33 8.56 18.58
C VAL A 434 69.13 8.02 19.31
N ILE A 435 68.45 7.03 18.73
CA ILE A 435 67.24 6.47 19.35
C ILE A 435 67.44 4.96 19.52
N SER A 436 67.63 4.52 20.83
CA SER A 436 67.67 3.08 21.17
C SER A 436 66.27 2.52 20.93
N ALA A 437 66.20 1.60 19.93
CA ALA A 437 64.95 1.04 19.43
C ALA A 437 65.00 -0.47 19.51
N PHE A 438 65.58 -0.96 20.57
CA PHE A 438 65.92 -2.38 20.57
C PHE A 438 64.73 -3.26 20.81
N GLY A 439 63.74 -2.79 21.57
CA GLY A 439 62.80 -3.68 22.22
C GLY A 439 62.49 -3.16 23.62
N SER A 440 61.91 -4.06 24.46
CA SER A 440 61.35 -3.76 25.78
C SER A 440 61.46 -4.99 26.63
N VAL A 441 61.36 -4.81 27.94
CA VAL A 441 61.46 -5.86 28.94
C VAL A 441 60.57 -5.49 30.13
N LEU A 442 60.42 -6.44 31.07
CA LEU A 442 59.94 -6.15 32.43
C LEU A 442 61.15 -6.20 33.38
N ARG A 443 61.62 -5.04 33.88
CA ARG A 443 62.79 -5.03 34.76
C ARG A 443 62.41 -4.69 36.20
N ASP A 444 61.81 -3.57 36.39
CA ASP A 444 61.23 -3.22 37.67
C ASP A 444 61.01 -4.20 38.85
N PRO A 445 61.80 -4.08 39.92
CA PRO A 445 61.70 -5.06 40.99
C PRO A 445 60.44 -4.86 41.82
N LYS A 446 59.94 -3.60 41.92
CA LYS A 446 58.73 -3.31 42.73
C LYS A 446 57.45 -3.84 42.03
N VAL A 447 57.53 -3.95 40.72
CA VAL A 447 56.50 -4.64 39.98
C VAL A 447 56.55 -6.15 40.29
N LYS A 448 57.74 -6.80 40.03
CA LYS A 448 57.92 -8.20 40.37
C LYS A 448 57.51 -8.49 41.78
N GLU A 449 57.93 -7.66 42.73
CA GLU A 449 57.57 -7.92 44.13
C GLU A 449 56.07 -8.03 44.31
N ALA A 450 55.34 -7.11 43.68
CA ALA A 450 53.90 -7.07 43.64
C ALA A 450 53.23 -8.37 43.15
N LEU A 451 53.87 -9.17 42.31
CA LEU A 451 53.32 -10.48 41.91
C LEU A 451 53.77 -11.58 42.83
N SER A 452 54.55 -11.27 43.86
CA SER A 452 54.84 -12.37 44.78
C SER A 452 53.52 -13.00 45.19
N PRO A 453 53.40 -14.32 45.15
CA PRO A 453 54.47 -15.30 44.90
C PRO A 453 54.39 -16.01 43.53
N ILE A 454 53.87 -15.54 42.41
CA ILE A 454 53.78 -16.46 41.30
C ILE A 454 55.19 -16.85 40.78
N LYS A 455 55.31 -18.00 40.08
CA LYS A 455 56.63 -18.30 39.44
C LYS A 455 56.96 -17.44 38.20
N PHE A 456 58.23 -17.07 38.06
CA PHE A 456 58.73 -16.53 36.78
C PHE A 456 59.77 -17.48 36.18
N ASN A 457 60.06 -17.34 34.90
CA ASN A 457 60.93 -18.27 34.19
C ASN A 457 62.25 -17.60 34.00
N ARG A 458 63.16 -18.31 33.35
CA ARG A 458 64.40 -17.72 32.82
C ARG A 458 64.31 -16.25 32.42
N TRP A 459 63.46 -15.91 31.41
CA TRP A 459 63.36 -14.61 30.80
C TRP A 459 62.82 -13.49 31.76
N ASP A 460 62.71 -13.83 33.07
CA ASP A 460 62.01 -13.01 34.05
C ASP A 460 60.59 -12.64 33.64
N LEU A 461 59.88 -13.57 32.86
CA LEU A 461 58.45 -13.35 32.68
C LEU A 461 57.59 -14.26 33.59
N PRO A 462 56.41 -13.81 34.02
CA PRO A 462 55.40 -14.72 34.60
C PRO A 462 55.27 -15.93 33.73
N GLU A 463 55.34 -17.08 34.37
CA GLU A 463 55.14 -18.32 33.69
C GLU A 463 53.65 -18.60 33.54
N VAL A 464 53.16 -18.92 32.37
CA VAL A 464 51.78 -19.37 32.49
C VAL A 464 51.63 -20.75 31.84
N ASP A 465 50.61 -21.53 32.25
CA ASP A 465 50.27 -22.63 31.37
C ASP A 465 49.69 -21.96 30.15
N PRO A 466 50.12 -22.34 28.93
CA PRO A 466 49.75 -21.65 27.69
C PRO A 466 48.42 -22.06 27.12
N GLU A 467 47.78 -22.98 27.76
CA GLU A 467 46.47 -23.30 27.28
C GLU A 467 45.40 -22.57 28.05
N THR A 468 45.64 -22.36 29.37
CA THR A 468 44.71 -21.68 30.26
C THR A 468 45.10 -20.25 30.65
N MET A 469 46.35 -19.85 30.42
CA MET A 469 46.77 -18.50 30.77
C MET A 469 46.91 -18.33 32.28
N GLN A 470 46.78 -19.41 33.06
CA GLN A 470 46.89 -19.35 34.53
C GLN A 470 48.35 -19.33 34.97
N THR A 471 48.67 -18.49 35.96
CA THR A 471 50.01 -18.47 36.57
C THR A 471 50.12 -19.58 37.62
N SER A 472 51.16 -19.56 38.50
CA SER A 472 51.25 -20.62 39.51
C SER A 472 50.25 -20.41 40.67
N GLU A 473 49.68 -19.14 40.83
CA GLU A 473 48.51 -18.97 41.67
C GLU A 473 47.29 -19.19 40.79
N PRO A 474 46.37 -20.06 41.18
CA PRO A 474 45.25 -20.38 40.27
C PRO A 474 44.16 -19.30 40.21
N TRP A 475 44.15 -18.30 41.12
CA TRP A 475 43.30 -17.15 40.89
C TRP A 475 43.91 -16.07 40.04
N VAL A 476 45.14 -16.20 39.54
CA VAL A 476 45.82 -15.10 38.83
C VAL A 476 46.20 -15.57 37.42
N PHE A 477 45.82 -14.78 36.43
CA PHE A 477 46.19 -15.11 35.06
C PHE A 477 47.02 -13.98 34.39
N ALA A 478 47.61 -14.26 33.23
CA ALA A 478 48.40 -13.22 32.55
C ALA A 478 48.33 -13.44 31.06
N GLY A 479 48.57 -12.39 30.28
CA GLY A 479 48.47 -12.49 28.83
C GLY A 479 49.03 -11.22 28.19
N GLY A 480 49.35 -11.36 26.91
CA GLY A 480 49.76 -10.25 26.19
C GLY A 480 51.26 -10.23 26.28
N ASP A 481 51.86 -9.10 25.89
CA ASP A 481 53.31 -8.98 25.72
C ASP A 481 53.98 -9.48 26.97
N ILE A 482 53.37 -9.23 28.15
CA ILE A 482 54.08 -9.56 29.43
C ILE A 482 54.41 -11.07 29.55
N VAL A 483 53.65 -11.96 28.88
CA VAL A 483 53.91 -13.43 28.88
C VAL A 483 55.03 -13.74 27.88
N GLY A 484 55.31 -12.80 27.02
CA GLY A 484 56.46 -13.03 26.22
C GLY A 484 56.18 -14.05 25.15
N MET A 485 54.96 -14.23 24.66
CA MET A 485 54.89 -15.08 23.51
C MET A 485 54.31 -14.33 22.36
N ALA A 486 53.31 -13.54 22.67
CA ALA A 486 52.64 -12.68 21.69
C ALA A 486 53.57 -11.50 21.29
N ASN A 487 53.75 -11.30 19.99
CA ASN A 487 54.34 -10.07 19.50
C ASN A 487 53.33 -9.16 18.85
N THR A 488 52.06 -9.53 18.71
CA THR A 488 51.16 -8.63 17.97
C THR A 488 49.95 -8.31 18.79
N THR A 489 49.28 -7.23 18.31
CA THR A 489 48.05 -6.76 18.95
C THR A 489 46.99 -7.88 19.02
N VAL A 490 46.79 -8.58 17.86
CA VAL A 490 45.83 -9.68 17.70
C VAL A 490 46.20 -10.90 18.53
N GLU A 491 47.51 -11.15 18.74
CA GLU A 491 47.90 -12.18 19.71
C GLU A 491 47.67 -11.76 21.21
N SER A 492 47.90 -10.49 21.56
CA SER A 492 47.49 -10.07 22.90
C SER A 492 46.00 -10.22 23.08
N VAL A 493 45.22 -9.63 22.20
CA VAL A 493 43.79 -9.81 22.31
C VAL A 493 43.44 -11.28 22.46
N ASN A 494 44.09 -12.15 21.64
CA ASN A 494 43.64 -13.53 21.74
C ASN A 494 43.99 -14.11 23.12
N ASP A 495 45.08 -13.61 23.76
CA ASP A 495 45.44 -13.96 25.13
C ASP A 495 44.34 -13.60 26.12
N GLY A 496 43.79 -12.36 26.08
CA GLY A 496 42.66 -12.04 26.93
C GLY A 496 41.49 -12.98 26.67
N LYS A 497 41.24 -13.29 25.37
CA LYS A 497 40.16 -14.16 24.95
C LYS A 497 40.32 -15.50 25.66
N GLN A 498 41.48 -16.17 25.48
CA GLN A 498 41.68 -17.48 26.09
C GLN A 498 41.61 -17.42 27.63
N ALA A 499 42.23 -16.43 28.22
CA ALA A 499 42.16 -16.31 29.66
C ALA A 499 40.71 -16.21 30.08
N SER A 500 39.88 -15.50 29.27
CA SER A 500 38.61 -15.12 29.81
C SER A 500 37.84 -16.40 30.14
N TRP A 501 38.01 -17.44 29.34
CA TRP A 501 37.12 -18.57 29.63
C TRP A 501 37.54 -19.35 30.87
N TYR A 502 38.85 -19.49 31.07
CA TYR A 502 39.33 -20.18 32.25
C TYR A 502 39.26 -19.32 33.52
N ILE A 503 39.31 -17.99 33.42
CA ILE A 503 38.95 -17.24 34.61
C ILE A 503 37.51 -17.60 35.01
N HIS A 504 36.64 -17.65 34.01
CA HIS A 504 35.27 -18.03 34.25
C HIS A 504 35.12 -19.43 34.85
N LYS A 505 35.87 -20.42 34.33
CA LYS A 505 35.83 -21.76 34.96
C LYS A 505 36.31 -21.70 36.42
N TYR A 506 37.34 -20.91 36.69
CA TYR A 506 37.85 -20.83 38.04
C TYR A 506 36.86 -20.10 38.98
N ILE A 507 36.24 -18.99 38.56
CA ILE A 507 35.34 -18.27 39.49
C ILE A 507 34.12 -19.12 39.85
N GLN A 508 33.48 -19.72 38.85
CA GLN A 508 32.32 -20.60 39.06
C GLN A 508 32.69 -21.69 40.09
N ALA A 509 33.66 -22.59 39.80
CA ALA A 509 34.19 -23.53 40.81
C ALA A 509 34.35 -22.92 42.23
N GLN A 510 34.87 -21.69 42.36
CA GLN A 510 34.94 -21.23 43.74
C GLN A 510 33.56 -21.00 44.38
N TYR A 511 32.49 -20.92 43.62
CA TYR A 511 31.19 -20.68 44.19
C TYR A 511 30.36 -21.95 44.17
N GLY A 512 30.94 -23.08 43.79
CA GLY A 512 30.21 -24.33 43.85
C GLY A 512 29.55 -24.77 42.57
N ALA A 513 30.03 -24.30 41.41
CA ALA A 513 29.30 -24.56 40.20
C ALA A 513 30.28 -24.94 39.14
N SER A 514 29.79 -25.49 38.04
CA SER A 514 30.63 -26.04 37.00
C SER A 514 30.19 -25.47 35.68
N VAL A 515 31.02 -25.52 34.64
CA VAL A 515 30.68 -24.84 33.36
C VAL A 515 30.73 -25.86 32.23
N SER A 516 30.25 -25.48 31.04
CA SER A 516 30.27 -26.43 29.92
C SER A 516 31.58 -27.16 29.79
N ALA A 517 31.53 -28.32 29.16
CA ALA A 517 32.74 -29.02 28.76
C ALA A 517 33.41 -28.37 27.55
N LYS A 518 32.63 -27.95 26.54
CA LYS A 518 33.16 -27.29 25.35
C LYS A 518 33.13 -25.79 25.59
N PRO A 519 34.29 -25.09 25.68
CA PRO A 519 34.35 -23.65 25.80
C PRO A 519 33.40 -22.94 24.92
N GLU A 520 32.75 -21.90 25.38
CA GLU A 520 31.69 -21.25 24.60
C GLU A 520 31.84 -19.74 24.90
N LEU A 521 32.55 -19.01 24.08
CA LEU A 521 32.29 -17.63 24.48
C LEU A 521 31.19 -17.05 23.61
N PRO A 522 30.43 -16.04 24.14
CA PRO A 522 29.35 -15.36 23.37
C PRO A 522 29.81 -14.50 22.19
N LEU A 523 28.95 -14.42 21.15
CA LEU A 523 29.19 -13.49 20.04
C LEU A 523 29.02 -12.05 20.55
N PHE A 524 29.23 -11.09 19.67
CA PHE A 524 29.08 -9.66 19.97
C PHE A 524 27.67 -9.28 19.52
N TYR A 525 26.94 -8.45 20.33
CA TYR A 525 25.57 -8.01 20.11
C TYR A 525 25.34 -6.49 20.13
N THR A 526 24.26 -6.09 19.44
CA THR A 526 23.85 -4.69 19.34
C THR A 526 22.33 -4.65 19.26
N PRO A 527 21.74 -3.49 19.42
CA PRO A 527 20.27 -3.47 19.40
C PRO A 527 19.78 -3.87 18.04
N VAL A 528 20.64 -3.80 17.01
CA VAL A 528 20.17 -4.23 15.66
C VAL A 528 19.69 -5.67 15.70
N ASP A 529 20.31 -6.44 16.52
CA ASP A 529 20.05 -7.84 16.57
C ASP A 529 18.69 -8.13 17.18
N LEU A 530 18.07 -7.23 17.93
CA LEU A 530 16.75 -7.52 18.41
C LEU A 530 15.68 -7.21 17.44
N VAL A 531 15.95 -6.63 16.27
CA VAL A 531 14.88 -6.23 15.31
C VAL A 531 14.10 -7.45 14.82
N ASP A 532 12.71 -7.29 14.79
CA ASP A 532 11.84 -8.37 14.35
C ASP A 532 11.82 -8.46 12.85
N ILE A 533 12.00 -9.67 12.29
CA ILE A 533 11.92 -9.72 10.83
C ILE A 533 11.04 -10.88 10.41
N SER A 534 10.05 -11.27 11.22
CA SER A 534 9.01 -12.13 10.70
C SER A 534 7.94 -11.37 9.88
N VAL A 535 7.13 -12.15 9.15
CA VAL A 535 6.13 -11.59 8.27
C VAL A 535 5.12 -12.70 8.12
N GLU A 536 3.86 -12.33 7.88
CA GLU A 536 2.79 -13.27 7.63
C GLU A 536 2.33 -13.05 6.19
N MET A 537 1.99 -14.13 5.50
CA MET A 537 1.46 -14.11 4.15
C MET A 537 0.57 -15.36 4.00
N ALA A 538 -0.62 -15.19 3.39
CA ALA A 538 -1.56 -16.31 3.23
C ALA A 538 -1.85 -17.00 4.55
N GLY A 539 -1.70 -16.27 5.68
CA GLY A 539 -1.92 -16.85 6.97
C GLY A 539 -0.90 -17.89 7.42
N LEU A 540 0.33 -17.82 6.93
CA LEU A 540 1.49 -18.53 7.47
C LEU A 540 2.43 -17.50 8.08
N LYS A 541 3.00 -17.87 9.21
CA LYS A 541 3.96 -17.05 9.89
C LYS A 541 5.37 -17.53 9.47
N PHE A 542 6.17 -16.63 8.92
CA PHE A 542 7.54 -16.90 8.49
C PHE A 542 8.40 -16.28 9.56
N ILE A 543 9.39 -17.06 10.05
CA ILE A 543 10.22 -16.51 11.12
C ILE A 543 11.22 -15.47 10.55
N ASN A 544 11.51 -15.54 9.26
CA ASN A 544 12.20 -14.48 8.53
C ASN A 544 11.78 -14.67 7.07
N PRO A 545 12.15 -13.78 6.19
CA PRO A 545 11.37 -13.87 4.95
C PRO A 545 12.16 -14.57 3.92
N PHE A 546 13.24 -15.24 4.26
CA PHE A 546 14.06 -15.90 3.25
C PHE A 546 13.80 -17.41 3.13
N GLY A 547 13.85 -17.97 1.88
CA GLY A 547 13.54 -19.39 1.69
C GLY A 547 14.30 -20.04 0.54
N LEU A 548 14.52 -21.36 0.62
CA LEU A 548 15.19 -21.98 -0.47
C LEU A 548 14.14 -22.18 -1.56
N ALA A 549 14.45 -21.82 -2.78
CA ALA A 549 13.43 -22.13 -3.78
C ALA A 549 13.43 -23.59 -4.14
N SER A 550 12.50 -24.01 -5.01
CA SER A 550 12.40 -25.40 -5.39
C SER A 550 13.46 -25.57 -6.43
N ALA A 551 14.57 -26.24 -6.10
CA ALA A 551 15.64 -26.13 -7.14
C ALA A 551 16.81 -26.95 -6.68
N ALA A 552 17.98 -26.70 -7.13
CA ALA A 552 18.95 -27.74 -6.76
C ALA A 552 19.36 -27.72 -5.28
N PRO A 553 19.34 -26.55 -4.62
CA PRO A 553 19.62 -26.60 -3.16
C PRO A 553 18.59 -27.48 -2.38
N THR A 554 17.54 -27.98 -3.00
CA THR A 554 16.56 -28.81 -2.27
C THR A 554 16.41 -30.12 -3.01
N THR A 555 17.52 -30.54 -3.69
CA THR A 555 17.55 -31.86 -4.30
C THR A 555 17.09 -32.95 -3.34
N SER A 556 17.51 -32.87 -2.07
CA SER A 556 17.18 -33.88 -1.05
C SER A 556 16.62 -33.21 0.15
N SER A 557 15.82 -33.94 0.91
CA SER A 557 15.26 -33.35 2.12
C SER A 557 16.27 -33.25 3.29
N SER A 558 17.33 -34.09 3.41
CA SER A 558 18.37 -33.80 4.39
C SER A 558 19.05 -32.45 4.18
N MET A 559 19.16 -31.94 2.92
CA MET A 559 19.71 -30.59 2.69
C MET A 559 18.75 -29.54 3.24
N ILE A 560 17.43 -29.76 3.04
CA ILE A 560 16.43 -28.88 3.66
C ILE A 560 16.59 -28.88 5.17
N ARG A 561 16.87 -30.08 5.72
CA ARG A 561 17.14 -30.20 7.14
C ARG A 561 18.32 -29.40 7.51
N ARG A 562 19.39 -29.49 6.71
CA ARG A 562 20.59 -28.74 7.12
C ARG A 562 20.39 -27.21 7.03
N ALA A 563 19.55 -26.78 6.08
CA ALA A 563 19.26 -25.36 5.81
C ALA A 563 18.37 -24.71 6.93
N PHE A 564 17.32 -25.42 7.32
CA PHE A 564 16.58 -25.10 8.53
C PHE A 564 17.48 -24.98 9.76
N GLU A 565 18.33 -25.98 10.06
CA GLU A 565 19.26 -25.73 11.14
C GLU A 565 20.28 -24.64 10.83
N ALA A 566 20.50 -24.25 9.61
CA ALA A 566 21.36 -23.06 9.53
C ALA A 566 20.52 -21.75 9.72
N GLY A 567 19.18 -21.77 9.60
CA GLY A 567 18.43 -20.57 9.92
C GLY A 567 17.46 -20.15 8.84
N TRP A 568 17.35 -20.85 7.69
CA TRP A 568 16.39 -20.47 6.64
C TRP A 568 14.96 -20.53 7.17
N GLY A 569 14.15 -19.56 6.71
CA GLY A 569 12.80 -19.41 7.19
C GLY A 569 11.90 -20.44 6.60
N PHE A 570 12.17 -20.89 5.37
CA PHE A 570 11.26 -21.84 4.76
C PHE A 570 11.88 -22.60 3.56
N ALA A 571 11.26 -23.65 3.04
CA ALA A 571 11.85 -24.11 1.82
C ALA A 571 10.80 -24.73 0.93
N LEU A 572 11.13 -24.83 -0.33
CA LEU A 572 10.29 -25.56 -1.29
C LEU A 572 10.95 -26.96 -1.38
N THR A 573 10.15 -28.04 -1.48
CA THR A 573 10.73 -29.26 -2.03
C THR A 573 11.08 -29.03 -3.50
N LYS A 574 12.09 -29.76 -3.97
CA LYS A 574 12.26 -29.90 -5.43
C LYS A 574 10.94 -30.48 -6.00
N THR A 575 10.57 -30.01 -7.19
CA THR A 575 9.23 -30.28 -7.67
C THR A 575 9.10 -31.79 -7.92
N PHE A 576 7.99 -32.39 -7.41
CA PHE A 576 7.88 -33.83 -7.63
C PHE A 576 6.54 -34.15 -8.31
N SER A 577 6.37 -35.38 -8.79
CA SER A 577 5.22 -35.66 -9.65
C SER A 577 4.63 -37.03 -9.30
N LEU A 578 3.44 -37.35 -9.78
CA LEU A 578 3.05 -38.74 -9.62
C LEU A 578 4.15 -39.65 -10.21
N ASP A 579 4.24 -40.91 -9.71
CA ASP A 579 4.98 -42.03 -10.30
C ASP A 579 4.99 -42.20 -11.81
N LYS A 580 3.82 -42.43 -12.39
CA LYS A 580 3.73 -42.45 -13.84
C LYS A 580 4.56 -41.39 -14.55
N ASP A 581 4.77 -40.23 -13.91
CA ASP A 581 5.25 -38.96 -14.49
C ASP A 581 6.77 -38.81 -14.30
N ILE A 582 7.44 -39.85 -13.75
CA ILE A 582 8.85 -39.83 -13.28
C ILE A 582 9.86 -39.79 -14.45
N VAL A 583 10.94 -39.03 -14.27
CA VAL A 583 11.79 -38.63 -15.37
C VAL A 583 13.27 -38.85 -15.10
N THR A 584 14.02 -39.07 -16.15
CA THR A 584 15.44 -39.24 -15.98
C THR A 584 16.22 -38.02 -16.51
N ASN A 585 17.11 -37.49 -15.65
CA ASN A 585 17.99 -36.37 -15.99
C ASN A 585 19.05 -36.73 -16.98
N VAL A 586 19.66 -35.70 -17.56
CA VAL A 586 20.83 -35.93 -18.40
C VAL A 586 21.95 -35.19 -17.74
N SER A 587 23.14 -35.53 -18.18
CA SER A 587 24.27 -34.82 -17.67
C SER A 587 25.19 -34.60 -18.86
N PRO A 588 25.83 -33.33 -18.99
CA PRO A 588 25.82 -32.20 -17.99
C PRO A 588 24.51 -31.49 -18.10
N ARG A 589 24.02 -30.86 -17.02
CA ARG A 589 22.84 -30.08 -17.23
C ARG A 589 22.82 -28.75 -16.49
N ILE A 590 23.88 -28.34 -15.80
CA ILE A 590 23.93 -27.02 -15.15
C ILE A 590 25.27 -26.37 -15.47
N VAL A 591 25.23 -25.27 -16.20
CA VAL A 591 26.52 -24.68 -16.61
C VAL A 591 26.48 -23.23 -16.16
N ARG A 592 27.64 -22.64 -16.21
CA ARG A 592 27.75 -21.25 -15.78
C ARG A 592 27.34 -20.29 -16.89
N GLY A 593 26.92 -19.05 -16.45
CA GLY A 593 26.49 -18.05 -17.40
C GLY A 593 27.70 -17.36 -18.02
N THR A 594 27.42 -16.73 -19.12
CA THR A 594 28.42 -15.96 -19.82
C THR A 594 28.02 -14.54 -19.75
N THR A 595 27.02 -14.29 -18.91
CA THR A 595 26.27 -13.05 -18.93
C THR A 595 27.12 -11.88 -18.50
N SER A 596 28.27 -12.12 -17.87
CA SER A 596 29.19 -10.99 -17.70
C SER A 596 30.67 -11.33 -17.93
N GLY A 597 30.96 -11.93 -19.06
CA GLY A 597 32.33 -12.15 -19.47
C GLY A 597 33.00 -13.32 -18.75
N PRO A 598 34.34 -13.45 -18.96
CA PRO A 598 35.13 -14.62 -18.51
C PRO A 598 35.74 -14.53 -17.10
N MET A 599 34.89 -14.21 -16.12
CA MET A 599 35.13 -14.31 -14.67
C MET A 599 34.74 -15.72 -14.12
N TYR A 600 35.71 -16.42 -13.51
CA TYR A 600 35.47 -17.74 -12.99
C TYR A 600 35.39 -17.69 -11.46
N GLY A 601 34.63 -18.60 -10.88
CA GLY A 601 34.69 -18.57 -9.45
C GLY A 601 33.51 -17.86 -8.84
N PRO A 602 33.78 -17.08 -7.79
CA PRO A 602 32.69 -16.69 -6.86
C PRO A 602 31.84 -15.66 -7.58
N GLY A 603 30.51 -15.67 -7.33
CA GLY A 603 29.70 -14.63 -7.90
C GLY A 603 29.31 -14.73 -9.35
N GLN A 604 29.04 -15.96 -9.85
CA GLN A 604 28.52 -16.15 -11.21
C GLN A 604 27.22 -15.39 -11.32
N SER A 605 27.09 -14.41 -12.33
CA SER A 605 25.86 -13.62 -12.64
C SER A 605 24.76 -14.42 -13.28
N SER A 606 24.94 -15.73 -13.61
CA SER A 606 23.77 -16.58 -13.88
C SER A 606 24.26 -17.97 -14.09
N PHE A 607 23.38 -18.95 -14.03
CA PHE A 607 23.67 -20.29 -14.56
C PHE A 607 22.60 -20.63 -15.56
N LEU A 608 22.81 -21.68 -16.39
CA LEU A 608 21.70 -22.18 -17.19
C LEU A 608 21.51 -23.64 -16.83
N ASN A 609 20.23 -24.12 -16.78
CA ASN A 609 20.12 -25.53 -16.48
C ASN A 609 19.10 -26.06 -17.44
N ILE A 610 19.28 -27.33 -17.85
CA ILE A 610 18.31 -28.13 -18.57
C ILE A 610 17.97 -29.27 -17.60
N GLU A 611 17.71 -28.97 -16.30
CA GLU A 611 17.40 -30.02 -15.36
C GLU A 611 15.91 -30.23 -15.36
N LEU A 612 15.48 -31.48 -15.33
CA LEU A 612 14.06 -31.82 -15.16
C LEU A 612 13.59 -31.71 -13.66
N ILE A 613 12.35 -32.15 -13.37
CA ILE A 613 11.85 -32.28 -12.00
C ILE A 613 12.59 -33.42 -11.26
N SER A 614 12.26 -33.56 -9.98
CA SER A 614 12.90 -34.49 -9.06
C SER A 614 13.03 -35.92 -9.59
N GLU A 615 14.18 -36.51 -9.36
CA GLU A 615 14.17 -37.93 -9.67
C GLU A 615 13.63 -38.72 -8.52
N LYS A 616 13.37 -38.05 -7.39
CA LYS A 616 12.90 -38.78 -6.23
C LYS A 616 11.37 -38.87 -6.21
N THR A 617 10.83 -39.90 -5.55
CA THR A 617 9.42 -40.27 -5.75
C THR A 617 8.48 -39.41 -4.86
N ALA A 618 7.18 -39.48 -5.17
CA ALA A 618 6.22 -38.78 -4.30
C ALA A 618 6.29 -39.35 -2.88
N ALA A 619 6.55 -40.66 -2.78
CA ALA A 619 6.60 -41.32 -1.52
C ALA A 619 7.71 -40.73 -0.63
N TYR A 620 8.98 -40.79 -1.11
CA TYR A 620 10.13 -40.12 -0.50
C TYR A 620 9.74 -38.76 -0.01
N TRP A 621 9.03 -37.98 -0.92
CA TRP A 621 8.89 -36.55 -0.65
C TRP A 621 7.78 -36.28 0.41
N CYS A 622 6.60 -36.96 0.25
CA CYS A 622 5.64 -36.92 1.32
C CYS A 622 6.25 -37.37 2.63
N GLN A 623 6.90 -38.55 2.69
CA GLN A 623 7.46 -38.94 4.00
C GLN A 623 8.47 -37.89 4.45
N SER A 624 9.16 -37.22 3.49
CA SER A 624 10.09 -36.21 3.93
C SER A 624 9.35 -35.09 4.54
N VAL A 625 8.27 -34.65 3.83
CA VAL A 625 7.64 -33.48 4.37
C VAL A 625 7.18 -33.73 5.83
N THR A 626 6.76 -34.97 6.14
CA THR A 626 6.23 -35.21 7.45
C THR A 626 7.35 -35.23 8.48
N GLU A 627 8.53 -35.79 8.15
CA GLU A 627 9.62 -35.79 9.12
C GLU A 627 10.05 -34.35 9.41
N LEU A 628 10.09 -33.51 8.37
CA LEU A 628 10.63 -32.17 8.51
C LEU A 628 9.63 -31.30 9.30
N LYS A 629 8.32 -31.47 9.06
CA LYS A 629 7.43 -30.64 9.86
C LYS A 629 7.34 -31.14 11.33
N ALA A 630 7.65 -32.45 11.61
CA ALA A 630 7.69 -32.95 13.00
C ALA A 630 8.87 -32.34 13.75
N ASP A 631 10.07 -32.33 13.15
CA ASP A 631 11.23 -31.71 13.84
C ASP A 631 11.38 -30.17 13.70
N PHE A 632 10.64 -29.46 12.78
CA PHE A 632 10.82 -28.01 12.54
C PHE A 632 9.47 -27.30 12.49
N PRO A 633 8.68 -27.40 13.53
CA PRO A 633 7.31 -26.93 13.45
C PRO A 633 7.18 -25.49 13.07
N ASP A 634 8.11 -24.61 13.47
CA ASP A 634 8.05 -23.23 13.02
C ASP A 634 8.74 -22.92 11.68
N ASN A 635 9.25 -23.89 10.93
CA ASN A 635 9.80 -23.60 9.61
C ASN A 635 8.74 -23.96 8.59
N ILE A 636 8.42 -23.05 7.63
CA ILE A 636 7.44 -23.37 6.57
C ILE A 636 8.05 -24.32 5.52
N VAL A 637 7.30 -25.40 5.16
CA VAL A 637 7.71 -26.37 4.12
C VAL A 637 6.63 -26.38 3.02
N ILE A 638 6.97 -25.90 1.83
CA ILE A 638 6.00 -25.84 0.73
C ILE A 638 6.23 -27.01 -0.27
N ALA A 639 5.22 -27.69 -0.66
CA ALA A 639 5.48 -28.87 -1.48
C ALA A 639 5.23 -28.42 -2.91
N SER A 640 6.24 -28.55 -3.76
CA SER A 640 6.15 -28.14 -5.16
C SER A 640 5.70 -29.36 -5.98
N ILE A 641 4.63 -29.27 -6.72
CA ILE A 641 4.22 -30.50 -7.38
C ILE A 641 3.94 -30.24 -8.85
N MET A 642 3.95 -31.31 -9.69
CA MET A 642 3.60 -31.14 -11.10
C MET A 642 2.86 -32.35 -11.66
N CYS A 643 1.85 -32.03 -12.49
CA CYS A 643 1.14 -32.99 -13.36
C CYS A 643 0.92 -32.45 -14.72
N SER A 644 0.52 -33.37 -15.61
CA SER A 644 0.02 -33.07 -16.96
C SER A 644 -1.31 -32.35 -16.86
N TYR A 645 -1.92 -31.93 -18.00
CA TYR A 645 -3.20 -31.23 -17.89
C TYR A 645 -4.34 -32.26 -17.59
N ASN A 646 -4.55 -32.63 -16.33
CA ASN A 646 -5.32 -33.81 -16.03
C ASN A 646 -5.96 -33.66 -14.65
N LYS A 647 -7.30 -33.48 -14.56
CA LYS A 647 -7.92 -33.11 -13.28
C LYS A 647 -7.64 -34.15 -12.21
N ASN A 648 -7.57 -35.43 -12.56
CA ASN A 648 -7.42 -36.46 -11.51
C ASN A 648 -6.07 -36.38 -10.80
N ASP A 649 -5.00 -36.52 -11.57
CA ASP A 649 -3.62 -36.25 -11.22
C ASP A 649 -3.38 -35.05 -10.30
N TRP A 650 -3.84 -33.85 -10.73
CA TRP A 650 -3.70 -32.64 -9.91
C TRP A 650 -4.45 -32.76 -8.59
N MET A 651 -5.62 -33.39 -8.55
CA MET A 651 -6.26 -33.61 -7.25
C MET A 651 -5.56 -34.69 -6.46
N GLU A 652 -5.08 -35.81 -7.10
CA GLU A 652 -4.51 -36.95 -6.34
C GLU A 652 -3.18 -36.52 -5.79
N LEU A 653 -2.49 -35.61 -6.53
CA LEU A 653 -1.16 -35.25 -6.06
C LEU A 653 -1.22 -34.15 -4.99
N SER A 654 -2.08 -33.13 -5.16
CA SER A 654 -2.21 -32.13 -4.10
C SER A 654 -2.80 -32.71 -2.80
N ARG A 655 -3.76 -33.67 -2.85
CA ARG A 655 -4.19 -34.29 -1.58
C ARG A 655 -3.05 -35.05 -0.94
N LYS A 656 -2.26 -35.78 -1.73
CA LYS A 656 -1.14 -36.50 -1.11
C LYS A 656 -0.18 -35.53 -0.44
N ALA A 657 0.31 -34.53 -1.16
CA ALA A 657 1.17 -33.52 -0.55
C ALA A 657 0.55 -32.95 0.74
N GLU A 658 -0.72 -32.54 0.68
CA GLU A 658 -1.38 -31.94 1.84
C GLU A 658 -1.42 -32.89 3.02
N ALA A 659 -1.86 -34.12 2.77
CA ALA A 659 -1.98 -35.04 3.88
C ALA A 659 -0.62 -35.35 4.47
N SER A 660 0.44 -35.29 3.69
CA SER A 660 1.67 -35.51 4.45
C SER A 660 2.04 -34.32 5.32
N GLY A 661 1.33 -33.20 5.27
CA GLY A 661 1.56 -32.15 6.24
C GLY A 661 2.33 -30.85 5.71
N ALA A 662 2.42 -30.67 4.41
CA ALA A 662 2.92 -29.39 3.89
C ALA A 662 2.14 -28.22 4.50
N ASP A 663 2.82 -27.08 4.68
CA ASP A 663 2.17 -25.81 5.07
C ASP A 663 1.37 -25.26 3.90
N ALA A 664 1.90 -25.36 2.65
CA ALA A 664 1.28 -24.85 1.38
C ALA A 664 1.72 -25.71 0.21
N LEU A 665 1.06 -25.57 -0.97
CA LEU A 665 1.67 -26.17 -2.17
C LEU A 665 2.20 -25.08 -3.07
N GLU A 666 3.03 -25.44 -4.05
CA GLU A 666 3.41 -24.60 -5.18
C GLU A 666 3.05 -25.41 -6.40
N LEU A 667 2.22 -24.86 -7.29
CA LEU A 667 1.93 -25.54 -8.55
C LEU A 667 3.09 -25.23 -9.49
N ASN A 668 3.86 -26.26 -9.90
CA ASN A 668 4.89 -25.93 -10.92
C ASN A 668 4.22 -25.91 -12.29
N LEU A 669 3.88 -24.70 -12.82
CA LEU A 669 3.11 -24.58 -14.10
C LEU A 669 3.99 -24.72 -15.44
N SER A 670 5.15 -25.31 -15.34
CA SER A 670 6.02 -25.57 -16.48
C SER A 670 5.66 -26.90 -17.18
N SER A 671 4.51 -27.50 -16.95
CA SER A 671 4.30 -28.77 -17.68
C SER A 671 3.75 -28.50 -19.07
N PRO A 672 4.07 -29.31 -20.11
CA PRO A 672 3.38 -29.13 -21.40
C PRO A 672 1.84 -29.30 -21.37
N HIS A 673 1.23 -28.63 -22.40
CA HIS A 673 -0.21 -28.51 -22.72
C HIS A 673 -0.63 -29.72 -23.57
N GLY A 674 -0.29 -29.73 -24.89
CA GLY A 674 -1.00 -30.47 -25.94
C GLY A 674 -2.17 -29.67 -26.59
N MET A 680 -0.07 -19.40 -27.60
CA MET A 680 -0.33 -19.39 -26.15
C MET A 680 0.52 -20.51 -25.59
N GLY A 681 1.73 -20.56 -26.17
CA GLY A 681 2.96 -21.17 -25.64
C GLY A 681 2.81 -22.64 -25.61
N LEU A 682 3.84 -23.41 -25.27
CA LEU A 682 3.57 -24.82 -25.08
C LEU A 682 3.43 -25.26 -23.62
N ALA A 683 4.00 -24.60 -22.63
CA ALA A 683 3.74 -25.02 -21.25
C ALA A 683 2.40 -24.50 -20.68
N CYS A 684 1.75 -25.31 -19.83
CA CYS A 684 0.53 -24.90 -19.15
C CYS A 684 0.53 -23.45 -18.64
N GLY A 685 1.54 -23.10 -17.78
CA GLY A 685 1.76 -21.71 -17.33
C GLY A 685 1.81 -20.61 -18.38
N GLN A 686 1.88 -20.90 -19.69
CA GLN A 686 1.77 -19.85 -20.72
C GLN A 686 0.33 -19.57 -21.19
N ASP A 687 -0.66 -20.25 -20.65
CA ASP A 687 -2.02 -20.07 -21.14
C ASP A 687 -2.99 -19.81 -20.01
N PRO A 688 -3.65 -18.63 -19.95
CA PRO A 688 -4.52 -18.33 -18.80
C PRO A 688 -5.65 -19.31 -18.64
N GLU A 689 -6.26 -19.77 -19.72
CA GLU A 689 -7.36 -20.63 -19.42
C GLU A 689 -6.85 -21.95 -18.81
N LEU A 690 -5.64 -22.40 -19.16
CA LEU A 690 -5.20 -23.66 -18.54
C LEU A 690 -4.85 -23.44 -17.06
N VAL A 691 -4.18 -22.33 -16.76
CA VAL A 691 -3.81 -22.01 -15.40
C VAL A 691 -5.03 -21.81 -14.57
N ARG A 692 -6.07 -21.18 -15.11
CA ARG A 692 -7.33 -21.00 -14.37
C ARG A 692 -7.88 -22.31 -13.90
N ASN A 693 -8.09 -23.21 -14.88
CA ASN A 693 -8.65 -24.54 -14.59
C ASN A 693 -7.82 -25.34 -13.58
N ILE A 694 -6.45 -25.33 -13.71
CA ILE A 694 -5.61 -26.14 -12.80
C ILE A 694 -5.77 -25.64 -11.36
N CYS A 695 -5.62 -24.31 -11.15
CA CYS A 695 -5.96 -23.71 -9.87
C CYS A 695 -7.35 -24.13 -9.34
N ARG A 696 -8.43 -24.05 -10.15
CA ARG A 696 -9.75 -24.62 -9.79
C ARG A 696 -9.67 -26.07 -9.33
N TRP A 697 -8.95 -26.93 -10.04
CA TRP A 697 -8.86 -28.33 -9.56
C TRP A 697 -8.22 -28.39 -8.17
N VAL A 698 -6.99 -27.88 -8.05
CA VAL A 698 -6.30 -27.93 -6.75
C VAL A 698 -7.12 -27.28 -5.64
N ARG A 699 -7.76 -26.14 -5.92
CA ARG A 699 -8.50 -25.42 -4.89
C ARG A 699 -9.61 -26.25 -4.31
N GLN A 700 -10.28 -27.03 -5.14
CA GLN A 700 -11.34 -27.92 -4.69
C GLN A 700 -10.80 -29.22 -4.11
N ALA A 701 -9.52 -29.59 -4.38
CA ALA A 701 -8.97 -30.76 -3.68
C ALA A 701 -8.43 -30.46 -2.27
N VAL A 702 -7.81 -29.32 -1.99
CA VAL A 702 -7.19 -29.27 -0.68
C VAL A 702 -7.66 -28.07 0.08
N GLN A 703 -7.31 -28.06 1.39
CA GLN A 703 -7.74 -26.96 2.21
C GLN A 703 -6.66 -25.94 2.47
N ILE A 704 -5.40 -26.33 2.44
CA ILE A 704 -4.24 -25.44 2.69
C ILE A 704 -4.07 -24.38 1.63
N PRO A 705 -3.31 -23.32 1.88
CA PRO A 705 -2.96 -22.36 0.78
C PRO A 705 -2.15 -23.03 -0.34
N PHE A 706 -2.33 -22.48 -1.54
CA PHE A 706 -1.38 -22.83 -2.59
C PHE A 706 -1.04 -21.67 -3.50
N PHE A 707 0.18 -21.71 -4.04
CA PHE A 707 0.68 -20.64 -4.90
C PHE A 707 0.96 -21.19 -6.27
N ALA A 708 0.57 -20.46 -7.29
CA ALA A 708 0.98 -20.86 -8.63
C ALA A 708 2.28 -20.14 -8.98
N LYS A 709 3.24 -20.90 -9.56
CA LYS A 709 4.55 -20.37 -9.86
C LYS A 709 4.57 -20.03 -11.34
N LEU A 710 4.75 -18.76 -11.65
CA LEU A 710 4.61 -18.25 -12.96
C LEU A 710 5.92 -18.31 -13.73
N THR A 711 5.80 -18.37 -15.03
CA THR A 711 6.94 -18.37 -15.93
C THR A 711 7.05 -17.00 -16.56
N PRO A 712 8.23 -16.35 -16.63
CA PRO A 712 8.32 -15.00 -17.29
C PRO A 712 8.39 -15.11 -18.81
N ASN A 713 8.35 -16.32 -19.37
CA ASN A 713 8.38 -16.54 -20.83
C ASN A 713 6.98 -16.33 -21.44
N VAL A 714 6.39 -15.17 -21.13
CA VAL A 714 5.06 -14.86 -21.61
C VAL A 714 4.99 -13.40 -22.01
N THR A 715 4.06 -13.08 -22.91
CA THR A 715 3.77 -11.70 -23.30
C THR A 715 3.27 -10.85 -22.11
N ASP A 716 2.51 -11.44 -21.20
CA ASP A 716 1.81 -10.63 -20.18
C ASP A 716 1.63 -11.46 -18.90
N ILE A 717 2.50 -11.24 -17.93
CA ILE A 717 2.53 -12.21 -16.85
C ILE A 717 1.34 -11.91 -15.97
N VAL A 718 0.84 -10.68 -16.06
CA VAL A 718 -0.36 -10.25 -15.34
C VAL A 718 -1.58 -11.12 -15.73
N SER A 719 -1.69 -11.51 -17.00
CA SER A 719 -2.90 -12.29 -17.27
C SER A 719 -2.73 -13.76 -16.88
N ILE A 720 -1.51 -14.28 -16.68
CA ILE A 720 -1.46 -15.59 -16.01
C ILE A 720 -1.74 -15.52 -14.49
N ALA A 721 -1.14 -14.52 -13.79
CA ALA A 721 -1.40 -14.21 -12.37
C ALA A 721 -2.91 -14.16 -12.06
N ARG A 722 -3.61 -13.22 -12.74
CA ARG A 722 -5.04 -13.03 -12.55
C ARG A 722 -5.79 -14.38 -12.69
N ALA A 723 -5.47 -15.13 -13.74
CA ALA A 723 -6.12 -16.38 -14.00
C ALA A 723 -5.97 -17.27 -12.79
N ALA A 724 -4.73 -17.31 -12.24
CA ALA A 724 -4.51 -18.08 -11.05
C ALA A 724 -5.41 -17.57 -9.93
N LYS A 725 -5.44 -16.21 -9.69
CA LYS A 725 -6.33 -15.63 -8.67
C LYS A 725 -7.80 -16.01 -8.94
N GLU A 726 -8.31 -15.76 -10.16
CA GLU A 726 -9.69 -16.24 -10.48
C GLU A 726 -9.83 -17.75 -10.25
N GLY A 727 -8.76 -18.48 -10.38
CA GLY A 727 -9.02 -19.88 -10.12
C GLY A 727 -8.99 -20.36 -8.66
N GLY A 728 -8.72 -19.44 -7.72
CA GLY A 728 -8.63 -19.76 -6.29
C GLY A 728 -7.26 -19.97 -5.66
N ALA A 729 -6.15 -19.73 -6.36
CA ALA A 729 -4.78 -19.81 -5.79
C ALA A 729 -4.64 -18.79 -4.68
N ASP A 730 -3.79 -19.03 -3.67
CA ASP A 730 -3.69 -18.00 -2.61
C ASP A 730 -2.56 -17.02 -2.79
N GLY A 731 -1.97 -16.96 -3.99
CA GLY A 731 -0.77 -16.20 -4.23
C GLY A 731 -0.10 -16.75 -5.46
N VAL A 732 0.89 -15.98 -5.97
CA VAL A 732 1.74 -16.55 -7.00
C VAL A 732 3.22 -16.38 -6.59
N THR A 733 4.08 -17.26 -7.17
CA THR A 733 5.53 -17.16 -7.07
C THR A 733 6.04 -16.57 -8.38
N ALA A 734 6.78 -15.47 -8.35
CA ALA A 734 7.28 -14.90 -9.59
C ALA A 734 8.79 -14.64 -9.47
N THR A 735 9.58 -15.21 -10.38
CA THR A 735 9.19 -16.07 -11.49
C THR A 735 10.09 -17.33 -11.64
N ASN A 736 9.90 -18.22 -12.66
CA ASN A 736 10.73 -19.40 -12.81
C ASN A 736 11.82 -18.86 -13.70
N THR A 737 12.65 -19.76 -14.36
CA THR A 737 13.78 -19.33 -15.16
C THR A 737 13.35 -18.78 -16.53
N VAL A 738 14.14 -17.84 -17.11
CA VAL A 738 14.01 -17.36 -18.49
C VAL A 738 14.64 -18.37 -19.45
N SER A 739 13.90 -18.73 -20.48
CA SER A 739 14.38 -19.55 -21.54
C SER A 739 15.54 -18.93 -22.27
N GLY A 740 16.58 -19.70 -22.52
CA GLY A 740 17.71 -19.04 -23.15
C GLY A 740 18.72 -20.06 -23.59
N LEU A 741 19.74 -19.59 -24.25
CA LEU A 741 20.80 -20.46 -24.74
C LEU A 741 22.08 -19.76 -24.30
N MET A 742 22.86 -20.42 -23.48
CA MET A 742 23.92 -19.73 -22.79
C MET A 742 25.12 -19.49 -23.70
N GLY A 743 25.15 -19.96 -24.93
CA GLY A 743 26.30 -19.64 -25.76
C GLY A 743 26.82 -20.87 -26.48
N LEU A 744 27.72 -20.61 -27.43
CA LEU A 744 28.32 -21.65 -28.23
C LEU A 744 29.84 -21.53 -28.19
N LYS A 745 30.50 -22.72 -28.21
CA LYS A 745 31.94 -22.83 -28.40
C LYS A 745 32.30 -22.47 -29.85
N ALA A 746 33.59 -22.10 -30.07
CA ALA A 746 33.86 -21.33 -31.28
C ALA A 746 33.78 -22.23 -32.47
N ASP A 747 33.79 -23.54 -32.27
CA ASP A 747 33.49 -24.39 -33.40
C ASP A 747 32.01 -24.68 -33.55
N GLY A 748 31.13 -24.24 -32.68
CA GLY A 748 29.75 -24.42 -32.99
C GLY A 748 29.03 -25.30 -32.02
N THR A 749 29.72 -25.98 -31.13
CA THR A 749 29.04 -26.94 -30.27
C THR A 749 28.52 -26.15 -29.07
N PRO A 750 27.39 -26.56 -28.51
CA PRO A 750 26.85 -25.85 -27.34
C PRO A 750 27.44 -26.30 -26.01
N TRP A 751 27.05 -25.59 -24.98
CA TRP A 751 27.27 -26.09 -23.66
C TRP A 751 26.11 -25.67 -22.76
N PRO A 752 25.48 -26.56 -22.01
CA PRO A 752 25.81 -27.98 -21.79
C PRO A 752 25.67 -28.81 -23.10
N ALA A 753 26.56 -29.77 -23.33
CA ALA A 753 26.59 -30.59 -24.53
C ALA A 753 26.40 -32.01 -24.03
N VAL A 754 25.41 -32.72 -24.50
CA VAL A 754 25.16 -34.07 -24.02
C VAL A 754 25.42 -35.21 -25.04
N GLY A 755 26.07 -36.29 -24.56
CA GLY A 755 26.35 -37.47 -25.40
C GLY A 755 27.51 -37.19 -26.38
N ALA A 756 27.92 -38.21 -27.16
CA ALA A 756 29.00 -37.97 -28.13
C ALA A 756 28.57 -37.14 -29.32
N GLY A 757 27.26 -36.91 -29.51
CA GLY A 757 26.75 -35.98 -30.51
C GLY A 757 26.68 -34.51 -30.09
N LYS A 758 27.11 -34.18 -28.86
CA LYS A 758 27.18 -32.80 -28.41
C LYS A 758 25.83 -32.07 -28.61
N ARG A 759 24.71 -32.71 -28.22
CA ARG A 759 23.39 -32.15 -28.40
C ARG A 759 22.99 -31.26 -27.23
N THR A 760 22.10 -30.29 -27.50
CA THR A 760 21.57 -29.50 -26.40
C THR A 760 20.14 -29.16 -26.69
N THR A 761 19.53 -28.55 -25.68
CA THR A 761 18.17 -28.08 -25.83
C THR A 761 18.14 -26.76 -25.07
N TYR A 762 17.09 -25.99 -25.23
CA TYR A 762 17.05 -24.70 -24.56
C TYR A 762 16.94 -24.97 -23.09
N GLY A 763 17.45 -24.03 -22.30
CA GLY A 763 17.53 -24.22 -20.84
C GLY A 763 16.93 -23.00 -20.21
N GLY A 764 16.97 -22.95 -18.90
CA GLY A 764 16.38 -21.82 -18.14
C GLY A 764 17.56 -21.06 -17.55
N VAL A 765 17.55 -19.74 -17.69
CA VAL A 765 18.59 -18.88 -17.11
C VAL A 765 18.18 -18.53 -15.70
N SER A 766 19.11 -18.59 -14.72
CA SER A 766 18.71 -18.06 -13.44
C SER A 766 19.79 -17.09 -12.98
N GLY A 767 19.68 -16.55 -11.74
CA GLY A 767 20.75 -15.71 -11.23
C GLY A 767 20.43 -14.23 -11.38
N THR A 768 21.44 -13.37 -11.04
CA THR A 768 21.16 -11.94 -10.96
C THR A 768 21.06 -11.34 -12.34
N ALA A 769 21.53 -12.05 -13.37
CA ALA A 769 21.33 -11.63 -14.75
C ALA A 769 19.84 -11.46 -15.04
N ILE A 770 18.96 -12.27 -14.43
CA ILE A 770 17.55 -12.18 -14.72
C ILE A 770 16.82 -11.31 -13.72
N ARG A 771 17.52 -10.72 -12.73
CA ARG A 771 16.80 -9.93 -11.73
C ARG A 771 15.95 -8.80 -12.30
N PRO A 772 16.36 -8.05 -13.32
CA PRO A 772 15.45 -7.03 -13.86
C PRO A 772 14.22 -7.60 -14.36
N ILE A 773 14.23 -8.83 -14.92
CA ILE A 773 13.00 -9.40 -15.47
C ILE A 773 12.03 -9.71 -14.35
N ALA A 774 12.53 -10.54 -13.36
CA ALA A 774 11.75 -10.94 -12.15
C ALA A 774 11.22 -9.71 -11.42
N LEU A 775 12.03 -8.68 -11.29
CA LEU A 775 11.57 -7.55 -10.52
C LEU A 775 10.42 -6.84 -11.22
N ARG A 776 10.58 -6.65 -12.49
CA ARG A 776 9.53 -6.04 -13.21
C ARG A 776 8.33 -6.94 -13.20
N ALA A 777 8.51 -8.26 -13.16
CA ALA A 777 7.33 -9.12 -13.07
C ALA A 777 6.63 -8.90 -11.74
N VAL A 778 7.37 -9.05 -10.64
CA VAL A 778 6.81 -8.86 -9.32
C VAL A 778 6.07 -7.49 -9.25
N THR A 779 6.70 -6.43 -9.77
CA THR A 779 6.20 -5.06 -9.68
C THR A 779 4.90 -4.94 -10.41
N THR A 780 4.86 -5.50 -11.61
CA THR A 780 3.68 -5.39 -12.41
C THR A 780 2.54 -6.27 -11.89
N ILE A 781 2.77 -7.48 -11.28
CA ILE A 781 1.63 -8.24 -10.69
C ILE A 781 1.13 -7.47 -9.46
N ALA A 782 2.01 -6.82 -8.72
CA ALA A 782 1.55 -6.07 -7.54
C ALA A 782 0.74 -4.81 -7.87
N ARG A 783 1.12 -3.98 -8.88
CA ARG A 783 0.32 -2.83 -9.28
C ARG A 783 -1.00 -3.28 -9.76
N ALA A 784 -1.08 -4.45 -10.44
CA ALA A 784 -2.36 -4.83 -11.14
C ALA A 784 -3.34 -5.68 -10.29
N LEU A 785 -2.88 -6.60 -9.40
CA LEU A 785 -3.57 -7.43 -8.41
C LEU A 785 -3.11 -7.04 -7.01
N PRO A 786 -3.19 -5.76 -6.63
CA PRO A 786 -2.60 -5.27 -5.39
C PRO A 786 -3.29 -6.01 -4.29
N GLY A 787 -2.49 -6.51 -3.29
CA GLY A 787 -3.01 -7.35 -2.21
C GLY A 787 -2.73 -8.84 -2.34
N PHE A 788 -2.45 -9.30 -3.52
CA PHE A 788 -2.36 -10.72 -3.80
C PHE A 788 -0.95 -11.25 -3.49
N PRO A 789 -0.76 -12.05 -2.39
CA PRO A 789 0.59 -12.50 -2.02
C PRO A 789 1.46 -12.99 -3.22
N ILE A 790 2.66 -12.45 -3.24
CA ILE A 790 3.70 -12.83 -4.19
C ILE A 790 4.89 -13.36 -3.38
N LEU A 791 5.44 -14.53 -3.81
CA LEU A 791 6.76 -14.97 -3.36
C LEU A 791 7.77 -14.67 -4.48
N ALA A 792 8.74 -13.73 -4.23
CA ALA A 792 9.68 -13.41 -5.32
C ALA A 792 10.77 -14.44 -5.50
N THR A 793 11.18 -14.60 -6.75
CA THR A 793 12.42 -15.31 -7.01
C THR A 793 13.07 -14.76 -8.28
N GLY A 794 14.37 -14.84 -8.35
CA GLY A 794 15.09 -14.44 -9.54
C GLY A 794 16.18 -13.47 -9.15
N GLY A 795 17.35 -13.97 -8.72
CA GLY A 795 18.50 -13.11 -8.53
C GLY A 795 18.61 -12.36 -7.19
N ILE A 796 17.96 -12.87 -6.12
CA ILE A 796 18.06 -12.40 -4.73
C ILE A 796 19.36 -12.98 -4.15
N ASP A 797 20.31 -12.13 -3.77
CA ASP A 797 21.58 -12.65 -3.26
C ASP A 797 22.19 -11.80 -2.13
N SER A 798 21.34 -11.04 -1.47
CA SER A 798 21.78 -10.27 -0.32
C SER A 798 20.51 -9.81 0.31
N ALA A 799 20.63 -9.05 1.42
CA ALA A 799 19.47 -8.41 2.04
C ALA A 799 19.07 -7.19 1.27
N GLU A 800 20.04 -6.40 0.82
CA GLU A 800 19.66 -5.23 0.05
C GLU A 800 18.77 -5.62 -1.14
N SER A 801 19.02 -6.78 -1.75
CA SER A 801 18.24 -7.11 -2.93
C SER A 801 16.94 -7.66 -2.51
N GLY A 802 16.94 -8.49 -1.49
CA GLY A 802 15.66 -8.96 -1.06
C GLY A 802 14.78 -7.72 -0.85
N LEU A 803 15.36 -6.64 -0.22
CA LEU A 803 14.55 -5.48 0.18
C LEU A 803 13.93 -4.81 -1.03
N GLN A 804 14.71 -4.67 -2.10
CA GLN A 804 14.14 -4.26 -3.41
C GLN A 804 12.86 -5.07 -3.74
N PHE A 805 12.90 -6.40 -3.49
CA PHE A 805 11.77 -7.20 -3.94
C PHE A 805 10.57 -7.02 -3.00
N LEU A 806 10.82 -7.05 -1.67
CA LEU A 806 9.80 -6.61 -0.67
C LEU A 806 9.21 -5.22 -1.01
N HIS A 807 10.07 -4.20 -1.34
CA HIS A 807 9.59 -2.87 -1.67
C HIS A 807 8.66 -2.93 -2.87
N SER A 808 8.98 -3.85 -3.80
CA SER A 808 8.28 -4.03 -5.03
C SER A 808 7.00 -4.80 -4.88
N GLY A 809 6.66 -5.27 -3.68
CA GLY A 809 5.39 -5.93 -3.47
C GLY A 809 5.40 -7.40 -3.01
N ALA A 810 6.56 -8.07 -2.97
CA ALA A 810 6.67 -9.47 -2.61
C ALA A 810 6.61 -9.58 -1.12
N SER A 811 6.20 -10.75 -0.57
CA SER A 811 6.11 -10.94 0.86
C SER A 811 7.24 -11.78 1.47
N VAL A 812 7.80 -12.74 0.70
CA VAL A 812 8.86 -13.67 1.15
C VAL A 812 9.71 -13.85 -0.09
N LEU A 813 10.90 -14.43 0.07
CA LEU A 813 11.90 -14.35 -1.02
C LEU A 813 12.60 -15.72 -1.26
N GLN A 814 12.54 -16.22 -2.48
CA GLN A 814 13.07 -17.54 -2.72
C GLN A 814 14.44 -17.38 -3.40
N VAL A 815 15.38 -18.29 -3.08
CA VAL A 815 16.79 -18.12 -3.37
C VAL A 815 17.22 -19.43 -4.01
N CYS A 816 17.87 -19.38 -5.17
CA CYS A 816 18.48 -20.60 -5.67
C CYS A 816 19.92 -20.35 -6.03
N SER A 817 20.17 -19.43 -6.99
CA SER A 817 21.55 -19.30 -7.53
C SER A 817 22.51 -18.74 -6.51
N ALA A 818 22.00 -17.96 -5.54
CA ALA A 818 22.95 -17.36 -4.63
C ALA A 818 23.52 -18.48 -3.79
N VAL A 819 22.79 -19.62 -3.62
CA VAL A 819 23.31 -20.72 -2.78
C VAL A 819 24.21 -21.64 -3.60
N GLN A 820 23.95 -21.81 -4.91
CA GLN A 820 24.89 -22.56 -5.75
C GLN A 820 26.19 -21.88 -5.77
N ASN A 821 26.16 -20.50 -5.82
CA ASN A 821 27.40 -19.73 -5.76
C ASN A 821 28.06 -19.80 -4.38
N GLN A 822 27.52 -20.54 -3.38
CA GLN A 822 28.14 -20.40 -2.06
C GLN A 822 27.67 -21.55 -1.16
N ASP A 823 26.67 -21.38 -0.29
CA ASP A 823 26.39 -22.50 0.61
C ASP A 823 25.28 -22.01 1.54
N PHE A 824 24.61 -22.92 2.27
CA PHE A 824 23.48 -22.51 3.10
C PHE A 824 23.79 -21.37 4.10
N THR A 825 25.07 -21.13 4.41
CA THR A 825 25.26 -20.16 5.47
C THR A 825 25.01 -18.67 5.07
N VAL A 826 24.71 -18.32 3.77
CA VAL A 826 24.45 -16.92 3.49
C VAL A 826 23.28 -16.44 4.30
N ILE A 827 22.46 -17.37 4.88
CA ILE A 827 21.21 -17.01 5.52
C ILE A 827 21.50 -16.05 6.69
N GLN A 828 22.66 -16.31 7.40
CA GLN A 828 23.12 -15.47 8.51
C GLN A 828 23.46 -14.08 8.04
N ASP A 829 24.09 -13.97 6.82
CA ASP A 829 24.27 -12.67 6.25
C ASP A 829 22.91 -12.07 5.80
N TYR A 830 21.95 -12.85 5.37
CA TYR A 830 20.74 -12.14 4.95
C TYR A 830 19.98 -11.61 6.15
N CYS A 831 19.86 -12.37 7.23
CA CYS A 831 19.15 -11.89 8.41
C CYS A 831 19.77 -10.60 8.99
N THR A 832 21.08 -10.66 9.38
CA THR A 832 21.64 -9.50 10.08
C THR A 832 21.56 -8.36 9.12
N GLY A 833 21.71 -8.69 7.82
CA GLY A 833 21.46 -7.73 6.72
C GLY A 833 20.10 -7.04 6.83
N LEU A 834 19.04 -7.80 6.83
CA LEU A 834 17.70 -7.17 6.87
C LEU A 834 17.46 -6.48 8.22
N LYS A 835 17.86 -7.09 9.37
CA LYS A 835 17.72 -6.36 10.62
C LYS A 835 18.39 -4.99 10.53
N ALA A 836 19.61 -4.91 9.92
CA ALA A 836 20.37 -3.66 9.78
C ALA A 836 19.64 -2.65 8.90
N LEU A 837 19.16 -3.10 7.71
CA LEU A 837 18.45 -2.16 6.89
C LEU A 837 17.22 -1.63 7.64
N LEU A 838 16.49 -2.48 8.34
CA LEU A 838 15.26 -1.89 8.92
C LEU A 838 15.59 -0.97 10.12
N TYR A 839 16.66 -1.29 10.85
CA TYR A 839 17.00 -0.47 12.02
C TYR A 839 17.51 0.92 11.62
N LEU A 840 18.43 0.96 10.65
CA LEU A 840 18.91 2.27 10.21
C LEU A 840 17.74 3.17 9.86
N LYS A 841 16.60 2.60 9.43
CA LYS A 841 15.53 3.49 9.00
C LYS A 841 15.00 4.29 10.17
N SER A 842 15.36 4.00 11.42
CA SER A 842 14.81 4.81 12.51
C SER A 842 15.79 5.80 13.05
N ILE A 843 16.92 5.98 12.39
CA ILE A 843 18.03 6.76 12.89
C ILE A 843 18.01 8.07 12.12
N GLU A 844 17.56 9.18 12.76
CA GLU A 844 17.53 10.51 12.11
C GLU A 844 18.90 10.89 11.49
N GLU A 845 19.95 10.92 12.30
CA GLU A 845 21.30 11.34 11.89
C GLU A 845 21.80 10.57 10.67
N LEU A 846 21.19 9.48 10.28
CA LEU A 846 21.72 8.72 9.17
C LEU A 846 20.78 8.72 7.97
N GLN A 847 19.96 9.73 7.90
CA GLN A 847 19.09 9.82 6.74
C GLN A 847 19.82 10.03 5.40
N GLY A 848 21.02 10.59 5.35
CA GLY A 848 21.76 10.66 4.08
C GLY A 848 22.47 9.34 3.55
N TRP A 849 22.31 8.17 4.17
CA TRP A 849 23.03 7.06 3.60
C TRP A 849 22.11 6.38 2.61
N ASP A 850 22.65 5.58 1.65
CA ASP A 850 21.81 4.58 0.97
C ASP A 850 21.96 3.21 1.62
N GLY A 851 20.94 2.80 2.45
CA GLY A 851 20.99 1.60 3.28
C GLY A 851 22.31 1.54 4.06
N GLN A 852 23.21 0.60 3.92
CA GLN A 852 24.29 0.76 4.87
C GLN A 852 25.43 1.55 4.31
N SER A 853 25.28 2.18 3.11
CA SER A 853 26.37 2.91 2.47
C SER A 853 26.38 4.39 2.94
N PRO A 854 27.42 4.86 3.58
CA PRO A 854 27.48 6.28 3.92
C PRO A 854 27.41 7.21 2.70
N GLY A 855 26.91 8.45 2.91
CA GLY A 855 27.28 9.58 2.02
C GLY A 855 28.80 9.70 1.68
N THR A 856 29.19 9.63 0.36
CA THR A 856 30.58 9.29 -0.05
C THR A 856 31.55 10.49 0.05
N GLU A 857 32.67 10.29 0.77
CA GLU A 857 33.73 11.30 0.87
C GLU A 857 34.53 11.39 -0.43
N SER A 858 35.12 12.57 -0.71
CA SER A 858 35.83 12.78 -1.99
C SER A 858 37.21 12.12 -1.92
N HIS A 859 37.37 11.01 -2.67
CA HIS A 859 38.42 10.02 -2.43
C HIS A 859 39.27 9.75 -3.67
N GLN A 860 40.55 9.49 -3.41
CA GLN A 860 41.48 8.78 -4.30
C GLN A 860 42.16 7.72 -3.44
N LYS A 861 42.30 6.50 -3.95
CA LYS A 861 42.76 5.38 -3.10
C LYS A 861 41.97 5.31 -1.80
N GLY A 862 40.65 5.54 -1.90
CA GLY A 862 39.75 5.61 -0.76
C GLY A 862 40.36 6.22 0.51
N LYS A 863 40.76 7.49 0.41
CA LYS A 863 41.31 8.37 1.45
C LYS A 863 40.76 9.80 1.19
N PRO A 864 40.59 10.63 2.23
CA PRO A 864 39.93 11.95 2.01
C PRO A 864 40.86 13.01 1.42
N VAL A 865 40.49 13.56 0.26
CA VAL A 865 41.36 14.43 -0.55
C VAL A 865 41.06 15.90 -0.23
N PRO A 866 42.07 16.72 0.11
CA PRO A 866 41.84 17.88 0.96
C PRO A 866 41.06 19.02 0.33
N ARG A 867 40.79 19.99 1.22
CA ARG A 867 39.93 21.14 1.01
C ARG A 867 40.74 22.37 1.47
N ILE A 868 41.08 23.22 0.50
CA ILE A 868 41.90 24.45 0.55
C ILE A 868 41.50 25.30 -0.68
N ALA A 869 41.03 26.56 -0.52
CA ALA A 869 40.58 27.35 -1.69
C ALA A 869 41.67 27.52 -2.78
N GLU A 870 42.79 26.81 -2.64
CA GLU A 870 43.78 26.62 -3.71
C GLU A 870 43.44 25.46 -4.63
N LEU A 871 43.37 24.24 -4.04
CA LEU A 871 43.06 22.95 -4.67
C LEU A 871 41.61 22.85 -5.16
N MET A 872 40.70 23.73 -4.69
CA MET A 872 39.31 23.77 -5.15
C MET A 872 39.15 24.73 -6.30
N GLY A 873 39.26 24.20 -7.51
CA GLY A 873 38.99 25.00 -8.69
C GLY A 873 40.17 25.83 -9.13
N LYS A 874 41.34 25.19 -9.28
CA LYS A 874 42.40 25.70 -10.15
C LYS A 874 43.07 24.50 -10.87
N LYS A 875 42.28 23.44 -11.14
CA LYS A 875 42.55 22.23 -11.92
C LYS A 875 43.90 21.58 -11.62
N LEU A 876 44.01 20.76 -10.57
CA LEU A 876 45.21 19.95 -10.33
C LEU A 876 44.86 18.47 -10.22
N PRO A 877 45.10 17.69 -11.26
CA PRO A 877 44.99 16.24 -11.13
C PRO A 877 46.12 15.64 -10.29
N ASN A 878 45.88 14.44 -9.82
CA ASN A 878 46.81 13.72 -8.96
C ASN A 878 47.89 12.97 -9.71
N PHE A 879 48.61 13.63 -10.60
CA PHE A 879 49.77 13.06 -11.25
C PHE A 879 50.72 14.15 -11.74
N GLY A 880 51.91 13.68 -12.10
CA GLY A 880 52.77 14.42 -12.95
C GLY A 880 53.16 15.62 -12.15
N PRO A 881 53.40 16.73 -12.81
CA PRO A 881 53.85 17.91 -12.04
C PRO A 881 52.76 18.56 -11.15
N TYR A 882 51.49 18.42 -11.52
CA TYR A 882 50.38 18.86 -10.67
C TYR A 882 50.43 18.17 -9.33
N LEU A 883 50.79 16.88 -9.33
CA LEU A 883 50.84 16.14 -8.06
C LEU A 883 51.91 16.73 -7.17
N GLU A 884 53.12 16.78 -7.71
CA GLU A 884 54.21 17.54 -7.13
C GLU A 884 53.64 18.86 -6.53
N GLN A 885 52.71 19.59 -7.21
CA GLN A 885 52.23 20.85 -6.59
C GLN A 885 51.15 20.62 -5.51
N ARG A 886 50.21 19.69 -5.68
CA ARG A 886 49.27 19.52 -4.59
C ARG A 886 50.00 19.16 -3.29
N LYS A 887 51.12 18.43 -3.36
CA LYS A 887 51.86 17.96 -2.17
C LYS A 887 52.72 19.05 -1.53
N LYS A 888 52.95 20.18 -2.24
CA LYS A 888 53.55 21.36 -1.66
C LYS A 888 52.52 22.34 -1.13
N ILE A 889 51.28 22.26 -1.56
CA ILE A 889 50.28 23.06 -0.91
C ILE A 889 49.90 22.40 0.39
N ILE A 890 49.91 21.05 0.43
CA ILE A 890 49.47 20.23 1.57
C ILE A 890 50.55 20.15 2.70
N ALA A 891 51.85 20.36 2.40
CA ALA A 891 52.96 20.22 3.36
C ALA A 891 53.58 21.55 3.83
N GLU A 892 52.91 22.67 3.55
CA GLU A 892 53.15 24.02 4.04
C GLU A 892 51.93 24.52 4.75
N GLU A 893 50.83 23.80 4.54
CA GLU A 893 49.62 23.88 5.34
C GLU A 893 49.79 23.13 6.69
N LYS A 894 50.60 22.01 6.78
CA LYS A 894 50.90 21.28 8.06
C LYS A 894 51.97 21.98 8.86
N MET A 895 52.73 22.81 8.18
CA MET A 895 53.53 23.87 8.76
C MET A 895 52.69 24.91 9.52
N ARG A 896 51.79 25.61 8.81
CA ARG A 896 50.92 26.63 9.37
C ARG A 896 50.32 26.21 10.70
N LEU A 897 49.75 24.99 10.74
CA LEU A 897 48.95 24.47 11.87
C LEU A 897 49.88 23.74 12.87
N LYS A 898 50.67 24.57 13.56
CA LYS A 898 51.57 24.15 14.62
C LYS A 898 51.81 25.34 15.61
N GLU A 908 33.30 14.12 21.56
CA GLU A 908 32.09 13.47 22.12
C GLU A 908 31.50 12.24 21.35
N ARG A 909 31.50 11.05 21.97
CA ARG A 909 30.87 9.86 21.39
C ARG A 909 29.56 9.57 22.16
N LYS A 910 28.41 9.71 21.50
CA LYS A 910 27.09 9.34 22.07
C LYS A 910 26.24 8.60 21.04
N PRO A 911 25.92 7.32 21.27
CA PRO A 911 25.16 6.55 20.27
C PRO A 911 23.83 7.17 19.86
N PHE A 912 23.62 7.23 18.57
CA PHE A 912 22.31 7.55 18.07
C PHE A 912 21.22 6.67 18.68
N ILE A 913 20.02 7.20 18.67
CA ILE A 913 18.86 6.62 19.32
C ILE A 913 17.80 6.61 18.23
N PRO A 914 17.19 5.48 17.93
CA PRO A 914 15.98 5.48 17.09
C PRO A 914 14.97 6.54 17.48
N LYS A 915 14.40 7.23 16.52
CA LYS A 915 13.36 8.18 16.90
C LYS A 915 11.99 7.81 16.31
N LYS A 916 11.82 6.71 15.60
CA LYS A 916 10.54 6.37 14.89
C LYS A 916 10.65 4.87 15.11
N PRO A 917 9.56 4.13 15.43
CA PRO A 917 9.78 2.70 15.76
C PRO A 917 10.37 1.92 14.57
N ILE A 918 10.99 0.76 14.86
CA ILE A 918 11.64 0.18 13.67
C ILE A 918 10.56 -0.41 12.76
N PRO A 919 10.63 -0.25 11.48
CA PRO A 919 9.54 -0.82 10.69
C PRO A 919 9.66 -2.34 10.65
N ALA A 920 8.49 -2.99 10.67
CA ALA A 920 8.33 -4.42 10.31
C ALA A 920 8.41 -4.62 8.79
N ILE A 921 8.53 -5.90 8.39
CA ILE A 921 8.50 -6.21 6.95
C ILE A 921 7.22 -5.67 6.35
N LYS A 922 6.10 -5.91 7.06
CA LYS A 922 4.80 -5.47 6.56
C LYS A 922 4.77 -3.94 6.36
N ASP A 923 5.68 -3.15 7.01
CA ASP A 923 5.60 -1.71 6.76
C ASP A 923 6.34 -1.29 5.57
N VAL A 924 7.22 -2.14 4.98
CA VAL A 924 8.04 -1.78 3.80
C VAL A 924 7.54 -2.38 2.52
N ILE A 925 6.77 -3.52 2.55
CA ILE A 925 6.09 -4.10 1.35
C ILE A 925 5.25 -3.15 0.45
N GLY A 926 5.65 -3.08 -0.89
CA GLY A 926 4.98 -2.30 -1.93
C GLY A 926 5.27 -0.79 -1.86
N LYS A 927 6.18 -0.39 -0.99
CA LYS A 927 6.40 1.05 -0.85
C LYS A 927 6.89 1.62 -2.14
N ALA A 928 7.64 0.87 -2.89
CA ALA A 928 8.14 1.55 -4.07
C ALA A 928 7.06 1.64 -5.17
N LEU A 929 5.87 1.07 -4.97
CA LEU A 929 4.98 0.88 -6.11
C LEU A 929 4.50 2.22 -6.59
N GLN A 930 4.44 3.18 -5.68
CA GLN A 930 3.88 4.49 -5.99
C GLN A 930 4.79 5.33 -6.88
N TYR A 931 6.12 5.06 -6.92
CA TYR A 931 6.98 5.74 -7.82
C TYR A 931 6.94 5.23 -9.26
N LEU A 932 6.49 3.97 -9.54
CA LEU A 932 6.27 3.57 -10.95
C LEU A 932 5.10 4.31 -11.61
N GLY A 933 5.09 4.28 -12.92
CA GLY A 933 3.89 4.74 -13.59
C GLY A 933 4.10 4.58 -15.07
N THR A 934 3.19 5.18 -15.87
CA THR A 934 3.35 5.25 -17.32
C THR A 934 4.40 6.31 -17.71
N PHE A 935 4.76 6.32 -19.01
CA PHE A 935 5.85 7.23 -19.40
C PHE A 935 5.41 8.73 -19.35
N GLY A 936 4.10 9.01 -19.52
CA GLY A 936 3.62 10.36 -19.49
C GLY A 936 3.28 10.76 -18.09
N GLU A 937 3.55 9.92 -17.11
CA GLU A 937 3.59 10.53 -15.76
C GLU A 937 5.02 11.00 -15.44
N LEU A 938 5.95 10.86 -16.37
CA LEU A 938 7.29 11.28 -16.08
C LEU A 938 7.43 12.73 -16.47
N SER A 939 7.86 13.56 -15.56
CA SER A 939 8.17 14.94 -15.86
C SER A 939 9.21 15.14 -16.96
N ASN A 940 8.83 15.76 -18.07
CA ASN A 940 9.81 16.18 -19.07
C ASN A 940 10.19 17.65 -18.93
N ILE A 941 9.80 18.25 -17.82
CA ILE A 941 10.03 19.64 -17.46
C ILE A 941 11.22 19.75 -16.53
N GLU A 942 11.36 18.76 -15.67
CA GLU A 942 12.39 18.79 -14.68
C GLU A 942 13.54 17.99 -15.24
N GLN A 943 14.30 18.60 -16.16
CA GLN A 943 15.45 17.96 -16.78
C GLN A 943 16.73 18.10 -15.94
N VAL A 944 17.74 17.16 -16.13
CA VAL A 944 19.01 17.20 -15.39
C VAL A 944 20.23 17.37 -16.29
N VAL A 945 21.34 17.81 -15.66
CA VAL A 945 22.64 17.77 -16.31
C VAL A 945 23.57 16.96 -15.41
N ALA A 946 24.60 16.35 -16.01
CA ALA A 946 25.68 15.72 -15.17
C ALA A 946 26.72 16.78 -14.75
N VAL A 947 27.45 16.47 -13.71
CA VAL A 947 28.39 17.39 -13.07
C VAL A 947 29.46 16.52 -12.36
N ILE A 948 30.73 16.81 -12.61
CA ILE A 948 31.86 15.93 -12.35
C ILE A 948 32.68 16.49 -11.21
N ASP A 949 32.95 15.70 -10.21
CA ASP A 949 33.67 16.27 -9.08
C ASP A 949 35.13 15.99 -9.35
N GLU A 950 35.94 17.04 -9.58
CA GLU A 950 37.31 16.83 -10.12
C GLU A 950 38.25 16.25 -9.11
N GLU A 951 37.99 16.51 -7.82
CA GLU A 951 38.71 15.91 -6.74
C GLU A 951 38.48 14.41 -6.71
N MET A 952 37.35 13.90 -7.26
CA MET A 952 37.10 12.47 -7.22
C MET A 952 37.55 11.73 -8.50
N CYS A 953 38.01 12.43 -9.56
CA CYS A 953 38.22 11.88 -10.90
C CYS A 953 39.61 11.27 -11.03
N ILE A 954 39.72 10.04 -11.60
CA ILE A 954 40.99 9.37 -11.92
C ILE A 954 41.33 9.46 -13.44
N ASN A 955 40.70 10.36 -14.22
CA ASN A 955 41.27 10.85 -15.50
C ASN A 955 41.32 9.83 -16.65
N CYS A 956 40.43 8.89 -16.56
CA CYS A 956 40.17 7.84 -17.54
C CYS A 956 39.56 8.35 -18.85
N GLY A 957 38.69 9.39 -18.88
CA GLY A 957 38.09 9.74 -20.20
C GLY A 957 36.98 8.81 -20.61
N LYS A 958 36.48 7.94 -19.69
CA LYS A 958 35.33 7.15 -20.11
C LYS A 958 34.07 8.02 -20.29
N CYS A 959 33.82 8.98 -19.38
CA CYS A 959 32.65 9.88 -19.54
C CYS A 959 32.74 10.50 -20.92
N TYR A 960 33.92 10.97 -21.24
CA TYR A 960 34.20 11.59 -22.57
C TYR A 960 34.03 10.61 -23.75
N MET A 961 34.75 9.49 -23.79
CA MET A 961 34.49 8.54 -24.89
C MET A 961 33.03 8.15 -24.97
N THR A 962 32.34 7.96 -23.85
CA THR A 962 30.94 7.54 -24.04
C THR A 962 29.97 8.66 -24.48
N CYS A 963 30.11 9.93 -24.01
CA CYS A 963 29.34 11.05 -24.61
C CYS A 963 29.69 11.29 -26.09
N ASN A 964 30.94 11.02 -26.55
CA ASN A 964 31.30 11.22 -28.00
C ASN A 964 30.64 10.21 -28.97
N ASP A 965 30.83 8.88 -28.72
CA ASP A 965 30.30 7.85 -29.55
C ASP A 965 28.95 7.27 -29.08
N SER A 966 28.38 7.71 -27.92
CA SER A 966 27.07 7.16 -27.60
C SER A 966 26.20 8.25 -27.05
N GLY A 967 26.62 9.52 -27.22
CA GLY A 967 25.96 10.59 -26.47
C GLY A 967 25.89 11.91 -27.27
N TYR A 968 26.32 13.09 -26.69
CA TYR A 968 26.07 14.40 -27.32
C TYR A 968 27.32 15.26 -27.45
N GLN A 969 28.49 14.63 -27.43
CA GLN A 969 29.72 15.35 -27.56
C GLN A 969 29.71 16.56 -26.64
N ALA A 970 29.26 16.36 -25.40
CA ALA A 970 29.14 17.52 -24.51
C ALA A 970 30.20 17.62 -23.46
N ILE A 971 31.17 16.75 -23.39
CA ILE A 971 32.22 16.82 -22.38
C ILE A 971 33.53 17.29 -23.04
N GLN A 972 34.15 18.39 -22.52
CA GLN A 972 35.58 18.72 -22.71
C GLN A 972 36.51 17.94 -21.79
N PHE A 973 37.56 17.36 -22.40
CA PHE A 973 38.60 16.50 -21.80
C PHE A 973 39.96 17.24 -22.01
N ASP A 974 40.48 17.83 -21.01
CA ASP A 974 41.64 18.65 -21.15
C ASP A 974 42.87 17.87 -21.55
N PRO A 975 43.53 18.16 -22.67
CA PRO A 975 44.71 17.34 -23.06
C PRO A 975 45.85 17.40 -22.15
N GLU A 976 45.95 18.39 -21.27
CA GLU A 976 47.09 18.53 -20.38
C GLU A 976 46.77 18.04 -18.99
N THR A 977 45.49 18.04 -18.58
CA THR A 977 45.15 17.50 -17.28
C THR A 977 44.36 16.18 -17.33
N HIS A 978 43.69 15.86 -18.42
CA HIS A 978 42.79 14.72 -18.37
C HIS A 978 41.73 14.90 -17.29
N LEU A 979 41.36 16.17 -17.05
CA LEU A 979 40.15 16.48 -16.28
C LEU A 979 38.98 16.70 -17.25
N PRO A 980 37.77 16.10 -17.07
CA PRO A 980 36.67 16.39 -18.00
C PRO A 980 35.84 17.52 -17.44
N THR A 981 35.09 18.17 -18.34
CA THR A 981 34.11 19.21 -17.95
C THR A 981 32.87 19.09 -18.79
N VAL A 982 31.68 18.92 -18.16
CA VAL A 982 30.39 18.86 -18.88
C VAL A 982 30.01 20.25 -19.30
N THR A 983 29.63 20.42 -20.59
CA THR A 983 29.21 21.69 -21.20
C THR A 983 27.70 21.80 -21.11
N ASP A 984 27.14 22.96 -21.55
CA ASP A 984 25.69 23.24 -21.57
C ASP A 984 24.84 22.46 -22.61
N THR A 985 25.47 21.81 -23.60
CA THR A 985 24.89 20.73 -24.41
C THR A 985 24.45 19.46 -23.63
N CYS A 986 24.83 19.23 -22.32
CA CYS A 986 24.35 17.97 -21.66
C CYS A 986 22.82 17.83 -21.85
N THR A 987 22.32 16.61 -22.21
CA THR A 987 20.86 16.33 -22.26
C THR A 987 20.44 15.45 -21.09
N GLY A 988 21.37 15.19 -20.15
CA GLY A 988 21.12 14.29 -19.05
C GLY A 988 20.81 12.81 -19.40
N CYS A 989 21.16 12.36 -20.58
CA CYS A 989 21.11 10.96 -20.89
C CYS A 989 21.50 10.08 -19.71
N THR A 990 22.64 10.40 -19.03
CA THR A 990 23.13 9.75 -17.81
C THR A 990 24.12 8.60 -18.10
N LEU A 991 24.50 8.43 -19.40
CA LEU A 991 25.48 7.39 -19.79
C LEU A 991 26.79 7.56 -19.04
N CYS A 992 27.26 8.84 -18.89
CA CYS A 992 28.61 9.12 -18.38
C CYS A 992 28.66 8.67 -16.93
N LEU A 993 27.64 9.07 -16.14
CA LEU A 993 27.58 8.54 -14.79
C LEU A 993 27.65 7.00 -14.82
N SER A 994 26.76 6.38 -15.62
CA SER A 994 26.76 4.92 -15.75
C SER A 994 28.04 4.19 -16.12
N VAL A 995 28.95 4.77 -16.86
CA VAL A 995 30.25 4.07 -17.11
C VAL A 995 31.43 4.49 -16.19
N CYS A 996 31.24 5.53 -15.34
CA CYS A 996 32.36 6.14 -14.56
C CYS A 996 32.78 5.10 -13.50
N PRO A 997 34.05 4.73 -13.42
CA PRO A 997 34.48 3.80 -12.35
C PRO A 997 34.47 4.39 -10.96
N ILE A 998 34.53 5.75 -10.77
CA ILE A 998 34.53 6.22 -9.38
C ILE A 998 33.10 6.47 -8.88
N ILE A 999 32.67 5.74 -7.86
CA ILE A 999 31.32 5.94 -7.29
C ILE A 999 31.12 7.35 -6.84
N ASP A 1000 30.06 7.97 -7.33
CA ASP A 1000 29.66 9.31 -6.93
C ASP A 1000 30.66 10.35 -7.34
N CYS A 1001 31.38 10.12 -8.45
CA CYS A 1001 32.15 11.18 -9.09
C CYS A 1001 31.31 12.08 -10.01
N ILE A 1002 30.46 11.53 -10.88
CA ILE A 1002 29.48 12.33 -11.65
C ILE A 1002 28.15 12.23 -10.93
N ARG A 1003 27.54 13.36 -10.59
CA ARG A 1003 26.19 13.47 -10.06
C ARG A 1003 25.26 14.09 -11.10
N MET A 1004 23.98 13.70 -11.08
CA MET A 1004 22.99 14.29 -11.96
C MET A 1004 22.33 15.40 -11.15
N VAL A 1005 22.36 16.64 -11.62
CA VAL A 1005 21.77 17.77 -10.91
C VAL A 1005 20.74 18.43 -11.87
N SER A 1006 19.91 19.33 -11.32
CA SER A 1006 18.85 19.95 -12.09
C SER A 1006 19.32 20.96 -13.13
N ARG A 1007 18.74 20.95 -14.33
CA ARG A 1007 19.20 21.93 -15.31
C ARG A 1007 18.88 23.33 -14.80
N THR A 1008 19.83 24.23 -15.02
CA THR A 1008 19.77 25.60 -14.53
C THR A 1008 19.87 26.65 -15.66
N THR A 1009 19.72 26.25 -16.93
CA THR A 1009 19.75 27.17 -18.08
C THR A 1009 18.89 26.57 -19.19
N PRO A 1010 18.54 27.38 -20.26
CA PRO A 1010 17.71 26.84 -21.37
C PRO A 1010 18.14 25.56 -22.08
N TYR A 1011 17.25 24.54 -21.94
CA TYR A 1011 17.09 23.30 -22.74
C TYR A 1011 15.78 23.38 -23.55
N GLU A 1012 15.87 23.48 -24.94
CA GLU A 1012 14.81 22.95 -25.84
C GLU A 1012 15.35 21.66 -26.47
N PRO A 1013 14.49 20.64 -26.78
CA PRO A 1013 15.03 19.34 -27.27
C PRO A 1013 15.93 19.45 -28.52
N LYS A 1014 16.50 18.34 -29.00
CA LYS A 1014 17.63 18.40 -29.97
C LYS A 1014 17.21 17.97 -31.40
N ARG A 1015 16.66 18.93 -32.21
CA ARG A 1015 15.70 18.62 -33.30
C ARG A 1015 16.30 18.42 -34.72
N GLY A 1016 17.50 18.99 -35.03
CA GLY A 1016 18.20 18.66 -36.27
C GLY A 1016 18.21 19.66 -37.43
N LEU A 1017 17.11 20.34 -37.70
CA LEU A 1017 17.14 21.32 -38.77
C LEU A 1017 16.56 22.70 -38.32
N PRO B 3 13.31 -46.11 7.74
CA PRO B 3 14.42 -45.16 7.96
C PRO B 3 14.08 -43.66 7.95
N VAL B 4 14.79 -42.79 8.68
CA VAL B 4 14.45 -41.38 8.60
C VAL B 4 14.98 -40.92 7.23
N LEU B 5 14.08 -40.62 6.29
CA LEU B 5 14.61 -40.27 4.97
C LEU B 5 15.28 -38.87 4.89
N SER B 6 14.90 -37.89 5.67
CA SER B 6 15.49 -36.57 5.64
C SER B 6 16.66 -36.36 6.59
N LYS B 7 17.44 -37.40 6.96
CA LYS B 7 18.69 -37.28 7.75
C LYS B 7 19.88 -37.92 7.00
N ASP B 8 21.02 -37.27 6.95
CA ASP B 8 22.10 -37.88 6.17
C ASP B 8 22.48 -39.22 6.79
N VAL B 9 22.90 -40.23 5.96
CA VAL B 9 23.59 -41.41 6.59
C VAL B 9 24.92 -41.07 7.29
N ALA B 10 25.61 -42.11 7.84
CA ALA B 10 26.78 -41.67 8.64
C ALA B 10 27.99 -41.42 7.73
N ASP B 11 28.19 -42.27 6.71
CA ASP B 11 29.16 -41.95 5.68
C ASP B 11 29.03 -40.51 5.16
N ILE B 12 27.80 -40.08 4.84
CA ILE B 12 27.61 -38.73 4.30
C ILE B 12 27.91 -37.70 5.38
N GLU B 13 27.39 -37.92 6.61
CA GLU B 13 27.68 -36.98 7.66
C GLU B 13 29.21 -36.77 7.79
N SER B 14 30.00 -37.87 7.65
CA SER B 14 31.46 -37.75 7.61
C SER B 14 31.92 -36.93 6.41
N ILE B 15 31.35 -37.23 5.24
CA ILE B 15 31.69 -36.50 4.03
C ILE B 15 31.55 -34.96 4.24
N LEU B 16 30.45 -34.52 4.83
CA LEU B 16 30.08 -33.20 5.20
C LEU B 16 31.00 -32.61 6.41
N ALA B 17 32.07 -33.21 7.00
CA ALA B 17 32.76 -32.68 8.20
C ALA B 17 33.14 -31.22 8.13
N LEU B 18 33.76 -30.76 7.00
CA LEU B 18 34.34 -29.42 6.69
C LEU B 18 33.36 -28.42 6.01
N ASN B 19 32.18 -28.86 5.60
CA ASN B 19 31.12 -27.93 5.14
C ASN B 19 30.85 -26.81 6.19
N PRO B 20 30.58 -25.55 5.75
CA PRO B 20 30.25 -24.45 6.69
C PRO B 20 28.94 -24.66 7.39
N ARG B 21 28.86 -24.00 8.51
CA ARG B 21 27.81 -24.17 9.52
C ARG B 21 27.70 -22.83 10.18
N THR B 22 26.50 -22.39 10.49
CA THR B 22 26.41 -21.03 11.03
C THR B 22 26.82 -21.11 12.48
N GLN B 23 27.83 -20.36 12.88
CA GLN B 23 28.39 -20.44 14.22
C GLN B 23 27.50 -19.72 15.26
N SER B 24 27.70 -20.07 16.51
CA SER B 24 27.02 -19.47 17.65
C SER B 24 27.88 -19.07 18.82
N HIS B 25 29.15 -19.36 18.79
CA HIS B 25 30.02 -19.12 19.88
C HIS B 25 31.31 -18.59 19.26
N ALA B 26 31.85 -17.56 19.89
CA ALA B 26 33.24 -17.14 19.64
C ALA B 26 34.14 -18.34 19.84
N ALA B 27 35.20 -18.50 19.04
CA ALA B 27 36.02 -19.73 19.10
C ALA B 27 37.17 -19.53 20.05
N LEU B 28 37.59 -20.61 20.76
CA LEU B 28 38.69 -20.53 21.74
C LEU B 28 39.88 -21.35 21.21
N HIS B 29 41.10 -20.76 21.16
CA HIS B 29 42.29 -21.41 20.56
C HIS B 29 43.52 -20.71 21.13
N SER B 30 44.35 -21.39 21.87
CA SER B 30 45.49 -20.67 22.46
C SER B 30 46.43 -20.03 21.39
N THR B 31 47.22 -19.00 21.85
CA THR B 31 48.12 -18.32 20.93
C THR B 31 49.22 -19.25 20.52
N LEU B 32 49.63 -20.09 21.46
CA LEU B 32 50.61 -21.12 21.17
C LEU B 32 50.08 -22.13 20.10
N ALA B 33 48.90 -22.70 20.30
CA ALA B 33 48.35 -23.52 19.23
C ALA B 33 48.29 -22.76 17.86
N LYS B 34 47.81 -21.50 17.87
CA LYS B 34 47.75 -20.76 16.61
C LYS B 34 49.12 -20.73 15.93
N LYS B 35 50.22 -20.60 16.74
CA LYS B 35 51.56 -20.48 16.14
C LYS B 35 51.99 -21.81 15.57
N LEU B 36 51.60 -22.93 16.20
CA LEU B 36 51.91 -24.24 15.61
C LEU B 36 51.12 -24.41 14.34
N ASP B 37 49.84 -24.09 14.35
CA ASP B 37 48.96 -24.43 13.22
C ASP B 37 49.21 -23.56 12.02
N LYS B 38 49.92 -22.46 12.17
CA LYS B 38 50.05 -21.48 11.09
C LYS B 38 50.93 -22.01 9.99
N LYS B 39 51.96 -22.73 10.39
CA LYS B 39 52.92 -23.25 9.43
C LYS B 39 52.29 -24.28 8.51
N HIS B 40 51.21 -24.93 8.93
CA HIS B 40 50.60 -25.97 8.09
C HIS B 40 49.99 -25.38 6.79
N TRP B 41 49.44 -24.20 6.87
CA TRP B 41 48.69 -23.56 5.75
C TRP B 41 49.51 -22.54 4.98
N LYS B 42 50.73 -22.18 5.40
CA LYS B 42 51.37 -20.95 4.92
C LYS B 42 51.64 -20.97 3.40
N ARG B 43 51.28 -19.91 2.67
CA ARG B 43 51.51 -20.06 1.24
C ARG B 43 52.81 -19.44 0.81
N ASN B 44 53.44 -18.66 1.72
CA ASN B 44 54.44 -17.67 1.28
C ASN B 44 55.84 -17.77 1.92
N PRO B 45 56.81 -17.04 1.35
CA PRO B 45 58.17 -17.00 1.89
C PRO B 45 58.18 -16.25 3.20
N ASP B 46 58.69 -16.89 4.23
CA ASP B 46 58.45 -16.41 5.57
C ASP B 46 59.67 -15.76 6.21
N LYS B 47 59.38 -14.78 7.08
CA LYS B 47 60.34 -13.91 7.73
C LYS B 47 61.00 -14.52 8.98
N ASN B 48 60.36 -15.49 9.67
CA ASN B 48 61.13 -16.46 10.43
C ASN B 48 62.37 -16.80 9.60
N CYS B 49 62.14 -17.08 8.30
CA CYS B 49 63.01 -17.98 7.54
C CYS B 49 64.17 -17.23 6.89
N PHE B 50 65.33 -17.62 7.35
CA PHE B 50 66.59 -17.07 6.92
C PHE B 50 66.80 -17.62 5.52
N HIS B 51 67.37 -18.82 5.37
CA HIS B 51 67.88 -19.25 4.07
C HIS B 51 66.76 -19.40 3.04
N CYS B 52 67.16 -19.84 1.85
CA CYS B 52 66.35 -19.73 0.65
C CYS B 52 66.01 -21.15 0.17
N GLU B 53 65.58 -21.28 -1.08
CA GLU B 53 65.55 -22.59 -1.70
C GLU B 53 66.94 -22.91 -2.26
N LYS B 54 67.11 -24.13 -2.76
CA LYS B 54 68.31 -24.47 -3.53
C LYS B 54 68.03 -24.14 -4.99
N LEU B 55 68.66 -23.07 -5.47
CA LEU B 55 68.46 -22.55 -6.81
C LEU B 55 69.45 -23.11 -7.83
N GLU B 56 70.36 -23.98 -7.43
CA GLU B 56 71.44 -24.33 -8.34
C GLU B 56 70.98 -25.00 -9.63
N ASN B 57 71.45 -24.49 -10.74
CA ASN B 57 70.96 -24.95 -12.01
C ASN B 57 69.44 -24.89 -12.10
N ASN B 58 68.77 -23.91 -11.48
CA ASN B 58 67.31 -23.76 -11.72
C ASN B 58 66.93 -22.49 -12.54
N PHE B 59 66.57 -22.71 -13.82
CA PHE B 59 66.38 -21.63 -14.77
C PHE B 59 64.91 -21.36 -15.07
N ASP B 60 64.00 -21.85 -14.23
CA ASP B 60 62.56 -21.76 -14.46
C ASP B 60 62.12 -20.31 -14.23
N ASP B 61 61.12 -19.91 -14.98
CA ASP B 61 60.70 -18.50 -14.97
C ASP B 61 60.47 -18.05 -13.56
N ILE B 62 61.01 -16.89 -13.18
CA ILE B 62 60.76 -16.28 -11.87
C ILE B 62 59.99 -14.96 -11.93
N LYS B 63 59.53 -14.54 -13.11
CA LYS B 63 58.89 -13.24 -13.25
C LYS B 63 57.55 -13.19 -12.52
N HIS B 64 57.27 -12.08 -11.77
CA HIS B 64 55.98 -12.03 -11.03
C HIS B 64 54.88 -11.57 -11.91
N THR B 65 55.15 -11.32 -13.17
CA THR B 65 54.19 -10.69 -14.01
C THR B 65 53.68 -11.65 -15.05
N THR B 66 54.14 -12.88 -15.08
CA THR B 66 53.62 -13.86 -16.05
C THR B 66 52.19 -14.22 -15.75
N LEU B 67 51.32 -14.21 -16.77
CA LEU B 67 49.88 -14.46 -16.70
C LEU B 67 49.52 -15.63 -17.61
N GLY B 68 48.80 -16.63 -17.08
CA GLY B 68 47.98 -17.57 -17.83
C GLY B 68 46.70 -16.87 -18.36
N GLU B 69 45.83 -17.70 -19.07
CA GLU B 69 44.65 -17.11 -19.75
C GLU B 69 43.60 -16.57 -18.73
N ARG B 70 43.39 -17.32 -17.65
CA ARG B 70 42.43 -16.88 -16.65
C ARG B 70 42.89 -15.53 -16.06
N GLY B 71 44.10 -15.53 -15.52
CA GLY B 71 44.62 -14.31 -14.96
C GLY B 71 44.59 -13.16 -15.95
N ALA B 72 44.99 -13.45 -17.20
CA ALA B 72 45.14 -12.39 -18.19
C ALA B 72 43.78 -11.85 -18.59
N LEU B 73 42.76 -12.69 -18.84
CA LEU B 73 41.41 -12.17 -19.06
C LEU B 73 40.89 -11.29 -17.92
N ARG B 74 41.22 -11.66 -16.66
CA ARG B 74 40.74 -10.87 -15.52
C ARG B 74 41.39 -9.47 -15.47
N GLU B 75 42.67 -9.44 -15.69
CA GLU B 75 43.42 -8.18 -15.70
C GLU B 75 43.10 -7.30 -16.91
N ALA B 76 42.81 -7.89 -18.10
CA ALA B 76 42.34 -7.02 -19.19
C ALA B 76 40.92 -6.47 -18.95
N MET B 77 40.07 -7.23 -18.33
CA MET B 77 38.78 -6.70 -18.05
C MET B 77 38.83 -5.56 -17.03
N ARG B 78 39.80 -5.58 -16.08
CA ARG B 78 40.00 -4.48 -15.11
C ARG B 78 40.46 -3.16 -15.71
N CYS B 79 41.07 -3.15 -16.91
CA CYS B 79 41.69 -1.94 -17.44
C CYS B 79 40.61 -1.06 -17.96
N LEU B 80 40.80 0.28 -17.82
CA LEU B 80 39.70 1.19 -18.11
C LEU B 80 39.68 1.51 -19.59
N LYS B 81 40.70 1.05 -20.34
CA LYS B 81 40.76 1.31 -21.78
C LYS B 81 40.51 2.82 -22.00
N CYS B 82 41.41 3.69 -21.46
CA CYS B 82 41.24 5.16 -21.36
C CYS B 82 41.49 5.94 -22.68
N ALA B 83 40.78 7.05 -22.85
CA ALA B 83 41.13 7.87 -24.00
C ALA B 83 42.42 8.59 -23.74
N ASP B 84 43.16 8.81 -24.77
CA ASP B 84 44.41 9.59 -24.61
C ASP B 84 45.35 8.96 -23.57
N ALA B 85 45.43 7.60 -23.57
CA ALA B 85 45.91 6.86 -22.44
C ALA B 85 47.32 7.25 -22.06
N PRO B 86 47.53 7.65 -20.82
CA PRO B 86 48.87 7.97 -20.31
C PRO B 86 49.80 6.80 -20.29
N CYS B 87 49.30 5.56 -20.12
CA CYS B 87 50.27 4.46 -20.23
C CYS B 87 50.94 4.44 -21.60
N GLN B 88 50.16 4.64 -22.68
CA GLN B 88 50.76 4.68 -24.00
C GLN B 88 51.67 5.87 -24.15
N LYS B 89 51.32 7.01 -23.56
CA LYS B 89 52.27 8.15 -23.66
C LYS B 89 53.63 7.86 -23.03
N SER B 90 53.63 6.96 -22.03
CA SER B 90 54.79 6.57 -21.27
C SER B 90 55.44 5.33 -21.84
N CYS B 91 54.94 4.72 -22.91
CA CYS B 91 55.67 3.59 -23.47
C CYS B 91 56.67 4.10 -24.51
N PRO B 92 57.97 3.82 -24.42
CA PRO B 92 58.83 4.49 -25.39
C PRO B 92 58.57 4.11 -26.81
N THR B 93 57.94 2.97 -27.13
CA THR B 93 57.49 2.78 -28.52
C THR B 93 56.03 3.17 -28.82
N HIS B 94 55.30 3.84 -27.87
CA HIS B 94 53.93 4.37 -28.12
C HIS B 94 52.91 3.25 -28.44
N LEU B 95 53.14 2.02 -27.90
CA LEU B 95 52.11 0.97 -28.06
C LEU B 95 50.74 1.47 -27.78
N ASP B 96 49.75 1.01 -28.55
CA ASP B 96 48.35 1.29 -28.23
C ASP B 96 47.83 0.22 -27.26
N ILE B 97 48.36 0.30 -25.99
CA ILE B 97 47.88 -0.43 -24.80
C ILE B 97 46.37 -0.56 -24.75
N LYS B 98 45.64 0.57 -24.79
CA LYS B 98 44.18 0.47 -24.68
C LYS B 98 43.57 -0.49 -25.73
N SER B 99 43.99 -0.35 -27.02
CA SER B 99 43.54 -1.31 -28.03
C SER B 99 44.06 -2.71 -27.80
N PHE B 100 45.41 -2.91 -27.52
CA PHE B 100 45.72 -4.34 -27.35
C PHE B 100 45.03 -4.88 -26.13
N ILE B 101 44.84 -4.06 -25.05
CA ILE B 101 44.17 -4.70 -23.85
C ILE B 101 42.68 -4.97 -24.09
N THR B 102 42.02 -4.14 -24.91
CA THR B 102 40.67 -4.51 -25.30
C THR B 102 40.63 -5.77 -26.17
N SER B 103 41.60 -6.00 -27.08
CA SER B 103 41.53 -7.31 -27.77
C SER B 103 41.64 -8.42 -26.76
N ILE B 104 42.59 -8.33 -25.80
CA ILE B 104 42.74 -9.45 -24.91
C ILE B 104 41.47 -9.65 -24.17
N SER B 105 40.85 -8.59 -23.75
CA SER B 105 39.73 -8.90 -22.91
C SER B 105 38.55 -9.30 -23.76
N ASN B 106 38.59 -9.11 -25.03
CA ASN B 106 37.56 -9.72 -25.86
C ASN B 106 37.97 -11.10 -26.40
N LYS B 107 39.13 -11.68 -25.98
CA LYS B 107 39.51 -13.07 -26.29
C LYS B 107 40.08 -13.14 -27.70
N ASN B 108 40.43 -11.96 -28.23
CA ASN B 108 41.08 -11.81 -29.52
C ASN B 108 42.61 -11.55 -29.40
N TYR B 109 43.38 -12.64 -29.09
CA TYR B 109 44.81 -12.50 -28.82
C TYR B 109 45.56 -12.15 -30.07
N TYR B 110 44.96 -12.43 -31.24
CA TYR B 110 45.63 -12.10 -32.51
C TYR B 110 45.59 -10.60 -32.78
N GLY B 111 44.43 -9.98 -32.69
CA GLY B 111 44.39 -8.52 -32.76
C GLY B 111 45.35 -7.86 -31.76
N ALA B 112 45.29 -8.26 -30.50
CA ALA B 112 46.26 -7.76 -29.50
C ALA B 112 47.70 -7.81 -30.01
N ALA B 113 48.07 -9.00 -30.56
CA ALA B 113 49.46 -9.26 -30.89
C ALA B 113 49.88 -8.37 -32.05
N LYS B 114 48.95 -8.22 -33.00
CA LYS B 114 49.25 -7.44 -34.18
C LYS B 114 49.41 -5.95 -33.78
N MET B 115 48.58 -5.51 -32.84
CA MET B 115 48.71 -4.19 -32.25
C MET B 115 50.09 -4.02 -31.63
N ILE B 116 50.44 -4.92 -30.70
CA ILE B 116 51.73 -4.94 -30.06
C ILE B 116 52.83 -4.96 -31.10
N PHE B 117 52.83 -6.00 -32.01
CA PHE B 117 54.06 -6.04 -32.84
C PHE B 117 54.05 -4.92 -33.86
N SER B 118 52.93 -4.17 -34.02
CA SER B 118 52.98 -3.10 -35.04
C SER B 118 53.89 -1.99 -34.56
N ASP B 119 53.77 -1.67 -33.28
CA ASP B 119 54.56 -0.58 -32.83
C ASP B 119 55.94 -1.08 -32.32
N ASN B 120 56.01 -2.32 -31.84
CA ASN B 120 57.26 -2.83 -31.23
C ASN B 120 57.51 -4.23 -31.75
N PRO B 121 58.45 -4.39 -32.67
CA PRO B 121 58.76 -5.74 -33.22
C PRO B 121 59.41 -6.68 -32.25
N LEU B 122 59.81 -6.24 -31.08
CA LEU B 122 60.20 -7.20 -30.04
C LEU B 122 59.16 -7.21 -28.92
N GLY B 123 57.89 -6.87 -29.24
CA GLY B 123 56.79 -7.01 -28.30
C GLY B 123 56.88 -8.12 -27.27
N LEU B 124 57.25 -9.37 -27.61
CA LEU B 124 57.28 -10.41 -26.58
C LEU B 124 58.41 -10.18 -25.61
N THR B 125 59.66 -10.11 -26.10
CA THR B 125 60.72 -9.71 -25.19
C THR B 125 60.27 -8.52 -24.29
N CYS B 126 59.65 -7.45 -24.90
CA CYS B 126 59.53 -6.22 -24.13
C CYS B 126 58.57 -6.51 -23.00
N GLY B 127 57.54 -7.29 -23.30
CA GLY B 127 56.70 -7.79 -22.19
C GLY B 127 57.47 -8.45 -21.04
N MET B 128 58.40 -9.29 -21.37
CA MET B 128 59.09 -9.96 -20.29
C MET B 128 60.00 -9.01 -19.56
N VAL B 129 60.66 -8.05 -20.25
CA VAL B 129 61.82 -7.42 -19.58
C VAL B 129 61.66 -5.91 -19.26
N CYS B 130 60.60 -5.27 -19.68
CA CYS B 130 60.47 -3.81 -19.60
C CYS B 130 60.41 -3.43 -18.16
N PRO B 131 61.12 -2.43 -17.74
CA PRO B 131 60.91 -1.93 -16.36
C PRO B 131 59.60 -1.08 -16.25
N THR B 132 58.48 -1.76 -16.12
CA THR B 132 57.29 -1.02 -16.49
C THR B 132 56.86 -0.04 -15.40
N SER B 133 57.28 -0.22 -14.14
CA SER B 133 57.00 0.87 -13.20
C SER B 133 57.76 2.16 -13.56
N ASP B 134 58.86 2.07 -14.27
CA ASP B 134 59.43 3.31 -14.70
C ASP B 134 59.00 3.68 -16.09
N LEU B 135 58.04 2.93 -16.67
CA LEU B 135 57.48 3.20 -17.99
C LEU B 135 55.91 3.14 -18.04
N CYS B 136 55.32 2.34 -18.90
CA CYS B 136 53.87 2.33 -19.06
C CYS B 136 53.13 2.16 -17.75
N VAL B 137 53.55 1.22 -16.91
CA VAL B 137 52.83 1.00 -15.65
C VAL B 137 52.96 2.23 -14.74
N GLY B 138 54.02 3.02 -14.90
CA GLY B 138 54.17 4.23 -14.04
C GLY B 138 53.15 5.30 -14.40
N GLY B 139 52.42 5.11 -15.50
CA GLY B 139 51.51 6.15 -15.92
C GLY B 139 50.07 5.72 -15.80
N CYS B 140 49.84 4.44 -15.51
CA CYS B 140 48.50 3.91 -15.43
C CYS B 140 47.59 4.79 -14.58
N ASN B 141 46.43 5.20 -15.18
CA ASN B 141 45.44 5.87 -14.31
C ASN B 141 45.04 5.00 -13.12
N LEU B 142 45.08 3.64 -13.19
CA LEU B 142 44.54 2.85 -12.09
C LEU B 142 45.49 2.80 -10.91
N TYR B 143 46.69 3.31 -11.07
CA TYR B 143 47.51 3.56 -9.92
C TYR B 143 46.77 4.43 -8.87
N ALA B 144 45.79 5.24 -9.28
CA ALA B 144 45.12 6.07 -8.32
C ALA B 144 44.03 5.29 -7.55
N THR B 145 43.99 3.96 -7.66
CA THR B 145 43.06 3.12 -6.87
C THR B 145 43.79 2.08 -5.99
N GLU B 146 43.07 1.64 -5.00
CA GLU B 146 43.66 0.75 -4.03
C GLU B 146 44.22 -0.49 -4.73
N GLU B 147 43.49 -1.03 -5.69
CA GLU B 147 43.98 -2.27 -6.29
C GLU B 147 45.17 -1.99 -7.20
N GLY B 148 45.40 -0.75 -7.57
CA GLY B 148 46.55 -0.33 -8.35
C GLY B 148 46.64 -0.59 -9.89
N SER B 149 47.71 -0.09 -10.42
CA SER B 149 48.03 -0.17 -11.84
C SER B 149 47.77 -1.46 -12.57
N ILE B 150 47.52 -1.37 -13.89
CA ILE B 150 47.35 -2.60 -14.65
C ILE B 150 48.70 -3.27 -14.93
N ASN B 151 48.69 -4.61 -14.99
CA ASN B 151 49.92 -5.36 -15.32
C ASN B 151 50.09 -5.39 -16.83
N ILE B 152 50.55 -4.27 -17.40
CA ILE B 152 50.57 -4.19 -18.86
C ILE B 152 51.54 -5.25 -19.43
N GLY B 153 52.83 -5.36 -18.85
CA GLY B 153 53.95 -6.26 -19.26
C GLY B 153 53.48 -7.73 -19.46
N GLY B 154 52.95 -8.23 -18.33
CA GLY B 154 52.12 -9.39 -18.30
C GLY B 154 51.06 -9.57 -19.38
N LEU B 155 50.10 -8.60 -19.55
CA LEU B 155 49.16 -8.74 -20.66
C LEU B 155 49.89 -8.84 -21.97
N GLN B 156 50.86 -7.97 -22.18
CA GLN B 156 51.51 -7.94 -23.50
C GLN B 156 52.25 -9.24 -23.78
N GLN B 157 52.88 -9.78 -22.74
CA GLN B 157 53.50 -11.08 -22.81
C GLN B 157 52.55 -12.24 -23.17
N PHE B 158 51.44 -12.43 -22.41
CA PHE B 158 50.48 -13.48 -22.69
C PHE B 158 49.94 -13.44 -24.13
N ALA B 159 49.49 -12.24 -24.58
CA ALA B 159 48.95 -12.17 -25.98
C ALA B 159 50.03 -12.48 -26.95
N SER B 160 51.26 -11.96 -26.73
CA SER B 160 52.29 -12.30 -27.70
C SER B 160 52.63 -13.80 -27.66
N GLU B 161 52.48 -14.51 -26.51
CA GLU B 161 52.77 -15.95 -26.50
C GLU B 161 51.69 -16.68 -27.26
N VAL B 162 50.44 -16.21 -27.16
CA VAL B 162 49.43 -16.99 -27.89
C VAL B 162 49.73 -16.86 -29.35
N PHE B 163 50.14 -15.66 -29.76
CA PHE B 163 50.48 -15.45 -31.15
C PHE B 163 51.69 -16.31 -31.55
N LYS B 164 52.73 -16.39 -30.64
CA LYS B 164 53.90 -17.25 -30.93
C LYS B 164 53.45 -18.72 -31.14
N ALA B 165 52.47 -19.18 -30.35
CA ALA B 165 51.98 -20.58 -30.48
C ALA B 165 51.09 -20.86 -31.74
N MET B 166 50.41 -19.88 -32.28
CA MET B 166 49.68 -20.06 -33.51
C MET B 166 50.64 -20.22 -34.67
N ASN B 167 51.84 -19.69 -34.59
CA ASN B 167 52.94 -20.09 -35.53
C ASN B 167 52.50 -19.66 -36.92
N ILE B 168 52.20 -18.36 -36.99
CA ILE B 168 51.73 -17.65 -38.17
C ILE B 168 52.87 -16.73 -38.66
N PRO B 169 53.23 -16.71 -39.93
CA PRO B 169 54.34 -15.82 -40.29
C PRO B 169 53.87 -14.38 -40.54
N GLN B 170 54.79 -13.43 -40.47
CA GLN B 170 54.59 -12.07 -40.90
C GLN B 170 54.57 -12.11 -42.41
N ILE B 171 53.95 -11.08 -43.04
CA ILE B 171 54.16 -10.91 -44.48
C ILE B 171 54.54 -9.49 -44.81
N ARG B 172 55.06 -9.34 -46.05
CA ARG B 172 55.15 -8.04 -46.71
C ARG B 172 53.86 -7.31 -46.58
N ASN B 173 53.95 -6.06 -46.12
CA ASN B 173 52.82 -5.14 -45.97
C ASN B 173 51.97 -5.34 -47.24
N PRO B 174 50.79 -5.88 -47.21
CA PRO B 174 50.24 -6.22 -48.51
C PRO B 174 49.79 -5.00 -49.23
N CYS B 175 50.14 -3.80 -48.76
CA CYS B 175 49.74 -2.59 -49.49
C CYS B 175 50.70 -2.29 -50.66
N LEU B 176 51.93 -2.80 -50.61
CA LEU B 176 52.97 -2.51 -51.58
C LEU B 176 52.61 -3.01 -52.98
N PRO B 177 53.16 -2.42 -54.02
CA PRO B 177 53.05 -3.07 -55.34
C PRO B 177 53.90 -4.33 -55.31
N SER B 178 53.73 -5.18 -56.31
CA SER B 178 54.55 -6.39 -56.32
C SER B 178 56.06 -6.09 -56.31
N GLN B 179 56.96 -7.06 -56.04
CA GLN B 179 58.38 -6.69 -55.94
C GLN B 179 58.95 -6.10 -57.21
N GLU B 180 58.46 -6.42 -58.38
CA GLU B 180 59.12 -5.84 -59.54
C GLU B 180 58.44 -4.59 -60.04
N LYS B 181 57.45 -4.07 -59.36
CA LYS B 181 56.87 -2.80 -59.77
C LYS B 181 57.44 -1.70 -58.91
N MET B 182 58.31 -2.11 -57.91
CA MET B 182 58.87 -1.22 -56.92
C MET B 182 59.96 -0.36 -57.59
N PRO B 183 59.91 0.97 -57.32
CA PRO B 183 60.98 1.94 -57.75
C PRO B 183 62.38 1.49 -57.35
N GLU B 184 63.42 1.89 -58.17
CA GLU B 184 64.72 1.24 -57.97
C GLU B 184 65.29 1.60 -56.60
N ALA B 185 64.95 2.79 -56.09
CA ALA B 185 65.40 3.16 -54.75
C ALA B 185 65.29 2.02 -53.74
N TYR B 186 64.28 1.15 -53.82
CA TYR B 186 64.07 0.17 -52.73
C TYR B 186 65.00 -1.06 -52.86
N SER B 187 65.75 -1.19 -53.98
CA SER B 187 66.83 -2.18 -54.05
C SER B 187 68.17 -1.64 -53.50
N ALA B 188 68.14 -0.44 -52.85
CA ALA B 188 69.34 0.14 -52.24
C ALA B 188 69.92 -0.79 -51.20
N LYS B 189 71.23 -1.05 -51.29
CA LYS B 189 71.93 -1.89 -50.26
C LYS B 189 72.02 -1.17 -48.91
N ILE B 190 71.43 -1.74 -47.87
CA ILE B 190 71.52 -1.20 -46.49
C ILE B 190 72.30 -2.22 -45.64
N ALA B 191 73.33 -1.74 -44.93
CA ALA B 191 74.03 -2.49 -43.89
C ALA B 191 73.58 -1.98 -42.54
N LEU B 192 73.48 -2.89 -41.61
CA LEU B 192 73.32 -2.61 -40.20
C LEU B 192 74.41 -3.39 -39.44
N LEU B 193 74.98 -2.76 -38.39
CA LEU B 193 76.11 -3.29 -37.61
C LEU B 193 75.61 -3.76 -36.26
N GLY B 194 75.74 -5.05 -35.96
CA GLY B 194 75.17 -5.55 -34.69
C GLY B 194 73.75 -6.14 -34.82
N ALA B 195 73.50 -7.29 -34.16
CA ALA B 195 72.20 -7.92 -34.38
C ALA B 195 71.46 -7.87 -33.03
N GLY B 196 71.37 -6.72 -32.40
CA GLY B 196 70.53 -6.61 -31.25
C GLY B 196 69.17 -5.88 -31.54
N PRO B 197 68.46 -5.57 -30.39
CA PRO B 197 67.12 -4.92 -30.46
C PRO B 197 67.07 -3.75 -31.45
N ALA B 198 68.10 -2.94 -31.44
CA ALA B 198 68.05 -1.72 -32.19
C ALA B 198 68.09 -2.04 -33.68
N SER B 199 69.00 -2.90 -34.05
CA SER B 199 69.15 -3.21 -35.44
C SER B 199 68.03 -4.14 -35.92
N ILE B 200 67.51 -5.03 -35.06
CA ILE B 200 66.29 -5.84 -35.42
C ILE B 200 65.11 -4.91 -35.71
N SER B 201 64.92 -3.93 -34.82
CA SER B 201 63.84 -3.00 -35.02
C SER B 201 64.03 -2.21 -36.32
N CYS B 202 65.23 -1.61 -36.45
CA CYS B 202 65.48 -0.79 -37.62
C CYS B 202 65.32 -1.64 -38.90
N ALA B 203 65.94 -2.80 -38.92
CA ALA B 203 65.88 -3.64 -40.10
C ALA B 203 64.46 -4.01 -40.40
N SER B 204 63.69 -4.40 -39.38
CA SER B 204 62.31 -4.74 -39.59
C SER B 204 61.50 -3.58 -40.26
N PHE B 205 61.55 -2.35 -39.67
CA PHE B 205 60.75 -1.26 -40.25
C PHE B 205 61.19 -0.93 -41.65
N LEU B 206 62.50 -0.95 -41.95
CA LEU B 206 62.96 -0.75 -43.35
C LEU B 206 62.32 -1.77 -44.28
N ALA B 207 62.29 -3.05 -43.85
CA ALA B 207 61.62 -4.10 -44.67
C ALA B 207 60.11 -3.84 -44.82
N ARG B 208 59.41 -3.48 -43.73
CA ARG B 208 58.01 -3.06 -43.94
C ARG B 208 57.79 -2.09 -45.09
N LEU B 209 58.70 -1.11 -45.22
CA LEU B 209 58.61 -0.06 -46.20
C LEU B 209 58.92 -0.51 -47.62
N GLY B 210 59.48 -1.68 -47.88
CA GLY B 210 59.64 -2.08 -49.25
C GLY B 210 61.07 -2.38 -49.63
N TYR B 211 62.04 -2.09 -48.72
CA TYR B 211 63.46 -2.22 -49.08
C TYR B 211 63.76 -3.69 -49.16
N SER B 212 64.33 -4.14 -50.28
CA SER B 212 64.65 -5.55 -50.39
C SER B 212 66.09 -5.90 -50.13
N ASP B 213 66.94 -5.00 -49.85
CA ASP B 213 68.32 -5.55 -49.75
C ASP B 213 68.97 -5.05 -48.45
N ILE B 214 68.57 -5.65 -47.33
CA ILE B 214 68.97 -5.22 -46.00
C ILE B 214 69.96 -6.27 -45.47
N THR B 215 71.10 -5.86 -44.90
CA THR B 215 71.98 -6.88 -44.27
C THR B 215 72.46 -6.37 -42.94
N ILE B 216 72.16 -7.15 -41.87
CA ILE B 216 72.76 -7.01 -40.53
C ILE B 216 74.06 -7.81 -40.45
N PHE B 217 75.17 -7.10 -40.11
CA PHE B 217 76.49 -7.72 -39.89
C PHE B 217 76.76 -7.92 -38.39
N GLU B 218 76.85 -9.18 -37.95
CA GLU B 218 76.96 -9.48 -36.53
C GLU B 218 78.37 -9.99 -36.23
N LYS B 219 79.00 -9.41 -35.22
CA LYS B 219 80.36 -9.83 -34.84
C LYS B 219 80.33 -11.25 -34.25
N GLN B 220 79.37 -11.56 -33.32
CA GLN B 220 79.34 -12.86 -32.63
C GLN B 220 78.82 -13.90 -33.59
N GLU B 221 78.58 -15.14 -33.14
CA GLU B 221 77.87 -16.12 -33.94
C GLU B 221 76.51 -16.41 -33.49
N TYR B 222 76.07 -15.81 -32.42
CA TYR B 222 74.68 -15.82 -32.03
C TYR B 222 74.09 -14.48 -32.40
N VAL B 223 72.77 -14.35 -32.44
CA VAL B 223 72.14 -13.06 -32.76
C VAL B 223 71.23 -12.60 -31.62
N GLY B 224 70.92 -11.31 -31.58
CA GLY B 224 70.06 -10.80 -30.52
C GLY B 224 70.79 -10.00 -29.44
N GLY B 225 72.10 -9.84 -29.55
CA GLY B 225 72.72 -8.96 -28.58
C GLY B 225 72.47 -9.46 -27.18
N LEU B 226 72.20 -8.54 -26.29
CA LEU B 226 72.22 -8.78 -24.84
C LEU B 226 71.00 -9.60 -24.39
N SER B 227 69.91 -9.56 -25.14
CA SER B 227 68.79 -10.43 -24.88
C SER B 227 69.28 -11.86 -24.90
N THR B 228 70.25 -12.18 -25.80
CA THR B 228 70.78 -13.54 -25.90
C THR B 228 71.98 -13.71 -24.98
N SER B 229 72.94 -12.77 -25.02
CA SER B 229 74.23 -13.11 -24.41
C SER B 229 74.30 -12.86 -22.92
N GLU B 230 73.35 -12.01 -22.34
CA GLU B 230 73.43 -11.64 -20.91
C GLU B 230 72.13 -11.74 -20.12
N ILE B 231 70.99 -11.20 -20.58
CA ILE B 231 69.74 -11.32 -19.85
C ILE B 231 69.56 -12.80 -19.51
N PRO B 232 69.26 -13.20 -18.30
CA PRO B 232 69.24 -14.63 -18.04
C PRO B 232 68.01 -15.29 -18.68
N GLN B 233 68.22 -16.53 -19.10
CA GLN B 233 67.14 -17.51 -19.41
C GLN B 233 65.87 -17.51 -18.49
N PHE B 234 66.03 -17.26 -17.21
CA PHE B 234 64.92 -17.35 -16.33
C PHE B 234 64.20 -16.05 -16.20
N ARG B 235 64.62 -14.99 -16.85
CA ARG B 235 63.71 -13.87 -17.09
C ARG B 235 63.22 -13.75 -18.53
N LEU B 236 64.10 -14.06 -19.49
CA LEU B 236 63.90 -13.96 -20.93
C LEU B 236 64.38 -15.26 -21.58
N PRO B 237 63.48 -16.24 -21.84
CA PRO B 237 63.92 -17.54 -22.34
C PRO B 237 64.45 -17.22 -23.71
N TYR B 238 65.43 -17.99 -24.18
CA TYR B 238 65.96 -17.83 -25.54
C TYR B 238 64.89 -18.06 -26.64
N ASP B 239 63.95 -18.93 -26.42
CA ASP B 239 63.23 -19.21 -27.65
C ASP B 239 62.35 -18.01 -28.04
N VAL B 240 62.15 -17.04 -27.16
CA VAL B 240 61.44 -15.79 -27.53
C VAL B 240 62.28 -14.97 -28.51
N VAL B 241 63.52 -14.66 -28.13
CA VAL B 241 64.41 -14.05 -29.12
C VAL B 241 64.39 -14.85 -30.40
N ASN B 242 64.45 -16.21 -30.33
CA ASN B 242 64.61 -16.78 -31.64
C ASN B 242 63.36 -16.47 -32.47
N PHE B 243 62.21 -16.38 -31.82
CA PHE B 243 60.96 -16.16 -32.56
C PHE B 243 60.82 -14.70 -33.05
N GLU B 244 61.33 -13.72 -32.31
CA GLU B 244 61.30 -12.40 -32.91
C GLU B 244 62.22 -12.29 -34.12
N ILE B 245 63.39 -12.92 -34.08
CA ILE B 245 64.31 -12.93 -35.24
C ILE B 245 63.66 -13.58 -36.46
N GLU B 246 63.02 -14.74 -36.29
CA GLU B 246 62.34 -15.41 -37.39
C GLU B 246 61.31 -14.49 -38.03
N LEU B 247 60.39 -13.91 -37.25
CA LEU B 247 59.52 -12.84 -37.75
C LEU B 247 60.29 -11.86 -38.66
N MET B 248 61.43 -11.30 -38.20
CA MET B 248 62.21 -10.39 -39.01
C MET B 248 62.65 -11.04 -40.33
N LYS B 249 63.20 -12.30 -40.26
CA LYS B 249 63.66 -12.95 -41.51
C LYS B 249 62.49 -13.18 -42.49
N ASP B 250 61.28 -13.47 -41.99
CA ASP B 250 60.19 -13.58 -42.94
C ASP B 250 60.07 -12.35 -43.84
N LEU B 251 60.62 -11.23 -43.44
CA LEU B 251 60.50 -10.14 -44.38
C LEU B 251 61.67 -10.07 -45.33
N GLY B 252 62.66 -11.00 -45.27
CA GLY B 252 63.77 -10.90 -46.21
C GLY B 252 65.00 -10.24 -45.69
N VAL B 253 65.00 -9.68 -44.48
CA VAL B 253 66.27 -9.23 -43.90
C VAL B 253 67.32 -10.36 -43.83
N LYS B 254 68.58 -10.05 -44.27
CA LYS B 254 69.66 -11.06 -44.28
C LYS B 254 70.59 -10.89 -43.10
N ILE B 255 71.05 -12.01 -42.53
CA ILE B 255 71.93 -11.94 -41.36
C ILE B 255 73.23 -12.61 -41.68
N ILE B 256 74.33 -11.91 -41.45
CA ILE B 256 75.62 -12.51 -41.59
C ILE B 256 76.40 -12.44 -40.28
N CYS B 257 76.75 -13.60 -39.76
CA CYS B 257 77.52 -13.61 -38.54
C CYS B 257 79.03 -13.64 -38.80
N GLY B 258 79.73 -13.44 -37.69
CA GLY B 258 81.17 -13.32 -37.64
C GLY B 258 81.70 -12.24 -38.54
N LYS B 259 80.97 -11.15 -38.74
CA LYS B 259 81.55 -9.98 -39.42
C LYS B 259 81.55 -8.78 -38.48
N SER B 260 82.68 -8.10 -38.29
CA SER B 260 82.78 -6.99 -37.31
C SER B 260 82.88 -5.63 -37.98
N LEU B 261 82.20 -4.63 -37.42
CA LEU B 261 82.65 -3.28 -37.69
C LEU B 261 83.97 -3.15 -36.97
N SER B 262 85.06 -2.98 -37.73
CA SER B 262 86.39 -2.93 -37.16
C SER B 262 87.43 -2.46 -38.19
N GLU B 263 88.42 -1.68 -37.77
CA GLU B 263 89.46 -1.32 -38.75
C GLU B 263 90.09 -2.54 -39.45
N ASN B 264 90.11 -3.74 -38.88
CA ASN B 264 90.57 -4.94 -39.58
C ASN B 264 89.52 -5.57 -40.46
N GLU B 265 88.33 -5.00 -40.49
CA GLU B 265 87.26 -5.66 -41.17
C GLU B 265 86.30 -4.66 -41.81
N ILE B 266 85.02 -4.61 -41.41
CA ILE B 266 84.07 -3.68 -42.03
C ILE B 266 84.37 -2.32 -41.47
N THR B 267 84.50 -1.30 -42.35
CA THR B 267 84.59 0.09 -41.97
C THR B 267 83.64 0.89 -42.85
N LEU B 268 83.43 2.18 -42.48
CA LEU B 268 82.55 2.99 -43.29
C LEU B 268 83.10 3.08 -44.71
N ASN B 269 84.42 3.01 -44.88
CA ASN B 269 84.95 3.03 -46.23
C ASN B 269 84.64 1.79 -47.01
N THR B 270 84.87 0.61 -46.45
CA THR B 270 84.64 -0.59 -47.25
C THR B 270 83.16 -0.72 -47.63
N LEU B 271 82.28 -0.19 -46.77
CA LEU B 271 80.86 -0.08 -47.09
C LEU B 271 80.60 0.94 -48.21
N LYS B 272 81.18 2.19 -48.11
CA LYS B 272 80.96 3.19 -49.17
C LYS B 272 81.52 2.64 -50.47
N GLU B 273 82.75 2.15 -50.41
CA GLU B 273 83.36 1.49 -51.57
C GLU B 273 82.62 0.26 -52.11
N GLU B 274 81.78 -0.43 -51.34
CA GLU B 274 81.20 -1.67 -51.89
C GLU B 274 79.71 -1.53 -52.23
N GLY B 275 79.20 -0.33 -52.14
CA GLY B 275 77.89 -0.04 -52.70
C GLY B 275 76.77 0.17 -51.68
N TYR B 276 77.05 0.16 -50.35
CA TYR B 276 75.99 0.42 -49.37
C TYR B 276 75.53 1.86 -49.43
N LYS B 277 74.22 2.09 -49.54
CA LYS B 277 73.78 3.47 -49.64
C LYS B 277 73.54 4.12 -48.30
N ALA B 278 73.57 3.36 -47.18
CA ALA B 278 73.30 3.85 -45.83
C ALA B 278 73.62 2.73 -44.87
N ALA B 279 73.74 3.09 -43.60
CA ALA B 279 74.23 2.13 -42.62
C ALA B 279 73.70 2.53 -41.24
N PHE B 280 73.34 1.52 -40.44
CA PHE B 280 72.90 1.77 -39.09
C PHE B 280 73.89 1.12 -38.08
N ILE B 281 74.38 1.96 -37.15
CA ILE B 281 75.26 1.50 -36.06
C ILE B 281 74.38 1.21 -34.82
N GLY B 282 74.13 -0.08 -34.58
CA GLY B 282 73.64 -0.59 -33.32
C GLY B 282 74.48 -1.72 -32.67
N ILE B 283 75.76 -1.46 -32.33
CA ILE B 283 76.75 -2.48 -31.92
C ILE B 283 76.76 -2.40 -30.41
N GLY B 284 75.88 -1.55 -29.88
CA GLY B 284 75.85 -1.51 -28.42
C GLY B 284 77.12 -0.95 -27.80
N LEU B 285 77.44 -1.45 -26.60
CA LEU B 285 78.62 -1.07 -25.82
C LEU B 285 79.42 -2.34 -25.53
N PRO B 286 80.37 -2.70 -26.39
CA PRO B 286 80.99 -4.02 -26.29
C PRO B 286 81.83 -4.34 -25.03
N GLU B 287 82.32 -3.36 -24.23
CA GLU B 287 83.32 -3.75 -23.24
C GLU B 287 82.90 -3.47 -21.80
N PRO B 288 83.45 -4.22 -20.80
CA PRO B 288 83.09 -3.95 -19.39
C PRO B 288 83.77 -2.67 -18.92
N LYS B 289 83.24 -2.11 -17.83
CA LYS B 289 83.78 -0.86 -17.31
C LYS B 289 84.83 -1.23 -16.25
N THR B 290 86.02 -1.55 -16.66
CA THR B 290 87.00 -2.11 -15.73
C THR B 290 87.57 -1.05 -14.76
N ASP B 291 88.33 -1.57 -13.82
CA ASP B 291 88.85 -0.76 -12.74
C ASP B 291 90.24 -1.26 -12.42
N ASP B 292 91.02 -0.35 -11.87
CA ASP B 292 92.44 -0.54 -11.83
C ASP B 292 92.83 -1.59 -10.78
N ILE B 293 92.01 -1.70 -9.74
CA ILE B 293 92.30 -2.53 -8.58
C ILE B 293 92.03 -3.97 -8.88
N PHE B 294 91.52 -4.24 -10.06
CA PHE B 294 91.39 -5.60 -10.52
C PHE B 294 92.42 -5.95 -11.60
N GLN B 295 93.36 -5.06 -11.98
CA GLN B 295 94.14 -5.38 -13.17
C GLN B 295 94.95 -6.66 -12.94
N GLY B 296 95.04 -7.46 -13.98
CA GLY B 296 95.76 -8.69 -13.94
C GLY B 296 95.25 -9.75 -13.00
N LEU B 297 93.93 -9.93 -12.87
CA LEU B 297 93.31 -11.01 -12.07
C LEU B 297 92.36 -11.81 -12.96
N THR B 298 92.62 -13.11 -13.21
CA THR B 298 91.87 -13.79 -14.26
C THR B 298 90.76 -14.62 -13.63
N GLN B 299 89.99 -15.39 -14.45
CA GLN B 299 88.90 -16.21 -13.89
C GLN B 299 89.45 -17.41 -13.15
N ASP B 300 90.63 -17.93 -13.52
CA ASP B 300 91.31 -18.86 -12.64
C ASP B 300 91.36 -18.42 -11.19
N GLN B 301 91.20 -17.11 -10.90
CA GLN B 301 91.43 -16.62 -9.55
C GLN B 301 90.18 -16.24 -8.77
N GLY B 302 88.99 -16.41 -9.33
CA GLY B 302 87.78 -15.92 -8.67
C GLY B 302 87.33 -14.53 -9.07
N PHE B 303 87.95 -13.97 -10.10
CA PHE B 303 87.62 -12.63 -10.57
C PHE B 303 86.95 -12.74 -11.94
N TYR B 304 85.83 -11.98 -12.15
CA TYR B 304 85.07 -11.85 -13.41
C TYR B 304 84.62 -10.41 -13.64
N THR B 305 84.62 -9.95 -14.89
CA THR B 305 83.69 -8.87 -15.14
C THR B 305 82.35 -9.46 -15.55
N SER B 306 81.36 -8.55 -15.61
CA SER B 306 80.01 -8.99 -15.86
C SER B 306 79.94 -9.54 -17.26
N LYS B 307 80.75 -8.93 -18.17
CA LYS B 307 80.86 -9.41 -19.53
C LYS B 307 81.69 -10.68 -19.65
N ASP B 308 82.43 -11.08 -18.62
CA ASP B 308 83.00 -12.42 -18.66
C ASP B 308 81.94 -13.39 -18.16
N PHE B 309 81.26 -13.04 -17.07
CA PHE B 309 80.44 -14.02 -16.34
C PHE B 309 79.08 -14.34 -17.00
N LEU B 310 78.30 -13.30 -17.28
CA LEU B 310 76.97 -13.57 -17.77
C LEU B 310 76.93 -14.37 -19.06
N PRO B 311 77.88 -14.21 -19.97
CA PRO B 311 77.77 -14.90 -21.24
C PRO B 311 78.14 -16.38 -21.17
N LEU B 312 78.92 -16.78 -20.16
CA LEU B 312 79.02 -18.21 -19.84
C LEU B 312 77.71 -18.78 -19.31
N VAL B 313 77.08 -18.05 -18.36
CA VAL B 313 75.84 -18.56 -17.78
C VAL B 313 74.82 -18.72 -18.89
N ALA B 314 74.67 -17.71 -19.71
CA ALA B 314 73.81 -17.87 -20.89
C ALA B 314 74.05 -19.16 -21.69
N LYS B 315 75.32 -19.38 -22.07
CA LYS B 315 75.70 -20.35 -23.10
C LYS B 315 75.42 -21.77 -22.65
N SER B 316 75.26 -21.98 -21.35
CA SER B 316 75.03 -23.33 -20.87
C SER B 316 73.62 -23.52 -20.42
N SER B 317 72.88 -22.42 -20.33
CA SER B 317 71.49 -22.49 -19.98
C SER B 317 70.61 -22.14 -21.13
N LYS B 318 71.16 -21.71 -22.30
CA LYS B 318 70.31 -21.36 -23.44
C LYS B 318 70.58 -22.36 -24.55
N ALA B 319 69.76 -23.39 -24.58
CA ALA B 319 69.90 -24.38 -25.64
C ALA B 319 69.43 -23.74 -26.93
N GLY B 320 70.38 -23.53 -27.87
CA GLY B 320 70.03 -23.15 -29.24
C GLY B 320 70.79 -22.00 -29.83
N MET B 321 71.69 -21.45 -28.98
CA MET B 321 72.51 -20.24 -29.11
C MET B 321 73.95 -20.50 -29.58
N CYS B 322 74.61 -21.60 -29.18
CA CYS B 322 75.97 -21.87 -29.61
C CYS B 322 76.06 -23.20 -30.38
N ALA B 323 77.02 -23.27 -31.31
CA ALA B 323 77.47 -24.56 -31.84
C ALA B 323 78.42 -25.26 -30.88
N CYS B 324 79.01 -24.51 -29.95
CA CYS B 324 79.71 -25.10 -28.83
C CYS B 324 78.69 -25.55 -27.78
N HIS B 325 79.04 -26.61 -27.06
CA HIS B 325 78.32 -27.08 -25.89
C HIS B 325 79.26 -26.84 -24.71
N SER B 326 78.74 -26.39 -23.56
CA SER B 326 79.59 -26.05 -22.41
C SER B 326 78.74 -26.06 -21.13
N PRO B 327 79.39 -25.98 -19.89
CA PRO B 327 78.60 -26.13 -18.66
C PRO B 327 78.73 -25.01 -17.63
N LEU B 328 77.80 -25.03 -16.72
CA LEU B 328 77.52 -23.93 -15.81
C LEU B 328 78.77 -23.63 -14.99
N PRO B 329 79.28 -22.40 -14.98
CA PRO B 329 80.47 -22.11 -14.15
C PRO B 329 80.18 -22.52 -12.72
N SER B 330 81.15 -23.13 -12.07
CA SER B 330 80.93 -23.44 -10.68
C SER B 330 81.59 -22.32 -9.87
N ILE B 331 80.85 -21.83 -8.88
CA ILE B 331 81.05 -20.60 -8.13
C ILE B 331 80.66 -20.94 -6.70
N ARG B 332 81.31 -21.92 -6.06
CA ARG B 332 81.01 -22.15 -4.64
C ARG B 332 81.39 -20.92 -3.83
N GLY B 333 81.20 -20.97 -2.54
CA GLY B 333 81.70 -19.86 -1.72
C GLY B 333 80.83 -18.61 -1.60
N ALA B 334 81.43 -17.61 -0.95
CA ALA B 334 80.80 -16.29 -0.91
C ALA B 334 81.16 -15.50 -2.17
N VAL B 335 80.16 -14.82 -2.78
CA VAL B 335 80.36 -14.03 -4.01
C VAL B 335 80.10 -12.56 -3.68
N ILE B 336 81.01 -11.66 -4.08
CA ILE B 336 80.76 -10.22 -4.06
C ILE B 336 80.39 -9.75 -5.44
N VAL B 337 79.23 -9.10 -5.54
CA VAL B 337 78.88 -8.40 -6.76
C VAL B 337 79.04 -6.92 -6.51
N LEU B 338 79.87 -6.25 -7.37
CA LEU B 338 80.11 -4.81 -7.32
C LEU B 338 79.24 -4.05 -8.34
N GLY B 339 78.34 -3.20 -7.90
CA GLY B 339 77.45 -2.55 -8.85
C GLY B 339 76.03 -2.51 -8.32
N ALA B 340 75.20 -1.66 -8.93
CA ALA B 340 73.80 -1.62 -8.50
C ALA B 340 72.80 -1.37 -9.65
N GLY B 341 73.22 -1.49 -10.91
CA GLY B 341 72.34 -1.43 -12.02
C GLY B 341 71.73 -2.77 -12.33
N ASP B 342 71.26 -2.91 -13.59
CA ASP B 342 70.77 -4.17 -14.16
C ASP B 342 71.85 -5.20 -14.18
N THR B 343 73.04 -4.82 -14.64
CA THR B 343 74.05 -5.86 -14.80
C THR B 343 74.30 -6.59 -13.46
N ALA B 344 74.28 -5.82 -12.34
CA ALA B 344 74.78 -6.39 -11.08
C ALA B 344 73.77 -7.36 -10.51
N PHE B 345 72.48 -7.02 -10.59
CA PHE B 345 71.45 -7.85 -10.01
C PHE B 345 71.28 -9.18 -10.78
N ASP B 346 71.65 -9.20 -12.08
CA ASP B 346 71.61 -10.44 -12.83
C ASP B 346 72.85 -11.26 -12.53
N CYS B 347 73.97 -10.60 -12.31
CA CYS B 347 75.09 -11.31 -11.72
C CYS B 347 74.70 -11.93 -10.39
N ALA B 348 73.91 -11.22 -9.56
CA ALA B 348 73.64 -11.75 -8.22
C ALA B 348 72.68 -12.96 -8.27
N THR B 349 71.59 -12.91 -9.08
CA THR B 349 70.76 -14.12 -9.22
C THR B 349 71.47 -15.18 -10.07
N SER B 350 72.18 -14.79 -11.15
CA SER B 350 72.80 -15.84 -11.95
C SER B 350 73.81 -16.58 -11.11
N ALA B 351 74.38 -15.88 -10.14
CA ALA B 351 75.30 -16.51 -9.21
C ALA B 351 74.61 -17.58 -8.36
N LEU B 352 73.38 -17.33 -7.91
CA LEU B 352 72.87 -18.30 -7.00
C LEU B 352 72.56 -19.56 -7.76
N ARG B 353 72.46 -19.47 -9.09
CA ARG B 353 72.25 -20.65 -9.93
C ARG B 353 73.56 -21.36 -10.28
N CYS B 354 74.66 -20.69 -10.09
CA CYS B 354 75.93 -21.35 -10.26
C CYS B 354 76.31 -22.06 -9.00
N GLY B 355 75.45 -21.90 -8.00
CA GLY B 355 75.60 -22.60 -6.76
C GLY B 355 76.49 -21.81 -5.85
N ALA B 356 76.37 -20.49 -5.84
CA ALA B 356 77.04 -19.71 -4.83
C ALA B 356 76.37 -19.91 -3.47
N ARG B 357 77.22 -20.05 -2.45
CA ARG B 357 76.79 -20.27 -1.10
C ARG B 357 76.18 -19.00 -0.52
N ARG B 358 76.68 -17.79 -0.86
CA ARG B 358 76.07 -16.53 -0.35
C ARG B 358 76.44 -15.36 -1.28
N VAL B 359 75.54 -14.38 -1.45
CA VAL B 359 75.88 -13.30 -2.37
C VAL B 359 75.71 -11.97 -1.64
N PHE B 360 76.71 -11.10 -1.76
CA PHE B 360 76.56 -9.73 -1.30
C PHE B 360 76.79 -8.79 -2.48
N LEU B 361 75.80 -7.91 -2.70
CA LEU B 361 75.86 -6.74 -3.58
C LEU B 361 76.34 -5.60 -2.72
N VAL B 362 77.48 -5.04 -3.10
CA VAL B 362 78.12 -3.89 -2.45
C VAL B 362 78.02 -2.74 -3.43
N PHE B 363 77.34 -1.60 -3.07
CA PHE B 363 77.15 -0.39 -3.94
C PHE B 363 78.06 0.76 -3.52
N ARG B 364 78.58 1.53 -4.46
CA ARG B 364 79.28 2.75 -4.11
C ARG B 364 78.36 3.72 -3.34
N LYS B 365 77.04 3.65 -3.49
CA LYS B 365 76.16 4.67 -2.93
C LYS B 365 75.04 4.10 -2.08
N GLY B 366 73.91 4.90 -1.96
CA GLY B 366 72.82 4.54 -1.07
C GLY B 366 71.86 3.52 -1.64
N PHE B 367 71.14 2.84 -0.75
CA PHE B 367 69.91 2.23 -1.20
C PHE B 367 69.06 3.20 -2.06
N VAL B 368 68.87 4.43 -1.56
CA VAL B 368 68.08 5.43 -2.29
C VAL B 368 68.61 5.71 -3.72
N ASN B 369 69.72 5.05 -4.12
CA ASN B 369 70.40 5.34 -5.39
C ASN B 369 70.51 4.16 -6.36
N ILE B 370 69.73 3.10 -6.20
CA ILE B 370 69.91 1.90 -7.02
C ILE B 370 69.34 2.05 -8.43
N ARG B 371 70.15 1.63 -9.44
CA ARG B 371 69.96 1.80 -10.91
C ARG B 371 68.88 0.84 -11.52
N ALA B 372 68.78 -0.42 -11.08
CA ALA B 372 67.80 -1.27 -11.75
C ALA B 372 66.43 -0.96 -11.19
N VAL B 373 65.49 -1.84 -11.47
CA VAL B 373 64.10 -1.47 -11.64
C VAL B 373 63.22 -2.44 -10.87
N PRO B 374 62.43 -1.95 -9.89
CA PRO B 374 62.21 -2.75 -8.68
C PRO B 374 61.49 -4.07 -8.99
N GLU B 375 61.45 -4.41 -10.28
CA GLU B 375 60.95 -5.71 -10.72
C GLU B 375 62.09 -6.68 -10.94
N GLU B 376 63.16 -6.45 -10.17
CA GLU B 376 64.50 -6.90 -10.46
C GLU B 376 65.27 -6.99 -9.16
N VAL B 377 65.41 -5.82 -8.54
CA VAL B 377 65.77 -5.76 -7.15
C VAL B 377 64.89 -6.68 -6.32
N GLU B 378 63.60 -6.67 -6.57
CA GLU B 378 62.76 -7.62 -5.86
C GLU B 378 63.27 -9.07 -6.00
N LEU B 379 63.70 -9.48 -7.23
CA LEU B 379 64.13 -10.86 -7.40
C LEU B 379 65.27 -11.18 -6.46
N ALA B 380 66.22 -10.24 -6.27
CA ALA B 380 67.39 -10.47 -5.38
C ALA B 380 67.04 -10.45 -3.86
N LYS B 381 66.03 -9.67 -3.42
CA LYS B 381 65.62 -9.72 -2.01
C LYS B 381 65.04 -11.09 -1.69
N GLU B 382 64.16 -11.60 -2.55
CA GLU B 382 63.55 -12.93 -2.38
C GLU B 382 64.44 -14.11 -2.74
N GLU B 383 65.56 -13.93 -3.40
CA GLU B 383 66.50 -15.04 -3.31
C GLU B 383 67.49 -14.89 -2.12
N LYS B 384 67.24 -13.94 -1.19
CA LYS B 384 67.99 -13.85 0.06
C LYS B 384 69.39 -13.36 -0.14
N CYS B 385 69.63 -12.51 -1.15
CA CYS B 385 70.95 -11.89 -1.37
C CYS B 385 71.16 -10.77 -0.37
N GLU B 386 72.38 -10.51 -0.04
CA GLU B 386 72.57 -9.51 0.98
C GLU B 386 73.01 -8.20 0.30
N PHE B 387 72.81 -7.06 0.95
CA PHE B 387 73.07 -5.78 0.28
C PHE B 387 73.93 -4.90 1.17
N LEU B 388 75.00 -4.33 0.62
CA LEU B 388 75.87 -3.49 1.46
C LEU B 388 76.03 -2.11 0.81
N PRO B 389 75.50 -1.05 1.41
CA PRO B 389 75.60 0.28 0.81
C PRO B 389 76.79 1.04 1.34
N PHE B 390 77.18 2.11 0.61
CA PHE B 390 78.25 3.06 1.03
C PHE B 390 79.66 2.41 1.21
N LEU B 391 80.02 1.53 0.27
CA LEU B 391 81.29 0.80 0.30
C LEU B 391 81.82 0.82 -1.12
N SER B 392 82.88 1.57 -1.37
CA SER B 392 83.59 1.57 -2.66
C SER B 392 84.89 0.83 -2.54
N PRO B 393 85.25 -0.01 -3.53
CA PRO B 393 86.37 -0.96 -3.35
C PRO B 393 87.70 -0.36 -3.73
N ARG B 394 88.69 -0.61 -2.84
CA ARG B 394 90.11 -0.21 -2.81
C ARG B 394 91.05 -1.31 -3.29
N LYS B 395 91.10 -2.47 -2.61
CA LYS B 395 92.15 -3.47 -2.80
C LYS B 395 91.52 -4.85 -2.72
N VAL B 396 91.81 -5.67 -3.72
CA VAL B 396 91.38 -7.05 -3.72
C VAL B 396 92.54 -7.83 -3.17
N ILE B 397 92.30 -8.68 -2.19
CA ILE B 397 93.36 -9.39 -1.46
C ILE B 397 93.53 -10.79 -2.02
N VAL B 398 94.72 -11.07 -2.55
CA VAL B 398 95.00 -12.32 -3.25
C VAL B 398 95.96 -13.19 -2.43
N LYS B 399 95.44 -14.22 -1.73
CA LYS B 399 96.23 -14.95 -0.75
C LYS B 399 96.61 -16.25 -1.45
N GLY B 400 97.81 -16.27 -2.03
CA GLY B 400 98.36 -17.44 -2.69
C GLY B 400 97.37 -18.10 -3.62
N GLY B 401 97.33 -17.63 -4.87
CA GLY B 401 96.42 -18.18 -5.86
C GLY B 401 95.04 -17.54 -5.79
N ARG B 402 94.10 -18.08 -4.98
CA ARG B 402 92.73 -17.54 -4.88
C ARG B 402 92.69 -16.13 -4.25
N ILE B 403 91.56 -15.45 -4.63
CA ILE B 403 91.02 -14.28 -3.96
C ILE B 403 90.58 -14.69 -2.56
N VAL B 404 90.79 -13.86 -1.55
CA VAL B 404 90.18 -14.35 -0.35
C VAL B 404 89.36 -13.30 0.27
N ALA B 405 89.48 -12.07 -0.23
CA ALA B 405 88.80 -10.96 0.45
C ALA B 405 88.91 -9.74 -0.46
N VAL B 406 88.17 -8.69 -0.10
CA VAL B 406 88.26 -7.43 -0.77
C VAL B 406 88.24 -6.38 0.32
N GLN B 407 88.97 -5.30 0.14
CA GLN B 407 88.91 -4.25 1.14
C GLN B 407 88.30 -2.99 0.52
N PHE B 408 87.46 -2.23 1.31
CA PHE B 408 86.61 -1.11 0.82
C PHE B 408 86.69 0.09 1.77
N VAL B 409 86.18 1.24 1.36
CA VAL B 409 86.07 2.38 2.28
C VAL B 409 84.67 2.98 2.33
N ARG B 410 84.25 3.34 3.53
CA ARG B 410 82.94 3.96 3.65
C ARG B 410 82.90 5.30 2.89
N THR B 411 81.85 5.50 2.10
CA THR B 411 81.63 6.68 1.30
C THR B 411 80.52 7.47 1.99
N GLU B 412 80.49 8.80 1.79
CA GLU B 412 79.31 9.58 2.23
C GLU B 412 79.23 10.91 1.47
N GLN B 413 78.10 11.61 1.67
CA GLN B 413 77.87 12.96 1.14
C GLN B 413 78.29 14.07 2.11
N ASP B 414 78.85 15.16 1.55
CA ASP B 414 79.11 16.39 2.31
C ASP B 414 77.88 17.30 2.22
N GLU B 415 77.93 18.43 2.97
CA GLU B 415 76.94 19.49 2.80
C GLU B 415 76.96 20.01 1.37
N THR B 416 78.07 19.79 0.65
CA THR B 416 78.09 19.90 -0.80
C THR B 416 77.15 18.88 -1.44
N GLY B 417 76.97 17.71 -0.83
CA GLY B 417 76.20 16.64 -1.44
C GLY B 417 77.02 15.69 -2.30
N LYS B 418 78.30 16.01 -2.54
CA LYS B 418 79.24 15.19 -3.31
C LYS B 418 79.80 14.04 -2.48
N TRP B 419 80.08 12.94 -3.17
CA TRP B 419 80.54 11.69 -2.60
C TRP B 419 82.07 11.66 -2.47
N ASN B 420 82.53 11.39 -1.23
CA ASN B 420 83.93 11.29 -0.84
C ASN B 420 84.04 10.09 0.08
N GLU B 421 85.30 9.64 0.34
CA GLU B 421 85.68 8.26 0.72
C GLU B 421 86.59 8.26 1.96
N ASP B 422 85.98 8.39 3.13
CA ASP B 422 86.62 8.11 4.42
C ASP B 422 87.80 7.12 4.38
N GLU B 423 89.03 7.68 4.30
CA GLU B 423 90.19 6.86 3.96
C GLU B 423 90.46 5.78 4.98
N ASP B 424 90.06 6.02 6.20
CA ASP B 424 90.42 5.22 7.35
C ASP B 424 89.38 4.16 7.73
N GLN B 425 88.13 4.34 7.32
CA GLN B 425 87.08 3.38 7.60
C GLN B 425 87.05 2.32 6.53
N ILE B 426 87.56 1.14 6.88
CA ILE B 426 87.85 0.12 5.90
C ILE B 426 87.17 -1.15 6.37
N VAL B 427 86.66 -1.92 5.41
CA VAL B 427 85.89 -3.13 5.67
C VAL B 427 86.53 -4.32 4.95
N HIS B 428 86.59 -5.47 5.65
CA HIS B 428 87.42 -6.57 5.20
C HIS B 428 86.47 -7.73 5.05
N LEU B 429 85.71 -7.62 3.97
CA LEU B 429 84.75 -8.64 3.57
C LEU B 429 85.46 -9.85 2.90
N LYS B 430 85.50 -11.00 3.57
CA LYS B 430 86.11 -12.10 2.85
C LYS B 430 85.23 -12.45 1.65
N ALA B 431 85.80 -13.18 0.68
CA ALA B 431 85.03 -13.74 -0.44
C ALA B 431 85.91 -14.63 -1.26
N ASP B 432 85.27 -15.54 -1.98
CA ASP B 432 85.92 -16.50 -2.89
C ASP B 432 85.88 -16.07 -4.38
N VAL B 433 84.89 -15.27 -4.79
CA VAL B 433 84.57 -14.87 -6.15
C VAL B 433 84.25 -13.37 -6.15
N VAL B 434 84.78 -12.60 -7.12
CA VAL B 434 84.42 -11.18 -7.26
C VAL B 434 83.83 -10.90 -8.65
N ILE B 435 82.72 -10.16 -8.69
CA ILE B 435 82.10 -9.88 -9.98
C ILE B 435 81.86 -8.39 -10.08
N SER B 436 82.58 -7.76 -11.02
CA SER B 436 82.43 -6.30 -11.19
C SER B 436 81.33 -6.04 -12.20
N ALA B 437 80.41 -5.21 -11.89
CA ALA B 437 79.27 -5.12 -12.80
C ALA B 437 78.96 -3.65 -12.78
N PHE B 438 79.92 -2.94 -13.32
CA PHE B 438 79.83 -1.52 -13.28
C PHE B 438 79.04 -0.95 -14.48
N GLY B 439 78.75 -1.81 -15.51
CA GLY B 439 78.29 -1.35 -16.84
C GLY B 439 79.34 -1.53 -17.94
N SER B 440 79.09 -0.85 -19.06
CA SER B 440 79.80 -1.00 -20.29
C SER B 440 80.17 0.32 -20.94
N VAL B 441 81.23 0.26 -21.76
CA VAL B 441 81.75 1.39 -22.55
C VAL B 441 81.99 0.87 -23.96
N LEU B 442 82.17 1.76 -24.91
CA LEU B 442 82.92 1.38 -26.09
C LEU B 442 84.32 1.95 -25.86
N ARG B 443 85.35 1.08 -25.73
CA ARG B 443 86.73 1.57 -25.61
C ARG B 443 87.62 1.17 -26.77
N ASP B 444 87.52 -0.06 -27.31
CA ASP B 444 88.21 -0.57 -28.49
C ASP B 444 88.50 0.46 -29.59
N PRO B 445 89.75 0.83 -29.86
CA PRO B 445 90.00 1.83 -30.91
C PRO B 445 89.82 1.29 -32.36
N LYS B 446 89.98 -0.05 -32.58
CA LYS B 446 89.66 -0.71 -33.87
C LYS B 446 88.26 -0.31 -34.38
N VAL B 447 87.29 -0.19 -33.46
CA VAL B 447 85.91 0.14 -33.81
C VAL B 447 85.75 1.60 -34.00
N LYS B 448 86.25 2.45 -33.10
CA LYS B 448 86.12 3.88 -33.31
C LYS B 448 86.70 4.25 -34.64
N GLU B 449 87.84 3.65 -34.94
CA GLU B 449 88.48 4.04 -36.16
C GLU B 449 87.67 3.61 -37.37
N ALA B 450 86.99 2.46 -37.34
CA ALA B 450 86.15 2.05 -38.47
C ALA B 450 84.98 2.99 -38.69
N LEU B 451 84.53 3.68 -37.66
CA LEU B 451 83.52 4.72 -37.80
C LEU B 451 84.09 6.02 -38.24
N SER B 452 85.33 6.10 -38.56
CA SER B 452 85.87 7.37 -38.89
C SER B 452 85.38 7.76 -40.28
N PRO B 453 84.82 8.96 -40.43
CA PRO B 453 85.00 10.14 -39.57
C PRO B 453 83.81 10.74 -38.83
N ILE B 454 82.85 10.00 -38.24
CA ILE B 454 81.74 10.66 -37.59
C ILE B 454 82.25 11.33 -36.31
N LYS B 455 81.53 12.40 -35.89
CA LYS B 455 81.76 13.04 -34.61
C LYS B 455 81.36 12.18 -33.37
N PHE B 456 82.28 12.09 -32.39
CA PHE B 456 82.02 11.54 -31.04
C PHE B 456 81.91 12.64 -29.98
N ASN B 457 81.28 12.38 -28.84
CA ASN B 457 81.11 13.46 -27.85
C ASN B 457 81.98 13.25 -26.62
N ARG B 458 81.66 13.95 -25.49
CA ARG B 458 82.40 13.77 -24.22
C ARG B 458 82.49 12.30 -23.88
N TRP B 459 81.37 11.68 -23.46
CA TRP B 459 81.21 10.29 -23.00
C TRP B 459 81.77 9.21 -23.93
N ASP B 460 82.15 9.64 -25.14
CA ASP B 460 82.85 8.93 -26.19
C ASP B 460 82.00 7.97 -27.03
N LEU B 461 80.84 8.44 -27.43
CA LEU B 461 79.86 7.74 -28.22
C LEU B 461 79.57 8.56 -29.48
N PRO B 462 79.15 7.91 -30.57
CA PRO B 462 78.71 8.64 -31.77
C PRO B 462 77.73 9.66 -31.30
N GLU B 463 77.92 10.94 -31.75
CA GLU B 463 76.94 12.01 -31.54
C GLU B 463 75.76 11.83 -32.49
N VAL B 464 74.53 11.94 -32.06
CA VAL B 464 73.53 11.94 -33.14
C VAL B 464 72.52 13.03 -32.90
N ASP B 465 71.78 13.29 -34.00
CA ASP B 465 70.60 14.11 -33.91
C ASP B 465 69.49 13.28 -33.29
N PRO B 466 68.88 13.74 -32.22
CA PRO B 466 68.05 12.86 -31.38
C PRO B 466 66.62 12.74 -31.87
N GLU B 467 66.22 13.61 -32.76
CA GLU B 467 65.03 13.37 -33.54
C GLU B 467 65.29 12.40 -34.69
N THR B 468 66.43 12.53 -35.43
CA THR B 468 66.58 11.70 -36.63
C THR B 468 67.53 10.51 -36.47
N MET B 469 68.28 10.35 -35.38
CA MET B 469 69.19 9.18 -35.24
C MET B 469 70.37 9.21 -36.22
N GLN B 470 70.56 10.33 -36.96
CA GLN B 470 71.68 10.53 -37.88
C GLN B 470 73.01 10.92 -37.19
N THR B 471 74.16 10.41 -37.72
CA THR B 471 75.49 10.88 -37.29
C THR B 471 75.92 12.09 -38.08
N SER B 472 77.09 12.60 -37.76
CA SER B 472 77.64 13.67 -38.55
C SER B 472 77.77 13.31 -40.02
N GLU B 473 77.88 12.00 -40.41
CA GLU B 473 77.77 11.57 -41.83
C GLU B 473 76.32 11.35 -42.24
N PRO B 474 75.83 12.05 -43.20
CA PRO B 474 74.40 12.06 -43.41
C PRO B 474 73.88 10.69 -43.86
N TRP B 475 74.77 9.73 -44.10
CA TRP B 475 74.22 8.49 -44.59
C TRP B 475 74.33 7.36 -43.57
N VAL B 476 74.91 7.67 -42.40
CA VAL B 476 75.17 6.71 -41.34
C VAL B 476 74.30 7.15 -40.18
N PHE B 477 73.49 6.21 -39.65
CA PHE B 477 72.65 6.48 -38.48
C PHE B 477 73.12 5.55 -37.38
N ALA B 478 72.65 5.83 -36.15
CA ALA B 478 73.06 5.10 -34.98
C ALA B 478 71.96 5.20 -33.94
N GLY B 479 71.78 4.15 -33.13
CA GLY B 479 70.93 4.19 -31.94
C GLY B 479 71.11 2.93 -31.14
N GLY B 480 70.25 2.77 -30.10
CA GLY B 480 70.45 1.71 -29.17
C GLY B 480 71.54 2.10 -28.21
N ASP B 481 72.12 1.07 -27.54
CA ASP B 481 72.95 1.40 -26.38
C ASP B 481 74.10 2.26 -26.82
N ILE B 482 74.63 2.04 -28.03
CA ILE B 482 75.81 2.80 -28.47
C ILE B 482 75.63 4.32 -28.35
N VAL B 483 74.38 4.79 -28.25
CA VAL B 483 74.20 6.25 -28.34
C VAL B 483 74.06 6.91 -26.98
N GLY B 484 73.70 6.16 -25.95
CA GLY B 484 73.88 6.66 -24.63
C GLY B 484 72.60 7.13 -24.02
N MET B 485 71.55 7.26 -24.82
CA MET B 485 70.22 7.64 -24.34
C MET B 485 69.44 6.43 -23.85
N ALA B 486 69.26 5.42 -24.74
CA ALA B 486 68.61 4.14 -24.48
C ALA B 486 69.14 3.51 -23.21
N ASN B 487 68.34 2.69 -22.59
CA ASN B 487 68.55 2.37 -21.19
C ASN B 487 68.01 0.94 -20.98
N THR B 488 67.12 0.57 -21.89
CA THR B 488 66.16 -0.51 -21.67
C THR B 488 65.98 -1.08 -23.06
N THR B 489 65.51 -2.32 -23.13
CA THR B 489 65.29 -2.85 -24.49
C THR B 489 64.31 -1.98 -25.29
N VAL B 490 63.27 -1.48 -24.65
CA VAL B 490 62.23 -0.96 -25.55
C VAL B 490 62.68 0.35 -26.08
N GLU B 491 63.46 1.08 -25.33
CA GLU B 491 64.02 2.27 -25.91
C GLU B 491 64.97 1.94 -27.09
N SER B 492 65.76 0.85 -27.00
CA SER B 492 66.70 0.52 -28.09
C SER B 492 65.96 0.10 -29.32
N VAL B 493 64.81 -0.47 -29.13
CA VAL B 493 63.90 -0.72 -30.23
C VAL B 493 63.42 0.57 -30.82
N ASN B 494 63.10 1.54 -29.95
CA ASN B 494 62.55 2.77 -30.48
C ASN B 494 63.60 3.48 -31.29
N ASP B 495 64.85 3.55 -30.76
CA ASP B 495 65.98 4.17 -31.47
C ASP B 495 65.94 3.74 -32.96
N GLY B 496 65.84 2.40 -33.27
CA GLY B 496 65.83 1.90 -34.68
C GLY B 496 64.57 2.16 -35.50
N LYS B 497 63.41 1.96 -34.83
CA LYS B 497 62.15 2.48 -35.35
C LYS B 497 62.32 3.93 -35.76
N GLN B 498 62.80 4.79 -34.87
CA GLN B 498 62.96 6.17 -35.25
C GLN B 498 63.97 6.32 -36.40
N ALA B 499 65.11 5.61 -36.33
CA ALA B 499 66.03 5.77 -37.46
C ALA B 499 65.39 5.31 -38.77
N SER B 500 64.61 4.21 -38.76
CA SER B 500 64.15 3.69 -40.05
C SER B 500 63.49 4.76 -40.95
N TRP B 501 62.72 5.67 -40.39
CA TRP B 501 62.02 6.54 -41.34
C TRP B 501 63.00 7.61 -41.86
N TYR B 502 64.01 7.97 -41.08
CA TYR B 502 64.89 8.99 -41.61
C TYR B 502 65.87 8.37 -42.62
N ILE B 503 66.37 7.20 -42.35
CA ILE B 503 67.08 6.42 -43.35
C ILE B 503 66.25 6.28 -44.62
N HIS B 504 64.92 6.09 -44.50
CA HIS B 504 64.05 6.01 -45.69
C HIS B 504 64.02 7.36 -46.45
N LYS B 505 63.89 8.47 -45.69
CA LYS B 505 63.88 9.79 -46.27
C LYS B 505 65.22 10.06 -46.91
N TYR B 506 66.31 9.79 -46.17
CA TYR B 506 67.64 9.96 -46.78
C TYR B 506 67.77 9.19 -48.10
N ILE B 507 67.46 7.89 -48.11
CA ILE B 507 67.76 7.11 -49.31
C ILE B 507 66.87 7.52 -50.51
N GLN B 508 65.60 7.90 -50.28
CA GLN B 508 64.71 8.26 -51.39
C GLN B 508 65.15 9.58 -51.98
N ALA B 509 65.58 10.53 -51.11
CA ALA B 509 66.21 11.71 -51.67
C ALA B 509 67.34 11.28 -52.58
N GLN B 510 68.23 10.41 -52.10
CA GLN B 510 69.40 10.09 -52.92
C GLN B 510 69.02 9.49 -54.27
N TYR B 511 67.84 8.92 -54.44
CA TYR B 511 67.29 8.54 -55.74
C TYR B 511 66.39 9.60 -56.41
N GLY B 512 66.26 10.78 -55.83
CA GLY B 512 65.51 11.79 -56.50
C GLY B 512 64.05 11.80 -56.20
N ALA B 513 63.57 11.18 -55.13
CA ALA B 513 62.17 11.27 -54.69
C ALA B 513 62.03 11.93 -53.34
N SER B 514 60.83 12.37 -52.98
CA SER B 514 60.56 12.93 -51.64
C SER B 514 59.65 12.00 -50.86
N VAL B 515 59.37 12.26 -49.56
CA VAL B 515 58.42 11.40 -48.84
C VAL B 515 57.45 12.28 -48.08
N SER B 516 56.36 11.68 -47.56
CA SER B 516 55.35 12.49 -46.89
C SER B 516 55.96 13.49 -45.92
N ALA B 517 55.26 14.52 -45.46
CA ALA B 517 55.76 15.22 -44.27
C ALA B 517 55.59 14.37 -43.03
N LYS B 518 54.38 13.86 -42.78
CA LYS B 518 54.22 13.14 -41.53
C LYS B 518 54.75 11.71 -41.68
N PRO B 519 55.72 11.30 -40.88
CA PRO B 519 56.09 9.88 -40.78
C PRO B 519 54.90 8.93 -40.81
N GLU B 520 55.09 7.80 -41.51
CA GLU B 520 54.02 6.80 -41.76
C GLU B 520 54.69 5.41 -41.80
N LEU B 521 55.16 4.85 -40.65
CA LEU B 521 55.67 3.47 -40.80
C LEU B 521 54.50 2.50 -40.94
N PRO B 522 54.53 1.64 -41.91
CA PRO B 522 53.58 0.50 -42.03
C PRO B 522 53.24 -0.36 -40.77
N LEU B 523 52.03 -1.00 -40.68
CA LEU B 523 51.81 -1.77 -39.47
C LEU B 523 52.39 -3.18 -39.64
N PHE B 524 52.02 -4.12 -38.76
CA PHE B 524 52.55 -5.45 -38.90
C PHE B 524 51.48 -6.35 -39.51
N TYR B 525 51.78 -7.02 -40.63
CA TYR B 525 50.69 -7.82 -41.21
C TYR B 525 51.05 -9.29 -41.18
N THR B 526 50.02 -10.23 -41.25
CA THR B 526 50.24 -11.69 -41.41
C THR B 526 49.18 -12.20 -42.38
N PRO B 527 49.23 -13.40 -42.89
CA PRO B 527 48.14 -13.80 -43.81
C PRO B 527 46.78 -13.75 -43.10
N VAL B 528 46.73 -13.68 -41.75
CA VAL B 528 45.37 -13.64 -41.20
C VAL B 528 44.62 -12.40 -41.73
N ASP B 529 45.31 -11.25 -41.94
CA ASP B 529 44.66 -10.01 -42.39
C ASP B 529 44.08 -10.05 -43.80
N LEU B 530 44.42 -11.05 -44.59
CA LEU B 530 43.94 -11.08 -45.94
C LEU B 530 42.61 -11.82 -46.01
N VAL B 531 42.12 -12.35 -44.90
CA VAL B 531 40.90 -13.18 -44.97
C VAL B 531 39.67 -12.31 -45.24
N ASP B 532 38.75 -12.76 -46.10
CA ASP B 532 37.57 -11.99 -46.46
C ASP B 532 36.42 -12.25 -45.48
N ILE B 533 35.76 -11.20 -45.03
CA ILE B 533 34.72 -11.29 -43.98
C ILE B 533 33.53 -10.51 -44.40
N SER B 534 33.33 -10.33 -45.73
CA SER B 534 32.09 -9.70 -46.19
C SER B 534 31.03 -10.75 -46.31
N VAL B 535 29.76 -10.34 -46.30
CA VAL B 535 28.68 -11.29 -46.36
C VAL B 535 27.54 -10.64 -47.23
N GLU B 536 26.79 -11.45 -48.04
CA GLU B 536 25.62 -10.93 -48.78
C GLU B 536 24.35 -11.31 -48.03
N MET B 537 23.39 -10.37 -47.93
CA MET B 537 22.13 -10.55 -47.22
C MET B 537 20.98 -9.83 -47.91
N ALA B 538 19.88 -10.54 -48.13
CA ALA B 538 18.70 -9.92 -48.73
C ALA B 538 19.12 -9.12 -49.93
N GLY B 539 20.11 -9.64 -50.69
CA GLY B 539 20.60 -8.86 -51.81
C GLY B 539 21.40 -7.62 -51.51
N LEU B 540 21.82 -7.35 -50.29
CA LEU B 540 22.80 -6.26 -49.99
C LEU B 540 24.20 -6.86 -49.79
N LYS B 541 25.26 -6.18 -50.23
CA LYS B 541 26.56 -6.73 -49.92
C LYS B 541 27.15 -5.93 -48.73
N PHE B 542 27.60 -6.64 -47.67
CA PHE B 542 28.18 -5.97 -46.51
C PHE B 542 29.70 -6.17 -46.48
N ILE B 543 30.48 -5.08 -46.39
CA ILE B 543 31.92 -5.33 -46.38
C ILE B 543 32.33 -6.01 -45.07
N ASN B 544 31.70 -5.74 -43.91
CA ASN B 544 31.92 -6.70 -42.82
C ASN B 544 30.62 -6.82 -42.03
N PRO B 545 30.46 -7.90 -41.29
CA PRO B 545 29.14 -8.21 -40.77
C PRO B 545 28.79 -7.43 -39.53
N PHE B 546 29.63 -6.44 -39.15
CA PHE B 546 29.41 -5.68 -37.90
C PHE B 546 28.86 -4.31 -38.24
N GLY B 547 27.77 -3.86 -37.48
CA GLY B 547 27.07 -2.58 -37.78
C GLY B 547 26.46 -1.98 -36.50
N LEU B 548 26.13 -0.64 -36.53
CA LEU B 548 25.64 0.01 -35.30
C LEU B 548 24.12 -0.25 -35.19
N ALA B 549 23.61 -0.73 -34.03
CA ALA B 549 22.19 -0.92 -33.92
C ALA B 549 21.54 0.43 -33.95
N SER B 550 20.21 0.45 -33.94
CA SER B 550 19.45 1.71 -33.79
C SER B 550 19.36 2.11 -32.32
N ALA B 551 20.14 3.08 -31.88
CA ALA B 551 20.34 3.28 -30.39
C ALA B 551 21.12 4.59 -30.15
N ALA B 552 21.54 4.79 -28.89
CA ALA B 552 22.33 5.98 -28.50
C ALA B 552 23.62 6.12 -29.29
N PRO B 553 24.28 5.05 -29.71
CA PRO B 553 25.42 5.29 -30.58
C PRO B 553 25.04 5.72 -31.95
N THR B 554 23.73 5.79 -32.36
CA THR B 554 23.43 6.44 -33.65
C THR B 554 22.47 7.64 -33.52
N THR B 555 22.56 8.39 -32.39
CA THR B 555 21.81 9.64 -32.13
C THR B 555 21.88 10.65 -33.26
N SER B 556 23.09 10.97 -33.72
CA SER B 556 23.39 11.99 -34.77
C SER B 556 24.06 11.33 -35.96
N SER B 557 23.59 11.67 -37.19
CA SER B 557 24.27 11.11 -38.36
C SER B 557 25.70 11.48 -38.38
N SER B 558 26.19 12.42 -37.52
CA SER B 558 27.65 12.60 -37.63
C SER B 558 28.43 11.51 -36.88
N MET B 559 27.73 10.86 -36.00
CA MET B 559 28.31 9.68 -35.35
C MET B 559 28.41 8.58 -36.38
N ILE B 560 27.29 8.36 -37.09
CA ILE B 560 27.38 7.31 -38.10
C ILE B 560 28.56 7.61 -39.03
N ARG B 561 28.84 8.92 -39.31
CA ARG B 561 29.95 9.26 -40.22
C ARG B 561 31.28 8.83 -39.63
N ARG B 562 31.45 9.03 -38.33
CA ARG B 562 32.70 8.63 -37.73
C ARG B 562 32.77 7.12 -37.66
N ALA B 563 31.65 6.50 -37.46
CA ALA B 563 31.77 5.06 -37.32
C ALA B 563 32.10 4.46 -38.66
N PHE B 564 31.45 4.89 -39.73
CA PHE B 564 31.90 4.42 -41.03
C PHE B 564 33.37 4.71 -41.20
N GLU B 565 33.90 5.86 -40.68
CA GLU B 565 35.34 6.09 -40.96
C GLU B 565 36.22 5.19 -40.11
N ALA B 566 35.71 4.67 -39.02
CA ALA B 566 36.51 3.73 -38.24
C ALA B 566 36.45 2.26 -38.81
N GLY B 567 35.48 1.96 -39.71
CA GLY B 567 35.40 0.66 -40.36
C GLY B 567 34.15 -0.16 -40.07
N TRP B 568 33.11 0.38 -39.41
CA TRP B 568 31.83 -0.36 -39.29
C TRP B 568 31.23 -0.70 -40.66
N GLY B 569 30.63 -1.93 -40.79
CA GLY B 569 30.12 -2.32 -42.10
C GLY B 569 28.81 -1.65 -42.42
N PHE B 570 27.99 -1.38 -41.37
CA PHE B 570 26.64 -0.79 -41.62
C PHE B 570 26.14 -0.05 -40.33
N ALA B 571 25.13 0.85 -40.50
CA ALA B 571 24.53 1.44 -39.30
C ALA B 571 23.06 1.58 -39.54
N LEU B 572 22.28 1.50 -38.46
CA LEU B 572 20.90 1.92 -38.47
C LEU B 572 20.88 3.39 -38.05
N THR B 573 20.00 4.20 -38.60
CA THR B 573 19.66 5.43 -37.85
C THR B 573 19.01 5.04 -36.49
N LYS B 574 19.08 5.94 -35.46
CA LYS B 574 18.05 5.92 -34.42
C LYS B 574 16.71 5.76 -35.10
N THR B 575 15.68 5.26 -34.44
CA THR B 575 14.38 5.16 -35.05
C THR B 575 13.88 6.58 -35.12
N PHE B 576 13.33 7.01 -36.28
CA PHE B 576 12.65 8.31 -36.40
C PHE B 576 11.20 8.17 -36.96
N SER B 577 10.43 9.26 -36.84
CA SER B 577 9.04 9.30 -37.22
C SER B 577 8.64 10.59 -37.97
N LEU B 578 7.37 10.64 -38.41
CA LEU B 578 6.85 11.87 -38.95
C LEU B 578 6.73 12.84 -37.81
N ASP B 579 6.74 14.16 -38.11
CA ASP B 579 6.78 15.22 -37.08
C ASP B 579 5.66 15.12 -36.03
N LYS B 580 4.42 14.78 -36.46
CA LYS B 580 3.26 14.70 -35.53
C LYS B 580 3.46 13.72 -34.41
N ASP B 581 4.18 12.59 -34.60
CA ASP B 581 4.57 11.74 -33.49
C ASP B 581 5.87 12.14 -32.82
N ILE B 582 6.47 13.30 -33.06
CA ILE B 582 7.76 13.46 -32.40
C ILE B 582 7.57 13.63 -30.91
N VAL B 583 8.57 13.25 -30.17
CA VAL B 583 8.53 13.00 -28.72
C VAL B 583 9.40 13.97 -27.85
N THR B 584 9.21 13.98 -26.54
CA THR B 584 10.20 14.73 -25.72
C THR B 584 10.90 13.89 -24.67
N ASN B 585 12.23 13.96 -24.61
CA ASN B 585 12.72 12.88 -23.75
C ASN B 585 12.78 13.31 -22.29
N VAL B 586 12.93 12.34 -21.41
CA VAL B 586 13.14 12.70 -20.04
C VAL B 586 14.61 12.55 -19.72
N SER B 587 15.05 12.95 -18.51
CA SER B 587 16.36 12.64 -17.94
C SER B 587 16.22 12.45 -16.44
N PRO B 588 17.06 11.61 -15.80
CA PRO B 588 18.04 10.71 -16.38
C PRO B 588 17.32 9.74 -17.27
N ARG B 589 17.86 9.17 -18.37
CA ARG B 589 17.16 8.07 -19.04
C ARG B 589 17.99 6.86 -19.36
N ILE B 590 19.25 6.76 -18.94
CA ILE B 590 19.99 5.54 -19.22
C ILE B 590 20.86 5.15 -18.01
N VAL B 591 20.64 3.97 -17.40
CA VAL B 591 21.42 3.70 -16.20
C VAL B 591 22.15 2.42 -16.50
N ARG B 592 23.08 2.15 -15.56
CA ARG B 592 23.93 0.97 -15.59
C ARG B 592 23.21 -0.23 -14.98
N GLY B 593 23.52 -1.43 -15.51
CA GLY B 593 22.93 -2.62 -14.96
C GLY B 593 23.44 -2.89 -13.54
N THR B 594 22.55 -3.57 -12.79
CA THR B 594 22.99 -4.29 -11.64
C THR B 594 23.02 -5.78 -11.85
N THR B 595 22.97 -6.27 -13.08
CA THR B 595 23.03 -7.72 -13.28
C THR B 595 24.39 -8.34 -12.95
N SER B 596 25.46 -7.58 -12.71
CA SER B 596 26.58 -8.37 -12.22
C SER B 596 27.20 -7.75 -10.94
N GLY B 597 26.36 -7.30 -9.99
CA GLY B 597 26.92 -6.77 -8.77
C GLY B 597 27.60 -5.44 -8.96
N PRO B 598 28.16 -4.99 -7.89
CA PRO B 598 28.70 -3.62 -7.86
C PRO B 598 30.10 -3.47 -8.48
N MET B 599 30.23 -3.63 -9.82
CA MET B 599 31.48 -3.38 -10.54
C MET B 599 31.34 -2.03 -11.29
N TYR B 600 32.15 -1.01 -10.98
CA TYR B 600 31.92 0.21 -11.75
C TYR B 600 32.95 0.30 -12.86
N GLY B 601 32.64 1.05 -13.95
CA GLY B 601 33.67 1.22 -15.01
C GLY B 601 33.48 0.31 -16.26
N PRO B 602 34.57 -0.36 -16.69
CA PRO B 602 34.53 -1.02 -18.00
C PRO B 602 33.62 -2.25 -17.86
N GLY B 603 33.01 -2.66 -19.00
CA GLY B 603 32.40 -3.94 -19.20
C GLY B 603 31.14 -4.15 -18.39
N GLN B 604 30.24 -3.21 -18.43
CA GLN B 604 28.99 -3.44 -17.74
C GLN B 604 28.23 -4.53 -18.46
N SER B 605 27.61 -5.39 -17.66
CA SER B 605 26.90 -6.57 -18.15
C SER B 605 25.51 -6.19 -18.67
N SER B 606 24.98 -5.01 -18.33
CA SER B 606 23.79 -4.60 -19.06
C SER B 606 23.65 -3.09 -18.86
N PHE B 607 22.67 -2.48 -19.52
CA PHE B 607 22.22 -1.12 -19.23
C PHE B 607 20.74 -1.21 -19.24
N LEU B 608 20.03 -0.30 -18.53
CA LEU B 608 18.59 -0.09 -18.75
C LEU B 608 18.32 1.29 -19.40
N ASN B 609 17.24 1.44 -20.21
CA ASN B 609 16.99 2.80 -20.72
C ASN B 609 15.52 3.05 -20.84
N ILE B 610 15.11 4.33 -20.67
CA ILE B 610 13.68 4.66 -20.85
C ILE B 610 13.69 5.78 -21.87
N GLU B 611 14.43 5.50 -22.93
CA GLU B 611 14.66 6.42 -24.01
C GLU B 611 13.58 6.19 -25.06
N LEU B 612 13.20 7.27 -25.80
CA LEU B 612 12.09 7.10 -26.75
C LEU B 612 12.69 6.98 -28.14
N ILE B 613 12.10 7.60 -29.19
CA ILE B 613 12.73 7.57 -30.51
C ILE B 613 13.51 8.90 -30.74
N SER B 614 14.15 9.11 -31.90
CA SER B 614 15.01 10.28 -32.12
C SER B 614 14.27 11.55 -31.77
N GLU B 615 14.93 12.59 -31.27
CA GLU B 615 14.11 13.83 -31.25
C GLU B 615 14.36 14.70 -32.46
N LYS B 616 15.30 14.31 -33.33
CA LYS B 616 15.52 14.88 -34.66
C LYS B 616 14.45 14.33 -35.61
N THR B 617 14.06 15.15 -36.57
CA THR B 617 12.85 14.95 -37.37
C THR B 617 13.16 14.12 -38.60
N ALA B 618 12.14 13.67 -39.31
CA ALA B 618 12.49 12.92 -40.51
C ALA B 618 13.18 13.84 -41.61
N ALA B 619 12.98 15.16 -41.63
CA ALA B 619 13.77 15.97 -42.53
C ALA B 619 15.27 15.78 -42.28
N TYR B 620 15.72 16.01 -41.02
CA TYR B 620 17.14 15.82 -40.69
C TYR B 620 17.63 14.43 -41.12
N TRP B 621 16.86 13.37 -40.80
CA TRP B 621 17.34 12.00 -40.99
C TRP B 621 17.42 11.70 -42.44
N CYS B 622 16.37 12.02 -43.20
CA CYS B 622 16.32 11.73 -44.63
C CYS B 622 17.43 12.46 -45.36
N GLN B 623 17.67 13.72 -44.97
CA GLN B 623 18.82 14.42 -45.56
C GLN B 623 20.12 13.72 -45.20
N SER B 624 20.24 13.20 -43.95
CA SER B 624 21.49 12.55 -43.55
C SER B 624 21.74 11.30 -44.37
N VAL B 625 20.73 10.46 -44.56
CA VAL B 625 20.94 9.23 -45.34
C VAL B 625 21.49 9.54 -46.77
N THR B 626 21.02 10.63 -47.40
CA THR B 626 21.57 11.10 -48.68
C THR B 626 23.03 11.47 -48.60
N GLU B 627 23.40 12.39 -47.70
CA GLU B 627 24.80 12.63 -47.43
C GLU B 627 25.62 11.33 -47.22
N LEU B 628 25.14 10.50 -46.29
CA LEU B 628 25.97 9.36 -45.94
C LEU B 628 26.06 8.44 -47.15
N LYS B 629 24.96 8.15 -47.82
CA LYS B 629 25.10 7.22 -48.92
C LYS B 629 25.89 7.86 -50.02
N ALA B 630 25.85 9.23 -50.10
CA ALA B 630 26.72 9.95 -51.07
C ALA B 630 28.13 9.70 -50.79
N ASP B 631 28.53 9.77 -49.53
CA ASP B 631 29.97 9.63 -49.30
C ASP B 631 30.41 8.21 -48.98
N PHE B 632 29.52 7.33 -48.51
CA PHE B 632 29.96 5.97 -48.23
C PHE B 632 29.11 5.00 -49.01
N PRO B 633 29.29 4.95 -50.33
CA PRO B 633 28.42 4.06 -51.16
C PRO B 633 28.64 2.57 -50.79
N ASP B 634 29.81 2.18 -50.21
CA ASP B 634 29.97 0.77 -49.84
C ASP B 634 29.54 0.37 -48.43
N ASN B 635 29.28 1.31 -47.51
CA ASN B 635 28.71 0.95 -46.22
C ASN B 635 27.18 0.86 -46.31
N ILE B 636 26.58 -0.10 -45.60
CA ILE B 636 25.14 -0.18 -45.70
C ILE B 636 24.50 0.74 -44.64
N VAL B 637 23.42 1.42 -45.00
CA VAL B 637 22.75 2.44 -44.13
C VAL B 637 21.27 2.04 -44.16
N ILE B 638 20.75 1.65 -43.00
CA ILE B 638 19.34 1.18 -42.91
C ILE B 638 18.53 2.20 -42.07
N ALA B 639 17.41 2.74 -42.62
CA ALA B 639 16.70 3.85 -41.91
C ALA B 639 15.72 3.17 -40.99
N SER B 640 15.79 3.42 -39.67
CA SER B 640 14.90 2.71 -38.69
C SER B 640 13.71 3.59 -38.57
N ILE B 641 12.47 3.08 -38.79
CA ILE B 641 11.31 4.00 -38.74
C ILE B 641 10.20 3.54 -37.80
N MET B 642 9.39 4.48 -37.26
CA MET B 642 8.27 4.07 -36.44
C MET B 642 7.01 4.93 -36.69
N CYS B 643 5.82 4.32 -36.75
CA CYS B 643 4.53 5.04 -36.82
C CYS B 643 3.50 4.38 -35.95
N SER B 644 2.42 5.09 -35.71
CA SER B 644 1.32 4.40 -35.05
C SER B 644 0.71 3.39 -36.03
N TYR B 645 -0.32 2.70 -35.56
CA TYR B 645 -1.03 1.69 -36.35
C TYR B 645 -1.95 2.39 -37.35
N ASN B 646 -1.38 2.77 -38.47
CA ASN B 646 -1.99 3.72 -39.37
C ASN B 646 -1.32 3.53 -40.73
N LYS B 647 -2.10 3.13 -41.76
CA LYS B 647 -1.57 2.62 -43.03
C LYS B 647 -0.91 3.74 -43.86
N ASN B 648 -1.54 4.92 -43.89
CA ASN B 648 -1.01 6.11 -44.55
C ASN B 648 0.35 6.55 -43.92
N ASP B 649 0.37 6.84 -42.62
CA ASP B 649 1.63 7.18 -41.95
C ASP B 649 2.75 6.21 -42.24
N TRP B 650 2.47 4.88 -42.26
CA TRP B 650 3.57 3.93 -42.45
C TRP B 650 3.99 3.90 -43.90
N MET B 651 3.06 4.07 -44.80
CA MET B 651 3.45 4.15 -46.21
C MET B 651 4.14 5.49 -46.53
N GLU B 652 3.71 6.57 -45.92
CA GLU B 652 4.38 7.81 -46.24
C GLU B 652 5.77 7.84 -45.65
N LEU B 653 5.94 7.42 -44.39
CA LEU B 653 7.29 7.51 -43.82
C LEU B 653 8.25 6.51 -44.50
N SER B 654 7.79 5.33 -44.83
CA SER B 654 8.73 4.38 -45.45
C SER B 654 9.13 4.83 -46.82
N ARG B 655 8.24 5.50 -47.56
CA ARG B 655 8.62 6.08 -48.83
C ARG B 655 9.55 7.29 -48.72
N LYS B 656 9.36 8.16 -47.74
CA LYS B 656 10.28 9.26 -47.51
C LYS B 656 11.69 8.73 -47.26
N ALA B 657 11.83 7.61 -46.51
CA ALA B 657 13.15 6.99 -46.24
C ALA B 657 13.69 6.14 -47.44
N GLU B 658 12.82 5.60 -48.29
CA GLU B 658 13.27 5.06 -49.58
C GLU B 658 13.92 6.13 -50.45
N ALA B 659 13.21 7.24 -50.69
CA ALA B 659 13.65 8.20 -51.69
C ALA B 659 14.86 8.94 -51.22
N SER B 660 15.16 8.95 -49.96
CA SER B 660 16.39 9.56 -49.49
C SER B 660 17.63 8.71 -49.75
N GLY B 661 17.51 7.51 -50.31
CA GLY B 661 18.77 6.75 -50.61
C GLY B 661 19.11 5.58 -49.68
N ALA B 662 18.30 5.33 -48.68
CA ALA B 662 18.55 4.25 -47.74
C ALA B 662 18.71 2.89 -48.44
N ASP B 663 19.61 2.01 -47.90
CA ASP B 663 19.74 0.66 -48.47
C ASP B 663 18.58 -0.21 -47.99
N ALA B 664 18.01 0.12 -46.86
CA ALA B 664 16.93 -0.74 -46.41
C ALA B 664 16.25 0.00 -45.32
N LEU B 665 15.13 -0.56 -44.85
CA LEU B 665 14.43 0.04 -43.73
C LEU B 665 14.42 -1.00 -42.62
N GLU B 666 14.39 -0.52 -41.38
CA GLU B 666 14.10 -1.38 -40.23
C GLU B 666 12.86 -0.82 -39.56
N LEU B 667 11.85 -1.62 -39.46
CA LEU B 667 10.60 -1.15 -38.85
C LEU B 667 10.67 -1.45 -37.37
N ASN B 668 10.48 -0.47 -36.54
CA ASN B 668 10.63 -0.61 -35.10
C ASN B 668 9.22 -0.85 -34.52
N LEU B 669 8.88 -2.07 -34.02
CA LEU B 669 7.47 -2.41 -33.82
C LEU B 669 6.94 -2.15 -32.41
N SER B 670 7.62 -1.28 -31.71
CA SER B 670 7.30 -0.85 -30.37
C SER B 670 6.17 0.17 -30.32
N SER B 671 5.43 0.52 -30.95
CA SER B 671 4.46 1.56 -30.60
C SER B 671 3.15 0.94 -30.18
N PRO B 672 2.49 1.49 -29.48
CA PRO B 672 1.10 1.12 -29.07
C PRO B 672 -0.07 2.09 -29.50
N HIS B 673 -1.31 1.91 -28.92
CA HIS B 673 -2.70 2.38 -29.41
C HIS B 673 -3.78 2.56 -28.27
N MET B 680 -2.41 -9.94 -23.85
CA MET B 680 -1.48 -10.07 -25.02
C MET B 680 -0.80 -8.70 -25.57
N GLY B 681 -0.36 -7.76 -24.68
CA GLY B 681 0.60 -6.66 -24.93
C GLY B 681 0.20 -5.37 -25.66
N LEU B 682 0.58 -4.18 -25.15
CA LEU B 682 0.05 -2.99 -25.77
C LEU B 682 0.77 -2.66 -27.08
N ALA B 683 1.96 -3.19 -27.33
CA ALA B 683 2.68 -2.79 -28.57
C ALA B 683 2.31 -3.55 -29.84
N CYS B 684 2.20 -2.82 -30.93
CA CYS B 684 2.21 -3.45 -32.24
C CYS B 684 2.98 -4.78 -32.33
N GLY B 685 4.27 -4.78 -31.99
CA GLY B 685 5.17 -5.93 -32.13
C GLY B 685 4.75 -7.17 -31.31
N GLN B 686 3.76 -7.06 -30.42
CA GLN B 686 3.49 -8.23 -29.58
C GLN B 686 2.36 -9.07 -30.19
N ASP B 687 1.79 -8.64 -31.31
CA ASP B 687 0.59 -9.27 -31.86
C ASP B 687 0.86 -9.63 -33.29
N PRO B 688 0.75 -10.93 -33.66
CA PRO B 688 1.06 -11.35 -35.03
C PRO B 688 0.21 -10.72 -36.09
N GLU B 689 -1.02 -10.30 -35.82
CA GLU B 689 -1.81 -9.75 -36.94
C GLU B 689 -1.45 -8.30 -37.21
N LEU B 690 -1.15 -7.55 -36.16
CA LEU B 690 -0.69 -6.18 -36.35
C LEU B 690 0.64 -6.14 -37.12
N VAL B 691 1.60 -7.07 -36.85
CA VAL B 691 2.87 -7.13 -37.55
C VAL B 691 2.65 -7.48 -39.04
N ARG B 692 1.89 -8.56 -39.29
CA ARG B 692 1.59 -8.84 -40.68
C ARG B 692 1.08 -7.60 -41.41
N ASN B 693 0.17 -6.84 -40.79
CA ASN B 693 -0.43 -5.68 -41.46
C ASN B 693 0.58 -4.59 -41.64
N ILE B 694 1.36 -4.28 -40.57
CA ILE B 694 2.31 -3.20 -40.78
C ILE B 694 3.29 -3.59 -41.86
N CYS B 695 3.79 -4.84 -41.86
CA CYS B 695 4.68 -5.27 -42.96
C CYS B 695 4.01 -5.25 -44.35
N ARG B 696 2.73 -5.59 -44.45
CA ARG B 696 2.02 -5.49 -45.72
C ARG B 696 1.97 -4.05 -46.26
N TRP B 697 1.57 -3.08 -45.41
CA TRP B 697 1.59 -1.65 -45.74
C TRP B 697 2.92 -1.20 -46.26
N VAL B 698 4.01 -1.56 -45.58
CA VAL B 698 5.29 -1.09 -46.07
C VAL B 698 5.69 -1.81 -47.35
N ARG B 699 5.54 -3.14 -47.41
CA ARG B 699 5.91 -3.86 -48.61
C ARG B 699 5.27 -3.24 -49.83
N GLN B 700 4.05 -2.76 -49.70
CA GLN B 700 3.41 -2.20 -50.88
C GLN B 700 3.75 -0.76 -51.11
N ALA B 701 4.55 -0.14 -50.27
CA ALA B 701 4.88 1.21 -50.61
C ALA B 701 6.28 1.43 -51.07
N VAL B 702 7.15 0.42 -50.98
CA VAL B 702 8.56 0.59 -51.27
C VAL B 702 9.11 -0.65 -51.97
N GLN B 703 10.20 -0.46 -52.77
CA GLN B 703 10.90 -1.60 -53.40
C GLN B 703 12.24 -1.94 -52.75
N ILE B 704 12.70 -1.24 -51.73
CA ILE B 704 13.93 -1.75 -51.13
C ILE B 704 13.59 -2.84 -50.12
N PRO B 705 14.55 -3.61 -49.65
CA PRO B 705 14.26 -4.60 -48.59
C PRO B 705 14.03 -3.88 -47.30
N PHE B 706 13.29 -4.52 -46.37
CA PHE B 706 13.06 -3.95 -45.04
C PHE B 706 13.01 -5.08 -44.06
N PHE B 707 13.34 -4.80 -42.81
CA PHE B 707 13.43 -5.81 -41.77
C PHE B 707 12.50 -5.48 -40.62
N ALA B 708 11.79 -6.47 -40.07
CA ALA B 708 10.98 -6.18 -38.88
C ALA B 708 11.83 -6.38 -37.61
N LYS B 709 11.87 -5.34 -36.76
CA LYS B 709 12.62 -5.47 -35.50
C LYS B 709 11.70 -6.09 -34.45
N LEU B 710 12.07 -7.25 -34.00
CA LEU B 710 11.19 -8.00 -33.10
C LEU B 710 11.51 -7.78 -31.60
N THR B 711 10.46 -7.89 -30.76
CA THR B 711 10.69 -7.67 -29.37
C THR B 711 10.84 -9.01 -28.71
N PRO B 712 11.76 -9.32 -27.80
CA PRO B 712 11.70 -10.64 -27.18
C PRO B 712 10.57 -10.77 -26.15
N ASN B 713 9.97 -9.69 -25.62
CA ASN B 713 8.81 -9.70 -24.70
C ASN B 713 7.56 -10.34 -25.29
N VAL B 714 7.66 -11.62 -25.59
CA VAL B 714 6.50 -12.31 -26.09
C VAL B 714 6.61 -13.77 -25.77
N THR B 715 5.43 -14.43 -25.92
CA THR B 715 5.36 -15.85 -25.68
C THR B 715 6.04 -16.63 -26.78
N ASP B 716 5.67 -16.43 -28.04
CA ASP B 716 6.40 -17.07 -29.18
C ASP B 716 6.89 -16.11 -30.24
N ILE B 717 8.19 -15.91 -30.22
CA ILE B 717 8.79 -14.95 -31.13
C ILE B 717 8.71 -15.44 -32.56
N VAL B 718 8.69 -16.77 -32.78
CA VAL B 718 8.58 -17.30 -34.15
C VAL B 718 7.31 -16.80 -34.85
N SER B 719 6.24 -16.67 -34.07
CA SER B 719 4.92 -16.42 -34.63
C SER B 719 4.86 -15.02 -35.12
N ILE B 720 5.59 -14.14 -34.44
CA ILE B 720 5.70 -12.75 -34.86
C ILE B 720 6.64 -12.63 -36.09
N ALA B 721 7.78 -13.36 -36.09
CA ALA B 721 8.67 -13.39 -37.24
C ALA B 721 7.97 -13.93 -38.50
N ARG B 722 7.31 -15.06 -38.33
CA ARG B 722 6.47 -15.59 -39.38
C ARG B 722 5.40 -14.53 -39.80
N ALA B 723 4.87 -13.76 -38.83
CA ALA B 723 3.90 -12.74 -39.23
C ALA B 723 4.58 -11.68 -40.12
N ALA B 724 5.81 -11.26 -39.78
CA ALA B 724 6.58 -10.38 -40.66
C ALA B 724 6.75 -10.99 -42.06
N LYS B 725 7.23 -12.24 -42.14
CA LYS B 725 7.54 -12.76 -43.48
C LYS B 725 6.24 -12.91 -44.26
N GLU B 726 5.11 -13.13 -43.57
CA GLU B 726 3.86 -13.30 -44.31
C GLU B 726 3.38 -11.98 -44.96
N GLY B 727 3.83 -10.80 -44.51
CA GLY B 727 3.32 -9.61 -45.12
C GLY B 727 4.48 -8.99 -45.79
N GLY B 728 5.47 -9.78 -46.15
CA GLY B 728 6.53 -9.33 -47.03
C GLY B 728 7.83 -8.83 -46.42
N ALA B 729 8.06 -9.01 -45.12
CA ALA B 729 9.39 -8.56 -44.63
C ALA B 729 10.50 -9.38 -45.30
N ASP B 730 11.61 -8.72 -45.58
CA ASP B 730 12.70 -9.41 -46.20
C ASP B 730 13.57 -10.11 -45.20
N GLY B 731 13.31 -9.95 -43.90
CA GLY B 731 14.03 -10.57 -42.83
C GLY B 731 13.54 -9.88 -41.55
N VAL B 732 14.14 -10.28 -40.39
CA VAL B 732 13.82 -9.75 -39.07
C VAL B 732 15.14 -9.50 -38.35
N THR B 733 15.12 -8.45 -37.52
CA THR B 733 16.17 -8.11 -36.58
C THR B 733 15.75 -8.75 -35.25
N ALA B 734 16.59 -9.63 -34.66
CA ALA B 734 16.26 -10.22 -33.39
C ALA B 734 17.41 -9.95 -32.45
N THR B 735 17.18 -9.20 -31.35
CA THR B 735 15.92 -8.67 -30.80
C THR B 735 15.97 -7.27 -30.13
N ASN B 736 14.81 -6.63 -29.91
CA ASN B 736 14.87 -5.35 -29.21
C ASN B 736 15.28 -5.64 -27.70
N THR B 737 15.26 -4.61 -26.81
CA THR B 737 15.73 -4.86 -25.46
C THR B 737 14.65 -5.66 -24.67
N VAL B 738 15.03 -6.12 -23.39
CA VAL B 738 14.09 -6.94 -22.56
C VAL B 738 13.40 -6.02 -21.56
N SER B 739 12.11 -6.22 -21.44
CA SER B 739 11.37 -5.36 -20.55
C SER B 739 11.83 -5.61 -19.14
N GLY B 740 12.08 -4.55 -18.36
CA GLY B 740 12.59 -4.83 -17.02
C GLY B 740 12.73 -3.62 -16.14
N LEU B 741 13.31 -3.80 -14.99
CA LEU B 741 13.46 -2.65 -14.07
C LEU B 741 14.78 -2.82 -13.33
N MET B 742 15.61 -1.80 -13.20
CA MET B 742 16.95 -2.17 -12.86
C MET B 742 17.15 -2.21 -11.36
N GLY B 743 16.16 -1.92 -10.54
CA GLY B 743 16.44 -1.91 -9.10
C GLY B 743 16.04 -0.60 -8.46
N LEU B 744 16.15 -0.59 -7.11
CA LEU B 744 15.67 0.52 -6.27
C LEU B 744 16.72 0.82 -5.24
N LYS B 745 16.73 2.10 -4.78
CA LYS B 745 17.60 2.41 -3.65
C LYS B 745 17.05 1.81 -2.33
N ALA B 746 17.87 1.77 -1.30
CA ALA B 746 17.37 1.14 -0.09
C ALA B 746 16.15 1.89 0.51
N ASP B 747 15.97 3.15 0.18
CA ASP B 747 14.79 3.80 0.65
C ASP B 747 13.60 3.51 -0.28
N GLY B 748 13.63 2.58 -1.25
CA GLY B 748 12.42 2.37 -2.02
C GLY B 748 12.30 3.26 -3.24
N THR B 749 13.10 4.31 -3.37
CA THR B 749 13.09 5.10 -4.63
C THR B 749 13.83 4.37 -5.79
N PRO B 750 13.37 4.60 -7.01
CA PRO B 750 13.90 3.92 -8.19
C PRO B 750 15.16 4.52 -8.83
N TRP B 751 15.79 3.71 -9.77
CA TRP B 751 16.77 4.33 -10.62
C TRP B 751 16.69 3.72 -12.01
N PRO B 752 16.42 4.53 -13.05
CA PRO B 752 16.30 6.00 -13.05
C PRO B 752 15.08 6.50 -12.29
N ALA B 753 15.30 7.76 -11.91
CA ALA B 753 14.35 8.46 -11.11
C ALA B 753 14.24 9.83 -11.73
N VAL B 754 13.05 10.19 -12.22
CA VAL B 754 12.87 11.41 -12.99
C VAL B 754 12.14 12.39 -12.11
N GLY B 755 12.63 13.67 -12.08
CA GLY B 755 11.94 14.84 -11.51
C GLY B 755 11.83 14.83 -9.98
N ALA B 756 11.05 15.82 -9.47
CA ALA B 756 10.95 16.02 -8.01
C ALA B 756 10.35 14.83 -7.27
N GLY B 757 9.41 14.05 -7.94
CA GLY B 757 8.68 12.86 -7.50
C GLY B 757 9.44 11.58 -7.59
N LYS B 758 10.70 11.67 -8.02
CA LYS B 758 11.48 10.52 -8.44
C LYS B 758 10.65 9.36 -9.00
N ARG B 759 9.91 9.56 -10.07
CA ARG B 759 9.13 8.51 -10.72
C ARG B 759 10.00 7.73 -11.71
N THR B 760 9.56 6.54 -12.05
CA THR B 760 10.20 5.82 -13.12
C THR B 760 9.13 5.04 -13.92
N THR B 761 9.53 4.42 -15.01
CA THR B 761 8.57 3.53 -15.65
C THR B 761 9.35 2.29 -16.05
N TYR B 762 8.70 1.24 -16.54
CA TYR B 762 9.47 0.07 -16.94
C TYR B 762 10.37 0.45 -18.05
N GLY B 763 11.57 -0.17 -18.11
CA GLY B 763 12.53 0.13 -19.19
C GLY B 763 13.00 -1.06 -20.05
N GLY B 764 14.01 -0.91 -20.85
CA GLY B 764 14.48 -2.03 -21.67
C GLY B 764 15.89 -2.37 -21.25
N VAL B 765 16.19 -3.71 -21.15
CA VAL B 765 17.53 -4.08 -20.73
C VAL B 765 18.30 -4.46 -21.97
N SER B 766 19.63 -4.19 -21.95
CA SER B 766 20.53 -4.41 -23.07
C SER B 766 21.84 -5.00 -22.53
N GLY B 767 22.72 -5.50 -23.45
CA GLY B 767 24.07 -5.91 -23.08
C GLY B 767 24.16 -7.41 -22.86
N THR B 768 25.34 -7.85 -22.40
CA THR B 768 25.59 -9.30 -22.37
C THR B 768 24.64 -10.08 -21.39
N ALA B 769 24.08 -9.42 -20.36
CA ALA B 769 22.91 -10.03 -19.66
C ALA B 769 21.80 -10.59 -20.57
N ILE B 770 21.47 -9.99 -21.72
CA ILE B 770 20.32 -10.58 -22.46
C ILE B 770 20.78 -11.54 -23.64
N ARG B 771 22.06 -11.73 -23.81
CA ARG B 771 22.51 -12.64 -24.85
C ARG B 771 21.83 -14.01 -24.78
N PRO B 772 21.74 -14.72 -23.60
CA PRO B 772 21.04 -16.01 -23.69
C PRO B 772 19.71 -15.77 -24.35
N ILE B 773 19.11 -14.58 -24.13
CA ILE B 773 17.71 -14.49 -24.56
C ILE B 773 17.69 -14.31 -26.06
N ALA B 774 18.65 -13.51 -26.59
CA ALA B 774 18.64 -13.17 -28.01
C ALA B 774 19.14 -14.35 -28.83
N LEU B 775 20.15 -15.03 -28.34
CA LEU B 775 20.58 -16.26 -28.98
C LEU B 775 19.50 -17.25 -29.10
N ARG B 776 18.69 -17.40 -28.09
CA ARG B 776 17.61 -18.35 -28.25
C ARG B 776 16.62 -17.84 -29.31
N ALA B 777 16.34 -16.51 -29.30
CA ALA B 777 15.41 -16.03 -30.31
C ALA B 777 15.97 -16.36 -31.69
N VAL B 778 17.26 -16.08 -31.89
CA VAL B 778 17.84 -16.19 -33.23
C VAL B 778 17.84 -17.66 -33.67
N THR B 779 18.32 -18.58 -32.81
CA THR B 779 18.27 -20.01 -33.20
C THR B 779 16.84 -20.53 -33.41
N THR B 780 15.86 -20.05 -32.62
CA THR B 780 14.42 -20.37 -32.86
C THR B 780 13.93 -19.94 -34.27
N ILE B 781 14.04 -18.63 -34.63
CA ILE B 781 13.56 -18.17 -35.95
C ILE B 781 14.30 -18.94 -37.02
N ALA B 782 15.62 -19.12 -36.83
CA ALA B 782 16.47 -19.80 -37.82
C ALA B 782 16.07 -21.27 -38.11
N ARG B 783 15.57 -22.03 -37.13
CA ARG B 783 15.13 -23.42 -37.38
C ARG B 783 13.73 -23.42 -37.95
N ALA B 784 12.89 -22.49 -37.48
CA ALA B 784 11.50 -22.46 -37.92
C ALA B 784 11.36 -21.88 -39.30
N LEU B 785 12.16 -20.88 -39.68
CA LEU B 785 11.99 -20.22 -40.98
C LEU B 785 13.37 -20.25 -41.67
N PRO B 786 13.81 -21.46 -42.10
CA PRO B 786 15.15 -21.62 -42.69
C PRO B 786 15.50 -20.66 -43.84
N GLY B 787 16.68 -20.07 -43.77
CA GLY B 787 16.92 -19.10 -44.79
C GLY B 787 16.22 -17.73 -44.64
N PHE B 788 15.30 -17.52 -43.68
CA PHE B 788 14.79 -16.16 -43.54
C PHE B 788 15.92 -15.29 -42.95
N PRO B 789 16.24 -14.14 -43.54
CA PRO B 789 17.47 -13.45 -43.07
C PRO B 789 17.28 -12.82 -41.71
N ILE B 790 18.30 -12.92 -40.84
CA ILE B 790 18.18 -12.39 -39.49
C ILE B 790 19.30 -11.40 -39.29
N LEU B 791 18.99 -10.24 -38.68
CA LEU B 791 20.02 -9.37 -38.09
C LEU B 791 19.98 -9.67 -36.60
N ALA B 792 21.14 -9.91 -35.99
CA ALA B 792 21.14 -10.32 -34.59
C ALA B 792 21.50 -9.10 -33.80
N THR B 793 20.78 -8.90 -32.71
CA THR B 793 21.12 -7.81 -31.77
C THR B 793 20.87 -8.38 -30.37
N GLY B 794 21.76 -8.11 -29.43
CA GLY B 794 21.54 -8.48 -28.04
C GLY B 794 22.78 -9.07 -27.41
N GLY B 795 23.69 -8.22 -26.92
CA GLY B 795 24.81 -8.65 -26.17
C GLY B 795 26.01 -9.05 -26.99
N ILE B 796 26.20 -8.48 -28.17
CA ILE B 796 27.39 -8.79 -28.97
C ILE B 796 28.48 -7.83 -28.55
N ASP B 797 29.60 -8.34 -28.01
CA ASP B 797 30.64 -7.40 -27.60
C ASP B 797 32.04 -7.84 -28.01
N SER B 798 32.20 -8.80 -28.97
CA SER B 798 33.49 -9.33 -29.49
C SER B 798 33.21 -10.19 -30.73
N ALA B 799 34.28 -10.45 -31.50
CA ALA B 799 34.13 -11.34 -32.66
C ALA B 799 33.63 -12.67 -32.16
N GLU B 800 34.20 -13.14 -31.06
CA GLU B 800 33.83 -14.43 -30.54
C GLU B 800 32.28 -14.54 -30.33
N SER B 801 31.68 -13.72 -29.44
CA SER B 801 30.21 -13.76 -29.29
C SER B 801 29.58 -13.51 -30.63
N GLY B 802 30.26 -12.74 -31.44
CA GLY B 802 29.66 -12.46 -32.77
C GLY B 802 29.49 -13.74 -33.59
N LEU B 803 30.53 -14.62 -33.56
CA LEU B 803 30.49 -15.90 -34.25
C LEU B 803 29.43 -16.76 -33.65
N GLN B 804 29.01 -16.44 -32.41
CA GLN B 804 27.99 -17.29 -31.85
C GLN B 804 26.70 -17.05 -32.57
N PHE B 805 26.37 -15.79 -32.83
CA PHE B 805 25.15 -15.44 -33.55
C PHE B 805 25.13 -15.97 -35.04
N LEU B 806 26.20 -15.74 -35.80
CA LEU B 806 26.39 -16.37 -37.11
C LEU B 806 26.15 -17.90 -37.07
N HIS B 807 26.86 -18.62 -36.18
CA HIS B 807 26.54 -20.04 -35.99
C HIS B 807 25.06 -20.26 -35.71
N SER B 808 24.42 -19.37 -34.88
CA SER B 808 23.00 -19.54 -34.60
C SER B 808 22.06 -19.22 -35.77
N GLY B 809 22.53 -18.71 -36.91
CA GLY B 809 21.62 -18.41 -37.99
C GLY B 809 21.63 -16.95 -38.51
N ALA B 810 22.21 -15.96 -37.78
CA ALA B 810 22.26 -14.58 -38.21
C ALA B 810 23.15 -14.41 -39.47
N SER B 811 22.88 -13.44 -40.30
CA SER B 811 23.93 -12.98 -41.25
C SER B 811 24.77 -11.75 -40.81
N VAL B 812 24.24 -10.87 -40.01
CA VAL B 812 24.96 -9.64 -39.72
C VAL B 812 24.58 -9.30 -38.30
N LEU B 813 25.36 -8.37 -37.71
CA LEU B 813 25.42 -8.32 -36.24
C LEU B 813 25.24 -6.89 -35.74
N GLN B 814 24.24 -6.64 -34.87
CA GLN B 814 24.05 -5.26 -34.39
C GLN B 814 24.66 -5.09 -33.03
N VAL B 815 25.24 -3.92 -32.79
CA VAL B 815 25.94 -3.61 -31.57
C VAL B 815 25.43 -2.29 -31.05
N CYS B 816 25.14 -2.25 -29.74
CA CYS B 816 24.93 -0.96 -29.08
C CYS B 816 25.75 -0.85 -27.80
N SER B 817 25.41 -1.73 -26.80
CA SER B 817 25.98 -1.67 -25.45
C SER B 817 27.48 -1.76 -25.44
N ALA B 818 28.06 -2.56 -26.35
CA ALA B 818 29.50 -2.63 -26.29
C ALA B 818 30.13 -1.31 -26.72
N VAL B 819 29.47 -0.50 -27.55
CA VAL B 819 30.07 0.80 -27.89
C VAL B 819 29.80 1.82 -26.71
N GLN B 820 28.62 1.79 -26.10
CA GLN B 820 28.36 2.62 -24.91
C GLN B 820 29.38 2.33 -23.83
N ASN B 821 29.89 1.07 -23.71
CA ASN B 821 30.95 0.67 -22.79
C ASN B 821 32.31 1.10 -23.26
N GLN B 822 32.45 1.58 -24.48
CA GLN B 822 33.80 1.81 -24.87
C GLN B 822 33.80 2.98 -25.88
N ASP B 823 33.93 2.70 -27.21
CA ASP B 823 33.83 3.70 -28.29
C ASP B 823 33.91 3.04 -29.72
N PHE B 824 33.79 3.85 -30.77
CA PHE B 824 33.65 3.20 -32.07
C PHE B 824 34.84 2.35 -32.39
N THR B 825 35.96 2.62 -31.79
CA THR B 825 37.04 1.89 -32.39
C THR B 825 37.04 0.39 -31.99
N VAL B 826 36.13 -0.16 -31.13
CA VAL B 826 36.10 -1.62 -31.03
C VAL B 826 36.00 -2.38 -32.38
N ILE B 827 35.39 -1.77 -33.39
CA ILE B 827 35.27 -2.40 -34.69
C ILE B 827 36.61 -3.00 -35.09
N GLN B 828 37.74 -2.32 -34.80
CA GLN B 828 38.98 -2.93 -35.33
C GLN B 828 39.19 -4.27 -34.64
N ASP B 829 38.80 -4.38 -33.36
CA ASP B 829 38.99 -5.64 -32.68
C ASP B 829 38.09 -6.69 -33.39
N TYR B 830 36.85 -6.28 -33.68
CA TYR B 830 35.88 -7.22 -34.13
C TYR B 830 36.38 -7.80 -35.44
N CYS B 831 36.91 -6.92 -36.32
CA CYS B 831 37.38 -7.41 -37.61
C CYS B 831 38.63 -8.26 -37.48
N THR B 832 39.57 -7.91 -36.59
CA THR B 832 40.77 -8.77 -36.64
C THR B 832 40.45 -10.09 -35.94
N GLY B 833 39.64 -10.01 -34.82
CA GLY B 833 39.04 -11.15 -34.11
C GLY B 833 38.43 -12.11 -35.16
N LEU B 834 37.57 -11.60 -36.07
CA LEU B 834 36.82 -12.58 -36.83
C LEU B 834 37.67 -13.15 -37.96
N LYS B 835 38.56 -12.35 -38.58
CA LYS B 835 39.56 -12.97 -39.44
C LYS B 835 40.39 -14.03 -38.66
N ALA B 836 40.90 -13.69 -37.45
CA ALA B 836 41.70 -14.68 -36.78
C ALA B 836 40.86 -15.95 -36.61
N LEU B 837 39.53 -15.81 -36.27
CA LEU B 837 38.76 -17.00 -35.91
C LEU B 837 38.55 -17.91 -37.15
N LEU B 838 38.23 -17.29 -38.30
CA LEU B 838 38.06 -18.09 -39.51
C LEU B 838 39.40 -18.71 -39.92
N TYR B 839 40.47 -17.94 -39.88
CA TYR B 839 41.74 -18.50 -40.42
C TYR B 839 42.17 -19.73 -39.68
N LEU B 840 41.88 -19.75 -38.40
CA LEU B 840 42.38 -20.77 -37.51
C LEU B 840 41.68 -22.06 -37.77
N LYS B 841 40.45 -22.04 -38.30
CA LYS B 841 39.78 -23.25 -38.71
C LYS B 841 40.52 -23.99 -39.81
N SER B 842 41.52 -23.39 -40.46
CA SER B 842 42.17 -24.09 -41.53
C SER B 842 43.48 -24.65 -41.07
N ILE B 843 43.91 -24.32 -39.87
CA ILE B 843 45.16 -24.79 -39.37
C ILE B 843 44.87 -26.07 -38.60
N GLU B 844 45.04 -27.19 -39.27
CA GLU B 844 44.81 -28.47 -38.64
C GLU B 844 45.71 -28.70 -37.42
N GLU B 845 46.94 -28.23 -37.39
CA GLU B 845 47.71 -28.42 -36.18
C GLU B 845 47.09 -27.76 -34.93
N LEU B 846 46.08 -26.85 -35.05
CA LEU B 846 45.45 -26.18 -33.94
C LEU B 846 44.02 -26.68 -33.65
N GLN B 847 43.64 -27.92 -34.01
CA GLN B 847 42.22 -28.29 -33.90
C GLN B 847 41.74 -28.36 -32.46
N GLY B 848 42.66 -28.53 -31.53
CA GLY B 848 42.41 -28.54 -30.09
C GLY B 848 42.19 -27.18 -29.48
N TRP B 849 42.61 -26.12 -30.16
CA TRP B 849 42.22 -24.83 -29.66
C TRP B 849 40.69 -24.70 -29.65
N ASP B 850 40.17 -23.91 -28.71
CA ASP B 850 38.78 -23.50 -28.78
C ASP B 850 38.87 -22.07 -29.28
N GLY B 851 38.78 -21.93 -30.60
CA GLY B 851 38.91 -20.60 -31.18
C GLY B 851 40.31 -20.05 -30.92
N GLN B 852 40.45 -18.79 -30.43
CA GLN B 852 41.84 -18.38 -30.16
C GLN B 852 42.34 -18.77 -28.81
N SER B 853 41.65 -19.74 -28.11
CA SER B 853 42.36 -20.06 -26.86
C SER B 853 43.02 -21.45 -26.93
N PRO B 854 44.24 -21.63 -26.40
CA PRO B 854 44.94 -22.94 -26.51
C PRO B 854 44.50 -23.92 -25.46
N GLY B 855 44.43 -25.19 -25.81
CA GLY B 855 44.20 -26.14 -24.71
C GLY B 855 45.08 -25.99 -23.46
N THR B 856 44.44 -25.96 -22.24
CA THR B 856 45.19 -25.64 -21.01
C THR B 856 46.21 -26.74 -20.72
N GLU B 857 47.32 -26.32 -20.10
CA GLU B 857 48.36 -27.10 -19.41
C GLU B 857 48.15 -26.95 -17.90
N SER B 858 49.05 -27.54 -17.13
CA SER B 858 48.92 -27.50 -15.68
C SER B 858 49.58 -26.22 -15.19
N HIS B 859 48.75 -25.22 -14.88
CA HIS B 859 49.13 -23.85 -14.51
C HIS B 859 49.28 -23.78 -13.01
N GLN B 860 50.22 -22.95 -12.55
CA GLN B 860 50.19 -22.45 -11.19
C GLN B 860 50.79 -21.05 -11.31
N LYS B 861 49.89 -20.04 -11.35
CA LYS B 861 50.22 -18.66 -11.76
C LYS B 861 50.79 -18.60 -13.18
N GLY B 862 50.14 -19.33 -14.09
CA GLY B 862 50.49 -19.33 -15.51
C GLY B 862 51.83 -19.94 -15.84
N LYS B 863 52.29 -20.87 -15.01
CA LYS B 863 53.59 -21.47 -15.19
C LYS B 863 53.42 -22.98 -15.41
N PRO B 864 54.12 -23.61 -16.46
CA PRO B 864 54.20 -25.08 -16.54
C PRO B 864 54.27 -25.69 -15.14
N VAL B 865 53.43 -26.67 -14.79
CA VAL B 865 53.51 -27.29 -13.45
C VAL B 865 54.04 -28.73 -13.58
N PRO B 866 54.96 -29.16 -12.67
CA PRO B 866 55.65 -30.46 -12.81
C PRO B 866 54.79 -31.72 -13.08
N ARG B 867 55.41 -32.60 -13.90
CA ARG B 867 54.86 -33.80 -14.54
C ARG B 867 55.79 -35.01 -14.25
N ILE B 868 56.39 -35.03 -13.04
CA ILE B 868 57.39 -35.96 -12.51
C ILE B 868 56.68 -37.28 -12.14
N ALA B 869 57.34 -38.24 -11.47
CA ALA B 869 56.90 -39.64 -11.41
C ALA B 869 56.18 -40.05 -10.12
N GLU B 870 56.87 -39.97 -8.99
CA GLU B 870 56.22 -40.20 -7.71
C GLU B 870 55.34 -39.01 -7.31
N LEU B 871 55.62 -37.81 -7.90
CA LEU B 871 54.94 -36.52 -7.59
C LEU B 871 53.51 -36.53 -8.07
N MET B 872 53.27 -36.90 -9.33
CA MET B 872 52.02 -37.61 -9.62
C MET B 872 52.19 -39.04 -9.10
N GLY B 873 51.91 -39.16 -7.80
CA GLY B 873 51.61 -40.40 -7.09
C GLY B 873 50.67 -40.11 -5.91
N LYS B 874 51.20 -39.50 -4.85
CA LYS B 874 50.44 -39.44 -3.62
C LYS B 874 50.21 -37.99 -3.14
N LYS B 875 49.49 -37.19 -3.94
CA LYS B 875 48.76 -35.95 -3.60
C LYS B 875 49.47 -34.97 -2.64
N LEU B 876 49.93 -33.84 -3.16
CA LEU B 876 50.72 -32.82 -2.46
C LEU B 876 50.33 -31.43 -2.91
N PRO B 877 49.73 -30.62 -2.12
CA PRO B 877 49.33 -29.33 -2.69
C PRO B 877 50.43 -28.30 -2.47
N ASN B 878 50.13 -27.06 -2.88
CA ASN B 878 51.14 -25.97 -2.86
C ASN B 878 51.17 -25.06 -1.62
N PHE B 879 51.18 -25.56 -0.39
CA PHE B 879 51.31 -24.70 0.77
C PHE B 879 51.96 -25.57 1.82
N GLY B 880 52.31 -24.90 2.94
CA GLY B 880 52.80 -25.55 4.15
C GLY B 880 53.86 -26.59 3.88
N PRO B 881 53.93 -27.66 4.71
CA PRO B 881 55.04 -28.62 4.51
C PRO B 881 54.94 -29.39 3.19
N TYR B 882 53.77 -29.47 2.57
CA TYR B 882 53.76 -30.04 1.23
C TYR B 882 54.47 -29.14 0.19
N LEU B 883 54.38 -27.81 0.32
CA LEU B 883 55.04 -26.96 -0.69
C LEU B 883 56.55 -27.18 -0.65
N GLU B 884 57.09 -27.29 0.57
CA GLU B 884 58.51 -27.55 0.79
C GLU B 884 58.88 -28.91 0.23
N GLN B 885 58.01 -29.91 0.30
CA GLN B 885 58.43 -31.19 -0.21
C GLN B 885 58.35 -31.32 -1.73
N ARG B 886 57.64 -30.42 -2.44
CA ARG B 886 57.72 -30.34 -3.90
C ARG B 886 58.96 -29.54 -4.29
N LYS B 887 59.19 -28.42 -3.59
CA LYS B 887 60.38 -27.58 -3.76
C LYS B 887 61.66 -28.43 -3.65
N LYS B 888 61.57 -29.58 -2.97
CA LYS B 888 62.65 -30.55 -2.83
C LYS B 888 62.66 -31.57 -3.96
N ILE B 889 61.49 -32.04 -4.42
CA ILE B 889 61.48 -32.80 -5.67
C ILE B 889 61.61 -31.87 -6.88
N ILE B 890 61.81 -30.57 -6.64
CA ILE B 890 62.13 -29.60 -7.70
C ILE B 890 63.56 -29.02 -7.54
N ALA B 891 64.30 -29.48 -6.53
CA ALA B 891 65.77 -29.42 -6.46
C ALA B 891 66.47 -30.75 -6.76
N GLU B 892 65.74 -31.84 -7.02
CA GLU B 892 66.26 -33.17 -7.44
C GLU B 892 66.26 -33.33 -8.96
N GLU B 893 65.13 -33.02 -9.62
CA GLU B 893 65.10 -33.04 -11.09
C GLU B 893 66.15 -32.07 -11.68
N LYS B 894 66.16 -30.78 -11.21
CA LYS B 894 67.07 -29.68 -11.62
C LYS B 894 68.51 -29.91 -11.17
N MET B 895 68.72 -30.92 -10.36
CA MET B 895 70.02 -31.50 -10.16
C MET B 895 69.92 -32.97 -10.59
N ARG B 896 69.23 -33.20 -11.71
CA ARG B 896 69.36 -34.44 -12.46
C ARG B 896 69.87 -34.17 -13.88
N LEU B 897 70.38 -32.95 -14.15
CA LEU B 897 70.94 -32.57 -15.44
C LEU B 897 72.09 -31.56 -15.21
N LYS B 898 73.03 -31.90 -14.31
CA LYS B 898 74.29 -31.14 -14.12
C LYS B 898 75.64 -31.97 -14.21
N GLU B 908 62.03 -26.31 -34.84
CA GLU B 908 61.64 -25.01 -34.30
C GLU B 908 60.82 -24.28 -35.40
N ARG B 909 60.45 -23.02 -35.17
CA ARG B 909 59.37 -22.42 -35.94
C ARG B 909 59.53 -22.69 -37.45
N LYS B 910 58.82 -23.77 -37.91
CA LYS B 910 58.33 -23.94 -39.27
C LYS B 910 56.87 -23.46 -39.36
N PRO B 911 56.52 -22.44 -40.15
CA PRO B 911 55.17 -21.86 -39.99
C PRO B 911 54.03 -22.81 -40.36
N PHE B 912 52.89 -22.73 -39.65
CA PHE B 912 51.83 -23.69 -40.05
C PHE B 912 51.21 -23.24 -41.39
N ILE B 913 50.83 -24.18 -42.21
CA ILE B 913 50.14 -23.80 -43.45
C ILE B 913 48.67 -24.15 -43.36
N PRO B 914 47.71 -23.27 -43.85
CA PRO B 914 46.31 -23.75 -44.06
C PRO B 914 46.27 -25.04 -44.87
N LYS B 915 45.60 -26.11 -44.37
CA LYS B 915 45.38 -27.36 -45.10
C LYS B 915 43.92 -27.54 -45.53
N LYS B 916 43.10 -26.56 -45.26
CA LYS B 916 41.71 -26.69 -45.65
C LYS B 916 41.32 -25.29 -46.00
N PRO B 917 40.26 -25.11 -46.76
CA PRO B 917 39.99 -23.74 -47.21
C PRO B 917 39.48 -22.95 -46.00
N ILE B 918 39.77 -21.63 -46.03
CA ILE B 918 39.35 -20.65 -45.01
C ILE B 918 37.87 -20.30 -45.17
N PRO B 919 36.99 -20.77 -44.26
CA PRO B 919 35.56 -20.50 -44.41
C PRO B 919 35.29 -19.03 -44.80
N ALA B 920 34.36 -18.78 -45.70
CA ALA B 920 33.59 -17.54 -45.62
C ALA B 920 32.51 -17.58 -44.47
N ILE B 921 32.08 -16.35 -44.08
CA ILE B 921 30.86 -16.13 -43.30
C ILE B 921 29.74 -17.05 -43.80
N LYS B 922 29.41 -16.99 -45.11
CA LYS B 922 28.36 -17.85 -45.65
C LYS B 922 28.59 -19.32 -45.32
N ASP B 923 29.85 -19.76 -45.00
CA ASP B 923 30.09 -21.16 -44.76
C ASP B 923 29.85 -21.52 -43.31
N VAL B 924 29.78 -20.51 -42.39
CA VAL B 924 29.53 -20.79 -40.96
C VAL B 924 28.10 -20.40 -40.52
N ILE B 925 27.34 -19.65 -41.32
CA ILE B 925 25.97 -19.36 -40.90
C ILE B 925 25.16 -20.65 -40.49
N GLY B 926 24.51 -20.55 -39.31
CA GLY B 926 23.63 -21.60 -38.89
C GLY B 926 24.26 -22.97 -38.69
N LYS B 927 25.61 -23.15 -38.66
CA LYS B 927 26.02 -24.54 -38.36
C LYS B 927 25.66 -25.03 -36.95
N ALA B 928 25.35 -24.16 -36.01
CA ALA B 928 25.02 -24.70 -34.70
C ALA B 928 23.65 -25.37 -34.68
N LEU B 929 22.80 -25.10 -35.68
CA LEU B 929 21.48 -25.71 -35.61
C LEU B 929 21.51 -27.27 -35.50
N GLN B 930 22.51 -27.95 -36.12
CA GLN B 930 22.47 -29.39 -36.10
C GLN B 930 22.64 -29.97 -34.68
N TYR B 931 23.11 -29.20 -33.70
CA TYR B 931 23.13 -29.71 -32.34
C TYR B 931 21.90 -29.41 -31.53
N LEU B 932 21.05 -28.50 -31.97
CA LEU B 932 19.95 -28.08 -31.12
C LEU B 932 18.74 -28.96 -31.33
N GLY B 933 17.97 -29.25 -30.31
CA GLY B 933 16.80 -30.06 -30.53
C GLY B 933 15.95 -30.13 -29.27
N THR B 934 15.02 -31.11 -29.22
CA THR B 934 14.14 -31.24 -28.07
C THR B 934 14.94 -31.89 -26.93
N PHE B 935 14.37 -31.77 -25.69
CA PHE B 935 14.89 -32.54 -24.55
C PHE B 935 14.86 -34.04 -24.83
N GLY B 936 13.84 -34.49 -25.58
CA GLY B 936 13.72 -35.85 -25.99
C GLY B 936 14.83 -36.31 -26.89
N GLU B 937 15.58 -35.39 -27.48
CA GLU B 937 16.61 -35.84 -28.40
C GLU B 937 17.93 -36.04 -27.72
N LEU B 938 18.10 -35.51 -26.53
CA LEU B 938 19.31 -35.68 -25.73
C LEU B 938 19.42 -37.11 -25.21
N SER B 939 20.62 -37.64 -25.23
CA SER B 939 20.81 -39.00 -24.79
C SER B 939 20.87 -39.08 -23.29
N ASN B 940 20.06 -39.95 -22.63
CA ASN B 940 20.31 -40.11 -21.21
C ASN B 940 21.10 -41.37 -20.90
N ILE B 941 21.53 -42.10 -21.96
CA ILE B 941 22.44 -43.25 -21.87
C ILE B 941 23.86 -42.79 -21.60
N GLU B 942 24.30 -41.71 -22.23
CA GLU B 942 25.70 -41.31 -22.04
C GLU B 942 25.87 -40.29 -20.90
N GLN B 943 26.01 -40.76 -19.68
CA GLN B 943 26.12 -39.91 -18.52
C GLN B 943 27.61 -39.48 -18.26
N VAL B 944 27.81 -38.33 -17.57
CA VAL B 944 29.20 -37.93 -17.28
C VAL B 944 29.49 -37.82 -15.74
N VAL B 945 30.76 -37.67 -15.36
CA VAL B 945 31.05 -37.50 -13.92
C VAL B 945 32.09 -36.44 -13.90
N ALA B 946 32.21 -35.75 -12.77
CA ALA B 946 33.29 -34.77 -12.66
C ALA B 946 34.61 -35.42 -12.26
N VAL B 947 35.69 -35.07 -12.93
CA VAL B 947 37.01 -35.50 -12.49
C VAL B 947 37.80 -34.24 -12.28
N ILE B 948 38.57 -34.14 -11.18
CA ILE B 948 39.39 -32.97 -10.79
C ILE B 948 40.92 -33.13 -10.93
N ASP B 949 41.65 -32.16 -11.53
CA ASP B 949 43.13 -32.18 -11.63
C ASP B 949 43.81 -31.51 -10.41
N GLU B 950 44.39 -32.33 -9.54
CA GLU B 950 44.91 -31.79 -8.30
C GLU B 950 46.09 -30.86 -8.52
N GLU B 951 46.76 -30.93 -9.65
CA GLU B 951 47.85 -30.00 -9.95
C GLU B 951 47.34 -28.56 -10.19
N MET B 952 46.18 -28.41 -10.84
CA MET B 952 45.68 -27.04 -11.10
C MET B 952 44.87 -26.48 -9.93
N CYS B 953 44.52 -27.35 -8.96
CA CYS B 953 43.55 -27.02 -7.91
C CYS B 953 44.14 -25.95 -7.00
N ILE B 954 43.35 -25.00 -6.52
CA ILE B 954 43.93 -24.11 -5.52
C ILE B 954 43.21 -24.22 -4.16
N ASN B 955 42.56 -25.36 -3.87
CA ASN B 955 42.22 -25.69 -2.49
C ASN B 955 41.09 -24.85 -1.87
N CYS B 956 40.20 -24.29 -2.71
CA CYS B 956 39.16 -23.40 -2.19
C CYS B 956 37.99 -24.13 -1.52
N GLY B 957 37.68 -25.33 -1.87
CA GLY B 957 36.47 -25.87 -1.28
C GLY B 957 35.19 -25.57 -2.05
N LYS B 958 35.20 -24.70 -3.12
CA LYS B 958 33.90 -24.29 -3.70
C LYS B 958 33.14 -25.47 -4.38
N CYS B 959 33.88 -26.32 -5.18
CA CYS B 959 33.25 -27.51 -5.76
C CYS B 959 32.57 -28.33 -4.68
N TYR B 960 33.20 -28.40 -3.52
CA TYR B 960 32.76 -29.19 -2.38
C TYR B 960 31.48 -28.61 -1.81
N MET B 961 31.52 -27.30 -1.51
CA MET B 961 30.40 -26.65 -0.86
C MET B 961 29.22 -26.71 -1.81
N THR B 962 29.47 -26.51 -3.10
CA THR B 962 28.36 -26.47 -4.08
C THR B 962 27.77 -27.87 -4.27
N CYS B 963 28.60 -28.96 -4.18
CA CYS B 963 28.00 -30.30 -4.18
C CYS B 963 27.28 -30.56 -2.86
N ASN B 964 27.83 -29.97 -1.77
CA ASN B 964 27.24 -30.21 -0.45
C ASN B 964 25.85 -29.57 -0.34
N ASP B 965 25.71 -28.24 -0.70
CA ASP B 965 24.41 -27.61 -0.52
C ASP B 965 23.61 -27.39 -1.83
N SER B 966 24.06 -27.94 -3.02
CA SER B 966 23.28 -27.76 -4.24
C SER B 966 23.40 -28.99 -5.10
N GLY B 967 23.86 -30.10 -4.49
CA GLY B 967 24.25 -31.27 -5.23
C GLY B 967 23.98 -32.58 -4.58
N TYR B 968 25.03 -33.49 -4.44
CA TYR B 968 24.83 -34.91 -4.11
C TYR B 968 25.83 -35.34 -3.06
N GLN B 969 26.49 -34.40 -2.37
CA GLN B 969 27.41 -34.75 -1.30
C GLN B 969 28.42 -35.73 -1.89
N ALA B 970 28.89 -35.40 -3.08
CA ALA B 970 29.64 -36.37 -3.85
C ALA B 970 31.13 -36.03 -3.95
N ILE B 971 31.63 -35.01 -3.20
CA ILE B 971 33.06 -34.68 -3.20
C ILE B 971 33.72 -34.85 -1.82
N GLN B 972 34.89 -35.44 -1.72
CA GLN B 972 35.51 -35.52 -0.41
C GLN B 972 36.54 -34.43 -0.37
N PHE B 973 36.55 -33.61 0.73
CA PHE B 973 37.53 -32.56 0.95
C PHE B 973 38.51 -33.01 2.00
N ASP B 974 39.71 -33.28 1.64
CA ASP B 974 40.65 -33.80 2.65
C ASP B 974 41.01 -32.76 3.71
N PRO B 975 40.84 -33.06 4.99
CA PRO B 975 41.21 -32.08 6.03
C PRO B 975 42.65 -31.61 6.01
N GLU B 976 43.65 -32.49 5.74
CA GLU B 976 45.01 -31.93 5.75
C GLU B 976 45.35 -31.20 4.46
N THR B 977 44.94 -31.74 3.27
CA THR B 977 45.44 -31.11 2.06
C THR B 977 44.44 -30.15 1.44
N HIS B 978 43.18 -30.13 1.89
CA HIS B 978 42.18 -29.40 1.17
C HIS B 978 42.29 -29.73 -0.31
N LEU B 979 42.41 -31.01 -0.60
CA LEU B 979 42.27 -31.53 -1.96
C LEU B 979 40.97 -32.27 -2.06
N PRO B 980 40.14 -31.96 -3.06
CA PRO B 980 38.83 -32.67 -3.22
C PRO B 980 39.00 -33.91 -4.05
N THR B 981 38.17 -34.94 -3.84
CA THR B 981 38.13 -36.04 -4.82
C THR B 981 36.65 -36.33 -5.19
N VAL B 982 36.31 -36.39 -6.48
CA VAL B 982 34.94 -36.66 -6.78
C VAL B 982 34.75 -38.15 -6.63
N THR B 983 33.67 -38.57 -5.96
CA THR B 983 33.47 -39.97 -5.63
C THR B 983 32.40 -40.56 -6.53
N ASP B 984 32.23 -41.91 -6.49
CA ASP B 984 31.36 -42.57 -7.45
C ASP B 984 29.91 -42.14 -7.30
N THR B 985 29.51 -41.35 -6.28
CA THR B 985 28.10 -41.00 -6.37
C THR B 985 27.82 -39.75 -7.17
N CYS B 986 28.75 -39.14 -7.93
CA CYS B 986 28.39 -37.97 -8.74
C CYS B 986 27.45 -38.35 -9.93
N THR B 987 26.47 -37.50 -10.19
CA THR B 987 25.47 -37.56 -11.27
C THR B 987 25.81 -36.60 -12.44
N GLY B 988 27.01 -36.06 -12.48
CA GLY B 988 27.24 -35.21 -13.62
C GLY B 988 26.55 -33.85 -13.61
N CYS B 989 25.94 -33.34 -12.51
CA CYS B 989 25.06 -32.19 -12.74
C CYS B 989 25.91 -31.04 -13.25
N THR B 990 27.18 -31.03 -12.88
CA THR B 990 28.17 -30.09 -13.47
C THR B 990 28.27 -28.73 -12.76
N LEU B 991 27.53 -28.53 -11.61
CA LEU B 991 27.66 -27.29 -10.85
C LEU B 991 29.12 -27.07 -10.44
N CYS B 992 29.82 -28.09 -9.96
CA CYS B 992 31.17 -27.86 -9.47
C CYS B 992 32.09 -27.28 -10.54
N LEU B 993 32.09 -27.92 -11.72
CA LEU B 993 32.86 -27.36 -12.82
C LEU B 993 32.43 -25.91 -13.06
N SER B 994 31.16 -25.58 -12.70
CA SER B 994 30.66 -24.25 -13.00
C SER B 994 31.07 -23.22 -11.99
N VAL B 995 31.48 -23.65 -10.80
CA VAL B 995 31.88 -22.71 -9.76
C VAL B 995 33.36 -22.69 -9.56
N CYS B 996 34.11 -23.64 -10.14
CA CYS B 996 35.58 -23.69 -9.94
C CYS B 996 36.24 -22.40 -10.44
N PRO B 997 37.06 -21.72 -9.64
CA PRO B 997 37.70 -20.48 -10.19
C PRO B 997 38.79 -20.75 -11.25
N ILE B 998 39.30 -22.00 -11.31
CA ILE B 998 40.49 -22.33 -12.09
C ILE B 998 40.01 -22.95 -13.41
N ILE B 999 40.21 -22.21 -14.53
CA ILE B 999 39.74 -22.71 -15.81
C ILE B 999 40.28 -24.11 -16.09
N ASP B 1000 39.36 -25.11 -16.22
CA ASP B 1000 39.62 -26.52 -16.70
C ASP B 1000 40.42 -27.36 -15.72
N CYS B 1001 40.42 -26.95 -14.46
CA CYS B 1001 40.76 -27.83 -13.39
C CYS B 1001 39.76 -29.00 -13.27
N ILE B 1002 38.50 -28.73 -13.37
CA ILE B 1002 37.51 -29.80 -13.31
C ILE B 1002 37.10 -30.21 -14.70
N ARG B 1003 36.90 -31.49 -14.91
CA ARG B 1003 36.59 -31.90 -16.26
C ARG B 1003 35.58 -33.01 -16.17
N MET B 1004 34.55 -32.84 -17.03
CA MET B 1004 33.41 -33.73 -17.15
C MET B 1004 33.80 -34.85 -18.10
N VAL B 1005 33.69 -36.13 -17.67
CA VAL B 1005 34.12 -37.24 -18.48
C VAL B 1005 33.03 -38.33 -18.43
N SER B 1006 33.03 -39.22 -19.44
CA SER B 1006 32.06 -40.32 -19.50
C SER B 1006 32.11 -41.22 -18.27
N ARG B 1007 30.91 -41.60 -17.76
CA ARG B 1007 30.90 -42.66 -16.76
C ARG B 1007 31.37 -43.93 -17.39
N THR B 1008 32.27 -44.61 -16.72
CA THR B 1008 32.57 -45.99 -17.04
C THR B 1008 31.85 -47.02 -16.16
N THR B 1009 31.39 -46.65 -14.83
CA THR B 1009 30.72 -47.48 -13.80
C THR B 1009 29.19 -47.38 -13.90
N PRO B 1010 28.44 -48.38 -13.39
CA PRO B 1010 26.97 -48.36 -13.54
C PRO B 1010 26.22 -47.31 -12.70
N TYR B 1011 25.19 -46.72 -13.30
CA TYR B 1011 24.56 -45.51 -12.74
C TYR B 1011 23.09 -45.77 -12.51
N GLU B 1012 22.61 -45.63 -11.25
CA GLU B 1012 21.17 -45.66 -10.89
C GLU B 1012 20.72 -44.23 -10.57
N PRO B 1013 19.76 -43.64 -11.29
CA PRO B 1013 19.36 -42.25 -10.98
C PRO B 1013 18.53 -42.21 -9.71
N LYS B 1014 19.11 -41.91 -8.52
CA LYS B 1014 18.60 -42.42 -7.23
C LYS B 1014 17.31 -41.72 -6.72
N ARG B 1015 16.39 -42.54 -6.16
CA ARG B 1015 14.94 -42.28 -6.09
C ARG B 1015 14.34 -41.94 -4.71
N GLY B 1016 15.18 -41.94 -3.60
CA GLY B 1016 14.75 -41.97 -2.20
C GLY B 1016 14.07 -43.22 -1.59
N LEU B 1017 12.81 -43.53 -2.06
CA LEU B 1017 12.01 -44.76 -1.87
C LEU B 1017 11.91 -45.49 -3.20
N PRO B 1018 12.35 -46.76 -3.29
CA PRO B 1018 12.33 -47.59 -4.52
C PRO B 1018 10.95 -47.84 -5.14
N ALA C 2 -31.26 0.03 59.71
CA ALA C 2 -30.89 -0.70 58.49
C ALA C 2 -31.67 -2.12 58.17
N PRO C 3 -33.01 -2.06 57.64
CA PRO C 3 -33.66 -3.24 57.03
C PRO C 3 -33.07 -3.54 55.64
N VAL C 4 -33.75 -4.23 54.72
CA VAL C 4 -33.08 -4.63 53.50
C VAL C 4 -33.07 -3.41 52.57
N LEU C 5 -31.96 -2.64 52.59
CA LEU C 5 -31.90 -1.46 51.73
C LEU C 5 -32.00 -1.84 50.26
N SER C 6 -31.67 -3.08 49.85
CA SER C 6 -31.66 -3.31 48.40
C SER C 6 -32.97 -3.83 47.85
N LYS C 7 -34.08 -3.81 48.65
CA LYS C 7 -35.36 -4.36 48.22
C LYS C 7 -36.40 -3.27 48.24
N ASP C 8 -37.26 -3.24 47.23
CA ASP C 8 -38.28 -2.19 47.11
C ASP C 8 -39.39 -2.43 48.12
N VAL C 9 -39.86 -1.35 48.80
CA VAL C 9 -40.98 -1.39 49.75
C VAL C 9 -42.23 -1.65 48.96
N ALA C 10 -43.25 -2.24 49.65
CA ALA C 10 -44.41 -2.81 48.95
C ALA C 10 -45.04 -1.75 48.04
N ASP C 11 -45.00 -0.45 48.46
CA ASP C 11 -45.51 0.66 47.66
C ASP C 11 -44.80 0.80 46.32
N ILE C 12 -43.51 0.64 46.31
CA ILE C 12 -42.81 0.68 45.04
C ILE C 12 -43.06 -0.60 44.26
N GLU C 13 -43.17 -1.75 44.94
CA GLU C 13 -43.49 -2.91 44.15
C GLU C 13 -44.80 -2.68 43.44
N SER C 14 -45.70 -1.98 44.10
CA SER C 14 -46.95 -1.65 43.44
C SER C 14 -46.77 -0.68 42.28
N ILE C 15 -46.08 0.45 42.49
CA ILE C 15 -45.79 1.37 41.39
C ILE C 15 -45.22 0.62 40.17
N LEU C 16 -44.39 -0.37 40.44
CA LEU C 16 -43.63 -1.04 39.36
C LEU C 16 -44.43 -2.15 38.62
N ALA C 17 -45.72 -2.33 38.94
CA ALA C 17 -46.45 -3.50 38.47
C ALA C 17 -46.38 -3.63 36.96
N LEU C 18 -46.63 -2.55 36.18
CA LEU C 18 -46.69 -2.65 34.71
C LEU C 18 -45.30 -2.57 34.09
N ASN C 19 -44.28 -2.40 34.91
CA ASN C 19 -42.93 -2.25 34.39
C ASN C 19 -42.47 -3.58 33.73
N PRO C 20 -41.77 -3.51 32.57
CA PRO C 20 -41.46 -4.74 31.79
C PRO C 20 -40.42 -5.66 32.48
N ARG C 21 -40.52 -6.98 32.28
CA ARG C 21 -39.64 -7.98 32.92
C ARG C 21 -39.30 -9.10 31.94
N THR C 22 -38.10 -9.63 32.05
CA THR C 22 -37.73 -10.64 31.06
C THR C 22 -38.62 -11.89 31.11
N GLN C 23 -39.07 -12.35 29.96
CA GLN C 23 -40.10 -13.39 30.06
C GLN C 23 -39.50 -14.80 30.07
N SER C 24 -40.19 -15.71 30.71
CA SER C 24 -39.55 -17.01 30.54
C SER C 24 -40.52 -18.15 30.35
N HIS C 25 -41.75 -17.89 30.00
CA HIS C 25 -42.66 -18.92 29.56
C HIS C 25 -43.50 -18.29 28.44
N ALA C 26 -44.07 -19.09 27.59
CA ALA C 26 -44.95 -18.41 26.69
C ALA C 26 -46.19 -18.10 27.46
N ALA C 27 -46.99 -17.23 26.92
CA ALA C 27 -48.09 -16.66 27.69
C ALA C 27 -49.40 -17.37 27.32
N LEU C 28 -50.22 -17.70 28.31
CA LEU C 28 -51.48 -18.38 28.05
C LEU C 28 -52.70 -17.45 28.15
N HIS C 29 -53.40 -17.13 27.05
CA HIS C 29 -54.67 -16.40 27.20
C HIS C 29 -55.65 -16.96 26.18
N SER C 30 -56.91 -17.19 26.58
CA SER C 30 -57.83 -17.86 25.68
C SER C 30 -58.29 -16.94 24.57
N THR C 31 -58.62 -17.53 23.41
CA THR C 31 -59.06 -16.72 22.31
C THR C 31 -60.20 -15.83 22.71
N LEU C 32 -61.11 -16.33 23.50
CA LEU C 32 -62.30 -15.55 23.84
C LEU C 32 -61.93 -14.42 24.79
N ALA C 33 -61.27 -14.76 25.86
CA ALA C 33 -60.57 -13.72 26.63
C ALA C 33 -60.01 -12.60 25.73
N LYS C 34 -59.27 -12.97 24.69
CA LYS C 34 -58.61 -11.99 23.86
C LYS C 34 -59.60 -11.14 23.08
N LYS C 35 -60.72 -11.74 22.57
CA LYS C 35 -61.70 -10.99 21.71
C LYS C 35 -62.36 -9.87 22.49
N LEU C 36 -62.56 -10.09 23.79
CA LEU C 36 -63.15 -9.04 24.61
C LEU C 36 -62.09 -8.06 25.02
N ASP C 37 -60.85 -8.50 25.11
CA ASP C 37 -59.88 -7.51 25.59
C ASP C 37 -59.47 -6.54 24.48
N LYS C 38 -59.47 -7.00 23.27
CA LYS C 38 -59.10 -6.18 22.13
C LYS C 38 -59.87 -4.83 22.13
N LYS C 39 -61.18 -4.83 22.38
CA LYS C 39 -61.94 -3.58 22.24
C LYS C 39 -61.52 -2.56 23.27
N HIS C 40 -60.92 -2.98 24.39
CA HIS C 40 -60.50 -2.02 25.39
C HIS C 40 -59.34 -1.15 24.90
N TRP C 41 -58.46 -1.69 24.01
CA TRP C 41 -57.28 -0.96 23.53
C TRP C 41 -57.42 -0.40 22.10
N LYS C 42 -58.60 -0.51 21.47
CA LYS C 42 -58.78 -0.21 20.08
C LYS C 42 -58.67 1.28 19.76
N ARG C 43 -57.88 1.62 18.77
CA ARG C 43 -57.66 2.99 18.36
C ARG C 43 -58.36 3.28 17.07
N ASN C 44 -58.32 2.32 16.12
CA ASN C 44 -58.91 2.52 14.80
C ASN C 44 -60.37 2.13 14.80
N PRO C 45 -61.04 2.44 13.68
CA PRO C 45 -62.47 2.11 13.56
C PRO C 45 -62.76 0.61 13.48
N ASP C 46 -63.80 0.18 14.23
CA ASP C 46 -64.23 -1.23 14.32
C ASP C 46 -64.95 -1.65 13.02
N LYS C 47 -64.32 -2.57 12.26
CA LYS C 47 -64.85 -3.06 10.98
C LYS C 47 -66.31 -3.52 11.04
N ASN C 48 -66.82 -3.84 12.24
CA ASN C 48 -68.20 -4.28 12.46
C ASN C 48 -69.17 -3.12 12.60
N CYS C 49 -68.66 -1.92 12.84
CA CYS C 49 -69.51 -0.76 13.01
C CYS C 49 -70.38 -0.58 11.76
N PHE C 50 -71.67 -0.29 12.00
CA PHE C 50 -72.68 -0.10 10.95
C PHE C 50 -72.83 1.40 10.64
N HIS C 51 -73.37 2.19 11.54
CA HIS C 51 -73.49 3.60 11.23
C HIS C 51 -72.81 4.45 12.31
N CYS C 52 -71.78 5.21 11.89
CA CYS C 52 -70.77 5.87 12.72
C CYS C 52 -71.29 7.04 13.56
N GLU C 53 -70.50 8.14 13.60
CA GLU C 53 -70.51 9.10 14.71
C GLU C 53 -71.36 10.33 14.36
N LYS C 54 -72.18 10.76 15.31
CA LYS C 54 -73.02 11.94 15.11
C LYS C 54 -72.15 13.05 14.54
N LEU C 55 -72.26 13.26 13.24
CA LEU C 55 -71.48 14.25 12.50
C LEU C 55 -72.21 15.57 12.37
N GLU C 56 -73.40 15.67 12.97
CA GLU C 56 -74.26 16.79 12.65
C GLU C 56 -73.74 18.08 13.26
N ASN C 57 -73.70 19.11 12.44
CA ASN C 57 -72.97 20.31 12.81
C ASN C 57 -71.55 20.01 13.30
N ASN C 58 -70.86 19.00 12.74
CA ASN C 58 -69.41 18.86 13.00
C ASN C 58 -68.62 19.37 11.78
N PHE C 59 -67.96 20.56 11.87
CA PHE C 59 -67.16 21.11 10.76
C PHE C 59 -65.67 21.21 11.04
N ASP C 60 -65.19 20.44 12.06
CA ASP C 60 -63.78 20.30 12.46
C ASP C 60 -62.93 19.62 11.37
N ASP C 61 -61.65 19.93 11.38
CA ASP C 61 -60.70 19.33 10.44
C ASP C 61 -60.79 17.82 10.30
N ILE C 62 -61.10 17.30 9.13
CA ILE C 62 -61.00 15.85 9.07
C ILE C 62 -59.84 15.32 8.16
N LYS C 63 -59.07 16.21 7.46
CA LYS C 63 -58.06 15.77 6.51
C LYS C 63 -57.07 14.91 7.26
N HIS C 64 -56.70 13.76 6.66
CA HIS C 64 -55.64 12.90 7.21
C HIS C 64 -54.24 13.53 7.08
N THR C 65 -54.04 14.43 6.13
CA THR C 65 -52.71 14.94 5.89
C THR C 65 -52.22 16.00 6.90
N THR C 66 -53.11 16.63 7.69
CA THR C 66 -52.70 17.78 8.50
C THR C 66 -51.51 17.47 9.45
N LEU C 67 -50.42 18.23 9.42
CA LEU C 67 -49.38 17.95 10.39
C LEU C 67 -49.29 18.99 11.52
N GLY C 68 -48.92 18.56 12.80
CA GLY C 68 -48.35 19.49 13.76
C GLY C 68 -46.79 19.55 13.69
N GLU C 69 -46.19 20.41 14.58
CA GLU C 69 -44.72 20.61 14.57
C GLU C 69 -43.97 19.27 14.71
N ARG C 70 -44.24 18.52 15.78
CA ARG C 70 -43.52 17.25 15.91
C ARG C 70 -43.59 16.45 14.59
N GLY C 71 -44.78 16.23 14.03
CA GLY C 71 -44.93 15.43 12.79
C GLY C 71 -44.27 16.03 11.57
N ALA C 72 -44.42 17.36 11.38
CA ALA C 72 -43.82 17.95 10.20
C ALA C 72 -42.32 17.81 10.25
N LEU C 73 -41.73 18.01 11.41
CA LEU C 73 -40.29 17.99 11.44
C LEU C 73 -39.86 16.58 11.11
N ARG C 74 -40.59 15.57 11.64
CA ARG C 74 -40.23 14.19 11.31
C ARG C 74 -40.40 13.90 9.83
N GLU C 75 -41.51 14.39 9.22
CA GLU C 75 -41.73 14.14 7.77
C GLU C 75 -40.73 14.83 6.87
N ALA C 76 -40.34 16.10 7.16
CA ALA C 76 -39.30 16.84 6.43
C ALA C 76 -37.94 16.14 6.44
N MET C 77 -37.57 15.55 7.59
CA MET C 77 -36.26 14.86 7.73
C MET C 77 -36.17 13.68 6.78
N ARG C 78 -37.31 12.97 6.62
CA ARG C 78 -37.49 11.83 5.78
C ARG C 78 -37.43 12.17 4.29
N CYS C 79 -37.90 13.37 3.84
CA CYS C 79 -37.69 13.73 2.41
C CYS C 79 -36.22 13.59 2.00
N LEU C 80 -35.98 13.12 0.77
CA LEU C 80 -34.62 12.88 0.34
C LEU C 80 -34.06 14.16 -0.21
N LYS C 81 -34.93 15.16 -0.44
CA LYS C 81 -34.45 16.43 -0.94
C LYS C 81 -33.67 16.25 -2.25
N CYS C 82 -34.37 15.71 -3.25
CA CYS C 82 -33.81 15.11 -4.45
C CYS C 82 -33.29 16.15 -5.48
N ALA C 83 -32.35 15.72 -6.29
CA ALA C 83 -31.90 16.54 -7.39
C ALA C 83 -32.96 16.57 -8.50
N ASP C 84 -33.09 17.72 -9.17
CA ASP C 84 -34.09 17.82 -10.29
C ASP C 84 -35.45 17.08 -9.93
N ALA C 85 -36.11 17.54 -8.88
CA ALA C 85 -37.01 16.63 -8.14
C ALA C 85 -38.26 16.31 -8.97
N PRO C 86 -38.67 15.01 -9.03
CA PRO C 86 -39.89 14.62 -9.74
C PRO C 86 -41.16 15.11 -9.07
N CYS C 87 -41.19 15.19 -7.75
CA CYS C 87 -42.39 15.82 -7.16
C CYS C 87 -42.59 17.28 -7.64
N GLN C 88 -41.54 18.08 -7.59
CA GLN C 88 -41.61 19.36 -8.30
C GLN C 88 -42.09 19.29 -9.74
N LYS C 89 -41.47 18.42 -10.59
CA LYS C 89 -41.97 18.19 -11.99
C LYS C 89 -43.47 17.91 -12.04
N SER C 90 -44.04 17.30 -10.96
CA SER C 90 -45.43 16.99 -11.01
C SER C 90 -46.29 18.06 -10.36
N CYS C 91 -45.66 19.17 -9.95
CA CYS C 91 -46.56 20.11 -9.30
C CYS C 91 -46.98 21.14 -10.36
N PRO C 92 -48.26 21.42 -10.61
CA PRO C 92 -48.57 22.38 -11.68
C PRO C 92 -48.00 23.77 -11.46
N THR C 93 -47.72 24.18 -10.22
CA THR C 93 -47.11 25.49 -10.09
C THR C 93 -45.61 25.42 -9.90
N HIS C 94 -45.03 24.24 -10.12
CA HIS C 94 -43.61 24.06 -10.09
C HIS C 94 -42.99 24.52 -8.75
N LEU C 95 -43.63 24.27 -7.60
CA LEU C 95 -42.93 24.67 -6.35
C LEU C 95 -41.62 23.98 -6.23
N ASP C 96 -40.70 24.71 -5.58
CA ASP C 96 -39.37 24.20 -5.22
C ASP C 96 -39.51 23.38 -3.96
N ILE C 97 -40.14 22.20 -4.09
CA ILE C 97 -40.44 21.33 -2.93
C ILE C 97 -39.15 20.84 -2.22
N LYS C 98 -38.10 20.45 -3.01
CA LYS C 98 -36.86 20.09 -2.40
C LYS C 98 -36.46 21.16 -1.41
N SER C 99 -36.59 22.46 -1.80
CA SER C 99 -36.03 23.49 -0.89
C SER C 99 -36.96 23.87 0.28
N PHE C 100 -38.30 23.94 0.07
CA PHE C 100 -39.17 24.25 1.23
C PHE C 100 -39.17 23.13 2.27
N ILE C 101 -39.10 21.86 1.84
CA ILE C 101 -38.98 20.76 2.80
C ILE C 101 -37.62 20.81 3.53
N THR C 102 -36.55 21.15 2.79
CA THR C 102 -35.24 21.37 3.40
C THR C 102 -35.31 22.44 4.50
N SER C 103 -35.87 23.61 4.16
CA SER C 103 -36.24 24.57 5.21
C SER C 103 -37.05 24.02 6.37
N ILE C 104 -38.13 23.22 6.08
CA ILE C 104 -38.88 22.74 7.23
C ILE C 104 -37.94 21.88 8.10
N SER C 105 -37.05 21.08 7.46
CA SER C 105 -36.32 20.12 8.28
C SER C 105 -35.37 20.89 9.17
N ASN C 106 -34.97 22.11 8.72
CA ASN C 106 -34.07 23.00 9.46
C ASN C 106 -34.78 23.95 10.41
N LYS C 107 -36.11 23.82 10.62
CA LYS C 107 -36.86 24.74 11.48
C LYS C 107 -36.99 26.16 10.94
N ASN C 108 -36.62 26.41 9.68
CA ASN C 108 -36.82 27.71 9.10
C ASN C 108 -38.19 27.65 8.41
N TYR C 109 -39.31 27.92 9.17
CA TYR C 109 -40.65 27.82 8.58
C TYR C 109 -40.98 29.01 7.66
N TYR C 110 -40.33 30.16 7.90
CA TYR C 110 -40.61 31.33 7.08
C TYR C 110 -39.97 31.15 5.70
N GLY C 111 -38.72 30.74 5.68
CA GLY C 111 -38.11 30.44 4.41
C GLY C 111 -38.87 29.43 3.59
N ALA C 112 -39.41 28.37 4.21
CA ALA C 112 -40.32 27.50 3.50
C ALA C 112 -41.58 28.23 2.99
N ALA C 113 -42.20 29.03 3.87
CA ALA C 113 -43.46 29.65 3.46
C ALA C 113 -43.22 30.54 2.24
N LYS C 114 -42.04 31.16 2.22
CA LYS C 114 -41.73 32.14 1.23
C LYS C 114 -41.36 31.47 -0.10
N MET C 115 -40.66 30.34 -0.04
CA MET C 115 -40.53 29.47 -1.20
C MET C 115 -41.90 29.02 -1.81
N ILE C 116 -42.88 28.62 -0.94
CA ILE C 116 -44.19 28.09 -1.41
C ILE C 116 -45.02 29.20 -2.09
N PHE C 117 -45.16 30.36 -1.43
CA PHE C 117 -45.88 31.51 -1.95
C PHE C 117 -45.12 32.19 -3.06
N SER C 118 -43.81 31.98 -3.19
CA SER C 118 -43.16 32.54 -4.37
C SER C 118 -43.74 31.82 -5.63
N ASP C 119 -44.02 30.50 -5.52
CA ASP C 119 -44.62 30.05 -6.74
C ASP C 119 -46.11 29.81 -6.68
N ASN C 120 -46.76 29.91 -5.52
CA ASN C 120 -48.19 29.64 -5.50
C ASN C 120 -48.83 30.59 -4.45
N PRO C 121 -49.42 31.73 -4.95
CA PRO C 121 -50.06 32.72 -4.08
C PRO C 121 -51.18 32.11 -3.23
N LEU C 122 -51.61 30.88 -3.53
CA LEU C 122 -52.62 30.26 -2.63
C LEU C 122 -52.03 29.06 -1.90
N GLY C 123 -50.70 29.06 -1.68
CA GLY C 123 -50.00 27.96 -1.04
C GLY C 123 -50.70 27.18 0.06
N LEU C 124 -51.49 27.88 0.88
CA LEU C 124 -52.08 27.28 2.07
C LEU C 124 -53.33 26.48 1.68
N THR C 125 -54.27 27.15 1.05
CA THR C 125 -55.31 26.45 0.34
C THR C 125 -54.74 25.20 -0.33
N CYS C 126 -53.74 25.39 -1.14
CA CYS C 126 -53.34 24.25 -1.97
C CYS C 126 -52.78 23.17 -1.10
N GLY C 127 -51.90 23.55 -0.09
CA GLY C 127 -51.44 22.57 0.87
C GLY C 127 -52.63 21.77 1.38
N MET C 128 -53.75 22.46 1.60
CA MET C 128 -54.89 21.78 2.20
C MET C 128 -55.73 21.01 1.19
N VAL C 129 -55.81 21.40 -0.08
CA VAL C 129 -56.79 20.68 -0.92
C VAL C 129 -56.18 19.98 -2.13
N CYS C 130 -54.92 20.18 -2.46
CA CYS C 130 -54.48 19.56 -3.73
C CYS C 130 -54.74 18.04 -3.65
N PRO C 131 -55.13 17.46 -4.70
CA PRO C 131 -55.17 15.98 -4.77
C PRO C 131 -53.76 15.37 -4.97
N THR C 132 -52.99 15.21 -3.88
CA THR C 132 -51.55 15.22 -4.12
C THR C 132 -51.08 13.93 -4.82
N SER C 133 -51.88 12.86 -4.77
CA SER C 133 -51.54 11.61 -5.49
C SER C 133 -51.70 11.69 -7.02
N ASP C 134 -52.45 12.63 -7.54
CA ASP C 134 -52.51 12.81 -8.95
C ASP C 134 -51.57 13.96 -9.32
N LEU C 135 -50.81 14.45 -8.33
CA LEU C 135 -49.88 15.54 -8.54
C LEU C 135 -48.50 15.28 -7.88
N CYS C 136 -48.05 16.16 -6.93
CA CYS C 136 -46.65 16.11 -6.46
C CYS C 136 -46.33 14.77 -5.86
N VAL C 137 -47.27 14.26 -5.04
CA VAL C 137 -46.95 13.02 -4.32
C VAL C 137 -46.79 11.85 -5.26
N GLY C 138 -47.48 11.92 -6.43
CA GLY C 138 -47.53 10.85 -7.41
C GLY C 138 -46.21 10.68 -8.12
N GLY C 139 -45.26 11.58 -7.86
CA GLY C 139 -44.03 11.32 -8.54
C GLY C 139 -42.93 11.31 -7.53
N CYS C 140 -43.25 11.09 -6.24
CA CYS C 140 -42.23 11.11 -5.15
C CYS C 140 -41.32 9.92 -5.32
N ASN C 141 -40.04 10.16 -5.50
CA ASN C 141 -39.16 9.02 -5.49
C ASN C 141 -39.42 8.03 -4.35
N LEU C 142 -39.84 8.51 -3.14
CA LEU C 142 -39.90 7.56 -2.02
C LEU C 142 -41.09 6.65 -2.14
N TYR C 143 -41.91 6.89 -3.18
CA TYR C 143 -42.97 5.96 -3.54
C TYR C 143 -42.38 4.58 -3.73
N ALA C 144 -41.09 4.49 -4.04
CA ALA C 144 -40.52 3.18 -4.24
C ALA C 144 -40.00 2.57 -2.94
N THR C 145 -40.14 3.22 -1.78
CA THR C 145 -39.87 2.45 -0.60
C THR C 145 -41.16 2.00 0.13
N GLU C 146 -40.92 1.07 1.04
CA GLU C 146 -42.03 0.54 1.81
C GLU C 146 -42.77 1.66 2.57
N GLU C 147 -42.05 2.67 3.13
CA GLU C 147 -42.73 3.66 3.94
C GLU C 147 -43.33 4.75 3.10
N GLY C 148 -42.91 4.88 1.83
CA GLY C 148 -43.73 5.52 0.78
C GLY C 148 -43.59 7.03 0.70
N SER C 149 -44.41 7.64 -0.18
CA SER C 149 -44.26 9.01 -0.62
C SER C 149 -44.22 9.96 0.56
N ILE C 150 -43.63 11.15 0.36
CA ILE C 150 -43.67 12.18 1.37
C ILE C 150 -45.05 12.79 1.45
N ASN C 151 -45.47 13.09 2.67
CA ASN C 151 -46.73 13.85 2.82
C ASN C 151 -46.47 15.31 2.49
N ILE C 152 -46.45 15.63 1.15
CA ILE C 152 -45.97 16.96 0.79
C ILE C 152 -47.01 17.98 1.14
N GLY C 153 -48.25 17.63 0.94
CA GLY C 153 -49.29 18.61 1.19
C GLY C 153 -49.40 18.94 2.68
N GLY C 154 -49.27 17.92 3.53
CA GLY C 154 -49.09 18.17 4.96
C GLY C 154 -48.03 19.21 5.27
N LEU C 155 -46.80 19.07 4.71
CA LEU C 155 -45.70 19.96 5.03
C LEU C 155 -45.97 21.33 4.47
N GLN C 156 -46.54 21.40 3.27
CA GLN C 156 -46.83 22.75 2.76
C GLN C 156 -47.85 23.44 3.69
N GLN C 157 -48.90 22.70 4.08
CA GLN C 157 -49.86 23.28 4.99
C GLN C 157 -49.17 23.75 6.28
N PHE C 158 -48.32 22.90 6.90
CA PHE C 158 -47.74 23.24 8.18
C PHE C 158 -47.01 24.55 8.13
N ALA C 159 -46.11 24.71 7.16
CA ALA C 159 -45.28 25.94 7.15
C ALA C 159 -46.15 27.14 6.77
N SER C 160 -47.21 26.90 6.00
CA SER C 160 -47.94 28.10 5.64
C SER C 160 -48.82 28.51 6.87
N GLU C 161 -49.29 27.52 7.68
CA GLU C 161 -49.92 27.86 8.97
C GLU C 161 -48.99 28.66 9.85
N VAL C 162 -47.71 28.19 10.08
CA VAL C 162 -46.80 28.97 10.91
C VAL C 162 -46.68 30.37 10.36
N PHE C 163 -46.51 30.52 9.03
CA PHE C 163 -46.29 31.88 8.50
C PHE C 163 -47.51 32.77 8.75
N LYS C 164 -48.70 32.25 8.48
CA LYS C 164 -49.98 32.90 8.82
C LYS C 164 -49.98 33.41 10.27
N ALA C 165 -49.60 32.56 11.23
CA ALA C 165 -49.60 32.97 12.66
C ALA C 165 -48.56 34.08 12.97
N MET C 166 -47.48 34.09 12.20
CA MET C 166 -46.52 35.14 12.35
C MET C 166 -47.09 36.47 11.95
N ASN C 167 -48.08 36.53 11.07
CA ASN C 167 -48.77 37.79 10.92
C ASN C 167 -47.77 38.84 10.34
N ILE C 168 -46.92 38.36 9.46
CA ILE C 168 -46.15 39.14 8.56
C ILE C 168 -46.85 39.55 7.26
N PRO C 169 -46.86 40.83 6.91
CA PRO C 169 -47.41 41.27 5.63
C PRO C 169 -46.47 40.94 4.46
N GLN C 170 -47.04 41.00 3.23
CA GLN C 170 -46.29 40.95 1.96
C GLN C 170 -45.98 42.38 1.51
N ILE C 171 -44.92 42.56 0.69
CA ILE C 171 -44.48 43.88 0.32
C ILE C 171 -44.23 43.94 -1.17
N ARG C 172 -44.26 45.15 -1.69
CA ARG C 172 -43.75 45.42 -3.02
C ARG C 172 -42.43 44.73 -3.22
N ASN C 173 -42.31 44.05 -4.35
CA ASN C 173 -41.02 43.52 -4.80
C ASN C 173 -39.91 44.55 -4.52
N PRO C 174 -38.92 44.30 -3.68
CA PRO C 174 -38.23 45.46 -3.11
C PRO C 174 -37.09 45.93 -3.99
N CYS C 175 -36.82 45.25 -5.09
CA CYS C 175 -35.78 45.75 -5.94
C CYS C 175 -36.29 46.85 -6.85
N LEU C 176 -37.38 46.61 -7.61
CA LEU C 176 -38.28 47.64 -8.21
C LEU C 176 -38.03 49.10 -7.78
N PRO C 177 -37.96 50.07 -8.71
CA PRO C 177 -37.76 51.46 -8.29
C PRO C 177 -38.95 51.88 -7.47
N SER C 178 -38.97 53.06 -6.86
CA SER C 178 -40.24 53.35 -6.23
C SER C 178 -41.26 53.76 -7.28
N GLN C 179 -42.49 54.01 -6.85
CA GLN C 179 -43.61 53.93 -7.77
C GLN C 179 -43.67 55.15 -8.66
N GLU C 180 -43.30 56.29 -8.11
CA GLU C 180 -43.21 57.49 -8.93
C GLU C 180 -42.23 57.30 -10.07
N LYS C 181 -41.15 56.60 -9.84
CA LYS C 181 -40.12 56.48 -10.87
C LYS C 181 -40.33 55.25 -11.82
N MET C 182 -41.51 54.57 -11.78
CA MET C 182 -41.94 53.45 -12.65
C MET C 182 -42.44 54.00 -14.01
N PRO C 183 -42.18 53.36 -15.11
CA PRO C 183 -42.64 53.92 -16.38
C PRO C 183 -44.15 54.04 -16.45
N GLU C 184 -44.58 54.73 -17.53
CA GLU C 184 -46.01 54.96 -17.68
C GLU C 184 -46.83 53.65 -17.86
N ALA C 185 -46.22 52.59 -18.50
CA ALA C 185 -46.91 51.34 -18.85
C ALA C 185 -47.63 50.81 -17.62
N TYR C 186 -46.97 50.93 -16.48
CA TYR C 186 -47.26 50.17 -15.29
C TYR C 186 -48.52 50.65 -14.59
N SER C 187 -49.01 51.82 -14.92
CA SER C 187 -50.29 52.29 -14.41
C SER C 187 -51.39 51.92 -15.32
N ALA C 188 -51.10 51.14 -16.36
CA ALA C 188 -52.16 50.70 -17.27
C ALA C 188 -53.34 50.12 -16.43
N LYS C 189 -54.59 50.55 -16.74
CA LYS C 189 -55.77 49.98 -16.05
C LYS C 189 -56.00 48.50 -16.48
N ILE C 190 -55.92 47.58 -15.53
CA ILE C 190 -56.10 46.18 -15.80
C ILE C 190 -57.31 45.70 -15.01
N ALA C 191 -58.11 44.81 -15.62
CA ALA C 191 -59.27 44.30 -14.92
C ALA C 191 -59.28 42.79 -15.06
N LEU C 192 -59.71 42.16 -13.99
CA LEU C 192 -59.91 40.73 -13.93
C LEU C 192 -61.38 40.50 -13.57
N LEU C 193 -62.02 39.49 -14.15
CA LEU C 193 -63.41 39.14 -13.81
C LEU C 193 -63.41 37.82 -13.03
N GLY C 194 -64.19 37.80 -11.89
CA GLY C 194 -64.23 36.68 -10.96
C GLY C 194 -63.10 36.66 -9.93
N ALA C 195 -63.41 36.45 -8.67
CA ALA C 195 -62.38 36.58 -7.67
C ALA C 195 -62.10 35.20 -7.12
N GLY C 196 -61.83 34.21 -7.97
CA GLY C 196 -61.50 32.90 -7.37
C GLY C 196 -59.97 32.68 -7.50
N PRO C 197 -59.54 31.41 -7.56
CA PRO C 197 -58.11 31.14 -7.60
C PRO C 197 -57.41 31.74 -8.83
N ALA C 198 -58.03 31.69 -10.06
CA ALA C 198 -57.30 32.18 -11.19
C ALA C 198 -57.12 33.68 -11.11
N SER C 199 -58.15 34.42 -10.78
CA SER C 199 -57.90 35.85 -10.82
C SER C 199 -57.00 36.33 -9.71
N ILE C 200 -57.07 35.67 -8.54
CA ILE C 200 -56.19 36.07 -7.43
C ILE C 200 -54.77 35.82 -7.85
N SER C 201 -54.53 34.65 -8.40
CA SER C 201 -53.17 34.32 -8.73
C SER C 201 -52.67 35.34 -9.70
N CYS C 202 -53.46 35.55 -10.75
CA CYS C 202 -53.04 36.47 -11.83
C CYS C 202 -52.72 37.89 -11.31
N ALA C 203 -53.65 38.55 -10.63
CA ALA C 203 -53.43 39.86 -10.01
C ALA C 203 -52.24 39.90 -9.04
N SER C 204 -52.01 38.80 -8.29
CA SER C 204 -50.84 38.83 -7.43
C SER C 204 -49.55 38.95 -8.27
N PHE C 205 -49.28 37.99 -9.22
CA PHE C 205 -48.09 38.10 -10.12
C PHE C 205 -47.99 39.43 -10.86
N LEU C 206 -49.09 39.96 -11.42
CA LEU C 206 -49.09 41.30 -12.00
C LEU C 206 -48.67 42.36 -10.99
N ALA C 207 -49.24 42.37 -9.78
CA ALA C 207 -48.83 43.36 -8.78
C ALA C 207 -47.33 43.20 -8.45
N ARG C 208 -46.83 41.96 -8.32
CA ARG C 208 -45.37 41.78 -8.19
C ARG C 208 -44.59 42.41 -9.37
N LEU C 209 -45.10 42.34 -10.64
CA LEU C 209 -44.32 42.98 -11.70
C LEU C 209 -44.31 44.50 -11.57
N GLY C 210 -45.19 45.11 -10.76
CA GLY C 210 -45.15 46.55 -10.54
C GLY C 210 -46.40 47.33 -11.04
N TYR C 211 -47.40 46.62 -11.63
CA TYR C 211 -48.70 47.20 -12.02
C TYR C 211 -49.41 47.78 -10.81
N SER C 212 -49.85 48.99 -10.99
CA SER C 212 -50.37 49.74 -9.89
C SER C 212 -51.82 49.99 -10.00
N ASP C 213 -52.49 49.65 -11.10
CA ASP C 213 -53.97 49.76 -11.14
C ASP C 213 -54.63 48.49 -11.70
N ILE C 214 -55.04 47.61 -10.79
CA ILE C 214 -55.49 46.21 -10.94
C ILE C 214 -56.84 46.02 -10.23
N THR C 215 -57.90 45.68 -10.95
CA THR C 215 -59.15 45.42 -10.23
C THR C 215 -59.75 44.05 -10.52
N ILE C 216 -60.19 43.37 -9.48
CA ILE C 216 -60.99 42.16 -9.66
C ILE C 216 -62.50 42.53 -9.46
N PHE C 217 -63.35 42.22 -10.45
CA PHE C 217 -64.76 42.46 -10.45
C PHE C 217 -65.42 41.14 -10.15
N GLU C 218 -66.08 41.08 -9.00
CA GLU C 218 -66.65 39.85 -8.47
C GLU C 218 -68.18 39.99 -8.45
N LYS C 219 -68.88 39.10 -9.18
CA LYS C 219 -70.33 38.90 -9.10
C LYS C 219 -70.88 38.84 -7.67
N GLN C 220 -70.53 37.83 -6.90
CA GLN C 220 -71.10 37.55 -5.61
C GLN C 220 -70.65 38.61 -4.63
N GLU C 221 -71.13 38.52 -3.38
CA GLU C 221 -70.75 39.44 -2.33
C GLU C 221 -69.71 38.85 -1.41
N TYR C 222 -69.17 37.73 -1.76
CA TYR C 222 -68.07 37.13 -1.04
C TYR C 222 -66.90 37.00 -2.03
N VAL C 223 -65.69 36.73 -1.60
CA VAL C 223 -64.60 36.54 -2.56
C VAL C 223 -63.97 35.17 -2.33
N GLY C 224 -63.20 34.68 -3.28
CA GLY C 224 -62.57 33.38 -3.03
C GLY C 224 -63.06 32.28 -3.96
N GLY C 225 -64.07 32.57 -4.73
CA GLY C 225 -64.40 31.47 -5.62
C GLY C 225 -65.01 30.25 -4.92
N LEU C 226 -64.92 29.14 -5.65
CA LEU C 226 -65.34 27.87 -5.08
C LEU C 226 -64.63 27.54 -3.78
N SER C 227 -63.45 28.04 -3.50
CA SER C 227 -62.89 27.70 -2.20
C SER C 227 -63.70 28.32 -1.03
N THR C 228 -64.46 29.38 -1.27
CA THR C 228 -65.27 29.94 -0.22
C THR C 228 -66.70 29.33 -0.27
N SER C 229 -67.29 29.14 -1.49
CA SER C 229 -68.69 28.86 -1.55
C SER C 229 -69.03 27.37 -1.59
N GLU C 230 -68.10 26.48 -1.94
CA GLU C 230 -68.46 25.07 -2.03
C GLU C 230 -67.58 24.08 -1.23
N ILE C 231 -66.24 24.24 -1.28
CA ILE C 231 -65.33 23.38 -0.55
C ILE C 231 -65.68 23.44 0.93
N PRO C 232 -66.01 22.33 1.58
CA PRO C 232 -66.53 22.41 2.95
C PRO C 232 -65.45 22.85 3.92
N GLN C 233 -65.89 23.68 4.91
CA GLN C 233 -65.06 24.13 6.02
C GLN C 233 -64.29 22.98 6.70
N PHE C 234 -64.80 21.76 6.67
CA PHE C 234 -63.93 20.79 7.36
C PHE C 234 -62.76 20.25 6.46
N ARG C 235 -62.71 20.59 5.17
CA ARG C 235 -61.46 20.41 4.42
C ARG C 235 -60.69 21.74 4.33
N LEU C 236 -61.33 22.90 4.19
CA LEU C 236 -60.60 24.17 4.00
C LEU C 236 -61.23 25.30 4.79
N PRO C 237 -60.61 25.71 5.89
CA PRO C 237 -61.21 26.75 6.78
C PRO C 237 -61.42 28.07 6.05
N TYR C 238 -62.47 28.83 6.36
CA TYR C 238 -62.54 30.08 5.58
C TYR C 238 -61.42 31.07 5.94
N ASP C 239 -60.84 30.97 7.13
CA ASP C 239 -59.81 31.96 7.51
C ASP C 239 -58.48 31.86 6.69
N VAL C 240 -58.22 30.70 6.06
CA VAL C 240 -57.14 30.54 5.11
C VAL C 240 -57.41 31.33 3.86
N VAL C 241 -58.54 31.05 3.20
CA VAL C 241 -58.91 31.81 2.00
C VAL C 241 -58.74 33.30 2.25
N ASN C 242 -59.24 33.79 3.39
CA ASN C 242 -59.19 35.22 3.73
C ASN C 242 -57.77 35.71 3.96
N PHE C 243 -56.97 34.86 4.52
CA PHE C 243 -55.57 35.18 4.66
C PHE C 243 -54.88 35.29 3.29
N GLU C 244 -55.05 34.28 2.42
CA GLU C 244 -54.39 34.44 1.13
C GLU C 244 -54.93 35.64 0.39
N ILE C 245 -56.24 35.97 0.54
CA ILE C 245 -56.69 37.21 -0.11
C ILE C 245 -56.07 38.46 0.49
N GLU C 246 -55.78 38.53 1.87
CA GLU C 246 -55.18 39.77 2.48
C GLU C 246 -53.70 39.99 2.00
N LEU C 247 -52.98 38.90 1.79
CA LEU C 247 -51.70 39.04 1.16
C LEU C 247 -51.84 39.76 -0.20
N MET C 248 -52.66 39.24 -1.11
CA MET C 248 -52.79 39.94 -2.38
C MET C 248 -53.07 41.47 -2.16
N LYS C 249 -53.95 41.76 -1.19
CA LYS C 249 -54.33 43.16 -0.96
C LYS C 249 -53.17 43.99 -0.42
N ASP C 250 -52.27 43.37 0.37
CA ASP C 250 -51.13 44.15 0.79
C ASP C 250 -50.42 44.70 -0.42
N LEU C 251 -50.54 44.00 -1.57
CA LEU C 251 -49.80 44.44 -2.75
C LEU C 251 -50.56 45.54 -3.47
N GLY C 252 -51.79 45.78 -3.07
CA GLY C 252 -52.48 46.85 -3.73
C GLY C 252 -53.56 46.42 -4.72
N VAL C 253 -53.88 45.15 -4.80
CA VAL C 253 -54.98 44.80 -5.70
C VAL C 253 -56.28 45.31 -5.11
N LYS C 254 -57.11 46.00 -5.94
CA LYS C 254 -58.44 46.43 -5.57
C LYS C 254 -59.47 45.38 -5.95
N ILE C 255 -60.50 45.16 -5.09
CA ILE C 255 -61.54 44.21 -5.38
C ILE C 255 -62.87 44.94 -5.34
N ILE C 256 -63.72 44.70 -6.35
CA ILE C 256 -65.08 45.18 -6.35
C ILE C 256 -66.12 44.03 -6.43
N CYS C 257 -66.98 43.92 -5.38
CA CYS C 257 -68.04 42.93 -5.26
C CYS C 257 -69.36 43.50 -5.78
N GLY C 258 -70.21 42.59 -6.31
CA GLY C 258 -71.55 42.94 -6.80
C GLY C 258 -71.53 43.53 -8.18
N LYS C 259 -70.40 43.33 -8.88
CA LYS C 259 -70.23 43.75 -10.27
C LYS C 259 -70.06 42.53 -11.16
N SER C 260 -70.90 42.43 -12.18
CA SER C 260 -70.95 41.22 -12.92
C SER C 260 -70.44 41.39 -14.33
N LEU C 261 -69.68 40.40 -14.83
CA LEU C 261 -69.41 40.23 -16.29
C LEU C 261 -70.76 39.83 -16.99
N SER C 262 -71.41 40.81 -17.65
CA SER C 262 -72.77 40.52 -18.06
C SER C 262 -73.21 41.55 -19.05
N GLU C 263 -74.09 41.18 -20.01
CA GLU C 263 -74.72 42.24 -20.84
C GLU C 263 -75.53 43.15 -19.92
N ASN C 264 -75.48 44.43 -20.22
CA ASN C 264 -75.98 45.40 -19.25
C ASN C 264 -75.18 45.55 -17.91
N GLU C 265 -74.19 44.73 -17.58
CA GLU C 265 -73.19 45.17 -16.60
C GLU C 265 -71.87 45.33 -17.34
N ILE C 266 -70.78 44.68 -16.90
CA ILE C 266 -69.44 44.77 -17.50
C ILE C 266 -69.43 43.96 -18.77
N THR C 267 -68.97 44.54 -19.88
CA THR C 267 -68.73 43.77 -21.12
C THR C 267 -67.38 44.11 -21.75
N LEU C 268 -66.89 43.28 -22.69
CA LEU C 268 -65.57 43.73 -23.24
C LEU C 268 -65.61 45.19 -23.73
N ASN C 269 -66.73 45.60 -24.38
CA ASN C 269 -66.84 46.95 -24.93
C ASN C 269 -66.80 47.98 -23.81
N THR C 270 -67.67 47.81 -22.78
CA THR C 270 -67.65 48.73 -21.65
C THR C 270 -66.25 48.77 -21.05
N LEU C 271 -65.54 47.62 -20.96
CA LEU C 271 -64.14 47.68 -20.43
C LEU C 271 -63.24 48.52 -21.33
N LYS C 272 -63.33 48.29 -22.69
CA LYS C 272 -62.56 48.98 -23.75
C LYS C 272 -62.89 50.46 -23.76
N GLU C 273 -64.18 50.76 -23.93
CA GLU C 273 -64.71 52.11 -23.83
C GLU C 273 -64.13 52.82 -22.60
N GLU C 274 -64.05 52.17 -21.47
CA GLU C 274 -63.62 52.87 -20.25
C GLU C 274 -62.13 53.13 -20.22
N GLY C 275 -61.32 52.52 -21.02
CA GLY C 275 -59.94 52.79 -20.76
C GLY C 275 -59.08 51.67 -20.23
N TYR C 276 -59.65 50.48 -19.83
CA TYR C 276 -58.84 49.33 -19.39
C TYR C 276 -58.04 48.85 -20.58
N LYS C 277 -56.83 48.40 -20.35
CA LYS C 277 -55.93 47.99 -21.44
C LYS C 277 -55.79 46.47 -21.58
N ALA C 278 -56.30 45.70 -20.60
CA ALA C 278 -56.31 44.25 -20.67
C ALA C 278 -57.25 43.70 -19.59
N ALA C 279 -57.65 42.47 -19.79
CA ALA C 279 -58.68 41.83 -19.05
C ALA C 279 -58.42 40.32 -19.04
N PHE C 280 -58.63 39.76 -17.85
CA PHE C 280 -58.47 38.37 -17.50
C PHE C 280 -59.85 37.92 -17.03
N ILE C 281 -60.42 36.88 -17.72
CA ILE C 281 -61.69 36.24 -17.41
C ILE C 281 -61.42 34.98 -16.58
N GLY C 282 -61.64 35.01 -15.24
CA GLY C 282 -61.56 33.75 -14.55
C GLY C 282 -62.89 33.59 -13.87
N ILE C 283 -63.99 33.52 -14.62
CA ILE C 283 -65.26 33.53 -13.92
C ILE C 283 -65.66 32.13 -13.55
N GLY C 284 -64.96 31.13 -14.09
CA GLY C 284 -65.22 29.73 -13.77
C GLY C 284 -66.40 29.08 -14.51
N LEU C 285 -67.18 28.20 -13.83
CA LEU C 285 -68.27 27.43 -14.43
C LEU C 285 -69.45 27.76 -13.56
N PRO C 286 -70.14 28.90 -13.83
CA PRO C 286 -71.20 29.41 -12.93
C PRO C 286 -72.42 28.52 -12.81
N GLU C 287 -72.75 27.66 -13.85
CA GLU C 287 -74.05 27.01 -13.80
C GLU C 287 -73.84 25.57 -13.42
N PRO C 288 -74.80 24.95 -12.69
CA PRO C 288 -74.80 23.51 -12.55
C PRO C 288 -75.23 22.79 -13.85
N LYS C 289 -74.54 21.68 -14.12
CA LYS C 289 -74.86 20.70 -15.15
C LYS C 289 -76.18 20.09 -14.75
N THR C 290 -77.30 20.49 -15.38
CA THR C 290 -78.66 20.11 -14.94
C THR C 290 -79.22 18.89 -15.70
N ASP C 291 -80.12 18.13 -15.09
CA ASP C 291 -80.85 17.12 -15.88
C ASP C 291 -82.35 17.41 -16.02
N ASP C 292 -82.89 17.26 -17.22
CA ASP C 292 -84.23 17.81 -17.39
C ASP C 292 -85.31 17.01 -16.64
N ILE C 293 -84.98 15.80 -16.22
CA ILE C 293 -86.02 15.03 -15.55
C ILE C 293 -86.33 15.62 -14.19
N PHE C 294 -85.62 16.65 -13.79
CA PHE C 294 -85.79 17.09 -12.42
C PHE C 294 -86.54 18.36 -12.45
N GLN C 295 -86.87 18.78 -13.66
CA GLN C 295 -87.46 20.07 -13.91
C GLN C 295 -88.75 20.23 -13.13
N GLY C 296 -88.86 21.31 -12.38
CA GLY C 296 -90.09 21.59 -11.63
C GLY C 296 -89.97 21.38 -10.15
N LEU C 297 -88.91 20.74 -9.76
CA LEU C 297 -88.63 20.38 -8.39
C LEU C 297 -88.03 21.55 -7.60
N THR C 298 -88.39 21.69 -6.35
CA THR C 298 -87.79 22.79 -5.65
C THR C 298 -87.14 22.31 -4.41
N GLN C 299 -86.73 23.23 -3.61
CA GLN C 299 -86.17 22.79 -2.36
C GLN C 299 -87.27 22.55 -1.36
N ASP C 300 -88.50 22.96 -1.62
CA ASP C 300 -89.45 22.62 -0.58
C ASP C 300 -89.85 21.18 -0.66
N GLN C 301 -89.70 20.55 -1.82
CA GLN C 301 -89.89 19.12 -2.02
C GLN C 301 -88.64 18.28 -1.66
N GLY C 302 -87.55 18.99 -1.29
CA GLY C 302 -86.32 18.38 -0.88
C GLY C 302 -85.30 18.20 -1.98
N PHE C 303 -85.40 18.97 -3.10
CA PHE C 303 -84.45 18.88 -4.23
C PHE C 303 -83.49 20.06 -4.29
N TYR C 304 -82.18 19.81 -4.39
CA TYR C 304 -81.20 20.89 -4.58
C TYR C 304 -80.25 20.47 -5.68
N THR C 305 -79.71 21.46 -6.44
CA THR C 305 -78.45 21.17 -7.16
C THR C 305 -77.24 21.44 -6.25
N SER C 306 -76.05 20.94 -6.66
CA SER C 306 -74.82 21.32 -5.91
C SER C 306 -74.75 22.85 -5.72
N LYS C 307 -75.07 23.60 -6.80
CA LYS C 307 -74.94 25.02 -6.71
C LYS C 307 -75.98 25.61 -5.75
N ASP C 308 -77.06 24.88 -5.41
CA ASP C 308 -77.95 25.32 -4.34
C ASP C 308 -77.37 25.04 -2.95
N PHE C 309 -76.88 23.83 -2.80
CA PHE C 309 -76.76 23.22 -1.48
C PHE C 309 -75.40 23.63 -0.85
N LEU C 310 -74.32 23.43 -1.63
CA LEU C 310 -73.01 23.64 -1.01
C LEU C 310 -72.94 25.07 -0.52
N PRO C 311 -73.45 26.08 -1.25
CA PRO C 311 -73.32 27.41 -0.76
C PRO C 311 -74.25 27.66 0.39
N LEU C 312 -75.34 26.85 0.56
CA LEU C 312 -76.14 26.94 1.79
C LEU C 312 -75.32 26.52 3.01
N VAL C 313 -74.81 25.27 3.02
CA VAL C 313 -73.89 24.83 4.08
C VAL C 313 -72.67 25.74 4.21
N ALA C 314 -72.13 26.31 3.12
CA ALA C 314 -71.00 27.21 3.33
C ALA C 314 -71.40 28.41 4.18
N LYS C 315 -72.48 29.15 3.80
CA LYS C 315 -72.91 30.28 4.60
C LYS C 315 -73.00 29.93 6.08
N SER C 316 -73.44 28.69 6.42
CA SER C 316 -73.60 28.30 7.82
C SER C 316 -72.34 27.80 8.54
N SER C 317 -71.35 27.28 7.88
CA SER C 317 -70.29 26.73 8.68
C SER C 317 -69.04 27.56 8.65
N LYS C 318 -69.01 28.67 7.88
CA LYS C 318 -67.79 29.46 7.55
C LYS C 318 -67.90 30.88 8.08
N ALA C 319 -67.46 31.17 9.29
CA ALA C 319 -67.54 32.56 9.75
C ALA C 319 -66.41 33.36 9.10
N GLY C 320 -66.69 34.64 8.82
CA GLY C 320 -66.13 35.27 7.63
C GLY C 320 -67.17 35.60 6.56
N MET C 321 -67.71 34.55 5.85
CA MET C 321 -68.36 34.51 4.51
C MET C 321 -69.43 35.58 4.30
N CYS C 322 -70.66 35.46 4.84
CA CYS C 322 -71.77 36.41 4.55
C CYS C 322 -72.26 37.25 5.78
N ALA C 323 -71.55 37.17 6.94
CA ALA C 323 -71.94 37.66 8.29
C ALA C 323 -73.44 37.54 8.53
N SER C 326 -77.90 32.31 9.29
CA SER C 326 -78.18 31.17 8.42
C SER C 326 -78.11 29.85 9.20
N PRO C 327 -79.22 29.11 9.18
CA PRO C 327 -79.19 27.72 9.62
C PRO C 327 -78.76 26.78 8.50
N LEU C 328 -78.26 25.65 8.94
CA LEU C 328 -77.86 24.57 8.06
C LEU C 328 -79.11 23.96 7.50
N PRO C 329 -79.13 23.59 6.20
CA PRO C 329 -80.27 22.82 5.62
C PRO C 329 -80.88 21.71 6.50
N SER C 330 -82.18 21.61 6.40
CA SER C 330 -82.91 20.68 7.24
C SER C 330 -83.03 19.33 6.51
N ILE C 331 -82.07 18.43 6.70
CA ILE C 331 -82.01 17.21 5.89
C ILE C 331 -82.20 16.01 6.79
N ARG C 332 -83.43 15.58 7.02
CA ARG C 332 -83.66 14.44 7.91
C ARG C 332 -84.14 13.24 7.11
N GLY C 333 -83.23 12.42 6.58
CA GLY C 333 -83.75 11.36 5.75
C GLY C 333 -82.65 10.51 5.21
N ALA C 334 -83.03 9.55 4.36
CA ALA C 334 -82.14 9.13 3.29
C ALA C 334 -81.89 10.34 2.36
N VAL C 335 -80.78 10.30 1.65
CA VAL C 335 -80.37 11.41 0.78
C VAL C 335 -79.66 10.78 -0.42
N ILE C 336 -79.97 11.31 -1.57
CA ILE C 336 -79.38 10.81 -2.78
C ILE C 336 -78.51 11.90 -3.32
N VAL C 337 -77.25 11.60 -3.50
CA VAL C 337 -76.33 12.48 -4.22
C VAL C 337 -76.01 11.85 -5.56
N LEU C 338 -76.25 12.57 -6.62
CA LEU C 338 -76.09 11.95 -7.91
C LEU C 338 -74.86 12.59 -8.49
N GLY C 339 -73.90 11.74 -8.87
CA GLY C 339 -72.71 12.07 -9.67
C GLY C 339 -71.45 11.56 -8.99
N ALA C 340 -70.29 11.86 -9.60
CA ALA C 340 -69.14 11.13 -9.10
C ALA C 340 -67.80 11.83 -9.07
N GLY C 341 -67.71 13.12 -9.35
CA GLY C 341 -66.48 13.86 -9.09
C GLY C 341 -66.52 14.54 -7.73
N ASP C 342 -65.58 15.48 -7.54
CA ASP C 342 -65.42 16.23 -6.29
C ASP C 342 -66.73 16.79 -5.79
N THR C 343 -67.62 17.16 -6.66
CA THR C 343 -68.78 17.85 -6.15
C THR C 343 -69.72 16.90 -5.44
N ALA C 344 -69.94 15.72 -6.03
CA ALA C 344 -70.91 14.86 -5.39
C ALA C 344 -70.35 14.42 -4.02
N PHE C 345 -69.05 14.23 -3.92
CA PHE C 345 -68.52 13.65 -2.68
C PHE C 345 -68.47 14.66 -1.55
N ASP C 346 -68.29 15.97 -1.87
CA ASP C 346 -68.49 17.03 -0.88
C ASP C 346 -69.95 17.26 -0.47
N CYS C 347 -70.94 16.98 -1.43
CA CYS C 347 -72.33 16.97 -1.07
C CYS C 347 -72.68 15.81 -0.11
N ALA C 348 -72.02 14.67 -0.31
CA ALA C 348 -72.36 13.49 0.50
C ALA C 348 -71.90 13.73 1.93
N THR C 349 -70.63 14.03 2.10
CA THR C 349 -70.11 14.30 3.44
C THR C 349 -70.74 15.58 4.01
N SER C 350 -71.35 16.42 3.16
CA SER C 350 -71.92 17.56 3.85
C SER C 350 -73.29 17.27 4.24
N ALA C 351 -73.96 16.40 3.51
CA ALA C 351 -75.28 16.06 4.01
C ALA C 351 -75.25 15.52 5.43
N LEU C 352 -74.16 14.83 5.81
CA LEU C 352 -74.11 14.29 7.16
C LEU C 352 -73.97 15.41 8.21
N ARG C 353 -73.15 16.42 7.94
CA ARG C 353 -73.17 17.62 8.78
C ARG C 353 -74.59 18.21 8.95
N CYS C 354 -75.43 18.13 7.93
CA CYS C 354 -76.75 18.68 8.12
C CYS C 354 -77.75 17.70 8.75
N GLY C 355 -77.34 16.47 9.13
CA GLY C 355 -78.19 15.54 9.83
C GLY C 355 -78.92 14.49 9.01
N ALA C 356 -78.57 14.33 7.78
CA ALA C 356 -79.19 13.24 7.03
C ALA C 356 -78.97 11.93 7.78
N ARG C 357 -79.93 10.96 7.65
CA ARG C 357 -79.78 9.70 8.36
C ARG C 357 -79.07 8.68 7.54
N ARG C 358 -78.91 8.90 6.26
CA ARG C 358 -78.12 7.97 5.46
C ARG C 358 -77.89 8.66 4.14
N VAL C 359 -76.71 8.61 3.63
CA VAL C 359 -76.49 9.21 2.33
C VAL C 359 -76.19 8.10 1.34
N PHE C 360 -76.79 8.18 0.14
CA PHE C 360 -76.45 7.30 -0.98
C PHE C 360 -75.75 8.07 -2.10
N LEU C 361 -74.65 7.58 -2.59
CA LEU C 361 -74.00 8.20 -3.74
C LEU C 361 -74.25 7.29 -4.90
N VAL C 362 -74.91 7.76 -5.94
CA VAL C 362 -75.35 6.97 -7.10
C VAL C 362 -74.54 7.37 -8.36
N PHE C 363 -73.87 6.39 -9.00
CA PHE C 363 -73.00 6.65 -10.16
C PHE C 363 -73.65 6.17 -11.44
N ARG C 364 -73.67 7.08 -12.40
CA ARG C 364 -73.96 6.78 -13.80
C ARG C 364 -73.10 5.61 -14.28
N LYS C 365 -71.83 5.57 -13.89
CA LYS C 365 -70.95 4.58 -14.45
C LYS C 365 -70.31 3.71 -13.37
N GLY C 366 -69.08 3.23 -13.62
CA GLY C 366 -68.57 2.14 -12.80
C GLY C 366 -67.98 2.62 -11.48
N PHE C 367 -67.98 1.72 -10.49
CA PHE C 367 -67.31 2.04 -9.24
C PHE C 367 -65.86 2.39 -9.53
N VAL C 368 -65.32 1.82 -10.61
CA VAL C 368 -63.96 2.07 -11.11
C VAL C 368 -63.79 3.49 -11.76
N ASN C 369 -64.85 4.11 -12.33
CA ASN C 369 -64.73 5.40 -13.03
C ASN C 369 -64.96 6.65 -12.16
N ILE C 370 -64.96 6.54 -10.83
CA ILE C 370 -65.12 7.75 -10.02
C ILE C 370 -64.08 8.78 -10.43
N ARG C 371 -64.53 10.01 -10.72
CA ARG C 371 -63.62 11.13 -11.00
C ARG C 371 -62.90 11.66 -9.77
N ALA C 372 -63.49 11.58 -8.58
CA ALA C 372 -63.09 12.54 -7.55
C ALA C 372 -61.65 12.27 -7.02
N VAL C 373 -61.23 13.18 -6.15
CA VAL C 373 -59.86 13.25 -5.61
C VAL C 373 -59.76 12.11 -4.59
N PRO C 374 -59.11 10.98 -4.90
CA PRO C 374 -59.36 9.76 -4.10
C PRO C 374 -59.12 9.87 -2.58
N GLU C 375 -58.89 11.06 -2.09
CA GLU C 375 -58.95 11.29 -0.66
C GLU C 375 -60.37 11.69 -0.27
N GLU C 376 -61.04 12.39 -1.16
CA GLU C 376 -62.46 12.71 -1.01
C GLU C 376 -63.30 11.45 -0.87
N VAL C 377 -63.03 10.48 -1.75
CA VAL C 377 -63.67 9.18 -1.64
C VAL C 377 -63.43 8.57 -0.26
N GLU C 378 -62.17 8.60 0.22
CA GLU C 378 -61.81 8.17 1.57
C GLU C 378 -62.70 8.77 2.66
N LEU C 379 -62.91 10.12 2.70
CA LEU C 379 -63.77 10.70 3.74
C LEU C 379 -65.19 10.14 3.65
N ALA C 380 -65.69 10.00 2.43
CA ALA C 380 -67.00 9.47 2.28
C ALA C 380 -67.02 8.06 2.78
N LYS C 381 -66.09 7.22 2.28
CA LYS C 381 -66.05 5.83 2.70
C LYS C 381 -66.10 5.78 4.22
N GLU C 382 -65.26 6.59 4.84
CA GLU C 382 -65.12 6.47 6.28
C GLU C 382 -66.29 7.09 7.03
N GLU C 383 -67.07 7.98 6.42
CA GLU C 383 -68.25 8.36 7.16
C GLU C 383 -69.41 7.53 6.74
N LYS C 384 -69.13 6.34 6.20
CA LYS C 384 -70.12 5.29 5.99
C LYS C 384 -71.25 5.75 5.08
N CYS C 385 -70.92 6.51 4.01
CA CYS C 385 -71.87 6.63 2.89
C CYS C 385 -72.01 5.39 2.03
N GLU C 386 -73.18 5.23 1.49
CA GLU C 386 -73.45 4.07 0.72
C GLU C 386 -73.14 4.42 -0.72
N PHE C 387 -72.46 3.56 -1.44
CA PHE C 387 -72.25 3.83 -2.86
C PHE C 387 -73.02 2.85 -3.71
N LEU C 388 -73.90 3.35 -4.59
CA LEU C 388 -74.53 2.49 -5.63
C LEU C 388 -74.04 2.75 -7.07
N PRO C 389 -73.51 1.77 -7.87
CA PRO C 389 -73.12 2.09 -9.26
C PRO C 389 -74.04 1.56 -10.31
N PHE C 390 -73.81 2.03 -11.57
CA PHE C 390 -74.58 1.64 -12.75
C PHE C 390 -76.10 2.00 -12.68
N LEU C 391 -76.42 3.18 -12.07
CA LEU C 391 -77.78 3.74 -12.00
C LEU C 391 -77.84 5.03 -12.80
N SER C 392 -78.92 5.25 -13.56
CA SER C 392 -79.13 6.50 -14.30
C SER C 392 -80.56 6.95 -14.03
N PRO C 393 -80.79 8.15 -13.44
CA PRO C 393 -82.04 8.38 -12.74
C PRO C 393 -83.16 8.71 -13.73
N ARG C 394 -84.39 8.31 -13.40
CA ARG C 394 -85.49 8.49 -14.37
C ARG C 394 -86.68 9.30 -13.88
N LYS C 395 -87.19 9.06 -12.66
CA LYS C 395 -88.42 9.77 -12.27
C LYS C 395 -88.36 10.13 -10.82
N VAL C 396 -88.84 11.30 -10.48
CA VAL C 396 -88.85 11.71 -9.09
C VAL C 396 -90.28 11.73 -8.55
N ILE C 397 -90.62 10.79 -7.66
CA ILE C 397 -91.96 10.70 -7.06
C ILE C 397 -92.08 11.69 -5.91
N VAL C 398 -92.92 12.75 -6.07
CA VAL C 398 -93.37 13.59 -4.93
C VAL C 398 -94.73 13.09 -4.44
N LYS C 399 -94.90 13.02 -3.11
CA LYS C 399 -96.18 12.77 -2.42
C LYS C 399 -96.26 13.67 -1.19
N GLY C 400 -97.37 14.34 -1.01
CA GLY C 400 -97.45 15.16 0.16
C GLY C 400 -96.68 16.43 0.09
N GLY C 401 -96.12 16.76 -1.08
CA GLY C 401 -95.28 17.92 -1.26
C GLY C 401 -93.80 17.66 -1.07
N ARG C 402 -93.44 16.56 -0.44
CA ARG C 402 -92.06 16.17 -0.23
C ARG C 402 -91.70 15.12 -1.28
N ILE C 403 -90.42 15.11 -1.71
CA ILE C 403 -89.98 14.00 -2.55
C ILE C 403 -90.11 12.78 -1.71
N VAL C 404 -90.42 11.62 -2.31
CA VAL C 404 -90.42 10.38 -1.55
C VAL C 404 -89.69 9.29 -2.30
N ALA C 405 -89.50 9.29 -3.63
CA ALA C 405 -88.48 8.31 -4.07
C ALA C 405 -87.94 8.66 -5.43
N VAL C 406 -86.87 7.95 -5.86
CA VAL C 406 -86.32 8.18 -7.21
C VAL C 406 -86.38 6.85 -7.92
N GLN C 407 -86.92 6.84 -9.12
CA GLN C 407 -86.81 5.63 -9.92
C GLN C 407 -85.53 5.74 -10.73
N PHE C 408 -84.71 4.69 -10.70
CA PHE C 408 -83.53 4.60 -11.56
C PHE C 408 -83.67 3.46 -12.55
N VAL C 409 -82.97 3.57 -13.66
CA VAL C 409 -82.79 2.48 -14.60
C VAL C 409 -81.35 2.01 -14.57
N ARG C 410 -81.12 0.72 -14.78
CA ARG C 410 -79.77 0.15 -14.78
C ARG C 410 -79.02 0.66 -16.00
N THR C 411 -77.69 0.59 -15.93
CA THR C 411 -76.77 0.91 -17.01
C THR C 411 -75.75 -0.23 -17.12
N GLU C 412 -75.03 -0.28 -18.26
CA GLU C 412 -73.81 -1.09 -18.38
C GLU C 412 -73.02 -0.69 -19.62
N GLN C 413 -71.69 -0.73 -19.49
CA GLN C 413 -70.74 -0.41 -20.57
C GLN C 413 -70.65 -1.61 -21.48
N ASP C 414 -71.17 -1.50 -22.70
CA ASP C 414 -70.92 -2.61 -23.63
C ASP C 414 -69.45 -2.65 -24.04
N GLU C 415 -69.02 -3.83 -24.53
CA GLU C 415 -67.59 -4.12 -24.67
C GLU C 415 -66.86 -3.25 -25.70
N THR C 416 -67.19 -1.94 -25.74
CA THR C 416 -66.42 -0.85 -26.35
C THR C 416 -66.46 0.36 -25.43
N GLY C 417 -67.63 0.57 -24.81
CA GLY C 417 -67.85 1.72 -23.96
C GLY C 417 -68.97 2.61 -24.47
N LYS C 418 -70.10 2.02 -24.80
CA LYS C 418 -71.24 2.76 -25.35
C LYS C 418 -72.38 2.59 -24.36
N TRP C 419 -72.47 3.52 -23.40
CA TRP C 419 -73.26 3.20 -22.22
C TRP C 419 -74.69 2.83 -22.63
N ASN C 420 -75.42 2.09 -21.80
CA ASN C 420 -76.78 1.75 -22.16
C ASN C 420 -77.60 1.62 -20.89
N GLU C 421 -78.92 1.59 -21.06
CA GLU C 421 -79.88 1.57 -19.95
C GLU C 421 -80.84 0.41 -20.23
N ASP C 422 -81.11 -0.42 -19.25
CA ASP C 422 -81.72 -1.72 -19.54
C ASP C 422 -83.06 -1.78 -18.83
N GLU C 423 -84.12 -1.64 -19.63
CA GLU C 423 -85.29 -0.90 -19.16
C GLU C 423 -85.96 -1.64 -18.03
N ASP C 424 -86.18 -2.95 -18.20
CA ASP C 424 -86.78 -3.73 -17.12
C ASP C 424 -85.85 -3.97 -15.94
N GLN C 425 -84.97 -3.04 -15.67
CA GLN C 425 -84.09 -3.26 -14.55
C GLN C 425 -84.12 -1.88 -13.89
N ILE C 426 -85.02 -1.74 -12.93
CA ILE C 426 -85.27 -0.47 -12.28
C ILE C 426 -85.04 -0.56 -10.77
N VAL C 427 -84.87 0.62 -10.17
CA VAL C 427 -84.80 0.69 -8.71
C VAL C 427 -85.63 1.86 -8.26
N HIS C 428 -86.61 1.55 -7.44
CA HIS C 428 -87.33 2.48 -6.59
C HIS C 428 -86.54 2.52 -5.27
N LEU C 429 -86.01 3.68 -5.00
CA LEU C 429 -85.05 3.95 -3.95
C LEU C 429 -85.68 5.03 -3.08
N LYS C 430 -86.07 4.67 -1.86
CA LYS C 430 -86.70 5.62 -0.95
C LYS C 430 -85.73 6.78 -0.73
N ALA C 431 -86.26 7.98 -0.49
CA ALA C 431 -85.37 9.12 -0.38
C ALA C 431 -86.16 10.38 -0.01
N ASP C 432 -85.66 11.22 0.92
CA ASP C 432 -86.36 12.45 1.31
C ASP C 432 -85.69 13.69 0.79
N VAL C 433 -84.42 13.61 0.36
CA VAL C 433 -83.71 14.69 -0.32
C VAL C 433 -82.99 14.13 -1.53
N VAL C 434 -82.81 14.94 -2.57
CA VAL C 434 -82.08 14.54 -3.77
C VAL C 434 -81.18 15.70 -4.18
N ILE C 435 -79.86 15.46 -4.25
CA ILE C 435 -78.96 16.51 -4.62
C ILE C 435 -78.24 16.11 -5.92
N SER C 436 -78.41 16.95 -6.92
CA SER C 436 -77.89 16.78 -8.27
C SER C 436 -76.48 17.27 -8.28
N ALA C 437 -75.52 16.44 -8.61
CA ALA C 437 -74.17 16.96 -8.50
C ALA C 437 -73.36 16.57 -9.68
N PHE C 438 -73.88 16.69 -10.87
CA PHE C 438 -73.17 16.08 -11.98
C PHE C 438 -71.92 16.88 -12.41
N GLY C 439 -71.89 18.18 -12.13
CA GLY C 439 -70.83 19.03 -12.68
C GLY C 439 -71.26 20.50 -12.83
N SER C 440 -70.40 21.28 -13.55
CA SER C 440 -70.69 22.66 -13.86
C SER C 440 -70.49 22.94 -15.33
N VAL C 441 -71.05 24.04 -15.81
CA VAL C 441 -70.97 24.49 -17.22
C VAL C 441 -71.08 26.01 -17.28
N LEU C 442 -70.87 26.55 -18.47
CA LEU C 442 -71.03 27.96 -18.76
C LEU C 442 -72.10 27.91 -19.82
N ARG C 443 -73.38 28.05 -19.39
CA ARG C 443 -74.54 28.10 -20.29
C ARG C 443 -75.18 29.50 -20.42
N ASP C 444 -74.94 30.41 -19.51
CA ASP C 444 -75.70 31.66 -19.45
C ASP C 444 -75.40 32.50 -20.66
N PRO C 445 -76.40 32.85 -21.52
CA PRO C 445 -76.08 33.71 -22.70
C PRO C 445 -75.89 35.19 -22.40
N LYS C 446 -76.41 35.79 -21.31
CA LYS C 446 -76.04 37.19 -21.07
C LYS C 446 -74.53 37.30 -20.84
N VAL C 447 -73.90 36.24 -20.25
CA VAL C 447 -72.45 36.23 -20.03
C VAL C 447 -71.74 35.97 -21.33
N LYS C 448 -72.22 34.99 -22.10
CA LYS C 448 -71.38 34.60 -23.26
C LYS C 448 -71.34 35.77 -24.25
N GLU C 449 -72.36 36.60 -24.20
CA GLU C 449 -72.40 37.73 -25.09
C GLU C 449 -71.62 38.89 -24.55
N ALA C 450 -71.53 39.02 -23.24
CA ALA C 450 -70.62 40.00 -22.64
C ALA C 450 -69.18 39.86 -23.13
N LEU C 451 -68.81 38.67 -23.68
CA LEU C 451 -67.43 38.33 -24.08
C LEU C 451 -67.25 38.59 -25.58
N SER C 452 -68.28 39.18 -26.23
CA SER C 452 -68.23 39.35 -27.64
C SER C 452 -67.12 40.31 -27.98
N PRO C 453 -66.29 40.04 -29.04
CA PRO C 453 -66.34 38.94 -29.99
C PRO C 453 -65.40 37.72 -29.78
N ILE C 454 -64.90 37.23 -28.64
CA ILE C 454 -63.89 36.13 -28.64
C ILE C 454 -64.48 34.79 -29.14
N LYS C 455 -63.63 33.93 -29.70
CA LYS C 455 -64.17 32.65 -30.16
C LYS C 455 -64.50 31.73 -28.99
N PHE C 456 -65.60 30.96 -29.07
CA PHE C 456 -65.86 29.81 -28.20
C PHE C 456 -65.68 28.48 -28.95
N ASN C 457 -65.43 27.41 -28.22
CA ASN C 457 -65.21 26.16 -28.93
C ASN C 457 -66.49 25.27 -28.89
N ARG C 458 -66.35 24.04 -29.41
CA ARG C 458 -67.29 22.92 -29.36
C ARG C 458 -68.07 22.83 -28.04
N TRP C 459 -67.43 23.15 -26.88
CA TRP C 459 -67.98 23.08 -25.51
C TRP C 459 -68.55 24.42 -25.01
N ASP C 460 -68.67 25.43 -25.87
CA ASP C 460 -69.17 26.73 -25.45
C ASP C 460 -68.30 27.38 -24.40
N LEU C 461 -66.97 27.13 -24.46
CA LEU C 461 -65.96 27.73 -23.61
C LEU C 461 -65.00 28.58 -24.44
N PRO C 462 -64.52 29.69 -23.90
CA PRO C 462 -63.47 30.52 -24.58
C PRO C 462 -62.30 29.71 -25.06
N GLU C 463 -61.91 29.90 -26.31
CA GLU C 463 -60.73 29.21 -26.83
C GLU C 463 -59.56 30.06 -26.44
N VAL C 464 -58.57 29.47 -25.71
CA VAL C 464 -57.35 30.19 -25.36
C VAL C 464 -56.13 29.52 -25.96
N ASP C 465 -55.13 30.35 -26.19
CA ASP C 465 -53.84 29.78 -26.49
C ASP C 465 -53.19 29.12 -25.25
N PRO C 466 -52.83 27.84 -25.33
CA PRO C 466 -52.51 27.12 -24.10
C PRO C 466 -51.16 27.54 -23.50
N GLU C 467 -50.25 28.05 -24.32
CA GLU C 467 -49.07 28.63 -23.68
C GLU C 467 -49.34 30.07 -23.14
N THR C 468 -50.12 30.97 -23.81
CA THR C 468 -50.14 32.36 -23.34
C THR C 468 -51.41 32.74 -22.56
N MET C 469 -52.40 31.79 -22.40
CA MET C 469 -53.77 32.13 -22.00
C MET C 469 -54.54 33.24 -22.79
N GLN C 470 -54.08 33.64 -23.96
CA GLN C 470 -54.76 34.70 -24.73
C GLN C 470 -55.97 34.15 -25.44
N THR C 471 -57.01 35.03 -25.66
CA THR C 471 -58.22 34.59 -26.34
C THR C 471 -58.07 35.05 -27.76
N SER C 472 -59.12 34.96 -28.57
CA SER C 472 -58.98 35.54 -29.95
C SER C 472 -58.83 37.06 -29.92
N GLU C 473 -59.19 37.75 -28.82
CA GLU C 473 -58.86 39.20 -28.70
C GLU C 473 -57.48 39.35 -28.08
N PRO C 474 -56.52 39.92 -28.76
CA PRO C 474 -55.20 39.94 -28.14
C PRO C 474 -55.14 40.59 -26.78
N TRP C 475 -56.10 41.44 -26.34
CA TRP C 475 -56.07 42.06 -24.99
C TRP C 475 -56.90 41.34 -23.90
N VAL C 476 -57.50 40.21 -24.20
CA VAL C 476 -58.32 39.50 -23.26
C VAL C 476 -57.71 38.12 -23.05
N PHE C 477 -57.62 37.71 -21.78
CA PHE C 477 -56.96 36.49 -21.40
C PHE C 477 -57.95 35.76 -20.52
N ALA C 478 -57.77 34.41 -20.37
CA ALA C 478 -58.73 33.56 -19.68
C ALA C 478 -58.03 32.40 -18.98
N GLY C 479 -58.45 32.09 -17.76
CA GLY C 479 -57.80 30.97 -17.14
C GLY C 479 -58.77 30.27 -16.24
N GLY C 480 -58.31 29.21 -15.64
CA GLY C 480 -59.08 28.68 -14.54
C GLY C 480 -60.13 27.72 -15.11
N ASP C 481 -61.13 27.38 -14.26
CA ASP C 481 -62.08 26.33 -14.66
C ASP C 481 -62.74 26.71 -15.98
N ILE C 482 -63.06 28.01 -16.22
CA ILE C 482 -63.66 28.47 -17.47
C ILE C 482 -62.96 27.96 -18.74
N VAL C 483 -61.78 27.41 -18.64
CA VAL C 483 -61.09 27.15 -19.89
C VAL C 483 -61.24 25.67 -20.19
N GLY C 484 -61.35 24.86 -19.19
CA GLY C 484 -61.84 23.52 -19.46
C GLY C 484 -60.75 22.48 -19.47
N MET C 485 -59.50 22.87 -19.13
CA MET C 485 -58.37 21.97 -18.96
C MET C 485 -58.29 21.55 -17.53
N ALA C 486 -58.24 22.53 -16.61
CA ALA C 486 -58.00 22.32 -15.17
C ALA C 486 -59.30 21.98 -14.42
N ASN C 487 -59.29 20.93 -13.57
CA ASN C 487 -60.29 20.92 -12.49
C ASN C 487 -59.63 20.92 -11.11
N THR C 488 -58.55 21.69 -10.88
CA THR C 488 -58.04 21.84 -9.51
C THR C 488 -57.65 23.28 -9.23
N THR C 489 -57.57 23.59 -7.93
CA THR C 489 -57.15 24.91 -7.50
C THR C 489 -55.76 25.22 -8.07
N VAL C 490 -54.78 24.35 -7.77
CA VAL C 490 -53.40 24.69 -8.17
C VAL C 490 -53.32 24.82 -9.71
N GLU C 491 -54.03 23.97 -10.47
CA GLU C 491 -53.99 24.19 -11.91
C GLU C 491 -54.64 25.51 -12.29
N SER C 492 -55.74 25.96 -11.62
CA SER C 492 -56.21 27.33 -11.93
C SER C 492 -55.27 28.36 -11.45
N VAL C 493 -54.58 28.09 -10.34
CA VAL C 493 -53.54 29.01 -9.87
C VAL C 493 -52.50 29.19 -10.99
N ASN C 494 -52.11 28.05 -11.61
CA ASN C 494 -51.04 28.08 -12.62
C ASN C 494 -51.52 28.80 -13.86
N ASP C 495 -52.78 28.62 -14.25
CA ASP C 495 -53.35 29.40 -15.38
C ASP C 495 -53.14 30.90 -15.16
N GLY C 496 -53.61 31.46 -14.04
CA GLY C 496 -53.50 32.91 -13.99
C GLY C 496 -52.08 33.37 -13.90
N LYS C 497 -51.18 32.48 -13.40
CA LYS C 497 -49.79 32.90 -13.31
C LYS C 497 -49.17 32.92 -14.66
N GLN C 498 -49.41 31.85 -15.42
CA GLN C 498 -48.95 31.84 -16.81
C GLN C 498 -49.47 33.08 -17.51
N ALA C 499 -50.74 33.38 -17.36
CA ALA C 499 -51.34 34.52 -18.01
C ALA C 499 -50.63 35.81 -17.68
N SER C 500 -50.25 35.98 -16.40
CA SER C 500 -49.69 37.29 -16.04
C SER C 500 -48.46 37.63 -16.87
N TRP C 501 -47.63 36.66 -17.13
CA TRP C 501 -46.46 37.09 -17.84
C TRP C 501 -46.90 37.64 -19.19
N TYR C 502 -47.78 36.95 -19.92
CA TYR C 502 -48.08 37.42 -21.27
C TYR C 502 -48.91 38.70 -21.24
N ILE C 503 -49.71 38.90 -20.17
CA ILE C 503 -50.43 40.18 -20.03
C ILE C 503 -49.42 41.34 -19.96
N HIS C 504 -48.33 41.14 -19.29
CA HIS C 504 -47.35 42.17 -19.14
C HIS C 504 -46.65 42.37 -20.47
N LYS C 505 -46.43 41.24 -21.19
CA LYS C 505 -45.81 41.34 -22.52
C LYS C 505 -46.70 42.15 -23.44
N TYR C 506 -48.02 41.94 -23.31
CA TYR C 506 -48.95 42.65 -24.16
C TYR C 506 -48.90 44.16 -23.83
N ILE C 507 -49.10 44.49 -22.55
CA ILE C 507 -49.29 45.90 -22.17
C ILE C 507 -48.03 46.69 -22.45
N GLN C 508 -46.86 46.06 -22.23
CA GLN C 508 -45.63 46.79 -22.40
C GLN C 508 -45.50 47.14 -23.84
N ALA C 509 -45.76 46.16 -24.75
CA ALA C 509 -45.78 46.39 -26.23
C ALA C 509 -46.78 47.51 -26.61
N GLN C 510 -47.98 47.41 -26.12
CA GLN C 510 -48.91 48.46 -26.43
C GLN C 510 -48.32 49.81 -26.13
N TYR C 511 -47.45 49.92 -25.09
CA TYR C 511 -46.87 51.21 -24.73
C TYR C 511 -45.52 51.42 -25.38
N GLY C 512 -45.03 50.45 -26.15
CA GLY C 512 -43.78 50.64 -26.84
C GLY C 512 -42.56 50.11 -26.17
N ALA C 513 -42.68 49.39 -25.08
CA ALA C 513 -41.51 48.72 -24.47
C ALA C 513 -41.51 47.22 -24.79
N SER C 514 -40.34 46.57 -24.68
CA SER C 514 -40.21 45.10 -24.92
C SER C 514 -39.87 44.32 -23.62
N VAL C 515 -40.05 43.00 -23.55
CA VAL C 515 -39.78 42.34 -22.27
C VAL C 515 -38.79 41.20 -22.45
N SER C 516 -38.28 40.68 -21.31
CA SER C 516 -37.17 39.73 -21.36
C SER C 516 -37.45 38.68 -22.40
N ALA C 517 -36.42 38.32 -23.15
CA ALA C 517 -36.49 37.07 -23.88
C ALA C 517 -37.23 35.96 -23.12
N LYS C 518 -36.69 35.61 -21.82
CA LYS C 518 -36.90 34.51 -20.86
C LYS C 518 -37.85 34.97 -19.80
N PRO C 519 -38.83 34.20 -19.40
CA PRO C 519 -39.81 34.76 -18.49
C PRO C 519 -39.27 34.73 -17.09
N GLU C 520 -39.84 35.56 -16.26
CA GLU C 520 -39.19 35.92 -15.03
C GLU C 520 -40.29 36.62 -14.22
N LEU C 521 -41.11 35.84 -13.64
CA LEU C 521 -41.99 36.39 -12.65
C LEU C 521 -41.22 36.65 -11.34
N PRO C 522 -41.50 37.66 -10.61
CA PRO C 522 -40.73 37.83 -9.36
C PRO C 522 -41.22 36.80 -8.32
N LEU C 523 -40.41 36.66 -7.23
CA LEU C 523 -40.65 35.79 -6.09
C LEU C 523 -41.49 36.52 -5.05
N PHE C 524 -41.87 35.86 -3.98
CA PHE C 524 -42.69 36.50 -2.99
C PHE C 524 -41.78 37.15 -1.94
N TYR C 525 -42.09 38.42 -1.52
CA TYR C 525 -41.24 39.10 -0.49
C TYR C 525 -42.06 39.71 0.69
N THR C 526 -41.40 39.84 1.91
CA THR C 526 -41.93 40.45 3.13
C THR C 526 -40.91 41.39 3.81
N PRO C 527 -41.19 42.08 4.94
CA PRO C 527 -40.09 42.83 5.64
C PRO C 527 -38.92 41.98 6.06
N VAL C 528 -39.07 40.67 6.27
CA VAL C 528 -38.02 39.87 6.84
C VAL C 528 -36.86 39.90 5.91
N ASP C 529 -37.13 39.96 4.61
CA ASP C 529 -36.05 39.83 3.66
C ASP C 529 -35.24 41.10 3.65
N LEU C 530 -35.64 42.14 4.40
CA LEU C 530 -34.81 43.33 4.38
C LEU C 530 -33.90 43.32 5.57
N VAL C 531 -33.89 42.26 6.37
CA VAL C 531 -33.12 42.38 7.60
C VAL C 531 -31.69 42.20 7.21
N ASP C 532 -30.80 42.99 7.85
CA ASP C 532 -29.39 42.99 7.53
C ASP C 532 -28.63 41.87 8.29
N ILE C 533 -28.09 40.87 7.54
CA ILE C 533 -27.30 39.85 8.23
C ILE C 533 -25.81 39.95 7.98
N SER C 534 -25.31 41.17 7.72
CA SER C 534 -23.88 41.34 7.57
C SER C 534 -23.24 41.45 8.92
N VAL C 535 -21.94 41.30 8.98
CA VAL C 535 -21.23 41.41 10.26
C VAL C 535 -19.78 41.75 9.98
N GLU C 536 -19.07 42.23 11.00
CA GLU C 536 -17.69 42.63 10.81
C GLU C 536 -16.87 41.83 11.79
N MET C 537 -15.70 41.34 11.38
CA MET C 537 -14.89 40.57 12.31
C MET C 537 -13.44 40.68 11.84
N ALA C 538 -12.58 41.11 12.77
CA ALA C 538 -11.14 41.16 12.57
C ALA C 538 -10.82 42.07 11.42
N GLY C 539 -11.63 43.09 11.27
CA GLY C 539 -11.48 44.06 10.22
C GLY C 539 -11.93 43.65 8.86
N LEU C 540 -12.57 42.50 8.71
CA LEU C 540 -13.18 42.10 7.44
C LEU C 540 -14.70 42.33 7.47
N LYS C 541 -15.32 42.71 6.37
CA LYS C 541 -16.78 42.76 6.40
C LYS C 541 -17.29 41.58 5.64
N PHE C 542 -18.09 40.74 6.32
CA PHE C 542 -18.86 39.64 5.72
C PHE C 542 -20.30 40.02 5.38
N ILE C 543 -20.73 39.85 4.12
CA ILE C 543 -22.12 40.17 3.72
C ILE C 543 -23.15 39.30 4.45
N ASN C 544 -22.84 38.02 4.72
CA ASN C 544 -23.66 37.18 5.61
C ASN C 544 -22.63 36.40 6.43
N PRO C 545 -23.02 35.87 7.61
CA PRO C 545 -22.04 35.15 8.48
C PRO C 545 -21.74 33.71 8.10
N PHE C 546 -22.27 33.16 7.00
CA PHE C 546 -22.09 31.76 6.68
C PHE C 546 -21.01 31.53 5.63
N GLY C 547 -20.17 30.51 5.88
CA GLY C 547 -19.11 30.26 4.94
C GLY C 547 -18.75 28.81 5.01
N LEU C 548 -18.00 28.37 3.94
CA LEU C 548 -17.62 26.97 3.74
C LEU C 548 -16.29 26.77 4.50
N ALA C 549 -16.32 25.90 5.51
CA ALA C 549 -15.09 25.40 6.13
C ALA C 549 -14.18 24.81 5.08
N SER C 550 -12.92 24.61 5.46
CA SER C 550 -11.82 23.96 4.68
C SER C 550 -11.95 22.44 4.67
N ALA C 551 -12.24 21.83 3.54
CA ALA C 551 -12.88 20.50 3.61
C ALA C 551 -13.28 20.04 2.23
N ALA C 552 -13.94 18.89 2.11
CA ALA C 552 -14.37 18.37 0.80
C ALA C 552 -15.19 19.31 -0.07
N PRO C 553 -16.08 20.17 0.44
CA PRO C 553 -16.80 21.10 -0.45
C PRO C 553 -15.94 22.18 -1.03
N THR C 554 -14.74 22.39 -0.50
CA THR C 554 -13.88 23.42 -1.01
C THR C 554 -12.67 22.79 -1.59
N THR C 555 -12.92 21.64 -2.23
CA THR C 555 -11.88 20.78 -2.87
C THR C 555 -11.25 21.42 -4.12
N SER C 556 -12.03 22.15 -4.91
CA SER C 556 -11.52 22.90 -6.08
C SER C 556 -11.97 24.33 -5.97
N SER C 557 -11.17 25.27 -6.51
CA SER C 557 -11.65 26.63 -6.58
C SER C 557 -12.90 26.77 -7.44
N SER C 558 -13.25 25.79 -8.27
CA SER C 558 -14.45 26.04 -9.09
C SER C 558 -15.70 25.77 -8.32
N MET C 559 -15.63 24.85 -7.34
CA MET C 559 -16.72 24.71 -6.39
C MET C 559 -16.97 26.00 -5.65
N ILE C 560 -15.85 26.62 -5.21
CA ILE C 560 -15.91 27.80 -4.34
C ILE C 560 -16.63 28.89 -5.12
N ARG C 561 -16.38 28.92 -6.44
CA ARG C 561 -17.01 29.88 -7.35
C ARG C 561 -18.52 29.66 -7.41
N ARG C 562 -18.94 28.39 -7.60
CA ARG C 562 -20.38 28.11 -7.57
C ARG C 562 -21.02 28.41 -6.19
N ALA C 563 -20.26 28.20 -5.08
CA ALA C 563 -20.85 28.56 -3.80
C ALA C 563 -21.04 30.06 -3.69
N PHE C 564 -20.10 30.88 -4.13
CA PHE C 564 -20.35 32.34 -4.04
C PHE C 564 -21.51 32.75 -4.96
N GLU C 565 -21.56 32.10 -6.19
CA GLU C 565 -22.72 32.29 -7.06
C GLU C 565 -23.98 31.88 -6.33
N ALA C 566 -23.90 30.91 -5.41
CA ALA C 566 -25.16 30.62 -4.69
C ALA C 566 -25.46 31.55 -3.56
N GLY C 567 -24.50 32.33 -3.09
CA GLY C 567 -24.86 33.17 -1.96
C GLY C 567 -23.96 33.12 -0.72
N TRP C 568 -23.06 32.12 -0.61
CA TRP C 568 -22.25 31.92 0.60
C TRP C 568 -21.36 33.13 0.76
N GLY C 569 -21.38 33.74 1.90
CA GLY C 569 -20.64 34.96 1.98
C GLY C 569 -19.17 34.84 2.20
N PHE C 570 -18.61 33.63 2.51
CA PHE C 570 -17.17 33.46 2.44
C PHE C 570 -16.87 31.99 2.36
N ALA C 571 -15.62 31.69 2.03
CA ALA C 571 -15.16 30.31 1.86
C ALA C 571 -13.71 30.22 2.31
N LEU C 572 -13.34 29.02 2.81
CA LEU C 572 -11.96 28.64 3.05
C LEU C 572 -11.46 27.79 1.86
N THR C 573 -10.14 27.88 1.53
CA THR C 573 -9.64 26.90 0.58
C THR C 573 -9.37 25.63 1.37
N LYS C 574 -9.43 24.48 0.64
CA LYS C 574 -9.01 23.21 1.18
C LYS C 574 -7.57 23.42 1.61
N THR C 575 -7.13 22.86 2.76
CA THR C 575 -5.80 23.23 3.31
C THR C 575 -4.68 22.95 2.30
N PHE C 576 -3.72 23.87 2.13
CA PHE C 576 -2.69 23.56 1.12
C PHE C 576 -1.28 23.75 1.70
N SER C 577 -0.28 23.19 1.01
CA SER C 577 1.07 23.25 1.53
C SER C 577 2.07 23.54 0.41
N LEU C 578 3.36 23.76 0.77
CA LEU C 578 4.47 23.79 -0.21
C LEU C 578 4.54 22.48 -1.02
N ASP C 579 5.29 22.49 -2.11
CA ASP C 579 5.30 21.25 -2.89
C ASP C 579 5.93 20.11 -2.09
N LYS C 580 7.09 20.34 -1.46
CA LYS C 580 7.60 19.35 -0.48
C LYS C 580 6.62 18.56 0.42
N ASP C 581 5.47 19.10 0.80
CA ASP C 581 4.68 18.37 1.77
C ASP C 581 3.50 17.67 1.10
N ILE C 582 3.35 17.83 -0.21
CA ILE C 582 2.10 17.43 -0.83
C ILE C 582 1.93 15.92 -0.68
N VAL C 583 0.69 15.52 -0.52
CA VAL C 583 0.39 14.27 0.14
C VAL C 583 -0.35 13.38 -0.84
N THR C 584 -0.77 12.21 -0.42
CA THR C 584 -1.56 11.46 -1.39
C THR C 584 -2.60 10.65 -0.68
N ASN C 585 -3.83 10.89 -1.07
CA ASN C 585 -4.93 10.36 -0.27
C ASN C 585 -5.20 8.89 -0.59
N VAL C 586 -5.84 8.25 0.34
CA VAL C 586 -6.18 6.91 0.04
C VAL C 586 -7.67 6.91 -0.28
N SER C 587 -8.17 5.70 -0.59
CA SER C 587 -9.59 5.53 -0.80
C SER C 587 -9.90 4.17 -0.28
N PRO C 588 -11.07 3.95 0.27
CA PRO C 588 -12.10 4.92 0.68
C PRO C 588 -11.68 5.77 1.84
N ARG C 589 -12.20 7.00 1.87
CA ARG C 589 -11.71 7.80 2.97
C ARG C 589 -12.74 8.65 3.67
N ILE C 590 -13.98 8.75 3.21
CA ILE C 590 -15.03 9.45 3.93
C ILE C 590 -16.18 8.43 4.05
N VAL C 591 -16.68 8.25 5.28
CA VAL C 591 -17.77 7.32 5.57
C VAL C 591 -18.81 8.02 6.44
N ARG C 592 -20.02 7.46 6.38
CA ARG C 592 -21.14 7.90 7.20
C ARG C 592 -20.89 7.45 8.65
N GLY C 593 -21.47 8.19 9.60
CA GLY C 593 -21.21 7.90 10.98
C GLY C 593 -22.32 6.99 11.38
N THR C 594 -22.07 6.17 12.41
CA THR C 594 -23.10 5.26 12.93
C THR C 594 -23.66 5.75 14.30
N THR C 595 -23.52 7.06 14.54
CA THR C 595 -23.84 7.79 15.73
C THR C 595 -25.30 8.05 15.86
N SER C 596 -26.09 7.82 14.86
CA SER C 596 -27.49 7.74 15.21
C SER C 596 -28.15 6.50 14.59
N GLY C 597 -27.36 5.45 14.34
CA GLY C 597 -28.01 4.18 14.18
C GLY C 597 -28.26 3.92 12.71
N PRO C 598 -28.92 2.90 12.41
CA PRO C 598 -28.76 2.57 10.98
C PRO C 598 -29.86 3.21 10.16
N MET C 599 -29.77 4.55 9.99
CA MET C 599 -30.62 5.36 9.13
C MET C 599 -29.82 5.82 7.92
N TYR C 600 -30.35 5.62 6.74
CA TYR C 600 -29.64 5.99 5.52
C TYR C 600 -30.35 7.18 4.83
N GLY C 601 -29.52 8.03 4.19
CA GLY C 601 -29.95 9.03 3.26
C GLY C 601 -29.79 10.36 3.89
N PRO C 602 -30.85 11.13 3.88
CA PRO C 602 -30.76 12.49 4.31
C PRO C 602 -30.32 12.51 5.78
N GLY C 603 -29.61 13.56 6.17
CA GLY C 603 -29.53 13.86 7.58
C GLY C 603 -28.57 12.99 8.39
N GLN C 604 -27.52 12.42 7.77
CA GLN C 604 -26.48 11.77 8.53
C GLN C 604 -26.02 12.65 9.70
N SER C 605 -25.92 12.06 10.89
CA SER C 605 -25.47 12.85 12.02
C SER C 605 -23.97 12.95 12.13
N SER C 606 -23.21 12.43 11.19
CA SER C 606 -21.77 12.69 11.13
C SER C 606 -21.13 11.90 10.02
N PHE C 607 -19.84 12.21 9.81
CA PHE C 607 -19.05 11.47 8.88
C PHE C 607 -17.79 11.22 9.66
N LEU C 608 -17.03 10.18 9.26
CA LEU C 608 -15.61 10.04 9.63
C LEU C 608 -14.75 10.31 8.42
N ASN C 609 -13.62 11.08 8.51
CA ASN C 609 -12.78 11.11 7.34
C ASN C 609 -11.36 10.83 7.69
N ILE C 610 -10.66 10.19 6.75
CA ILE C 610 -9.23 10.00 6.83
C ILE C 610 -8.59 10.74 5.62
N GLU C 611 -9.16 11.87 5.27
CA GLU C 611 -8.60 12.55 4.15
C GLU C 611 -7.45 13.41 4.60
N LEU C 612 -6.50 13.68 3.72
CA LEU C 612 -5.36 14.53 4.18
C LEU C 612 -5.58 16.02 3.88
N ILE C 613 -4.52 16.66 3.37
CA ILE C 613 -4.76 18.01 2.89
C ILE C 613 -4.92 17.95 1.38
N SER C 614 -5.04 19.10 0.70
CA SER C 614 -5.17 19.16 -0.77
C SER C 614 -4.12 18.40 -1.53
N GLU C 615 -4.53 17.65 -2.53
CA GLU C 615 -3.57 17.08 -3.47
C GLU C 615 -3.20 18.11 -4.51
N LYS C 616 -3.85 19.26 -4.52
CA LYS C 616 -3.51 20.28 -5.53
C LYS C 616 -2.51 21.25 -4.93
N THR C 617 -1.55 21.65 -5.77
CA THR C 617 -0.39 22.48 -5.38
C THR C 617 -0.75 23.92 -4.98
N ALA C 618 0.19 24.51 -4.24
CA ALA C 618 0.05 25.90 -3.83
C ALA C 618 -0.02 26.82 -5.06
N ALA C 619 0.57 26.43 -6.15
CA ALA C 619 0.47 27.33 -7.27
C ALA C 619 -0.94 27.30 -7.80
N TYR C 620 -1.54 26.12 -7.90
CA TYR C 620 -2.98 26.08 -8.19
C TYR C 620 -3.79 26.97 -7.23
N TRP C 621 -3.56 26.84 -5.91
CA TRP C 621 -4.48 27.53 -4.99
C TRP C 621 -4.28 29.00 -5.04
N CYS C 622 -3.03 29.46 -5.24
CA CYS C 622 -2.75 30.90 -5.27
C CYS C 622 -3.34 31.59 -6.52
N GLN C 623 -3.13 30.99 -7.73
CA GLN C 623 -3.78 31.51 -8.92
C GLN C 623 -5.26 31.57 -8.65
N SER C 624 -5.80 30.51 -8.05
CA SER C 624 -7.22 30.46 -7.76
C SER C 624 -7.67 31.54 -6.76
N VAL C 625 -6.93 31.80 -5.67
CA VAL C 625 -7.42 32.91 -4.87
C VAL C 625 -7.38 34.26 -5.69
N THR C 626 -6.42 34.43 -6.62
CA THR C 626 -6.42 35.73 -7.29
C THR C 626 -7.64 35.85 -8.17
N GLU C 627 -8.00 34.76 -8.87
CA GLU C 627 -9.17 34.78 -9.76
C GLU C 627 -10.46 34.98 -8.99
N LEU C 628 -10.55 34.37 -7.77
CA LEU C 628 -11.74 34.49 -7.00
C LEU C 628 -11.82 35.90 -6.39
N LYS C 629 -10.74 36.41 -5.82
CA LYS C 629 -10.99 37.71 -5.22
C LYS C 629 -11.25 38.84 -6.25
N ALA C 630 -10.92 38.63 -7.56
CA ALA C 630 -11.01 39.62 -8.63
C ALA C 630 -12.42 39.66 -9.16
N ASP C 631 -13.04 38.49 -9.27
CA ASP C 631 -14.45 38.41 -9.59
C ASP C 631 -15.46 38.49 -8.43
N PHE C 632 -15.06 38.25 -7.20
CA PHE C 632 -16.00 38.25 -6.08
C PHE C 632 -15.44 39.14 -5.00
N PRO C 633 -15.25 40.41 -5.28
CA PRO C 633 -14.47 41.22 -4.36
C PRO C 633 -15.14 41.39 -3.02
N ASP C 634 -16.45 41.17 -2.91
CA ASP C 634 -17.07 41.19 -1.56
C ASP C 634 -17.24 39.84 -0.84
N ASN C 635 -17.01 38.68 -1.47
CA ASN C 635 -17.01 37.49 -0.63
C ASN C 635 -15.61 37.37 0.02
N ILE C 636 -15.53 37.09 1.31
CA ILE C 636 -14.22 36.89 1.89
C ILE C 636 -13.64 35.53 1.45
N VAL C 637 -12.38 35.50 1.02
CA VAL C 637 -11.70 34.25 0.76
C VAL C 637 -10.54 34.12 1.73
N ILE C 638 -10.45 32.98 2.43
CA ILE C 638 -9.47 32.73 3.48
C ILE C 638 -8.65 31.52 3.02
N ALA C 639 -7.31 31.67 2.88
CA ALA C 639 -6.46 30.55 2.39
C ALA C 639 -6.04 29.67 3.57
N SER C 640 -6.29 28.37 3.52
CA SER C 640 -5.97 27.52 4.68
C SER C 640 -4.62 26.87 4.40
N ILE C 641 -3.65 26.98 5.31
CA ILE C 641 -2.31 26.52 4.94
C ILE C 641 -1.70 25.68 6.06
N MET C 642 -0.77 24.79 5.68
CA MET C 642 -0.14 23.89 6.65
C MET C 642 1.34 23.68 6.35
N CYS C 643 2.18 23.77 7.38
CA CYS C 643 3.55 23.35 7.18
C CYS C 643 4.01 22.55 8.37
N SER C 644 5.09 21.85 8.18
CA SER C 644 5.81 21.28 9.30
C SER C 644 6.29 22.45 10.19
N TYR C 645 6.63 22.12 11.44
CA TYR C 645 7.24 23.03 12.41
C TYR C 645 8.57 23.68 12.00
N ASN C 646 8.58 24.76 11.18
CA ASN C 646 9.75 25.19 10.41
C ASN C 646 9.52 26.67 10.15
N LYS C 647 10.28 27.58 10.73
CA LYS C 647 10.03 29.03 10.47
C LYS C 647 9.99 29.36 8.97
N ASN C 648 10.93 28.78 8.19
CA ASN C 648 11.12 29.27 6.83
C ASN C 648 9.91 28.92 5.98
N ASP C 649 9.27 27.77 6.22
CA ASP C 649 8.08 27.36 5.45
C ASP C 649 6.80 28.13 5.82
N TRP C 650 6.55 28.32 7.12
CA TRP C 650 5.36 29.07 7.50
C TRP C 650 5.45 30.49 6.96
N MET C 651 6.65 31.04 6.89
CA MET C 651 6.75 32.38 6.37
C MET C 651 6.68 32.39 4.84
N GLU C 652 7.25 31.40 4.19
CA GLU C 652 7.13 31.38 2.74
C GLU C 652 5.70 31.07 2.31
N LEU C 653 5.10 30.00 2.87
CA LEU C 653 3.77 29.63 2.43
C LEU C 653 2.77 30.72 2.76
N SER C 654 2.82 31.30 3.94
CA SER C 654 1.87 32.37 4.27
C SER C 654 2.17 33.68 3.49
N ARG C 655 3.43 33.95 3.12
CA ARG C 655 3.65 35.05 2.19
C ARG C 655 3.14 34.72 0.78
N LYS C 656 3.22 33.47 0.31
CA LYS C 656 2.59 33.21 -0.98
C LYS C 656 1.09 33.48 -0.87
N ALA C 657 0.47 33.02 0.21
CA ALA C 657 -0.97 33.18 0.22
C ALA C 657 -1.34 34.60 0.37
N GLU C 658 -0.49 35.42 0.97
CA GLU C 658 -0.90 36.81 1.06
C GLU C 658 -0.76 37.53 -0.29
N ALA C 659 0.28 37.15 -0.99
CA ALA C 659 0.59 37.74 -2.26
C ALA C 659 -0.53 37.48 -3.27
N SER C 660 -1.29 36.40 -3.12
CA SER C 660 -2.28 36.01 -4.07
C SER C 660 -3.55 36.81 -3.96
N GLY C 661 -3.79 37.43 -2.79
CA GLY C 661 -4.98 38.21 -2.62
C GLY C 661 -5.88 37.71 -1.52
N ALA C 662 -5.47 36.70 -0.78
CA ALA C 662 -6.29 36.18 0.27
C ALA C 662 -6.69 37.31 1.23
N ASP C 663 -7.92 37.26 1.73
CA ASP C 663 -8.34 38.27 2.71
C ASP C 663 -7.70 37.99 4.06
N ALA C 664 -7.37 36.74 4.33
CA ALA C 664 -6.99 36.34 5.68
C ALA C 664 -6.46 34.96 5.45
N LEU C 665 -5.81 34.39 6.48
CA LEU C 665 -5.24 33.04 6.46
C LEU C 665 -5.80 32.20 7.58
N GLU C 666 -5.89 30.90 7.37
CA GLU C 666 -6.17 30.03 8.47
C GLU C 666 -5.03 28.98 8.56
N LEU C 667 -4.39 28.92 9.74
CA LEU C 667 -3.28 27.99 10.04
C LEU C 667 -3.88 26.62 10.45
N ASN C 668 -3.72 25.66 9.58
CA ASN C 668 -4.19 24.34 9.97
C ASN C 668 -3.12 23.76 10.92
N LEU C 669 -3.36 23.87 12.21
CA LEU C 669 -2.37 23.46 13.21
C LEU C 669 -2.42 21.93 13.40
N SER C 670 -2.76 21.18 12.34
CA SER C 670 -2.88 19.75 12.57
C SER C 670 -1.62 19.05 12.19
N SER C 671 -0.52 19.17 11.95
CA SER C 671 0.65 18.46 11.43
C SER C 671 1.49 17.82 12.54
N PRO C 672 1.98 17.04 12.26
CA PRO C 672 2.85 16.28 13.22
C PRO C 672 4.19 17.01 13.58
N HIS C 673 4.51 17.08 14.91
CA HIS C 673 5.73 17.78 15.39
C HIS C 673 6.24 17.33 16.76
N GLY C 674 7.46 16.78 16.75
CA GLY C 674 8.16 16.20 17.89
C GLY C 674 9.22 15.27 17.30
N MET C 680 1.32 16.87 25.92
CA MET C 680 1.24 18.04 25.02
C MET C 680 1.11 17.67 23.50
N GLY C 681 1.08 16.37 23.12
CA GLY C 681 0.65 15.98 21.77
C GLY C 681 1.60 15.90 20.58
N LEU C 682 1.28 15.03 19.63
CA LEU C 682 2.09 14.83 18.44
C LEU C 682 1.49 15.53 17.21
N ALA C 683 0.41 16.30 17.39
CA ALA C 683 0.04 17.37 16.46
C ALA C 683 0.31 18.74 17.11
N CYS C 684 0.93 19.64 16.33
CA CYS C 684 1.34 20.93 16.87
C CYS C 684 0.20 21.67 17.59
N GLY C 685 -1.04 21.64 17.08
CA GLY C 685 -2.07 22.29 17.88
C GLY C 685 -2.38 21.58 19.20
N GLN C 686 -1.69 20.48 19.51
CA GLN C 686 -1.91 20.05 20.86
C GLN C 686 -0.97 20.69 21.83
N ASP C 687 -0.13 21.64 21.41
CA ASP C 687 0.96 22.11 22.26
C ASP C 687 1.04 23.63 22.30
N PRO C 688 0.72 24.32 23.42
CA PRO C 688 0.59 25.80 23.29
C PRO C 688 1.85 26.45 22.87
N GLU C 689 2.95 25.99 23.45
CA GLU C 689 4.29 26.46 23.10
C GLU C 689 4.52 26.48 21.61
N LEU C 690 4.36 25.33 20.91
CA LEU C 690 4.40 25.34 19.43
C LEU C 690 3.36 26.33 18.81
N VAL C 691 2.13 26.36 19.35
CA VAL C 691 1.14 27.24 18.76
C VAL C 691 1.58 28.67 18.90
N ARG C 692 2.22 29.00 20.00
CA ARG C 692 2.57 30.42 20.09
C ARG C 692 3.66 30.78 19.08
N ASN C 693 4.64 29.87 18.87
CA ASN C 693 5.67 30.10 17.88
C ASN C 693 5.15 30.10 16.46
N ILE C 694 4.38 29.08 16.04
CA ILE C 694 3.92 29.12 14.64
C ILE C 694 3.19 30.44 14.37
N CYS C 695 2.34 30.86 15.31
CA CYS C 695 1.70 32.18 15.22
C CYS C 695 2.71 33.35 15.18
N ARG C 696 3.60 33.47 16.16
CA ARG C 696 4.77 34.34 16.04
C ARG C 696 5.36 34.48 14.61
N TRP C 697 5.86 33.41 14.01
CA TRP C 697 6.33 33.47 12.63
C TRP C 697 5.36 34.15 11.67
N VAL C 698 4.13 33.63 11.63
CA VAL C 698 3.22 34.16 10.62
C VAL C 698 3.00 35.65 10.86
N ARG C 699 2.76 36.06 12.10
CA ARG C 699 2.51 37.48 12.37
C ARG C 699 3.65 38.37 11.88
N GLN C 700 4.88 37.89 11.97
CA GLN C 700 5.92 38.80 11.43
C GLN C 700 6.11 38.63 9.93
N ALA C 701 5.56 37.58 9.27
CA ALA C 701 5.66 37.50 7.83
C ALA C 701 4.56 38.24 7.05
N VAL C 702 3.34 38.36 7.53
CA VAL C 702 2.30 38.84 6.64
C VAL C 702 1.53 39.94 7.36
N GLN C 703 0.75 40.73 6.61
CA GLN C 703 -0.02 41.82 7.19
C GLN C 703 -1.52 41.60 7.31
N ILE C 704 -2.10 40.62 6.64
CA ILE C 704 -3.55 40.44 6.59
C ILE C 704 -3.90 39.90 7.97
N PRO C 705 -5.15 39.69 8.36
CA PRO C 705 -5.38 38.91 9.59
C PRO C 705 -5.20 37.42 9.33
N PHE C 706 -4.84 36.68 10.39
CA PHE C 706 -4.97 35.21 10.32
C PHE C 706 -5.50 34.59 11.64
N PHE C 707 -6.05 33.41 11.49
CA PHE C 707 -6.77 32.73 12.52
C PHE C 707 -6.15 31.32 12.74
N ALA C 708 -5.93 30.89 13.96
CA ALA C 708 -5.38 29.56 14.04
C ALA C 708 -6.51 28.58 14.23
N LYS C 709 -6.52 27.51 13.45
CA LYS C 709 -7.64 26.53 13.59
C LYS C 709 -7.26 25.48 14.63
N LEU C 710 -8.00 25.44 15.73
CA LEU C 710 -7.71 24.69 16.95
C LEU C 710 -8.16 23.23 16.83
N THR C 711 -7.50 22.32 17.57
CA THR C 711 -8.14 21.01 17.50
C THR C 711 -8.99 20.71 18.74
N PRO C 712 -10.14 20.02 18.68
CA PRO C 712 -10.80 19.73 19.93
C PRO C 712 -10.01 18.69 20.74
N ASN C 713 -9.14 17.83 20.16
CA ASN C 713 -8.47 16.78 20.99
C ASN C 713 -7.40 17.27 21.97
N VAL C 714 -7.75 18.14 22.91
CA VAL C 714 -6.76 18.50 23.90
C VAL C 714 -7.46 18.61 25.25
N THR C 715 -6.71 18.40 26.30
CA THR C 715 -7.25 18.60 27.63
C THR C 715 -7.80 19.99 27.83
N ASP C 716 -7.12 21.05 27.34
CA ASP C 716 -7.54 22.47 27.61
C ASP C 716 -7.57 23.38 26.39
N ILE C 717 -8.69 23.42 25.64
CA ILE C 717 -8.61 24.17 24.39
C ILE C 717 -8.36 25.64 24.68
N VAL C 718 -8.72 26.16 25.86
CA VAL C 718 -8.51 27.60 26.05
C VAL C 718 -7.00 27.95 26.08
N SER C 719 -6.16 27.10 26.66
CA SER C 719 -4.75 27.46 26.61
C SER C 719 -4.13 27.27 25.19
N ILE C 720 -4.73 26.45 24.32
CA ILE C 720 -4.21 26.61 22.97
C ILE C 720 -4.61 28.01 22.48
N ALA C 721 -5.83 28.45 22.81
CA ALA C 721 -6.37 29.64 22.13
C ALA C 721 -5.63 30.89 22.60
N ARG C 722 -5.12 30.79 23.85
CA ARG C 722 -4.34 31.82 24.52
C ARG C 722 -2.99 31.91 23.85
N ALA C 723 -2.52 30.75 23.42
CA ALA C 723 -1.20 30.78 22.84
C ALA C 723 -1.27 31.30 21.45
N ALA C 724 -2.33 30.93 20.74
CA ALA C 724 -2.55 31.63 19.48
C ALA C 724 -2.63 33.14 19.72
N LYS C 725 -3.52 33.60 20.64
CA LYS C 725 -3.66 35.05 20.89
C LYS C 725 -2.33 35.69 21.35
N GLU C 726 -1.56 34.95 22.16
CA GLU C 726 -0.32 35.53 22.61
C GLU C 726 0.61 35.76 21.44
N GLY C 727 0.53 34.92 20.39
CA GLY C 727 1.57 34.94 19.38
C GLY C 727 1.23 35.78 18.15
N GLY C 728 0.11 36.49 18.16
CA GLY C 728 -0.13 37.31 17.02
C GLY C 728 -1.47 37.10 16.38
N ALA C 729 -2.10 35.90 16.51
CA ALA C 729 -3.28 35.52 15.71
C ALA C 729 -4.39 36.53 15.94
N ASP C 730 -5.16 36.84 14.92
CA ASP C 730 -6.28 37.74 15.10
C ASP C 730 -7.57 37.04 15.49
N GLY C 731 -7.55 35.74 15.70
CA GLY C 731 -8.77 35.02 16.06
C GLY C 731 -8.52 33.53 15.90
N VAL C 732 -9.54 32.73 16.21
CA VAL C 732 -9.33 31.29 16.17
C VAL C 732 -10.59 30.65 15.65
N THR C 733 -10.36 29.44 15.02
CA THR C 733 -11.36 28.58 14.38
C THR C 733 -11.53 27.39 15.29
N ALA C 734 -12.73 27.20 15.77
CA ALA C 734 -13.00 26.22 16.83
C ALA C 734 -14.26 25.53 16.35
N THR C 735 -14.15 24.22 16.11
CA THR C 735 -12.89 23.51 16.16
C THR C 735 -12.73 22.54 14.94
N ASN C 736 -11.59 21.85 14.78
CA ASN C 736 -11.52 20.85 13.70
C ASN C 736 -12.22 19.58 14.21
N THR C 737 -11.99 18.45 13.57
CA THR C 737 -12.70 17.23 13.86
C THR C 737 -12.15 16.53 15.07
N VAL C 738 -13.02 15.65 15.69
CA VAL C 738 -12.71 14.97 16.93
C VAL C 738 -12.17 13.61 16.50
N SER C 739 -11.21 13.07 17.27
CA SER C 739 -10.57 11.84 16.87
C SER C 739 -11.44 10.63 17.16
N GLY C 740 -11.46 9.66 16.22
CA GLY C 740 -12.39 8.58 16.55
C GLY C 740 -12.27 7.44 15.58
N LEU C 741 -13.09 6.46 15.89
CA LEU C 741 -13.20 5.23 15.12
C LEU C 741 -14.70 5.01 14.92
N MET C 742 -15.08 4.86 13.67
CA MET C 742 -16.48 4.89 13.48
C MET C 742 -17.06 3.55 13.88
N GLY C 743 -16.68 2.49 13.21
CA GLY C 743 -16.98 1.17 13.84
C GLY C 743 -16.40 0.02 13.07
N LEU C 744 -16.92 -1.16 13.35
CA LEU C 744 -16.36 -2.39 12.82
C LEU C 744 -17.47 -3.27 12.24
N LYS C 745 -17.20 -4.05 11.18
CA LYS C 745 -18.29 -4.96 10.81
C LYS C 745 -18.18 -6.15 11.73
N ALA C 746 -19.15 -7.07 11.65
CA ALA C 746 -19.22 -8.15 12.64
C ALA C 746 -18.03 -9.08 12.54
N ASP C 747 -17.30 -9.11 11.40
CA ASP C 747 -16.06 -9.88 11.34
C ASP C 747 -14.81 -9.11 11.83
N GLY C 748 -14.95 -7.93 12.41
CA GLY C 748 -13.78 -7.24 12.95
C GLY C 748 -13.16 -6.23 12.03
N THR C 749 -13.41 -6.27 10.73
CA THR C 749 -12.72 -5.41 9.76
C THR C 749 -13.31 -4.00 9.84
N PRO C 750 -12.52 -2.98 9.79
CA PRO C 750 -13.01 -1.63 10.02
C PRO C 750 -13.73 -1.01 8.85
N TRP C 751 -14.41 0.05 9.14
CA TRP C 751 -14.82 0.74 7.96
C TRP C 751 -14.64 2.20 8.30
N PRO C 752 -13.90 2.96 7.49
CA PRO C 752 -13.43 2.60 6.10
C PRO C 752 -12.27 1.62 6.14
N ALA C 753 -12.07 0.86 5.08
CA ALA C 753 -11.10 -0.18 4.96
C ALA C 753 -10.39 0.08 3.65
N VAL C 754 -9.08 0.15 3.70
CA VAL C 754 -8.24 0.45 2.54
C VAL C 754 -7.46 -0.81 2.15
N GLY C 755 -7.42 -1.15 0.88
CA GLY C 755 -6.53 -2.23 0.50
C GLY C 755 -7.16 -3.57 0.80
N ALA C 756 -6.64 -4.62 0.12
CA ALA C 756 -7.12 -5.98 0.35
C ALA C 756 -7.02 -6.33 1.79
N GLY C 757 -6.16 -5.65 2.53
CA GLY C 757 -5.94 -5.93 3.93
C GLY C 757 -7.02 -5.34 4.81
N LYS C 758 -7.95 -4.65 4.24
CA LYS C 758 -9.03 -4.08 5.04
C LYS C 758 -8.48 -3.26 6.23
N ARG C 759 -7.35 -2.55 6.08
CA ARG C 759 -6.83 -1.71 7.15
C ARG C 759 -7.43 -0.30 7.22
N THR C 760 -7.13 0.38 8.32
CA THR C 760 -7.67 1.72 8.59
C THR C 760 -6.77 2.46 9.58
N THR C 761 -7.14 3.71 9.85
CA THR C 761 -6.42 4.51 10.83
C THR C 761 -7.44 5.33 11.61
N TYR C 762 -7.03 5.94 12.71
CA TYR C 762 -7.94 6.82 13.38
C TYR C 762 -8.32 7.96 12.43
N GLY C 763 -9.62 8.41 12.45
CA GLY C 763 -10.08 9.49 11.58
C GLY C 763 -10.64 10.65 12.41
N GLY C 764 -11.26 11.63 11.80
CA GLY C 764 -11.93 12.63 12.56
C GLY C 764 -13.42 12.51 12.29
N VAL C 765 -14.21 12.82 13.33
CA VAL C 765 -15.67 12.88 13.29
C VAL C 765 -16.12 14.34 13.04
N SER C 766 -17.04 14.55 12.08
CA SER C 766 -17.56 15.86 11.81
C SER C 766 -19.05 15.65 11.78
N GLY C 767 -19.84 16.78 11.80
CA GLY C 767 -21.32 16.74 11.72
C GLY C 767 -21.98 17.02 13.06
N THR C 768 -23.31 16.85 13.11
CA THR C 768 -23.94 17.40 14.30
C THR C 768 -23.71 16.54 15.52
N ALA C 769 -23.22 15.28 15.36
CA ALA C 769 -22.72 14.50 16.52
C ALA C 769 -21.63 15.25 17.32
N ILE C 770 -20.84 16.13 16.68
CA ILE C 770 -19.78 16.82 17.43
C ILE C 770 -20.17 18.26 17.85
N ARG C 771 -21.43 18.65 17.71
CA ARG C 771 -21.84 20.00 18.07
C ARG C 771 -21.60 20.28 19.53
N PRO C 772 -21.97 19.39 20.44
CA PRO C 772 -21.79 19.73 21.85
C PRO C 772 -20.33 19.97 22.19
N ILE C 773 -19.43 19.30 21.47
CA ILE C 773 -18.03 19.45 21.74
C ILE C 773 -17.59 20.84 21.30
N ALA C 774 -18.14 21.26 20.15
CA ALA C 774 -17.66 22.48 19.56
C ALA C 774 -18.29 23.68 20.27
N LEU C 775 -19.61 23.65 20.52
CA LEU C 775 -20.24 24.67 21.36
C LEU C 775 -19.53 24.81 22.73
N ARG C 776 -19.11 23.68 23.35
CA ARG C 776 -18.36 23.80 24.60
C ARG C 776 -17.06 24.56 24.39
N ALA C 777 -16.33 24.20 23.30
CA ALA C 777 -15.10 24.88 22.85
C ALA C 777 -15.32 26.36 22.63
N VAL C 778 -16.30 26.71 21.77
CA VAL C 778 -16.49 28.12 21.43
C VAL C 778 -16.85 28.89 22.70
N THR C 779 -17.78 28.36 23.52
CA THR C 779 -18.17 28.95 24.83
C THR C 779 -16.99 29.25 25.77
N THR C 780 -16.12 28.26 25.89
CA THR C 780 -15.07 28.25 26.87
C THR C 780 -13.93 29.20 26.40
N ILE C 781 -13.58 29.19 25.08
CA ILE C 781 -12.74 30.25 24.55
C ILE C 781 -13.43 31.63 24.73
N ALA C 782 -14.69 31.78 24.42
CA ALA C 782 -15.23 33.11 24.49
C ALA C 782 -15.31 33.64 25.94
N ARG C 783 -15.63 32.79 26.92
CA ARG C 783 -15.72 33.28 28.30
C ARG C 783 -14.36 33.71 28.83
N ALA C 784 -13.28 33.08 28.35
CA ALA C 784 -11.89 33.25 28.80
C ALA C 784 -11.12 34.36 28.11
N LEU C 785 -11.40 34.65 26.86
CA LEU C 785 -10.73 35.69 26.11
C LEU C 785 -11.80 36.56 25.47
N PRO C 786 -12.56 37.33 26.27
CA PRO C 786 -13.71 38.05 25.68
C PRO C 786 -13.21 39.02 24.63
N GLY C 787 -13.77 38.98 23.44
CA GLY C 787 -13.36 39.90 22.44
C GLY C 787 -12.66 39.22 21.31
N PHE C 788 -12.08 38.07 21.55
CA PHE C 788 -11.08 37.51 20.63
C PHE C 788 -11.91 36.86 19.54
N PRO C 789 -11.93 37.36 18.30
CA PRO C 789 -12.83 36.74 17.29
C PRO C 789 -12.76 35.20 17.18
N ILE C 790 -13.92 34.54 17.12
CA ILE C 790 -13.99 33.09 16.90
C ILE C 790 -14.67 32.76 15.54
N LEU C 791 -14.09 31.93 14.74
CA LEU C 791 -14.85 31.40 13.66
C LEU C 791 -15.41 30.05 14.13
N ALA C 792 -16.72 29.86 14.22
CA ALA C 792 -17.14 28.59 14.78
C ALA C 792 -17.17 27.54 13.67
N THR C 793 -16.76 26.30 13.99
CA THR C 793 -17.18 25.19 13.12
C THR C 793 -17.55 23.93 13.90
N GLY C 794 -18.46 23.13 13.36
CA GLY C 794 -18.67 21.84 14.00
C GLY C 794 -20.12 21.56 14.15
N GLY C 795 -20.73 20.92 13.18
CA GLY C 795 -22.16 20.59 13.37
C GLY C 795 -23.18 21.69 13.01
N ILE C 796 -22.74 22.79 12.43
CA ILE C 796 -23.73 23.76 12.07
C ILE C 796 -24.50 23.25 10.85
N ASP C 797 -25.83 23.24 10.93
CA ASP C 797 -26.57 22.79 9.77
C ASP C 797 -27.93 23.56 9.54
N SER C 798 -28.01 24.82 10.02
CA SER C 798 -29.23 25.61 9.89
C SER C 798 -29.02 26.99 10.51
N ALA C 799 -29.96 27.91 10.22
CA ALA C 799 -29.85 29.29 10.75
C ALA C 799 -29.95 29.22 12.24
N GLU C 800 -30.68 28.20 12.64
CA GLU C 800 -30.99 27.98 14.03
C GLU C 800 -29.75 27.54 14.82
N SER C 801 -29.19 26.36 14.53
CA SER C 801 -27.93 25.94 15.14
C SER C 801 -26.82 26.98 14.87
N GLY C 802 -26.77 27.60 13.68
CA GLY C 802 -25.88 28.74 13.59
C GLY C 802 -26.05 29.72 14.73
N LEU C 803 -27.32 30.22 14.98
CA LEU C 803 -27.53 31.28 16.00
C LEU C 803 -27.07 30.82 17.38
N GLN C 804 -27.04 29.50 17.65
CA GLN C 804 -26.56 29.05 18.95
C GLN C 804 -25.10 29.43 19.16
N PHE C 805 -24.26 29.15 18.13
CA PHE C 805 -22.82 29.50 18.13
C PHE C 805 -22.60 31.03 18.11
N LEU C 806 -23.37 31.77 17.36
CA LEU C 806 -23.31 33.23 17.55
C LEU C 806 -23.55 33.60 19.03
N HIS C 807 -24.63 33.06 19.66
CA HIS C 807 -24.95 33.41 21.05
C HIS C 807 -23.83 33.02 21.99
N SER C 808 -23.00 32.12 21.59
CA SER C 808 -21.96 31.62 22.45
C SER C 808 -20.63 32.25 22.13
N GLY C 809 -20.61 33.25 21.29
CA GLY C 809 -19.41 34.02 21.15
C GLY C 809 -18.75 33.97 19.79
N ALA C 810 -19.15 33.11 18.82
CA ALA C 810 -18.53 33.13 17.46
C ALA C 810 -19.05 34.32 16.63
N SER C 811 -18.28 34.79 15.67
CA SER C 811 -18.84 35.83 14.85
C SER C 811 -19.15 35.35 13.45
N VAL C 812 -18.54 34.24 12.99
CA VAL C 812 -18.98 33.67 11.71
C VAL C 812 -19.03 32.14 11.89
N LEU C 813 -19.67 31.48 10.90
CA LEU C 813 -20.09 30.06 11.00
C LEU C 813 -19.51 29.28 9.77
N GLN C 814 -18.62 28.33 9.96
CA GLN C 814 -18.14 27.61 8.78
C GLN C 814 -18.92 26.32 8.67
N VAL C 815 -19.16 25.85 7.44
CA VAL C 815 -19.99 24.64 7.30
C VAL C 815 -19.26 23.58 6.48
N CYS C 816 -19.42 22.33 6.82
CA CYS C 816 -18.89 21.28 5.93
C CYS C 816 -19.93 20.19 5.79
N SER C 817 -20.25 19.47 6.92
CA SER C 817 -21.11 18.28 6.76
C SER C 817 -22.52 18.52 6.31
N ALA C 818 -23.18 19.63 6.70
CA ALA C 818 -24.49 19.95 6.13
C ALA C 818 -24.43 20.07 4.59
N VAL C 819 -23.36 20.67 4.04
CA VAL C 819 -23.21 20.65 2.60
C VAL C 819 -23.01 19.22 2.10
N GLN C 820 -22.10 18.45 2.67
CA GLN C 820 -21.99 17.05 2.21
C GLN C 820 -23.30 16.33 2.25
N ASN C 821 -24.17 16.68 3.20
CA ASN C 821 -25.41 15.95 3.29
C ASN C 821 -26.42 16.43 2.24
N GLN C 822 -26.15 17.52 1.55
CA GLN C 822 -27.16 18.12 0.66
C GLN C 822 -26.51 18.79 -0.53
N ASP C 823 -26.22 20.11 -0.41
CA ASP C 823 -25.62 20.82 -1.54
C ASP C 823 -25.48 22.32 -1.17
N PHE C 824 -24.78 23.03 -2.03
CA PHE C 824 -24.55 24.46 -1.87
C PHE C 824 -25.83 25.26 -1.61
N THR C 825 -26.95 24.97 -2.32
CA THR C 825 -28.04 25.94 -2.10
C THR C 825 -28.57 26.00 -0.61
N VAL C 826 -28.11 25.18 0.35
CA VAL C 826 -28.67 25.34 1.67
C VAL C 826 -28.39 26.75 2.20
N ILE C 827 -27.47 27.50 1.58
CA ILE C 827 -27.24 28.90 1.94
C ILE C 827 -28.53 29.78 1.88
N GLN C 828 -29.40 29.59 0.87
CA GLN C 828 -30.66 30.36 0.86
C GLN C 828 -31.50 30.02 2.06
N ASP C 829 -31.56 28.76 2.44
CA ASP C 829 -32.27 28.48 3.67
C ASP C 829 -31.55 29.12 4.89
N TYR C 830 -30.17 29.22 4.92
CA TYR C 830 -29.53 29.85 6.10
C TYR C 830 -29.78 31.37 6.20
N CYS C 831 -29.66 32.09 5.12
CA CYS C 831 -29.91 33.52 5.27
C CYS C 831 -31.36 33.77 5.62
N THR C 832 -32.29 33.13 4.90
CA THR C 832 -33.64 33.61 5.11
C THR C 832 -34.07 33.14 6.51
N GLY C 833 -33.47 32.05 6.95
CA GLY C 833 -33.75 31.61 8.29
C GLY C 833 -33.19 32.56 9.32
N LEU C 834 -32.07 33.22 9.01
CA LEU C 834 -31.50 34.12 10.03
C LEU C 834 -32.21 35.47 9.97
N LYS C 835 -32.62 35.88 8.77
CA LYS C 835 -33.42 37.09 8.73
C LYS C 835 -34.63 36.95 9.60
N ALA C 836 -35.27 35.77 9.56
CA ALA C 836 -36.48 35.56 10.39
C ALA C 836 -36.20 35.64 11.88
N LEU C 837 -35.37 34.69 12.37
CA LEU C 837 -34.91 34.69 13.74
C LEU C 837 -34.73 36.14 14.20
N LEU C 838 -33.98 36.93 13.41
CA LEU C 838 -33.71 38.29 13.87
C LEU C 838 -35.03 39.16 13.91
N TYR C 839 -35.80 39.20 12.78
CA TYR C 839 -37.13 39.82 12.76
C TYR C 839 -37.98 39.42 13.97
N LEU C 840 -38.13 38.11 14.20
CA LEU C 840 -39.07 37.74 15.27
C LEU C 840 -38.68 38.43 16.56
N LYS C 841 -37.40 38.83 16.68
CA LYS C 841 -37.02 39.29 18.03
C LYS C 841 -37.52 40.65 18.34
N SER C 842 -37.97 41.41 17.33
CA SER C 842 -38.54 42.74 17.53
C SER C 842 -40.05 42.70 17.69
N ILE C 843 -40.71 41.54 17.48
CA ILE C 843 -42.17 41.44 17.54
C ILE C 843 -42.65 41.00 18.93
N GLU C 844 -43.20 41.98 19.66
CA GLU C 844 -43.62 41.79 21.03
C GLU C 844 -44.73 40.77 21.17
N GLU C 845 -45.60 40.65 20.19
CA GLU C 845 -46.68 39.70 20.23
C GLU C 845 -46.24 38.24 20.01
N LEU C 846 -45.01 37.94 19.54
CA LEU C 846 -44.56 36.56 19.30
C LEU C 846 -43.52 36.10 20.34
N GLN C 847 -43.42 36.82 21.47
CA GLN C 847 -42.39 36.55 22.47
C GLN C 847 -42.50 35.14 23.06
N GLY C 848 -43.72 34.51 23.04
CA GLY C 848 -43.90 33.19 23.69
C GLY C 848 -43.43 32.00 22.89
N TRP C 849 -42.93 32.27 21.67
CA TRP C 849 -42.34 31.33 20.70
C TRP C 849 -40.86 31.17 21.06
N ASP C 850 -40.29 30.03 20.55
CA ASP C 850 -38.87 29.71 20.56
C ASP C 850 -38.51 29.80 19.10
N GLY C 851 -37.93 30.93 18.65
CA GLY C 851 -37.47 30.95 17.29
C GLY C 851 -38.68 30.81 16.43
N GLN C 852 -38.59 30.12 15.35
CA GLN C 852 -39.79 30.14 14.54
C GLN C 852 -40.83 29.15 15.07
N SER C 853 -40.69 28.58 16.30
CA SER C 853 -41.68 27.56 16.74
C SER C 853 -42.77 28.16 17.62
N PRO C 854 -44.07 27.99 17.32
CA PRO C 854 -45.07 28.60 18.22
C PRO C 854 -45.14 27.80 19.51
N GLY C 855 -45.55 28.38 20.62
CA GLY C 855 -45.94 27.49 21.73
C GLY C 855 -47.12 26.61 21.33
N THR C 856 -47.09 25.31 21.69
CA THR C 856 -48.21 24.45 21.26
C THR C 856 -49.46 24.72 22.11
N GLU C 857 -50.57 24.09 21.66
CA GLU C 857 -51.81 23.74 22.35
C GLU C 857 -51.79 22.22 22.57
N SER C 858 -52.92 21.67 22.92
CA SER C 858 -53.03 20.23 23.06
C SER C 858 -53.36 19.57 21.71
N HIS C 859 -52.74 18.41 21.44
CA HIS C 859 -52.78 17.83 20.10
C HIS C 859 -52.77 16.29 20.05
N GLN C 860 -53.67 15.74 19.24
CA GLN C 860 -53.68 14.32 18.86
C GLN C 860 -53.86 14.28 17.35
N LYS C 861 -52.81 13.84 16.67
CA LYS C 861 -52.65 13.85 15.21
C LYS C 861 -52.53 15.29 14.66
N GLY C 862 -51.97 16.20 15.46
CA GLY C 862 -51.80 17.56 15.03
C GLY C 862 -53.13 18.19 14.66
N LYS C 863 -54.16 17.96 15.50
CA LYS C 863 -55.50 18.45 15.37
C LYS C 863 -55.90 19.19 16.64
N PRO C 864 -56.64 20.31 16.51
CA PRO C 864 -56.92 21.15 17.69
C PRO C 864 -57.89 20.51 18.70
N VAL C 865 -57.40 19.91 19.80
CA VAL C 865 -58.26 19.24 20.79
C VAL C 865 -59.06 20.30 21.59
N PRO C 866 -60.33 20.64 21.25
CA PRO C 866 -60.94 21.85 21.82
C PRO C 866 -61.31 21.66 23.30
N ARG C 867 -61.50 22.81 23.99
CA ARG C 867 -61.87 22.83 25.41
C ARG C 867 -63.37 22.69 25.54
N ILE C 868 -63.80 21.61 26.20
CA ILE C 868 -65.12 21.50 26.82
C ILE C 868 -64.87 21.16 28.30
N ALA C 869 -65.96 21.02 29.09
CA ALA C 869 -65.86 20.97 30.57
C ALA C 869 -65.90 19.55 31.18
N GLU C 870 -66.12 18.51 30.38
CA GLU C 870 -66.03 17.13 30.85
C GLU C 870 -64.63 16.52 30.63
N LEU C 871 -64.10 16.60 29.39
CA LEU C 871 -62.73 16.27 29.00
C LEU C 871 -61.73 16.54 30.13
N MET C 872 -61.99 17.58 30.93
CA MET C 872 -61.10 18.06 31.97
C MET C 872 -61.55 17.51 33.31
N GLY C 873 -60.70 16.71 33.94
CA GLY C 873 -60.84 16.40 35.36
C GLY C 873 -61.16 14.97 35.70
N LYS C 874 -61.54 14.16 34.71
CA LYS C 874 -61.83 12.74 34.89
C LYS C 874 -61.17 11.89 33.76
N LYS C 875 -59.88 12.17 33.43
CA LYS C 875 -58.90 11.32 32.73
C LYS C 875 -59.47 10.41 31.64
N LEU C 876 -59.51 10.81 30.36
CA LEU C 876 -60.13 9.95 29.32
C LEU C 876 -59.23 9.81 28.09
N PRO C 877 -58.50 8.73 27.94
CA PRO C 877 -57.53 8.67 26.85
C PRO C 877 -58.26 8.27 25.58
N ASN C 878 -57.49 8.18 24.48
CA ASN C 878 -57.96 8.28 23.11
C ASN C 878 -58.05 6.92 22.46
N PHE C 879 -58.60 5.97 23.20
CA PHE C 879 -58.65 4.65 22.62
C PHE C 879 -59.83 3.93 23.26
N GLY C 880 -60.47 3.04 22.48
CA GLY C 880 -61.46 2.10 23.01
C GLY C 880 -62.68 2.83 23.58
N PRO C 881 -63.22 2.37 24.70
CA PRO C 881 -64.42 3.00 25.20
C PRO C 881 -64.19 4.42 25.67
N TYR C 882 -63.02 4.76 26.26
CA TYR C 882 -62.83 6.18 26.61
C TYR C 882 -62.90 7.09 25.37
N LEU C 883 -62.35 6.61 24.23
CA LEU C 883 -62.47 7.31 22.96
C LEU C 883 -63.93 7.54 22.64
N GLU C 884 -64.72 6.46 22.72
CA GLU C 884 -66.15 6.48 22.45
C GLU C 884 -66.86 7.51 23.29
N GLN C 885 -66.43 7.59 24.55
CA GLN C 885 -67.02 8.51 25.51
C GLN C 885 -66.69 9.97 25.14
N ARG C 886 -65.41 10.28 24.75
CA ARG C 886 -65.10 11.69 24.42
C ARG C 886 -65.82 12.17 23.17
N LYS C 887 -66.06 11.26 22.21
CA LYS C 887 -66.81 11.50 20.98
C LYS C 887 -68.33 11.64 21.18
N LYS C 888 -68.96 11.19 22.29
CA LYS C 888 -70.33 11.65 22.54
C LYS C 888 -70.34 13.01 23.23
N ILE C 889 -69.38 13.26 24.16
CA ILE C 889 -69.10 14.57 24.76
C ILE C 889 -68.82 15.65 23.71
N ILE C 890 -68.28 15.26 22.57
CA ILE C 890 -67.99 16.23 21.51
C ILE C 890 -69.17 16.38 20.53
N ALA C 891 -69.82 15.24 20.14
CA ALA C 891 -70.96 15.25 19.21
C ALA C 891 -72.17 16.01 19.77
N GLU C 892 -72.44 15.88 21.06
CA GLU C 892 -73.45 16.67 21.74
C GLU C 892 -72.95 18.04 22.21
N GLU C 893 -71.65 18.28 22.26
CA GLU C 893 -71.20 19.66 22.34
C GLU C 893 -71.46 20.40 21.02
N LYS C 894 -71.59 19.68 19.88
CA LYS C 894 -71.87 20.22 18.52
C LYS C 894 -73.37 20.48 18.27
N MET C 895 -74.26 19.57 18.67
CA MET C 895 -75.67 19.91 18.65
C MET C 895 -75.97 21.05 19.65
N ARG C 896 -75.46 20.97 20.91
CA ARG C 896 -75.87 21.89 21.98
C ARG C 896 -75.41 23.34 21.78
N LEU C 897 -74.55 23.63 20.81
CA LEU C 897 -74.33 25.01 20.40
C LEU C 897 -74.89 25.22 18.98
N LYS C 898 -76.02 24.52 18.67
CA LYS C 898 -76.95 24.71 17.55
C LYS C 898 -78.40 24.97 18.06
N GLU C 899 -78.54 25.54 19.28
CA GLU C 899 -79.84 26.00 19.81
C GLU C 899 -79.66 27.29 20.62
N GLN C 900 -78.55 28.01 20.38
CA GLN C 900 -78.20 29.27 21.02
C GLN C 900 -77.10 29.96 20.15
N GLU C 908 -61.26 41.76 10.97
CA GLU C 908 -60.64 42.68 11.96
C GLU C 908 -59.24 41.99 12.34
N ARG C 909 -58.38 41.86 11.30
CA ARG C 909 -57.05 41.25 11.38
C ARG C 909 -56.04 42.18 10.67
N LYS C 910 -54.93 42.53 11.37
CA LYS C 910 -53.91 43.51 10.99
C LYS C 910 -52.54 42.99 11.42
N PRO C 911 -51.49 43.50 10.86
CA PRO C 911 -50.24 42.75 10.92
C PRO C 911 -49.26 43.30 11.93
N PHE C 912 -48.42 42.47 12.57
CA PHE C 912 -47.60 42.94 13.71
C PHE C 912 -46.50 43.92 13.30
N ILE C 913 -46.21 44.92 14.15
CA ILE C 913 -45.10 45.84 13.84
C ILE C 913 -43.88 45.54 14.71
N PRO C 914 -42.65 45.71 14.21
CA PRO C 914 -41.48 45.79 15.10
C PRO C 914 -41.59 46.96 16.05
N LYS C 915 -41.19 46.70 17.29
CA LYS C 915 -41.22 47.65 18.38
C LYS C 915 -39.82 48.06 18.89
N LYS C 916 -38.78 47.27 18.60
CA LYS C 916 -37.37 47.52 18.80
C LYS C 916 -36.92 47.50 17.37
N PRO C 917 -35.84 48.18 16.98
CA PRO C 917 -35.19 47.85 15.70
C PRO C 917 -34.69 46.41 15.76
N ILE C 918 -34.56 45.78 14.61
CA ILE C 918 -34.34 44.37 14.57
C ILE C 918 -32.86 44.24 14.95
N PRO C 919 -32.46 43.48 15.99
CA PRO C 919 -31.03 43.37 16.36
C PRO C 919 -30.16 43.01 15.16
N ALA C 920 -28.88 43.41 15.19
CA ALA C 920 -27.97 43.08 14.09
C ALA C 920 -27.12 41.86 14.57
N ILE C 921 -26.32 41.21 13.69
CA ILE C 921 -25.50 40.14 14.21
C ILE C 921 -24.71 40.59 15.43
N LYS C 922 -24.05 41.78 15.35
CA LYS C 922 -23.19 42.18 16.45
C LYS C 922 -23.97 42.21 17.75
N ASP C 923 -25.29 42.49 17.69
CA ASP C 923 -26.06 42.59 18.94
C ASP C 923 -26.40 41.27 19.61
N VAL C 924 -26.29 40.16 18.90
CA VAL C 924 -26.60 38.94 19.61
C VAL C 924 -25.31 38.28 20.10
N ILE C 925 -24.15 38.54 19.51
CA ILE C 925 -23.00 37.66 19.78
C ILE C 925 -22.65 37.68 21.27
N GLY C 926 -22.45 36.46 21.85
CA GLY C 926 -22.01 36.21 23.25
C GLY C 926 -23.10 36.38 24.31
N LYS C 927 -24.26 36.85 23.92
CA LYS C 927 -25.42 37.01 24.79
C LYS C 927 -25.71 35.78 25.59
N ALA C 928 -25.37 34.64 25.12
CA ALA C 928 -25.76 33.53 26.00
C ALA C 928 -24.75 33.32 27.17
N LEU C 929 -23.60 34.00 27.08
CA LEU C 929 -22.50 33.60 27.90
C LEU C 929 -22.84 33.83 29.37
N GLN C 930 -23.78 34.72 29.63
CA GLN C 930 -24.06 35.13 30.97
C GLN C 930 -24.61 33.96 31.77
N TYR C 931 -25.30 33.02 31.14
CA TYR C 931 -25.98 31.94 31.91
C TYR C 931 -25.07 30.80 32.28
N LEU C 932 -23.85 30.76 31.73
CA LEU C 932 -22.89 29.69 31.95
C LEU C 932 -22.18 30.05 33.22
N GLY C 933 -21.92 29.07 34.04
CA GLY C 933 -21.20 29.41 35.25
C GLY C 933 -20.58 28.10 35.65
N THR C 934 -20.00 28.04 36.85
CA THR C 934 -19.54 26.76 37.33
C THR C 934 -20.71 26.03 37.99
N PHE C 935 -20.51 24.79 38.43
CA PHE C 935 -21.61 24.10 39.08
C PHE C 935 -22.03 24.83 40.32
N GLY C 936 -21.06 25.49 40.94
CA GLY C 936 -21.35 26.10 42.24
C GLY C 936 -22.21 27.28 42.10
N GLU C 937 -22.23 27.91 40.91
CA GLU C 937 -23.17 29.01 40.63
C GLU C 937 -24.57 28.51 40.23
N LEU C 938 -24.90 27.23 40.21
CA LEU C 938 -26.28 26.82 39.95
C LEU C 938 -27.01 26.76 41.28
N SER C 939 -28.25 27.23 41.29
CA SER C 939 -29.14 27.13 42.43
C SER C 939 -29.59 25.70 42.74
N ASN C 940 -29.46 25.28 44.02
CA ASN C 940 -30.03 24.01 44.45
C ASN C 940 -31.19 24.23 45.42
N ILE C 941 -31.74 25.45 45.41
CA ILE C 941 -32.95 25.80 46.12
C ILE C 941 -34.11 25.89 45.18
N GLU C 942 -33.86 25.87 43.87
CA GLU C 942 -34.89 25.95 42.86
C GLU C 942 -34.97 24.60 42.15
N GLN C 943 -35.61 23.63 42.82
CA GLN C 943 -35.77 22.31 42.24
C GLN C 943 -37.03 22.21 41.34
N VAL C 944 -37.11 21.19 40.48
CA VAL C 944 -38.31 21.17 39.65
C VAL C 944 -38.92 19.84 39.77
N VAL C 945 -40.19 19.73 39.38
CA VAL C 945 -40.80 18.41 39.26
C VAL C 945 -41.32 18.26 37.83
N ALA C 946 -41.60 17.06 37.43
CA ALA C 946 -42.21 16.84 36.11
C ALA C 946 -43.74 16.96 36.24
N VAL C 947 -44.37 17.42 35.19
CA VAL C 947 -45.79 17.34 35.19
C VAL C 947 -46.22 17.03 33.76
N ILE C 948 -47.19 16.11 33.59
CA ILE C 948 -47.62 15.57 32.27
C ILE C 948 -48.97 16.16 31.81
N ASP C 949 -49.07 16.63 30.58
CA ASP C 949 -50.38 17.04 30.07
C ASP C 949 -51.07 15.83 29.43
N GLU C 950 -52.11 15.28 30.11
CA GLU C 950 -52.75 14.01 29.73
C GLU C 950 -53.48 14.15 28.42
N GLU C 951 -53.75 15.39 28.01
CA GLU C 951 -54.46 15.59 26.75
C GLU C 951 -53.52 15.41 25.58
N MET C 952 -52.23 15.67 25.73
CA MET C 952 -51.25 15.36 24.70
C MET C 952 -50.66 13.94 24.73
N CYS C 953 -50.88 13.11 25.73
CA CYS C 953 -50.14 11.88 25.91
C CYS C 953 -50.67 10.81 24.95
N ILE C 954 -49.78 9.95 24.43
CA ILE C 954 -50.16 8.82 23.53
C ILE C 954 -49.91 7.45 24.21
N ASN C 955 -49.71 7.45 25.52
CA ASN C 955 -49.92 6.27 26.35
C ASN C 955 -48.86 5.19 26.24
N CYS C 956 -47.67 5.55 25.74
CA CYS C 956 -46.52 4.67 25.53
C CYS C 956 -45.92 4.10 26.84
N GLY C 957 -45.98 4.85 27.97
CA GLY C 957 -45.19 4.27 29.08
C GLY C 957 -43.69 4.51 29.10
N LYS C 958 -43.06 5.25 28.08
CA LYS C 958 -41.61 5.51 28.11
C LYS C 958 -41.18 6.32 29.35
N CYS C 959 -41.95 7.41 29.73
CA CYS C 959 -41.67 8.21 30.94
C CYS C 959 -41.59 7.26 32.13
N TYR C 960 -42.55 6.36 32.22
CA TYR C 960 -42.63 5.42 33.30
C TYR C 960 -41.50 4.40 33.25
N MET C 961 -41.18 3.81 32.07
CA MET C 961 -40.02 2.91 32.03
C MET C 961 -38.73 3.66 32.38
N THR C 962 -38.55 4.90 31.89
CA THR C 962 -37.27 5.53 32.27
C THR C 962 -37.20 5.82 33.80
N CYS C 963 -38.27 6.40 34.39
CA CYS C 963 -38.19 6.69 35.81
C CYS C 963 -37.98 5.40 36.58
N ASN C 964 -38.53 4.29 36.08
CA ASN C 964 -38.43 2.98 36.76
C ASN C 964 -37.01 2.45 36.77
N ASP C 965 -36.38 2.40 35.59
CA ASP C 965 -35.13 1.68 35.52
C ASP C 965 -33.99 2.65 35.39
N SER C 966 -34.27 4.02 35.43
CA SER C 966 -33.17 4.97 35.45
C SER C 966 -33.44 6.14 36.36
N GLY C 967 -34.36 5.99 37.28
CA GLY C 967 -34.93 7.14 37.97
C GLY C 967 -35.40 6.81 39.37
N TYR C 968 -36.53 7.35 39.75
CA TYR C 968 -36.90 7.37 41.17
C TYR C 968 -38.15 6.53 41.44
N GLN C 969 -38.66 5.83 40.42
CA GLN C 969 -39.87 5.10 40.57
C GLN C 969 -40.91 6.06 41.10
N ALA C 970 -40.98 7.20 40.45
CA ALA C 970 -41.89 8.23 40.88
C ALA C 970 -43.13 8.32 40.03
N ILE C 971 -43.30 7.48 38.99
CA ILE C 971 -44.47 7.64 38.18
C ILE C 971 -45.43 6.43 38.28
N GLN C 972 -46.74 6.70 38.40
CA GLN C 972 -47.74 5.63 38.41
C GLN C 972 -48.27 5.47 37.01
N PHE C 973 -48.40 4.24 36.56
CA PHE C 973 -48.85 4.07 35.18
C PHE C 973 -50.18 3.35 35.31
N ASP C 974 -51.30 4.05 35.04
CA ASP C 974 -52.63 3.45 35.30
C ASP C 974 -52.85 2.21 34.39
N PRO C 975 -53.14 1.05 34.96
CA PRO C 975 -53.39 -0.22 34.18
C PRO C 975 -54.54 -0.19 33.22
N GLU C 976 -55.59 0.60 33.46
CA GLU C 976 -56.72 0.56 32.55
C GLU C 976 -56.74 1.71 31.54
N THR C 977 -56.15 2.89 31.84
CA THR C 977 -56.12 4.02 30.90
C THR C 977 -54.76 4.20 30.25
N HIS C 978 -53.69 3.64 30.84
CA HIS C 978 -52.31 3.92 30.39
C HIS C 978 -52.00 5.42 30.40
N LEU C 979 -52.47 6.16 31.43
CA LEU C 979 -52.08 7.56 31.60
C LEU C 979 -51.11 7.54 32.73
N PRO C 980 -50.03 8.31 32.66
CA PRO C 980 -49.05 8.38 33.77
C PRO C 980 -49.47 9.52 34.63
N THR C 981 -49.07 9.44 35.91
CA THR C 981 -49.14 10.54 36.88
C THR C 981 -47.84 10.63 37.67
N VAL C 982 -47.26 11.85 37.68
CA VAL C 982 -46.00 12.13 38.36
C VAL C 982 -46.38 12.28 39.82
N THR C 983 -45.71 11.54 40.71
CA THR C 983 -46.02 11.60 42.13
C THR C 983 -45.01 12.43 42.86
N ASP C 984 -45.22 12.47 44.15
CA ASP C 984 -44.30 13.26 44.94
C ASP C 984 -42.87 12.70 45.09
N THR C 985 -42.57 11.47 44.67
CA THR C 985 -41.18 11.13 44.82
C THR C 985 -40.29 11.93 43.85
N CYS C 986 -40.84 12.70 42.84
CA CYS C 986 -40.03 13.11 41.68
C CYS C 986 -38.84 13.91 42.24
N THR C 987 -37.67 13.87 41.60
CA THR C 987 -36.51 14.69 42.00
C THR C 987 -36.18 15.67 40.91
N GLY C 988 -36.94 15.63 39.81
CA GLY C 988 -36.70 16.63 38.80
C GLY C 988 -35.55 16.32 37.90
N CYS C 989 -35.17 15.04 37.79
CA CYS C 989 -33.98 14.70 37.04
C CYS C 989 -34.17 14.99 35.55
N THR C 990 -35.40 14.80 34.99
CA THR C 990 -35.88 15.34 33.63
C THR C 990 -35.65 14.21 32.57
N LEU C 991 -35.19 13.01 32.99
CA LEU C 991 -35.13 11.92 32.03
C LEU C 991 -36.46 11.68 31.34
N CYS C 992 -37.55 11.62 32.07
CA CYS C 992 -38.83 11.28 31.42
C CYS C 992 -39.17 12.29 30.32
N LEU C 993 -39.08 13.59 30.63
CA LEU C 993 -39.22 14.57 29.56
C LEU C 993 -38.26 14.27 28.45
N SER C 994 -37.04 13.80 28.75
CA SER C 994 -36.06 13.62 27.71
C SER C 994 -36.40 12.48 26.80
N VAL C 995 -37.24 11.51 27.20
CA VAL C 995 -37.52 10.41 26.28
C VAL C 995 -38.87 10.52 25.64
N CYS C 996 -39.66 11.59 26.01
CA CYS C 996 -41.12 11.38 25.67
C CYS C 996 -41.28 11.64 24.17
N PRO C 997 -42.10 10.94 23.40
CA PRO C 997 -42.16 11.26 21.96
C PRO C 997 -42.96 12.50 21.66
N ILE C 998 -43.77 13.04 22.60
CA ILE C 998 -44.69 14.15 22.20
C ILE C 998 -44.04 15.42 22.65
N ILE C 999 -43.80 16.38 21.78
CA ILE C 999 -43.08 17.58 22.23
C ILE C 999 -43.88 18.37 23.24
N ASP C 1000 -43.24 18.78 24.30
CA ASP C 1000 -43.95 19.50 25.37
C ASP C 1000 -45.16 18.81 25.94
N CYS C 1001 -45.15 17.50 26.05
CA CYS C 1001 -46.25 16.96 26.78
C CYS C 1001 -45.88 16.89 28.25
N ILE C 1002 -44.60 16.69 28.55
CA ILE C 1002 -44.04 16.86 29.88
C ILE C 1002 -43.45 18.27 29.97
N ARG C 1003 -43.69 18.94 31.06
CA ARG C 1003 -43.14 20.28 31.30
C ARG C 1003 -42.47 20.16 32.64
N MET C 1004 -41.39 20.87 32.84
CA MET C 1004 -40.78 20.94 34.16
C MET C 1004 -41.27 22.21 34.86
N VAL C 1005 -41.88 22.08 36.07
CA VAL C 1005 -42.45 23.19 36.82
C VAL C 1005 -41.75 23.28 38.18
N SER C 1006 -41.49 24.52 38.68
CA SER C 1006 -40.90 24.70 40.01
C SER C 1006 -41.70 23.94 41.00
N ARG C 1007 -40.99 23.43 42.01
CA ARG C 1007 -41.44 22.34 42.83
C ARG C 1007 -42.28 22.94 43.91
N THR C 1008 -43.27 22.18 44.33
CA THR C 1008 -44.30 22.66 45.25
C THR C 1008 -44.11 22.11 46.68
N THR C 1009 -44.19 20.79 46.83
CA THR C 1009 -44.07 20.01 48.06
C THR C 1009 -42.59 19.83 48.46
N PRO C 1010 -42.27 19.32 49.67
CA PRO C 1010 -40.90 19.52 50.21
C PRO C 1010 -39.89 18.61 49.54
N TYR C 1011 -38.78 19.22 49.10
CA TYR C 1011 -37.69 18.47 48.47
C TYR C 1011 -36.70 17.94 49.52
N GLU C 1012 -36.48 16.61 49.51
CA GLU C 1012 -35.71 15.87 50.52
C GLU C 1012 -34.68 15.01 49.78
N PRO C 1013 -33.35 15.30 49.88
CA PRO C 1013 -32.34 14.47 49.19
C PRO C 1013 -32.35 13.07 49.80
N LYS C 1014 -32.59 12.01 48.99
CA LYS C 1014 -32.78 10.65 49.56
C LYS C 1014 -31.43 9.97 49.79
N ARG C 1015 -30.98 9.92 51.07
CA ARG C 1015 -29.67 9.41 51.46
C ARG C 1015 -29.63 7.91 51.65
N GLY C 1016 -30.80 7.24 51.56
CA GLY C 1016 -30.89 5.85 52.03
C GLY C 1016 -30.76 5.61 53.55
N LEU C 1017 -29.56 5.61 54.18
CA LEU C 1017 -29.44 5.48 55.67
C LEU C 1017 -29.45 6.87 56.35
N PRO D 3 -5.18 28.66 -18.03
CA PRO D 3 -6.59 28.99 -18.23
C PRO D 3 -7.15 29.49 -16.91
N VAL D 4 -8.47 29.82 -16.86
CA VAL D 4 -9.08 30.12 -15.59
C VAL D 4 -9.25 28.88 -14.73
N LEU D 5 -8.33 28.60 -13.80
CA LEU D 5 -8.33 27.42 -12.98
C LEU D 5 -9.61 27.24 -12.22
N SER D 6 -10.37 28.30 -12.02
CA SER D 6 -11.47 28.17 -11.11
C SER D 6 -12.81 28.32 -11.77
N LYS D 7 -12.92 28.12 -13.08
CA LYS D 7 -14.23 27.89 -13.70
C LYS D 7 -14.23 26.49 -14.32
N ASP D 8 -15.37 25.84 -14.33
CA ASP D 8 -15.33 24.45 -14.79
C ASP D 8 -15.08 24.48 -16.28
N VAL D 9 -14.46 23.42 -16.86
CA VAL D 9 -14.58 23.33 -18.31
C VAL D 9 -15.95 22.90 -18.81
N ALA D 10 -16.14 22.98 -20.12
CA ALA D 10 -17.50 22.95 -20.57
C ALA D 10 -18.16 21.57 -20.35
N ASP D 11 -17.37 20.45 -20.30
CA ASP D 11 -17.84 19.07 -19.96
C ASP D 11 -18.30 18.90 -18.50
N ILE D 12 -17.56 19.45 -17.57
CA ILE D 12 -18.03 19.46 -16.19
C ILE D 12 -19.26 20.34 -16.07
N GLU D 13 -19.19 21.57 -16.56
CA GLU D 13 -20.39 22.38 -16.83
C GLU D 13 -21.57 21.61 -17.40
N SER D 14 -21.35 20.74 -18.38
CA SER D 14 -22.46 19.90 -18.82
C SER D 14 -22.87 18.83 -17.80
N ILE D 15 -21.90 18.13 -17.16
CA ILE D 15 -22.24 17.12 -16.14
C ILE D 15 -23.01 17.81 -14.98
N LEU D 16 -22.80 19.15 -14.79
CA LEU D 16 -23.47 19.86 -13.70
C LEU D 16 -24.83 20.37 -14.08
N ALA D 17 -25.36 19.94 -15.23
CA ALA D 17 -26.62 20.53 -15.69
C ALA D 17 -27.80 20.23 -14.77
N LEU D 18 -27.93 19.02 -14.22
CA LEU D 18 -29.04 18.89 -13.28
C LEU D 18 -28.73 19.42 -11.87
N ASN D 19 -27.51 19.81 -11.50
CA ASN D 19 -27.17 20.23 -10.13
C ASN D 19 -28.09 21.33 -9.61
N PRO D 20 -28.49 21.32 -8.36
CA PRO D 20 -29.37 22.38 -7.91
C PRO D 20 -28.62 23.72 -7.73
N ARG D 21 -29.42 24.78 -7.91
CA ARG D 21 -29.02 26.19 -8.01
C ARG D 21 -30.05 27.09 -7.38
N THR D 22 -29.58 28.09 -6.67
CA THR D 22 -30.55 28.97 -6.02
C THR D 22 -31.31 29.77 -7.09
N GLN D 23 -32.59 30.03 -6.90
CA GLN D 23 -33.40 30.64 -7.96
C GLN D 23 -33.74 32.11 -7.66
N SER D 24 -33.96 32.86 -8.69
CA SER D 24 -34.16 34.28 -8.62
C SER D 24 -35.59 34.71 -8.89
N HIS D 25 -36.46 33.83 -9.29
CA HIS D 25 -37.62 34.33 -10.02
C HIS D 25 -38.63 33.20 -10.02
N ALA D 26 -39.83 33.44 -10.43
CA ALA D 26 -40.74 32.33 -10.29
C ALA D 26 -40.94 31.62 -11.64
N ALA D 27 -40.93 30.29 -11.60
CA ALA D 27 -40.85 29.45 -12.80
C ALA D 27 -42.12 29.59 -13.63
N LEU D 28 -42.07 29.61 -14.97
CA LEU D 28 -43.27 29.70 -15.86
C LEU D 28 -43.49 28.35 -16.56
N HIS D 29 -44.67 27.72 -16.47
CA HIS D 29 -44.92 26.41 -17.14
C HIS D 29 -46.41 26.26 -17.44
N SER D 30 -46.84 26.09 -18.68
CA SER D 30 -48.29 25.98 -18.87
C SER D 30 -48.94 24.71 -18.21
N THR D 31 -50.25 24.80 -17.96
CA THR D 31 -50.98 23.71 -17.43
C THR D 31 -51.08 22.55 -18.40
N LEU D 32 -51.20 22.82 -19.65
CA LEU D 32 -51.09 21.73 -20.61
C LEU D 32 -49.65 21.19 -20.71
N ALA D 33 -48.67 22.03 -20.48
CA ALA D 33 -47.32 21.46 -20.52
C ALA D 33 -47.15 20.55 -19.32
N LYS D 34 -47.59 21.05 -18.15
CA LYS D 34 -47.48 20.25 -16.93
C LYS D 34 -48.21 18.93 -17.12
N LYS D 35 -49.39 19.00 -17.80
CA LYS D 35 -50.22 17.80 -17.97
C LYS D 35 -49.48 16.81 -18.82
N LEU D 36 -48.69 17.33 -19.77
CA LEU D 36 -48.05 16.29 -20.56
C LEU D 36 -46.79 15.82 -19.82
N ASP D 37 -46.12 16.68 -19.00
CA ASP D 37 -44.88 16.18 -18.37
C ASP D 37 -45.14 15.23 -17.21
N LYS D 38 -46.24 15.37 -16.47
CA LYS D 38 -46.49 14.53 -15.30
C LYS D 38 -46.42 13.01 -15.63
N LYS D 39 -46.77 12.60 -16.86
CA LYS D 39 -46.85 11.17 -17.12
C LYS D 39 -45.47 10.53 -17.14
N HIS D 40 -44.41 11.31 -17.40
CA HIS D 40 -43.05 10.79 -17.51
C HIS D 40 -42.51 10.34 -16.15
N TRP D 41 -42.91 11.03 -15.00
CA TRP D 41 -42.37 10.80 -13.64
C TRP D 41 -43.32 10.03 -12.72
N LYS D 42 -44.54 9.73 -13.19
CA LYS D 42 -45.55 9.12 -12.36
C LYS D 42 -45.09 7.79 -11.79
N ARG D 43 -45.13 7.69 -10.46
CA ARG D 43 -44.71 6.46 -9.82
C ARG D 43 -45.86 5.52 -9.53
N ASN D 44 -47.11 5.97 -9.55
CA ASN D 44 -48.23 5.11 -9.18
C ASN D 44 -49.11 4.73 -10.39
N PRO D 45 -50.11 3.85 -10.19
CA PRO D 45 -51.04 3.53 -11.29
C PRO D 45 -52.06 4.64 -11.45
N ASP D 46 -52.69 4.63 -12.63
CA ASP D 46 -53.54 5.76 -13.03
C ASP D 46 -54.81 5.73 -12.19
N LYS D 47 -55.28 6.92 -11.76
CA LYS D 47 -56.65 7.10 -11.29
C LYS D 47 -57.65 7.14 -12.44
N ASN D 48 -57.17 7.13 -13.73
CA ASN D 48 -57.89 6.74 -14.97
C ASN D 48 -57.21 5.52 -15.61
N CYS D 49 -57.79 4.34 -15.37
CA CYS D 49 -57.24 3.05 -15.80
C CYS D 49 -58.41 2.07 -15.96
N PHE D 50 -59.38 2.44 -16.81
CA PHE D 50 -60.72 1.85 -16.95
C PHE D 50 -60.85 0.33 -16.66
N HIS D 51 -59.82 -0.46 -16.97
CA HIS D 51 -59.81 -1.91 -16.75
C HIS D 51 -58.56 -2.29 -15.94
N CYS D 52 -58.36 -3.61 -15.79
CA CYS D 52 -57.29 -4.21 -15.00
C CYS D 52 -55.95 -4.20 -15.77
N GLU D 53 -54.81 -4.06 -15.05
CA GLU D 53 -53.49 -4.32 -15.63
C GLU D 53 -53.33 -5.82 -15.89
N LYS D 54 -52.45 -6.18 -16.85
CA LYS D 54 -52.27 -7.59 -17.26
C LYS D 54 -51.69 -8.42 -16.09
N LEU D 55 -52.56 -9.26 -15.46
CA LEU D 55 -52.24 -10.00 -14.23
C LEU D 55 -52.45 -11.49 -14.37
N GLU D 56 -52.60 -11.98 -15.60
CA GLU D 56 -52.89 -13.38 -15.84
C GLU D 56 -51.73 -14.28 -15.46
N ASN D 57 -52.00 -15.31 -14.69
CA ASN D 57 -50.99 -16.30 -14.42
C ASN D 57 -49.86 -15.57 -13.64
N ASN D 58 -50.25 -14.67 -12.72
CA ASN D 58 -49.40 -13.72 -11.96
C ASN D 58 -49.47 -13.93 -10.43
N PHE D 59 -48.68 -14.90 -9.95
CA PHE D 59 -48.69 -15.30 -8.54
C PHE D 59 -47.51 -14.72 -7.72
N ASP D 60 -47.16 -13.45 -7.98
CA ASP D 60 -45.96 -12.80 -7.47
C ASP D 60 -46.38 -11.79 -6.35
N ASP D 61 -45.46 -11.45 -5.42
CA ASP D 61 -45.87 -10.86 -4.13
C ASP D 61 -46.52 -9.47 -4.30
N ILE D 62 -47.65 -9.29 -3.64
CA ILE D 62 -48.42 -8.06 -3.78
C ILE D 62 -48.85 -7.59 -2.39
N LYS D 63 -48.17 -8.05 -1.32
CA LYS D 63 -48.54 -7.60 0.01
C LYS D 63 -47.94 -6.24 0.21
N HIS D 64 -48.76 -5.33 0.73
CA HIS D 64 -48.27 -3.97 0.95
C HIS D 64 -47.30 -3.91 2.14
N THR D 65 -47.25 -4.98 2.93
CA THR D 65 -46.57 -4.98 4.20
C THR D 65 -45.16 -5.52 4.19
N THR D 66 -44.70 -6.24 3.13
CA THR D 66 -43.44 -7.00 3.07
C THR D 66 -42.25 -6.09 3.27
N LEU D 67 -41.43 -6.25 4.32
CA LEU D 67 -40.29 -5.32 4.47
C LEU D 67 -38.98 -5.93 3.94
N GLY D 68 -38.13 -5.08 3.40
CA GLY D 68 -36.70 -5.39 3.29
C GLY D 68 -35.95 -5.01 4.56
N GLU D 69 -34.61 -5.09 4.44
CA GLU D 69 -33.81 -4.87 5.62
C GLU D 69 -33.63 -3.36 5.86
N ARG D 70 -33.24 -2.58 4.84
CA ARG D 70 -33.39 -1.11 4.96
C ARG D 70 -34.67 -0.72 5.68
N GLY D 71 -35.78 -0.99 5.02
CA GLY D 71 -37.03 -0.55 5.59
C GLY D 71 -37.35 -1.16 6.94
N ALA D 72 -36.89 -2.46 7.19
CA ALA D 72 -37.32 -3.06 8.51
C ALA D 72 -36.62 -2.33 9.62
N LEU D 73 -35.35 -1.98 9.41
CA LEU D 73 -34.60 -1.26 10.43
C LEU D 73 -35.26 0.07 10.71
N ARG D 74 -35.74 0.80 9.69
CA ARG D 74 -36.37 2.10 10.02
C ARG D 74 -37.71 1.93 10.69
N GLU D 75 -38.52 0.99 10.26
CA GLU D 75 -39.78 0.77 11.00
C GLU D 75 -39.54 0.33 12.47
N ALA D 76 -38.56 -0.56 12.77
CA ALA D 76 -38.26 -0.93 14.20
C ALA D 76 -37.72 0.27 15.01
N MET D 77 -36.87 1.11 14.40
CA MET D 77 -36.48 2.30 15.12
C MET D 77 -37.65 3.22 15.44
N ARG D 78 -38.66 3.36 14.54
CA ARG D 78 -39.77 4.26 14.83
C ARG D 78 -40.62 3.82 16.05
N CYS D 79 -40.78 2.47 16.24
CA CYS D 79 -41.66 1.91 17.28
C CYS D 79 -41.25 2.40 18.68
N LEU D 80 -42.27 2.80 19.53
CA LEU D 80 -42.01 3.35 20.86
C LEU D 80 -41.54 2.27 21.84
N LYS D 81 -41.78 1.01 21.55
CA LYS D 81 -41.41 -0.03 22.49
C LYS D 81 -42.05 0.18 23.87
N CYS D 82 -43.38 0.23 23.88
CA CYS D 82 -44.20 0.80 24.92
C CYS D 82 -44.29 -0.12 26.18
N ALA D 83 -44.47 0.50 27.38
CA ALA D 83 -44.81 -0.37 28.52
C ALA D 83 -46.19 -1.02 28.34
N ASP D 84 -46.29 -2.31 28.77
CA ASP D 84 -47.60 -2.97 28.89
C ASP D 84 -48.35 -2.78 27.57
N ALA D 85 -47.64 -3.08 26.48
CA ALA D 85 -48.06 -2.58 25.19
C ALA D 85 -49.47 -3.06 24.76
N PRO D 86 -50.26 -2.18 24.17
CA PRO D 86 -51.57 -2.63 23.70
C PRO D 86 -51.52 -3.41 22.38
N CYS D 87 -50.51 -3.20 21.53
CA CYS D 87 -50.41 -4.14 20.41
C CYS D 87 -50.38 -5.56 20.91
N GLN D 88 -49.64 -5.82 21.98
CA GLN D 88 -49.53 -7.19 22.44
C GLN D 88 -50.85 -7.65 23.02
N LYS D 89 -51.49 -6.77 23.80
CA LYS D 89 -52.81 -7.11 24.30
C LYS D 89 -53.77 -7.43 23.16
N SER D 90 -53.61 -6.75 22.01
CA SER D 90 -54.54 -7.00 20.90
C SER D 90 -54.08 -8.14 20.01
N CYS D 91 -52.93 -8.76 20.35
CA CYS D 91 -52.54 -9.89 19.52
C CYS D 91 -53.09 -11.14 20.17
N PRO D 92 -53.77 -11.97 19.42
CA PRO D 92 -54.35 -13.17 19.97
C PRO D 92 -53.39 -14.20 20.54
N THR D 93 -52.13 -14.30 20.07
CA THR D 93 -51.27 -15.22 20.79
C THR D 93 -50.34 -14.48 21.73
N HIS D 94 -50.74 -13.30 22.20
CA HIS D 94 -49.93 -12.50 23.13
C HIS D 94 -48.44 -12.28 22.76
N LEU D 95 -48.07 -12.19 21.47
CA LEU D 95 -46.64 -11.98 21.12
C LEU D 95 -46.00 -10.86 21.91
N ASP D 96 -44.80 -11.09 22.37
CA ASP D 96 -44.14 -10.00 23.06
C ASP D 96 -43.57 -9.02 22.01
N ILE D 97 -44.41 -8.16 21.42
CA ILE D 97 -43.99 -7.38 20.22
C ILE D 97 -42.92 -6.34 20.58
N LYS D 98 -43.11 -5.67 21.75
CA LYS D 98 -42.15 -4.66 22.17
C LYS D 98 -40.78 -5.28 22.20
N SER D 99 -40.73 -6.57 22.63
CA SER D 99 -39.41 -7.15 22.60
C SER D 99 -38.93 -7.37 21.22
N PHE D 100 -39.81 -7.84 20.32
CA PHE D 100 -39.07 -8.38 19.16
C PHE D 100 -38.68 -7.22 18.29
N ILE D 101 -39.54 -6.16 18.32
CA ILE D 101 -39.23 -5.00 17.52
C ILE D 101 -37.98 -4.39 18.05
N THR D 102 -37.80 -4.47 19.39
CA THR D 102 -36.55 -4.04 19.98
C THR D 102 -35.39 -4.82 19.41
N SER D 103 -35.48 -6.16 19.36
CA SER D 103 -34.38 -6.89 18.75
C SER D 103 -34.09 -6.45 17.29
N ILE D 104 -35.15 -6.28 16.50
CA ILE D 104 -34.91 -5.91 15.14
C ILE D 104 -34.19 -4.57 15.11
N SER D 105 -34.52 -3.66 16.02
CA SER D 105 -33.85 -2.37 15.83
C SER D 105 -32.35 -2.48 16.21
N ASN D 106 -31.95 -3.55 16.93
CA ASN D 106 -30.56 -3.82 17.32
C ASN D 106 -29.88 -4.84 16.37
N LYS D 107 -30.50 -5.15 15.23
CA LYS D 107 -29.88 -6.04 14.23
C LYS D 107 -29.80 -7.47 14.76
N ASN D 108 -30.48 -7.75 15.86
CA ASN D 108 -30.60 -9.08 16.39
C ASN D 108 -31.81 -9.85 15.80
N TYR D 109 -31.69 -10.36 14.57
CA TYR D 109 -32.92 -10.94 14.00
C TYR D 109 -33.24 -12.30 14.63
N TYR D 110 -32.22 -13.03 15.15
CA TYR D 110 -32.50 -14.35 15.71
C TYR D 110 -33.29 -14.14 17.00
N GLY D 111 -32.81 -13.23 17.85
CA GLY D 111 -33.53 -12.94 19.08
C GLY D 111 -34.91 -12.55 18.75
N ALA D 112 -35.05 -11.72 17.70
CA ALA D 112 -36.45 -11.35 17.34
C ALA D 112 -37.29 -12.54 16.89
N ALA D 113 -36.76 -13.40 15.96
CA ALA D 113 -37.55 -14.56 15.50
C ALA D 113 -37.83 -15.48 16.68
N LYS D 114 -36.87 -15.63 17.58
CA LYS D 114 -37.02 -16.62 18.64
C LYS D 114 -38.19 -16.20 19.50
N MET D 115 -38.37 -14.88 19.69
CA MET D 115 -39.43 -14.35 20.53
C MET D 115 -40.82 -14.51 19.91
N ILE D 116 -40.97 -14.24 18.59
CA ILE D 116 -42.17 -14.53 17.77
C ILE D 116 -42.58 -16.00 17.89
N PHE D 117 -41.69 -16.96 17.45
CA PHE D 117 -41.92 -18.43 17.55
C PHE D 117 -42.17 -18.98 18.99
N SER D 118 -41.64 -18.34 20.03
CA SER D 118 -41.96 -18.72 21.42
C SER D 118 -43.44 -18.67 21.70
N ASP D 119 -44.07 -17.60 21.30
CA ASP D 119 -45.48 -17.52 21.45
C ASP D 119 -46.26 -17.99 20.21
N ASN D 120 -45.69 -18.06 18.98
CA ASN D 120 -46.52 -18.35 17.79
C ASN D 120 -45.72 -19.31 16.92
N PRO D 121 -45.98 -20.63 17.09
CA PRO D 121 -45.30 -21.61 16.24
C PRO D 121 -45.43 -21.28 14.79
N LEU D 122 -46.38 -20.46 14.41
CA LEU D 122 -46.42 -20.20 12.98
C LEU D 122 -46.20 -18.71 12.77
N GLY D 123 -45.15 -18.19 13.34
CA GLY D 123 -44.93 -16.73 13.24
C GLY D 123 -44.75 -16.14 11.85
N LEU D 124 -44.25 -16.94 10.89
CA LEU D 124 -43.97 -16.40 9.55
C LEU D 124 -45.25 -16.31 8.71
N THR D 125 -46.01 -17.41 8.62
CA THR D 125 -47.39 -17.29 8.18
C THR D 125 -48.08 -16.10 8.86
N CYS D 126 -48.07 -16.07 10.16
CA CYS D 126 -48.87 -15.03 10.74
C CYS D 126 -48.36 -13.68 10.27
N GLY D 127 -47.02 -13.54 10.29
CA GLY D 127 -46.46 -12.30 9.86
C GLY D 127 -47.07 -11.89 8.56
N MET D 128 -47.27 -12.83 7.64
CA MET D 128 -47.70 -12.46 6.28
C MET D 128 -49.19 -12.36 6.08
N VAL D 129 -50.02 -13.05 6.88
CA VAL D 129 -51.46 -13.00 6.66
C VAL D 129 -52.28 -12.44 7.81
N CYS D 130 -51.74 -12.05 9.02
CA CYS D 130 -52.64 -11.53 10.11
C CYS D 130 -53.43 -10.32 9.60
N PRO D 131 -54.75 -10.26 9.74
CA PRO D 131 -55.36 -9.00 9.33
C PRO D 131 -55.14 -7.95 10.43
N THR D 132 -53.93 -7.35 10.34
CA THR D 132 -53.37 -6.60 11.49
C THR D 132 -54.26 -5.43 11.95
N SER D 133 -54.79 -4.64 11.03
CA SER D 133 -55.66 -3.56 11.47
C SER D 133 -56.76 -4.02 12.39
N ASP D 134 -57.09 -5.36 12.39
CA ASP D 134 -58.13 -5.82 13.30
C ASP D 134 -57.57 -6.48 14.55
N LEU D 135 -56.27 -6.43 14.74
CA LEU D 135 -55.62 -7.13 15.82
C LEU D 135 -54.57 -6.13 16.34
N CYS D 136 -53.25 -6.46 16.27
CA CYS D 136 -52.21 -5.66 16.97
C CYS D 136 -52.20 -4.20 16.56
N VAL D 137 -52.12 -3.96 15.27
CA VAL D 137 -51.94 -2.64 14.74
C VAL D 137 -53.15 -1.82 15.04
N GLY D 138 -54.33 -2.46 15.19
CA GLY D 138 -55.55 -1.75 15.60
C GLY D 138 -55.45 -1.11 16.99
N GLY D 139 -54.52 -1.63 17.86
CA GLY D 139 -54.26 -1.09 19.16
C GLY D 139 -53.02 -0.25 19.29
N CYS D 140 -52.19 -0.10 18.24
CA CYS D 140 -50.86 0.52 18.41
C CYS D 140 -50.91 1.96 18.91
N ASN D 141 -50.04 2.34 19.87
CA ASN D 141 -50.20 3.70 20.38
C ASN D 141 -49.94 4.75 19.27
N LEU D 142 -49.15 4.38 18.25
CA LEU D 142 -48.73 5.40 17.28
C LEU D 142 -49.80 5.67 16.24
N TYR D 143 -50.87 4.88 16.24
CA TYR D 143 -52.06 5.31 15.57
C TYR D 143 -52.42 6.69 16.03
N ALA D 144 -52.07 7.09 17.25
CA ALA D 144 -52.42 8.45 17.64
C ALA D 144 -51.49 9.47 17.00
N THR D 145 -50.69 9.10 16.00
CA THR D 145 -49.79 10.13 15.43
C THR D 145 -49.96 10.24 13.93
N GLU D 146 -49.62 11.44 13.41
CA GLU D 146 -49.72 11.66 11.97
C GLU D 146 -49.14 10.48 11.18
N GLU D 147 -48.08 9.88 11.64
CA GLU D 147 -47.44 8.90 10.78
C GLU D 147 -47.97 7.50 10.98
N GLY D 148 -48.58 7.17 12.11
CA GLY D 148 -49.43 5.99 12.12
C GLY D 148 -48.84 4.75 12.86
N SER D 149 -49.68 3.71 12.93
CA SER D 149 -49.27 2.52 13.58
C SER D 149 -48.00 1.95 12.94
N ILE D 150 -47.16 1.31 13.76
CA ILE D 150 -46.11 0.47 13.20
C ILE D 150 -46.66 -0.62 12.23
N ASN D 151 -45.93 -0.95 11.19
CA ASN D 151 -46.25 -2.12 10.36
C ASN D 151 -45.70 -3.36 11.04
N ILE D 152 -46.31 -3.74 12.15
CA ILE D 152 -45.90 -4.91 12.94
C ILE D 152 -45.92 -6.22 12.14
N GLY D 153 -46.83 -6.41 11.18
CA GLY D 153 -46.77 -7.70 10.48
C GLY D 153 -45.55 -7.81 9.56
N GLY D 154 -45.27 -6.72 8.80
CA GLY D 154 -44.03 -6.71 8.02
C GLY D 154 -42.81 -7.01 8.87
N LEU D 155 -42.66 -6.30 10.03
CA LEU D 155 -41.57 -6.53 10.93
C LEU D 155 -41.49 -8.00 11.31
N GLN D 156 -42.61 -8.56 11.74
CA GLN D 156 -42.66 -9.99 12.08
C GLN D 156 -42.23 -10.83 10.91
N GLN D 157 -42.71 -10.47 9.73
CA GLN D 157 -42.33 -11.23 8.55
C GLN D 157 -40.84 -11.14 8.36
N PHE D 158 -40.26 -9.97 8.55
CA PHE D 158 -38.86 -9.82 8.13
C PHE D 158 -37.95 -10.55 9.09
N ALA D 159 -38.31 -10.60 10.40
CA ALA D 159 -37.41 -11.29 11.32
C ALA D 159 -37.50 -12.79 11.11
N SER D 160 -38.73 -13.31 10.83
CA SER D 160 -38.82 -14.77 10.53
C SER D 160 -38.15 -15.13 9.20
N GLU D 161 -38.33 -14.35 8.17
CA GLU D 161 -37.64 -14.73 6.95
C GLU D 161 -36.14 -14.88 7.18
N VAL D 162 -35.57 -13.96 7.96
CA VAL D 162 -34.14 -14.05 8.21
C VAL D 162 -33.79 -15.33 8.95
N PHE D 163 -34.54 -15.69 9.98
CA PHE D 163 -34.29 -16.94 10.78
C PHE D 163 -34.42 -18.17 9.91
N LYS D 164 -35.48 -18.20 9.12
CA LYS D 164 -35.63 -19.12 8.02
C LYS D 164 -34.37 -19.20 7.20
N ALA D 165 -33.95 -18.10 6.61
CA ALA D 165 -32.71 -18.27 5.85
C ALA D 165 -31.52 -18.68 6.65
N MET D 166 -31.48 -18.47 7.98
CA MET D 166 -30.25 -18.92 8.68
C MET D 166 -30.15 -20.44 8.73
N ASN D 167 -31.29 -21.12 8.50
CA ASN D 167 -31.42 -22.61 8.44
C ASN D 167 -30.84 -23.31 9.67
N ILE D 168 -31.51 -23.09 10.83
CA ILE D 168 -31.22 -23.44 12.23
C ILE D 168 -32.43 -24.21 12.72
N PRO D 169 -32.27 -25.43 13.23
CA PRO D 169 -33.41 -26.19 13.74
C PRO D 169 -33.86 -25.75 15.12
N GLN D 170 -35.12 -26.03 15.40
CA GLN D 170 -35.56 -26.08 16.78
C GLN D 170 -34.93 -27.30 17.45
N ILE D 171 -34.79 -27.26 18.77
CA ILE D 171 -34.32 -28.41 19.57
C ILE D 171 -35.33 -28.63 20.70
N ARG D 172 -35.24 -29.80 21.33
CA ARG D 172 -36.07 -30.06 22.51
C ARG D 172 -35.77 -29.02 23.60
N ASN D 173 -36.76 -28.66 24.45
CA ASN D 173 -36.41 -27.72 25.56
C ASN D 173 -35.11 -28.15 26.28
N PRO D 174 -34.08 -27.32 26.34
CA PRO D 174 -32.81 -27.78 26.96
C PRO D 174 -32.94 -28.13 28.44
N CYS D 175 -34.09 -27.89 29.01
CA CYS D 175 -34.12 -27.91 30.46
C CYS D 175 -34.94 -29.07 30.97
N LEU D 176 -35.38 -29.91 30.07
CA LEU D 176 -35.95 -31.20 30.43
C LEU D 176 -34.85 -32.22 30.79
N PRO D 177 -35.16 -33.21 31.61
CA PRO D 177 -34.34 -34.43 31.63
C PRO D 177 -34.08 -35.01 30.24
N SER D 178 -33.03 -35.78 30.15
CA SER D 178 -32.89 -36.70 29.06
C SER D 178 -34.14 -37.57 28.99
N GLN D 179 -34.41 -38.10 27.78
CA GLN D 179 -35.71 -38.70 27.53
C GLN D 179 -35.89 -39.92 28.40
N GLU D 180 -34.80 -40.46 28.90
CA GLU D 180 -34.96 -41.67 29.68
C GLU D 180 -35.53 -41.31 31.03
N LYS D 181 -35.15 -40.15 31.53
CA LYS D 181 -35.59 -39.67 32.82
C LYS D 181 -36.98 -39.01 32.77
N MET D 182 -37.76 -39.25 31.68
CA MET D 182 -39.01 -38.50 31.70
C MET D 182 -40.05 -39.30 32.49
N PRO D 183 -40.97 -38.79 33.33
CA PRO D 183 -42.05 -39.67 33.79
C PRO D 183 -42.80 -40.39 32.68
N GLU D 184 -43.59 -41.39 33.06
CA GLU D 184 -44.11 -42.14 31.93
C GLU D 184 -45.35 -41.45 31.37
N ALA D 185 -45.94 -40.47 32.11
CA ALA D 185 -47.03 -39.66 31.53
C ALA D 185 -46.60 -39.08 30.19
N TYR D 186 -45.34 -38.63 30.11
CA TYR D 186 -44.82 -38.07 28.89
C TYR D 186 -44.79 -39.05 27.73
N SER D 187 -44.93 -40.36 27.91
CA SER D 187 -45.08 -41.02 26.62
C SER D 187 -46.46 -41.58 26.37
N ALA D 188 -47.50 -41.02 26.97
CA ALA D 188 -48.85 -41.33 26.51
C ALA D 188 -49.09 -41.04 24.99
N LYS D 189 -50.09 -41.71 24.38
CA LYS D 189 -50.36 -41.58 22.94
C LYS D 189 -51.35 -40.44 22.70
N ILE D 190 -50.89 -39.33 22.10
CA ILE D 190 -51.73 -38.18 21.83
C ILE D 190 -52.10 -38.14 20.34
N ALA D 191 -53.35 -37.81 20.05
CA ALA D 191 -53.75 -37.86 18.67
C ALA D 191 -54.39 -36.55 18.30
N LEU D 192 -54.01 -36.01 17.12
CA LEU D 192 -54.51 -34.75 16.60
C LEU D 192 -55.19 -35.02 15.25
N LEU D 193 -56.34 -34.37 14.94
CA LEU D 193 -57.03 -34.59 13.69
C LEU D 193 -56.87 -33.35 12.86
N GLY D 194 -56.26 -33.46 11.67
CA GLY D 194 -56.16 -32.28 10.81
C GLY D 194 -54.84 -31.59 11.05
N ALA D 195 -54.18 -31.18 9.96
CA ALA D 195 -52.85 -30.58 9.99
C ALA D 195 -52.91 -29.09 9.69
N GLY D 196 -53.86 -28.37 10.20
CA GLY D 196 -53.77 -26.95 9.91
C GLY D 196 -53.17 -26.15 11.09
N PRO D 197 -53.34 -24.82 11.05
CA PRO D 197 -52.75 -24.02 12.11
C PRO D 197 -53.09 -24.49 13.50
N ALA D 198 -54.32 -24.84 13.75
CA ALA D 198 -54.73 -25.16 15.10
C ALA D 198 -54.02 -26.41 15.59
N SER D 199 -54.11 -27.49 14.78
CA SER D 199 -53.41 -28.68 15.22
C SER D 199 -51.90 -28.49 15.25
N ILE D 200 -51.27 -27.91 14.19
CA ILE D 200 -49.79 -27.69 14.22
C ILE D 200 -49.34 -27.00 15.51
N SER D 201 -50.05 -25.94 15.90
CA SER D 201 -49.73 -25.22 17.11
C SER D 201 -49.79 -26.14 18.32
N CYS D 202 -50.95 -26.79 18.52
CA CYS D 202 -51.09 -27.72 19.65
C CYS D 202 -49.99 -28.79 19.67
N ALA D 203 -49.78 -29.47 18.54
CA ALA D 203 -48.75 -30.46 18.55
C ALA D 203 -47.47 -29.78 19.00
N SER D 204 -47.13 -28.64 18.42
CA SER D 204 -45.84 -28.06 18.78
C SER D 204 -45.72 -27.84 20.31
N PHE D 205 -46.72 -27.16 20.97
CA PHE D 205 -46.54 -26.86 22.41
C PHE D 205 -46.53 -28.17 23.24
N LEU D 206 -47.34 -29.18 22.85
CA LEU D 206 -47.21 -30.50 23.51
C LEU D 206 -45.74 -31.02 23.38
N ALA D 207 -45.14 -30.86 22.18
CA ALA D 207 -43.82 -31.45 22.07
C ALA D 207 -42.86 -30.65 22.93
N ARG D 208 -43.05 -29.33 23.02
CA ARG D 208 -42.13 -28.58 23.88
C ARG D 208 -42.18 -29.07 25.35
N LEU D 209 -43.33 -29.56 25.76
CA LEU D 209 -43.55 -29.89 27.15
C LEU D 209 -42.91 -31.24 27.53
N GLY D 210 -42.50 -32.04 26.55
CA GLY D 210 -41.86 -33.31 26.81
C GLY D 210 -42.68 -34.44 26.21
N TYR D 211 -43.81 -34.20 25.54
CA TYR D 211 -44.50 -35.38 25.05
C TYR D 211 -43.76 -35.92 23.84
N SER D 212 -43.71 -37.25 23.77
CA SER D 212 -42.89 -37.88 22.75
C SER D 212 -43.60 -38.92 21.93
N ASP D 213 -44.88 -39.10 22.08
CA ASP D 213 -45.64 -39.89 21.11
C ASP D 213 -46.82 -39.10 20.53
N ILE D 214 -46.61 -38.24 19.51
CA ILE D 214 -47.61 -37.22 19.13
C ILE D 214 -47.86 -37.44 17.65
N THR D 215 -49.09 -37.82 17.29
CA THR D 215 -49.41 -38.16 15.92
C THR D 215 -50.55 -37.27 15.37
N ILE D 216 -50.30 -36.61 14.23
CA ILE D 216 -51.35 -35.86 13.49
C ILE D 216 -51.85 -36.71 12.30
N PHE D 217 -53.16 -37.01 12.26
CA PHE D 217 -53.80 -37.66 11.14
C PHE D 217 -54.45 -36.60 10.32
N GLU D 218 -54.04 -36.55 9.06
CA GLU D 218 -54.49 -35.57 8.08
C GLU D 218 -55.28 -36.28 6.98
N LYS D 219 -56.55 -35.82 6.80
CA LYS D 219 -57.39 -36.26 5.68
C LYS D 219 -56.70 -36.18 4.34
N GLN D 220 -56.28 -34.99 3.88
CA GLN D 220 -55.64 -34.87 2.57
C GLN D 220 -54.23 -35.42 2.57
N GLU D 221 -53.63 -35.47 1.37
CA GLU D 221 -52.21 -35.78 1.26
C GLU D 221 -51.34 -34.56 1.20
N TYR D 222 -51.81 -33.40 1.60
CA TYR D 222 -50.93 -32.24 1.76
C TYR D 222 -50.99 -31.81 3.22
N VAL D 223 -50.11 -30.92 3.67
CA VAL D 223 -50.32 -30.37 5.03
C VAL D 223 -50.43 -28.83 5.06
N GLY D 224 -50.98 -28.40 6.19
CA GLY D 224 -51.12 -27.00 6.46
C GLY D 224 -52.52 -26.45 6.26
N GLY D 225 -53.52 -27.32 5.96
CA GLY D 225 -54.87 -26.78 6.10
C GLY D 225 -55.07 -25.66 5.08
N LEU D 226 -55.90 -24.65 5.47
CA LEU D 226 -56.21 -23.67 4.45
C LEU D 226 -54.99 -22.86 4.05
N SER D 227 -53.89 -22.92 4.79
CA SER D 227 -52.71 -22.21 4.37
C SER D 227 -52.12 -22.77 3.10
N THR D 228 -52.32 -24.06 2.82
CA THR D 228 -51.92 -24.65 1.53
C THR D 228 -53.08 -24.55 0.55
N SER D 229 -54.30 -24.97 0.97
CA SER D 229 -55.36 -25.25 -0.01
C SER D 229 -56.07 -23.95 -0.53
N GLU D 230 -56.09 -22.85 0.28
CA GLU D 230 -56.97 -21.73 -0.11
C GLU D 230 -56.25 -20.38 -0.12
N ILE D 231 -55.60 -20.00 0.94
CA ILE D 231 -54.85 -18.74 0.98
C ILE D 231 -53.88 -18.71 -0.19
N PRO D 232 -53.91 -17.77 -1.11
CA PRO D 232 -53.25 -18.02 -2.39
C PRO D 232 -51.77 -17.66 -2.34
N GLN D 233 -51.07 -18.19 -3.36
CA GLN D 233 -49.63 -18.06 -3.46
C GLN D 233 -49.20 -16.60 -3.43
N PHE D 234 -49.88 -15.69 -4.09
CA PHE D 234 -49.38 -14.31 -3.97
C PHE D 234 -49.51 -13.64 -2.59
N ARG D 235 -50.13 -14.22 -1.57
CA ARG D 235 -50.13 -13.70 -0.20
C ARG D 235 -49.29 -14.52 0.78
N LEU D 236 -49.18 -15.83 0.57
CA LEU D 236 -48.65 -16.72 1.57
C LEU D 236 -47.97 -17.81 0.79
N PRO D 237 -46.71 -17.62 0.46
CA PRO D 237 -46.02 -18.58 -0.43
C PRO D 237 -45.88 -19.92 0.29
N TYR D 238 -46.05 -21.02 -0.50
CA TYR D 238 -46.07 -22.35 0.09
C TYR D 238 -44.77 -22.70 0.84
N ASP D 239 -43.62 -22.14 0.42
CA ASP D 239 -42.38 -22.46 1.14
C ASP D 239 -42.42 -22.01 2.63
N VAL D 240 -43.27 -21.04 3.00
CA VAL D 240 -43.36 -20.61 4.40
C VAL D 240 -43.96 -21.68 5.27
N VAL D 241 -45.10 -22.26 4.82
CA VAL D 241 -45.73 -23.35 5.54
C VAL D 241 -44.79 -24.52 5.67
N ASN D 242 -44.09 -24.89 4.59
CA ASN D 242 -43.20 -26.06 4.68
C ASN D 242 -42.08 -25.82 5.71
N PHE D 243 -41.63 -24.60 5.84
CA PHE D 243 -40.68 -24.29 6.87
C PHE D 243 -41.32 -24.42 8.25
N GLU D 244 -42.46 -23.78 8.43
CA GLU D 244 -43.05 -23.93 9.73
C GLU D 244 -43.27 -25.38 10.05
N ILE D 245 -43.54 -26.23 9.05
CA ILE D 245 -43.80 -27.63 9.40
C ILE D 245 -42.52 -28.41 9.75
N GLU D 246 -41.39 -28.10 9.08
CA GLU D 246 -40.14 -28.72 9.43
C GLU D 246 -39.76 -28.29 10.83
N LEU D 247 -39.88 -26.99 11.12
CA LEU D 247 -39.59 -26.57 12.49
C LEU D 247 -40.32 -27.48 13.46
N MET D 248 -41.59 -27.76 13.19
CA MET D 248 -42.36 -28.56 14.15
C MET D 248 -41.89 -30.00 14.18
N LYS D 249 -41.59 -30.60 12.97
CA LYS D 249 -41.14 -32.01 12.84
C LYS D 249 -39.79 -32.26 13.51
N ASP D 250 -38.99 -31.20 13.78
CA ASP D 250 -37.71 -31.34 14.46
C ASP D 250 -37.90 -31.81 15.91
N LEU D 251 -39.04 -31.39 16.55
CA LEU D 251 -39.41 -31.93 17.87
C LEU D 251 -39.90 -33.39 17.82
N GLY D 252 -40.04 -34.05 16.71
CA GLY D 252 -40.59 -35.36 16.78
C GLY D 252 -42.06 -35.50 16.49
N VAL D 253 -42.80 -34.44 16.27
CA VAL D 253 -44.20 -34.68 15.95
C VAL D 253 -44.32 -35.52 14.68
N LYS D 254 -45.16 -36.57 14.70
CA LYS D 254 -45.30 -37.54 13.61
C LYS D 254 -46.55 -37.20 12.84
N ILE D 255 -46.50 -37.14 11.50
CA ILE D 255 -47.69 -36.81 10.68
C ILE D 255 -48.05 -37.96 9.69
N ILE D 256 -49.34 -38.34 9.68
CA ILE D 256 -49.84 -39.43 8.87
C ILE D 256 -50.91 -38.83 7.99
N CYS D 257 -50.69 -38.82 6.67
CA CYS D 257 -51.61 -38.27 5.68
C CYS D 257 -52.54 -39.35 5.16
N GLY D 258 -53.62 -38.95 4.52
CA GLY D 258 -54.57 -39.93 3.97
C GLY D 258 -55.40 -40.76 4.95
N LYS D 259 -55.55 -40.33 6.21
CA LYS D 259 -56.50 -40.90 7.15
C LYS D 259 -57.42 -39.76 7.60
N SER D 260 -58.65 -40.11 7.92
CA SER D 260 -59.69 -39.14 8.17
C SER D 260 -60.37 -39.41 9.50
N LEU D 261 -60.72 -38.36 10.18
CA LEU D 261 -61.65 -38.58 11.26
C LEU D 261 -62.99 -38.93 10.64
N SER D 262 -63.48 -40.18 10.85
CA SER D 262 -64.58 -40.69 10.02
C SER D 262 -65.16 -42.03 10.50
N GLU D 263 -66.50 -42.11 10.39
CA GLU D 263 -67.21 -43.38 10.53
C GLU D 263 -66.54 -44.48 9.70
N ASN D 264 -66.30 -44.22 8.40
CA ASN D 264 -65.31 -45.00 7.62
C ASN D 264 -63.99 -45.22 8.43
N GLU D 265 -63.18 -44.18 8.87
CA GLU D 265 -61.82 -44.44 9.35
C GLU D 265 -61.66 -44.19 10.84
N ILE D 266 -61.01 -43.13 11.26
CA ILE D 266 -60.67 -42.92 12.64
C ILE D 266 -61.87 -42.32 13.34
N THR D 267 -62.25 -42.88 14.50
CA THR D 267 -63.31 -42.32 15.28
C THR D 267 -62.84 -42.30 16.72
N LEU D 268 -63.67 -41.70 17.62
CA LEU D 268 -63.23 -41.53 19.03
C LEU D 268 -63.07 -42.87 19.76
N ASN D 269 -63.89 -43.88 19.43
CA ASN D 269 -63.60 -45.24 19.85
C ASN D 269 -62.31 -45.77 19.25
N THR D 270 -62.24 -45.94 17.92
CA THR D 270 -61.05 -46.58 17.41
C THR D 270 -59.82 -45.95 18.05
N LEU D 271 -59.84 -44.64 18.30
CA LEU D 271 -58.82 -44.02 19.15
C LEU D 271 -58.81 -44.63 20.59
N LYS D 272 -59.96 -44.60 21.32
CA LYS D 272 -59.98 -45.22 22.65
C LYS D 272 -59.51 -46.65 22.56
N GLU D 273 -60.05 -47.41 21.60
CA GLU D 273 -59.48 -48.73 21.33
C GLU D 273 -57.97 -48.70 21.31
N GLU D 274 -57.34 -47.97 20.36
CA GLU D 274 -55.93 -48.23 20.05
C GLU D 274 -55.02 -47.70 21.15
N GLY D 275 -55.61 -47.04 22.14
CA GLY D 275 -54.95 -46.74 23.39
C GLY D 275 -54.45 -45.33 23.47
N TYR D 276 -55.17 -44.39 22.87
CA TYR D 276 -54.70 -43.00 22.79
C TYR D 276 -55.15 -42.40 24.10
N LYS D 277 -54.29 -41.70 24.86
CA LYS D 277 -54.84 -41.16 26.09
C LYS D 277 -55.51 -39.80 25.83
N ALA D 278 -55.36 -39.20 24.64
CA ALA D 278 -56.08 -37.94 24.50
C ALA D 278 -56.17 -37.55 23.04
N ALA D 279 -57.17 -36.68 22.69
CA ALA D 279 -57.36 -36.29 21.27
C ALA D 279 -57.68 -34.81 21.09
N PHE D 280 -57.11 -34.18 20.03
CA PHE D 280 -57.43 -32.81 19.66
C PHE D 280 -58.12 -32.78 18.30
N ILE D 281 -59.27 -32.10 18.16
CA ILE D 281 -59.99 -32.02 16.84
C ILE D 281 -59.62 -30.70 16.17
N GLY D 282 -58.84 -30.75 15.09
CA GLY D 282 -58.38 -29.55 14.41
C GLY D 282 -58.85 -29.54 12.95
N ILE D 283 -60.04 -30.09 12.68
CA ILE D 283 -60.38 -30.34 11.29
C ILE D 283 -61.01 -29.17 10.64
N GLY D 284 -61.10 -28.02 11.31
CA GLY D 284 -61.73 -26.91 10.60
C GLY D 284 -63.14 -27.12 9.90
N LEU D 285 -63.49 -26.13 9.02
CA LEU D 285 -64.84 -26.25 8.46
C LEU D 285 -64.75 -26.79 6.99
N PRO D 286 -64.92 -28.08 6.78
CA PRO D 286 -64.51 -28.66 5.48
C PRO D 286 -65.49 -28.45 4.29
N GLU D 287 -66.80 -28.18 4.53
CA GLU D 287 -67.88 -28.17 3.50
C GLU D 287 -68.28 -26.74 3.17
N PRO D 288 -68.63 -26.44 1.92
CA PRO D 288 -69.14 -25.08 1.61
C PRO D 288 -70.59 -24.89 1.99
N LYS D 289 -70.89 -23.61 2.30
CA LYS D 289 -72.24 -23.12 2.56
C LYS D 289 -72.91 -22.94 1.21
N THR D 290 -73.96 -23.72 0.94
CA THR D 290 -74.63 -23.66 -0.37
C THR D 290 -76.02 -23.07 -0.33
N ASP D 291 -76.52 -22.83 -1.52
CA ASP D 291 -77.84 -22.31 -1.71
C ASP D 291 -78.54 -23.32 -2.54
N ASP D 292 -79.87 -23.23 -2.52
CA ASP D 292 -80.70 -24.09 -3.36
C ASP D 292 -80.49 -23.72 -4.80
N ILE D 293 -80.57 -22.42 -5.10
CA ILE D 293 -80.59 -21.87 -6.46
C ILE D 293 -79.45 -22.40 -7.32
N PHE D 294 -78.47 -23.09 -6.76
CA PHE D 294 -77.46 -23.67 -7.63
C PHE D 294 -77.51 -25.19 -7.72
N GLN D 295 -78.46 -25.90 -7.08
CA GLN D 295 -78.30 -27.37 -6.92
C GLN D 295 -78.08 -28.09 -8.26
N GLY D 296 -77.20 -29.08 -8.27
CA GLY D 296 -76.81 -29.71 -9.52
C GLY D 296 -76.01 -28.88 -10.51
N LEU D 297 -75.59 -27.66 -10.22
CA LEU D 297 -74.70 -26.97 -11.16
C LEU D 297 -73.27 -27.50 -10.99
N THR D 298 -72.55 -27.74 -12.10
CA THR D 298 -71.18 -28.25 -11.97
C THR D 298 -70.18 -27.24 -12.53
N GLN D 299 -68.91 -27.55 -12.29
CA GLN D 299 -67.85 -26.74 -12.86
C GLN D 299 -67.98 -26.70 -14.35
N ASP D 300 -68.50 -27.77 -14.95
CA ASP D 300 -68.76 -27.74 -16.39
C ASP D 300 -69.66 -26.58 -16.79
N GLN D 301 -70.75 -26.39 -16.09
CA GLN D 301 -71.57 -25.31 -16.55
C GLN D 301 -71.01 -23.96 -16.16
N GLY D 302 -69.93 -23.91 -15.37
CA GLY D 302 -69.32 -22.67 -14.95
C GLY D 302 -69.51 -22.35 -13.47
N PHE D 303 -70.02 -23.27 -12.68
CA PHE D 303 -70.34 -22.96 -11.30
C PHE D 303 -69.18 -23.45 -10.45
N TYR D 304 -68.91 -22.75 -9.32
CA TYR D 304 -67.90 -23.12 -8.31
C TYR D 304 -68.32 -22.59 -6.93
N THR D 305 -67.97 -23.40 -5.96
CA THR D 305 -67.88 -22.89 -4.61
C THR D 305 -66.42 -22.50 -4.34
N SER D 306 -66.24 -21.62 -3.35
CA SER D 306 -64.87 -21.22 -3.01
C SER D 306 -64.06 -22.47 -2.75
N LYS D 307 -64.64 -23.44 -2.09
CA LYS D 307 -63.97 -24.69 -1.89
C LYS D 307 -63.77 -25.54 -3.17
N ASP D 308 -64.34 -25.18 -4.35
CA ASP D 308 -63.88 -25.83 -5.61
C ASP D 308 -62.74 -25.06 -6.24
N PHE D 309 -62.86 -23.74 -6.25
CA PHE D 309 -62.08 -22.87 -7.11
C PHE D 309 -60.70 -22.74 -6.52
N LEU D 310 -60.65 -22.33 -5.31
CA LEU D 310 -59.37 -21.87 -4.81
C LEU D 310 -58.40 -23.05 -4.59
N PRO D 311 -58.82 -24.36 -4.48
CA PRO D 311 -57.72 -25.33 -4.38
C PRO D 311 -57.11 -25.59 -5.73
N LEU D 312 -57.91 -25.40 -6.80
CA LEU D 312 -57.32 -25.50 -8.13
C LEU D 312 -56.30 -24.43 -8.36
N VAL D 313 -56.63 -23.17 -8.01
CA VAL D 313 -55.58 -22.19 -8.26
C VAL D 313 -54.41 -22.54 -7.37
N ALA D 314 -54.69 -23.07 -6.18
CA ALA D 314 -53.59 -23.43 -5.26
C ALA D 314 -52.76 -24.56 -5.83
N LYS D 315 -53.39 -25.62 -6.39
CA LYS D 315 -52.64 -26.69 -7.02
C LYS D 315 -51.94 -26.23 -8.29
N SER D 316 -52.29 -25.10 -8.85
CA SER D 316 -51.45 -24.66 -9.95
C SER D 316 -50.29 -23.81 -9.43
N SER D 317 -50.59 -22.72 -8.74
CA SER D 317 -49.67 -21.65 -8.34
C SER D 317 -48.64 -22.03 -7.23
N LYS D 318 -48.67 -23.22 -6.65
CA LYS D 318 -47.65 -23.59 -5.67
C LYS D 318 -46.81 -24.74 -6.20
N ALA D 319 -46.90 -24.99 -7.53
CA ALA D 319 -46.90 -26.28 -8.25
C ALA D 319 -46.07 -27.42 -7.60
N GLY D 320 -46.66 -28.06 -6.55
CA GLY D 320 -46.08 -29.20 -5.82
C GLY D 320 -46.67 -29.60 -4.46
N MET D 321 -48.00 -29.52 -4.33
CA MET D 321 -48.77 -29.89 -3.12
C MET D 321 -49.80 -31.06 -3.42
N SER D 326 -48.54 -27.15 -12.27
CA SER D 326 -49.50 -27.91 -13.08
C SER D 326 -50.28 -26.94 -13.98
N PRO D 327 -50.95 -27.43 -15.03
CA PRO D 327 -51.78 -26.53 -15.84
C PRO D 327 -52.85 -25.79 -15.01
N LEU D 328 -52.90 -24.44 -15.21
CA LEU D 328 -53.89 -23.52 -14.59
C LEU D 328 -55.25 -23.65 -15.26
N PRO D 329 -56.29 -24.12 -14.56
CA PRO D 329 -57.64 -24.20 -15.14
C PRO D 329 -58.36 -22.87 -15.36
N SER D 330 -58.20 -22.35 -16.57
CA SER D 330 -58.44 -20.95 -16.87
C SER D 330 -59.90 -20.72 -17.23
N ILE D 331 -60.20 -19.43 -17.33
CA ILE D 331 -61.48 -18.80 -17.09
C ILE D 331 -61.39 -17.45 -17.73
N ARG D 332 -62.09 -17.29 -18.81
CA ARG D 332 -62.12 -16.09 -19.61
C ARG D 332 -63.53 -15.52 -19.56
N GLY D 333 -63.67 -14.28 -19.94
CA GLY D 333 -64.99 -13.68 -19.85
C GLY D 333 -65.27 -13.24 -18.43
N ALA D 334 -66.53 -13.07 -18.11
CA ALA D 334 -66.89 -12.32 -16.92
C ALA D 334 -67.33 -13.25 -15.78
N VAL D 335 -66.79 -12.97 -14.58
CA VAL D 335 -66.94 -13.76 -13.38
C VAL D 335 -67.84 -13.03 -12.36
N ILE D 336 -68.92 -13.70 -11.89
CA ILE D 336 -69.60 -13.32 -10.65
C ILE D 336 -69.14 -14.12 -9.42
N VAL D 337 -68.59 -13.41 -8.48
CA VAL D 337 -68.15 -13.96 -7.20
C VAL D 337 -69.25 -13.50 -6.26
N LEU D 338 -69.96 -14.44 -5.67
CA LEU D 338 -71.03 -14.12 -4.71
C LEU D 338 -70.48 -14.11 -3.27
N GLY D 339 -70.71 -13.00 -2.56
CA GLY D 339 -70.31 -12.96 -1.16
C GLY D 339 -69.42 -11.79 -0.89
N ALA D 340 -68.93 -11.74 0.36
CA ALA D 340 -68.25 -10.54 0.82
C ALA D 340 -67.33 -10.67 2.02
N GLY D 341 -66.86 -11.89 2.39
CA GLY D 341 -65.77 -12.07 3.34
C GLY D 341 -64.47 -12.52 2.66
N ASP D 342 -63.36 -12.69 3.45
CA ASP D 342 -62.05 -13.28 3.04
C ASP D 342 -62.23 -13.93 1.69
N THR D 343 -62.92 -15.06 1.76
CA THR D 343 -63.02 -15.97 0.64
C THR D 343 -63.44 -15.24 -0.62
N ALA D 344 -64.48 -14.39 -0.52
CA ALA D 344 -64.95 -13.66 -1.70
C ALA D 344 -63.83 -12.84 -2.31
N PHE D 345 -63.06 -12.12 -1.51
CA PHE D 345 -62.07 -11.21 -2.06
C PHE D 345 -60.83 -11.96 -2.52
N ASP D 346 -60.50 -13.09 -1.87
CA ASP D 346 -59.52 -13.99 -2.47
C ASP D 346 -60.06 -14.65 -3.74
N CYS D 347 -61.37 -14.88 -3.87
CA CYS D 347 -61.81 -15.44 -5.15
C CYS D 347 -61.80 -14.39 -6.29
N ALA D 348 -62.24 -13.13 -6.03
CA ALA D 348 -62.13 -12.08 -7.05
C ALA D 348 -60.70 -11.95 -7.59
N THR D 349 -59.71 -11.77 -6.66
CA THR D 349 -58.31 -11.62 -7.08
C THR D 349 -57.75 -12.89 -7.74
N SER D 350 -57.97 -14.09 -7.18
CA SER D 350 -57.47 -15.28 -7.88
C SER D 350 -58.15 -15.46 -9.27
N ALA D 351 -59.41 -15.07 -9.42
CA ALA D 351 -59.99 -15.12 -10.76
C ALA D 351 -59.30 -14.17 -11.73
N LEU D 352 -58.66 -13.08 -11.26
CA LEU D 352 -57.92 -12.19 -12.19
C LEU D 352 -56.79 -12.94 -12.84
N ARG D 353 -56.03 -13.63 -12.03
CA ARG D 353 -54.87 -14.38 -12.47
C ARG D 353 -55.20 -15.62 -13.31
N CYS D 354 -56.46 -16.04 -13.44
CA CYS D 354 -56.67 -17.01 -14.49
C CYS D 354 -57.08 -16.30 -15.76
N GLY D 355 -56.98 -14.96 -15.75
CA GLY D 355 -57.24 -14.08 -16.88
C GLY D 355 -58.70 -13.82 -17.07
N ALA D 356 -59.38 -13.45 -15.99
CA ALA D 356 -60.80 -13.18 -16.13
C ALA D 356 -60.92 -11.88 -16.91
N ARG D 357 -62.02 -11.68 -17.65
CA ARG D 357 -62.19 -10.40 -18.35
C ARG D 357 -62.66 -9.27 -17.41
N ARG D 358 -63.43 -9.61 -16.39
CA ARG D 358 -64.17 -8.64 -15.62
C ARG D 358 -64.62 -9.46 -14.42
N VAL D 359 -64.39 -8.95 -13.20
CA VAL D 359 -64.85 -9.66 -11.99
C VAL D 359 -65.87 -8.78 -11.26
N PHE D 360 -66.97 -9.36 -10.83
CA PHE D 360 -67.98 -8.64 -10.05
C PHE D 360 -68.07 -9.28 -8.68
N LEU D 361 -67.69 -8.58 -7.63
CA LEU D 361 -68.19 -8.98 -6.33
C LEU D 361 -69.58 -8.38 -6.10
N VAL D 362 -70.59 -9.23 -5.81
CA VAL D 362 -71.99 -8.83 -5.54
C VAL D 362 -72.37 -9.24 -4.13
N PHE D 363 -72.85 -8.31 -3.28
CA PHE D 363 -73.15 -8.59 -1.86
C PHE D 363 -74.64 -8.52 -1.65
N ARG D 364 -75.12 -9.09 -0.53
CA ARG D 364 -76.54 -9.07 -0.17
C ARG D 364 -76.88 -7.77 0.58
N LYS D 365 -75.86 -7.12 1.23
CA LYS D 365 -76.09 -5.98 2.14
C LYS D 365 -75.28 -4.78 1.67
N GLY D 366 -74.97 -3.83 2.51
CA GLY D 366 -74.44 -2.57 2.06
C GLY D 366 -72.93 -2.59 1.82
N PHE D 367 -72.38 -1.43 1.53
CA PHE D 367 -70.93 -1.38 1.52
C PHE D 367 -70.44 -1.45 2.94
N VAL D 368 -71.10 -0.71 3.81
CA VAL D 368 -70.94 -0.74 5.26
C VAL D 368 -70.63 -2.13 5.83
N ASN D 369 -71.38 -3.15 5.37
CA ASN D 369 -71.49 -4.40 6.10
C ASN D 369 -70.48 -5.40 5.66
N ILE D 370 -69.46 -4.98 4.92
CA ILE D 370 -68.61 -5.99 4.31
C ILE D 370 -67.78 -6.72 5.40
N ARG D 371 -67.84 -8.08 5.37
CA ARG D 371 -67.24 -9.08 6.28
C ARG D 371 -65.78 -8.66 6.46
N ALA D 372 -64.95 -8.81 5.43
CA ALA D 372 -63.50 -8.90 5.68
C ALA D 372 -62.86 -7.50 5.91
N VAL D 373 -61.54 -7.53 5.86
CA VAL D 373 -60.68 -6.62 6.60
C VAL D 373 -59.99 -5.78 5.54
N PRO D 374 -59.83 -4.45 5.77
CA PRO D 374 -59.53 -3.53 4.66
C PRO D 374 -58.40 -4.05 3.78
N GLU D 375 -57.43 -4.75 4.39
CA GLU D 375 -56.32 -5.34 3.68
C GLU D 375 -56.83 -6.09 2.49
N GLU D 376 -57.89 -6.83 2.72
CA GLU D 376 -58.31 -7.84 1.79
C GLU D 376 -59.07 -7.18 0.67
N VAL D 377 -59.86 -6.16 1.08
CA VAL D 377 -60.64 -5.27 0.21
C VAL D 377 -59.75 -4.42 -0.68
N GLU D 378 -58.61 -3.98 -0.15
CA GLU D 378 -57.66 -3.21 -0.95
C GLU D 378 -57.12 -3.97 -2.15
N LEU D 379 -56.58 -5.17 -1.92
CA LEU D 379 -56.06 -5.96 -3.03
C LEU D 379 -57.09 -5.97 -4.13
N ALA D 380 -58.36 -6.10 -3.76
CA ALA D 380 -59.38 -6.22 -4.80
C ALA D 380 -59.66 -4.90 -5.45
N LYS D 381 -59.93 -3.84 -4.66
CA LYS D 381 -60.12 -2.49 -5.23
C LYS D 381 -58.96 -2.18 -6.15
N GLU D 382 -57.72 -2.38 -5.65
CA GLU D 382 -56.65 -1.84 -6.47
C GLU D 382 -56.43 -2.70 -7.68
N GLU D 383 -57.10 -3.84 -7.80
CA GLU D 383 -57.01 -4.56 -9.05
C GLU D 383 -58.30 -4.42 -9.90
N LYS D 384 -59.11 -3.42 -9.60
CA LYS D 384 -60.23 -3.06 -10.44
C LYS D 384 -61.32 -4.14 -10.52
N CYS D 385 -61.55 -4.91 -9.45
CA CYS D 385 -62.82 -5.64 -9.41
C CYS D 385 -63.95 -4.65 -9.31
N GLU D 386 -65.11 -5.07 -9.74
CA GLU D 386 -66.29 -4.23 -9.67
C GLU D 386 -67.12 -4.69 -8.48
N PHE D 387 -67.75 -3.76 -7.76
CA PHE D 387 -68.54 -4.14 -6.56
C PHE D 387 -70.01 -3.83 -6.80
N LEU D 388 -70.93 -4.70 -6.40
CA LEU D 388 -72.35 -4.38 -6.57
C LEU D 388 -73.09 -4.71 -5.27
N PRO D 389 -73.44 -3.72 -4.45
CA PRO D 389 -74.19 -3.98 -3.22
C PRO D 389 -75.69 -4.21 -3.41
N PHE D 390 -76.31 -4.78 -2.35
CA PHE D 390 -77.76 -4.78 -2.19
C PHE D 390 -78.46 -5.61 -3.25
N LEU D 391 -77.83 -6.72 -3.67
CA LEU D 391 -78.41 -7.75 -4.58
C LEU D 391 -78.33 -9.06 -3.83
N SER D 392 -79.46 -9.88 -3.85
CA SER D 392 -79.54 -11.29 -3.50
C SER D 392 -79.73 -12.20 -4.71
N PRO D 393 -78.92 -13.24 -4.92
CA PRO D 393 -79.10 -14.07 -6.12
C PRO D 393 -80.44 -14.75 -6.06
N ARG D 394 -81.10 -14.83 -7.24
CA ARG D 394 -82.51 -15.25 -7.40
C ARG D 394 -82.61 -16.54 -8.20
N LYS D 395 -82.05 -16.58 -9.39
CA LYS D 395 -81.81 -17.89 -9.96
C LYS D 395 -80.69 -17.72 -10.97
N VAL D 396 -80.28 -18.84 -11.53
CA VAL D 396 -79.16 -18.84 -12.43
C VAL D 396 -79.66 -19.29 -13.78
N ILE D 397 -79.49 -18.44 -14.81
CA ILE D 397 -79.92 -18.73 -16.19
C ILE D 397 -78.85 -19.57 -16.86
N VAL D 398 -79.11 -20.86 -17.10
CA VAL D 398 -78.18 -21.82 -17.71
C VAL D 398 -78.74 -22.09 -19.09
N LYS D 399 -78.26 -21.46 -20.17
CA LYS D 399 -78.92 -21.71 -21.46
C LYS D 399 -77.93 -22.35 -22.43
N GLY D 400 -78.39 -23.41 -23.11
CA GLY D 400 -77.59 -24.31 -23.90
C GLY D 400 -76.36 -24.73 -23.14
N GLY D 401 -76.49 -25.55 -22.08
CA GLY D 401 -75.37 -26.09 -21.34
C GLY D 401 -74.48 -25.20 -20.46
N ARG D 402 -74.18 -23.96 -20.86
CA ARG D 402 -73.35 -23.02 -20.10
C ARG D 402 -74.21 -22.13 -19.20
N ILE D 403 -73.71 -21.78 -18.02
CA ILE D 403 -74.21 -20.55 -17.36
C ILE D 403 -74.02 -19.37 -18.30
N VAL D 404 -75.09 -18.59 -18.51
CA VAL D 404 -74.99 -17.32 -19.23
C VAL D 404 -75.31 -16.11 -18.38
N ALA D 405 -76.02 -16.26 -17.28
CA ALA D 405 -76.27 -15.03 -16.53
C ALA D 405 -76.89 -15.38 -15.19
N VAL D 406 -77.03 -14.37 -14.36
CA VAL D 406 -77.58 -14.67 -13.05
C VAL D 406 -78.56 -13.57 -12.66
N GLN D 407 -79.67 -13.93 -12.07
CA GLN D 407 -80.66 -12.90 -11.85
C GLN D 407 -80.79 -12.53 -10.37
N PHE D 408 -80.63 -11.25 -10.02
CA PHE D 408 -80.76 -10.84 -8.63
C PHE D 408 -81.94 -9.89 -8.42
N VAL D 409 -82.45 -9.91 -7.18
CA VAL D 409 -83.43 -8.92 -6.81
C VAL D 409 -82.78 -8.09 -5.72
N ARG D 410 -83.18 -6.81 -5.64
CA ARG D 410 -82.61 -5.85 -4.68
C ARG D 410 -83.01 -6.19 -3.26
N THR D 411 -82.14 -5.91 -2.32
CA THR D 411 -82.43 -6.02 -0.92
C THR D 411 -82.41 -4.63 -0.29
N GLU D 412 -83.09 -4.49 0.85
CA GLU D 412 -82.90 -3.24 1.58
C GLU D 412 -83.25 -3.46 3.03
N GLN D 413 -82.85 -2.50 3.88
CA GLN D 413 -83.15 -2.48 5.30
C GLN D 413 -84.32 -1.56 5.56
N ASP D 414 -84.76 -1.51 6.82
CA ASP D 414 -85.93 -0.73 7.16
C ASP D 414 -85.55 0.33 8.18
N GLU D 415 -85.56 -0.05 9.47
CA GLU D 415 -85.14 0.82 10.58
C GLU D 415 -84.87 -0.09 11.77
N THR D 416 -85.70 -1.15 11.89
CA THR D 416 -85.36 -2.32 12.70
C THR D 416 -84.16 -3.01 12.11
N GLY D 417 -83.90 -2.76 10.83
CA GLY D 417 -82.77 -3.34 10.16
C GLY D 417 -83.26 -4.67 9.66
N LYS D 418 -84.51 -4.71 9.20
CA LYS D 418 -85.14 -5.93 8.69
C LYS D 418 -84.85 -6.02 7.20
N TRP D 419 -84.01 -6.97 6.82
CA TRP D 419 -83.58 -7.13 5.44
C TRP D 419 -84.62 -7.93 4.69
N ASN D 420 -85.10 -7.39 3.55
CA ASN D 420 -86.11 -8.10 2.74
C ASN D 420 -85.86 -7.83 1.27
N GLU D 421 -86.23 -8.74 0.44
CA GLU D 421 -85.90 -8.56 -0.96
C GLU D 421 -87.03 -7.79 -1.64
N ASP D 422 -86.79 -7.29 -2.85
CA ASP D 422 -87.75 -6.44 -3.60
C ASP D 422 -87.92 -7.06 -4.98
N GLU D 423 -88.78 -8.09 -4.99
CA GLU D 423 -89.09 -9.03 -6.08
C GLU D 423 -89.34 -8.38 -7.45
N ASP D 424 -89.69 -7.13 -7.43
CA ASP D 424 -90.12 -6.38 -8.58
C ASP D 424 -88.92 -5.72 -9.26
N GLN D 425 -87.76 -5.77 -8.61
CA GLN D 425 -86.57 -5.02 -8.98
C GLN D 425 -85.50 -6.04 -9.25
N ILE D 426 -85.25 -6.27 -10.53
CA ILE D 426 -84.49 -7.44 -10.91
C ILE D 426 -83.18 -6.96 -11.48
N VAL D 427 -82.16 -7.82 -11.42
CA VAL D 427 -80.99 -7.55 -12.21
C VAL D 427 -80.62 -8.81 -12.92
N HIS D 428 -80.41 -8.67 -14.25
CA HIS D 428 -79.88 -9.69 -15.17
C HIS D 428 -78.41 -9.23 -15.39
N LEU D 429 -77.51 -9.67 -14.49
CA LEU D 429 -76.07 -9.58 -14.72
C LEU D 429 -75.62 -10.69 -15.69
N LYS D 430 -75.03 -10.35 -16.85
CA LYS D 430 -74.53 -11.44 -17.72
C LYS D 430 -73.26 -11.98 -17.14
N ALA D 431 -73.02 -13.30 -17.26
CA ALA D 431 -71.81 -13.79 -16.64
C ALA D 431 -71.35 -15.14 -17.17
N ASP D 432 -70.05 -15.30 -17.36
CA ASP D 432 -69.54 -16.59 -17.79
C ASP D 432 -69.45 -17.63 -16.68
N VAL D 433 -69.02 -17.23 -15.51
CA VAL D 433 -68.68 -18.17 -14.45
C VAL D 433 -69.28 -17.63 -13.13
N VAL D 434 -69.77 -18.48 -12.23
CA VAL D 434 -70.10 -17.88 -10.94
C VAL D 434 -69.50 -18.69 -9.82
N ILE D 435 -68.92 -17.96 -8.89
CA ILE D 435 -68.25 -18.58 -7.78
C ILE D 435 -68.97 -18.19 -6.46
N SER D 436 -69.57 -19.19 -5.77
CA SER D 436 -70.17 -18.80 -4.52
C SER D 436 -69.06 -18.83 -3.46
N ALA D 437 -69.06 -17.79 -2.65
CA ALA D 437 -68.16 -17.65 -1.53
C ALA D 437 -69.00 -17.52 -0.30
N PHE D 438 -69.97 -18.34 -0.04
CA PHE D 438 -70.78 -18.05 1.12
C PHE D 438 -70.18 -18.54 2.42
N GLY D 439 -68.90 -18.89 2.48
CA GLY D 439 -68.30 -19.43 3.68
C GLY D 439 -68.35 -20.94 3.71
N SER D 440 -67.95 -21.52 4.90
CA SER D 440 -67.79 -22.98 5.07
C SER D 440 -68.56 -23.50 6.26
N VAL D 441 -68.78 -24.81 6.25
CA VAL D 441 -69.49 -25.42 7.35
C VAL D 441 -68.91 -26.80 7.53
N LEU D 442 -69.32 -27.40 8.64
CA LEU D 442 -69.21 -28.80 9.02
C LEU D 442 -70.52 -29.49 8.68
N ARG D 443 -70.63 -30.12 7.50
CA ARG D 443 -71.94 -30.69 7.09
C ARG D 443 -71.95 -32.22 7.13
N ASP D 444 -70.93 -32.92 6.63
CA ASP D 444 -70.80 -34.38 6.52
C ASP D 444 -71.18 -35.24 7.75
N PRO D 445 -72.17 -36.13 7.63
CA PRO D 445 -72.56 -36.92 8.81
C PRO D 445 -71.58 -38.00 9.22
N LYS D 446 -70.78 -38.51 8.25
CA LYS D 446 -69.64 -39.35 8.57
C LYS D 446 -68.74 -38.72 9.62
N VAL D 447 -68.35 -37.49 9.41
CA VAL D 447 -67.53 -36.89 10.44
C VAL D 447 -68.30 -36.73 11.73
N LYS D 448 -69.56 -36.31 11.66
CA LYS D 448 -70.14 -36.04 12.99
C LYS D 448 -70.33 -37.33 13.77
N GLU D 449 -70.60 -38.43 13.05
CA GLU D 449 -70.76 -39.72 13.71
C GLU D 449 -69.49 -40.08 14.47
N ALA D 450 -68.29 -39.87 13.80
CA ALA D 450 -66.97 -40.25 14.35
C ALA D 450 -66.64 -39.53 15.68
N LEU D 451 -67.35 -38.41 15.98
CA LEU D 451 -67.26 -37.63 17.21
C LEU D 451 -68.34 -37.95 18.23
N SER D 452 -69.19 -38.98 18.01
CA SER D 452 -70.04 -39.38 19.11
C SER D 452 -69.16 -39.80 20.27
N PRO D 453 -69.60 -39.57 21.52
CA PRO D 453 -70.77 -38.82 21.94
C PRO D 453 -70.48 -37.38 22.35
N ILE D 454 -69.52 -36.61 21.85
CA ILE D 454 -69.33 -35.26 22.41
C ILE D 454 -70.53 -34.39 22.05
N LYS D 455 -70.89 -33.43 22.90
CA LYS D 455 -72.04 -32.59 22.59
C LYS D 455 -71.71 -31.62 21.43
N PHE D 456 -72.71 -31.26 20.64
CA PHE D 456 -72.67 -30.22 19.64
C PHE D 456 -73.66 -29.11 19.99
N ASN D 457 -73.62 -28.02 19.27
CA ASN D 457 -74.46 -26.89 19.59
C ASN D 457 -75.23 -26.53 18.31
N ARG D 458 -76.09 -25.48 18.38
CA ARG D 458 -77.05 -25.20 17.30
C ARG D 458 -76.41 -24.95 15.96
N TRP D 459 -75.08 -24.70 15.89
CA TRP D 459 -74.31 -24.54 14.64
C TRP D 459 -73.78 -25.87 14.05
N ASP D 460 -74.12 -27.04 14.62
CA ASP D 460 -73.51 -28.32 14.25
C ASP D 460 -71.98 -28.21 14.49
N LEU D 461 -71.61 -27.56 15.60
CA LEU D 461 -70.21 -27.38 15.89
C LEU D 461 -69.90 -28.02 17.22
N PRO D 462 -68.73 -28.72 17.43
CA PRO D 462 -68.38 -29.15 18.82
C PRO D 462 -68.50 -28.03 19.84
N GLU D 463 -68.75 -28.41 21.06
CA GLU D 463 -68.95 -27.52 22.19
C GLU D 463 -67.71 -27.63 23.06
N VAL D 464 -66.96 -26.53 23.25
CA VAL D 464 -65.84 -26.65 24.16
C VAL D 464 -66.10 -25.70 25.33
N ASP D 465 -65.43 -25.92 26.44
CA ASP D 465 -65.35 -24.81 27.41
C ASP D 465 -64.38 -23.77 26.89
N PRO D 466 -64.74 -22.49 26.72
CA PRO D 466 -63.82 -21.63 25.97
C PRO D 466 -62.52 -21.28 26.70
N GLU D 467 -62.35 -21.72 27.95
CA GLU D 467 -61.06 -21.57 28.61
C GLU D 467 -60.14 -22.80 28.53
N THR D 468 -60.58 -24.00 28.90
CA THR D 468 -59.75 -25.19 28.71
C THR D 468 -59.69 -25.75 27.27
N MET D 469 -60.64 -25.45 26.37
CA MET D 469 -60.82 -26.11 25.03
C MET D 469 -61.25 -27.59 25.13
N GLN D 470 -61.78 -27.99 26.26
CA GLN D 470 -62.28 -29.34 26.50
C GLN D 470 -63.72 -29.39 26.05
N THR D 471 -64.10 -30.53 25.40
CA THR D 471 -65.42 -30.94 24.92
C THR D 471 -66.09 -31.75 26.00
N SER D 472 -67.40 -31.99 25.81
CA SER D 472 -68.17 -32.75 26.81
C SER D 472 -67.47 -34.04 27.24
N GLU D 473 -66.69 -34.67 26.31
CA GLU D 473 -65.71 -35.75 26.54
C GLU D 473 -64.36 -35.24 27.00
N PRO D 474 -64.03 -35.44 28.28
CA PRO D 474 -62.86 -34.80 28.89
C PRO D 474 -61.48 -35.28 28.41
N TRP D 475 -61.38 -36.26 27.49
CA TRP D 475 -60.09 -36.53 26.89
C TRP D 475 -59.96 -35.98 25.47
N VAL D 476 -60.90 -35.15 25.04
CA VAL D 476 -61.11 -34.75 23.64
C VAL D 476 -61.26 -33.25 23.73
N PHE D 477 -60.32 -32.52 23.11
CA PHE D 477 -60.31 -31.07 23.00
C PHE D 477 -60.50 -30.67 21.57
N ALA D 478 -60.98 -29.46 21.35
CA ALA D 478 -61.10 -29.00 19.95
C ALA D 478 -60.75 -27.51 19.83
N GLY D 479 -60.18 -27.09 18.68
CA GLY D 479 -59.95 -25.66 18.54
C GLY D 479 -59.86 -25.29 17.09
N GLY D 480 -59.72 -23.99 16.83
CA GLY D 480 -59.56 -23.53 15.46
C GLY D 480 -60.90 -23.25 14.77
N ASP D 481 -60.94 -23.43 13.46
CA ASP D 481 -62.17 -23.09 12.77
C ASP D 481 -63.34 -24.00 13.24
N ILE D 482 -63.04 -25.25 13.60
CA ILE D 482 -64.12 -26.19 13.92
C ILE D 482 -64.98 -25.72 15.12
N VAL D 483 -64.41 -24.85 15.99
CA VAL D 483 -65.09 -24.43 17.21
C VAL D 483 -65.91 -23.17 16.97
N GLY D 484 -65.62 -22.40 15.93
CA GLY D 484 -66.51 -21.34 15.59
C GLY D 484 -66.04 -19.97 16.08
N MET D 485 -65.00 -19.86 16.94
CA MET D 485 -64.58 -18.53 17.50
C MET D 485 -63.42 -17.95 16.68
N ALA D 486 -62.47 -18.80 16.29
CA ALA D 486 -61.39 -18.33 15.42
C ALA D 486 -61.94 -17.83 14.10
N ASN D 487 -61.70 -16.56 13.78
CA ASN D 487 -61.82 -16.13 12.41
C ASN D 487 -60.47 -15.97 11.70
N THR D 488 -59.37 -16.60 12.17
CA THR D 488 -58.06 -16.16 11.66
C THR D 488 -57.00 -17.23 11.99
N THR D 489 -55.91 -17.23 11.21
CA THR D 489 -54.82 -18.16 11.53
C THR D 489 -54.30 -17.98 12.95
N VAL D 490 -54.29 -16.76 13.46
CA VAL D 490 -53.59 -16.59 14.71
C VAL D 490 -54.51 -16.86 15.85
N GLU D 491 -55.80 -16.69 15.70
CA GLU D 491 -56.68 -17.30 16.72
C GLU D 491 -56.69 -18.86 16.72
N SER D 492 -56.64 -19.53 15.55
CA SER D 492 -56.60 -20.99 15.58
C SER D 492 -55.28 -21.46 16.09
N VAL D 493 -54.22 -20.69 15.87
CA VAL D 493 -52.96 -21.11 16.46
C VAL D 493 -53.01 -20.97 17.97
N ASN D 494 -53.56 -19.84 18.48
CA ASN D 494 -53.81 -19.64 19.91
C ASN D 494 -54.71 -20.71 20.53
N ASP D 495 -55.80 -21.07 19.84
CA ASP D 495 -56.64 -22.16 20.33
C ASP D 495 -55.85 -23.45 20.59
N GLY D 496 -54.96 -23.88 19.68
CA GLY D 496 -54.35 -25.17 19.97
C GLY D 496 -53.26 -25.01 20.98
N LYS D 497 -52.65 -23.78 20.99
CA LYS D 497 -51.75 -23.38 22.07
C LYS D 497 -52.44 -23.47 23.40
N GLN D 498 -53.65 -22.88 23.49
CA GLN D 498 -54.39 -22.92 24.73
C GLN D 498 -54.78 -24.34 25.10
N ALA D 499 -55.07 -25.20 24.09
CA ALA D 499 -55.53 -26.54 24.42
C ALA D 499 -54.34 -27.31 24.99
N SER D 500 -53.12 -26.99 24.55
CA SER D 500 -52.01 -27.84 24.92
C SER D 500 -51.79 -27.85 26.42
N TRP D 501 -51.94 -26.70 27.09
CA TRP D 501 -51.72 -26.71 28.54
C TRP D 501 -52.69 -27.65 29.23
N TYR D 502 -53.96 -27.65 28.78
CA TYR D 502 -54.97 -28.47 29.43
C TYR D 502 -54.91 -29.90 28.98
N ILE D 503 -54.41 -30.18 27.76
CA ILE D 503 -54.22 -31.59 27.51
C ILE D 503 -53.19 -32.13 28.49
N HIS D 504 -52.20 -31.30 28.83
CA HIS D 504 -51.13 -31.79 29.69
C HIS D 504 -51.62 -31.93 31.16
N LYS D 505 -52.44 -31.00 31.69
CA LYS D 505 -53.17 -31.25 32.95
C LYS D 505 -53.90 -32.61 32.94
N TYR D 506 -54.78 -32.79 32.00
CA TYR D 506 -55.63 -33.96 31.99
C TYR D 506 -54.82 -35.27 31.83
N ILE D 507 -53.80 -35.29 30.99
CA ILE D 507 -52.99 -36.52 30.89
C ILE D 507 -52.19 -36.79 32.20
N GLN D 508 -51.64 -35.73 32.81
CA GLN D 508 -50.86 -35.92 34.04
C GLN D 508 -51.75 -36.39 35.22
N ALA D 509 -52.89 -35.76 35.48
CA ALA D 509 -53.80 -36.36 36.43
C ALA D 509 -54.12 -37.85 36.07
N GLN D 510 -54.64 -38.17 34.85
CA GLN D 510 -54.75 -39.60 34.45
C GLN D 510 -53.58 -40.45 34.85
N TYR D 511 -52.38 -39.96 34.95
CA TYR D 511 -51.28 -40.83 35.36
C TYR D 511 -50.94 -40.62 36.83
N GLY D 512 -51.77 -39.95 37.64
CA GLY D 512 -51.46 -39.76 39.07
C GLY D 512 -50.50 -38.64 39.43
N ALA D 513 -50.30 -37.66 38.56
CA ALA D 513 -49.40 -36.51 38.75
C ALA D 513 -50.11 -35.16 38.60
N SER D 514 -49.66 -34.12 39.33
CA SER D 514 -50.32 -32.79 39.14
C SER D 514 -49.37 -31.77 38.46
N VAL D 515 -49.83 -30.53 38.33
CA VAL D 515 -49.11 -29.52 37.56
C VAL D 515 -49.33 -28.15 38.24
N SER D 516 -48.48 -27.16 37.92
CA SER D 516 -48.60 -25.86 38.56
C SER D 516 -49.99 -25.24 38.38
N ALA D 517 -50.46 -24.56 39.43
CA ALA D 517 -51.38 -23.45 39.26
C ALA D 517 -51.18 -22.70 37.96
N LYS D 518 -50.00 -22.04 37.81
CA LYS D 518 -49.89 -21.13 36.66
C LYS D 518 -49.48 -21.88 35.40
N PRO D 519 -50.11 -21.50 34.32
CA PRO D 519 -49.73 -21.98 33.01
C PRO D 519 -48.31 -21.59 32.66
N GLU D 520 -47.57 -22.52 32.09
CA GLU D 520 -46.14 -22.46 32.06
C GLU D 520 -45.66 -23.12 30.77
N LEU D 521 -46.12 -22.59 29.64
CA LEU D 521 -45.74 -23.24 28.40
C LEU D 521 -44.35 -22.79 28.03
N PRO D 522 -43.51 -23.73 27.60
CA PRO D 522 -42.14 -23.41 27.14
C PRO D 522 -41.96 -22.41 25.99
N LEU D 523 -40.84 -21.68 26.09
CA LEU D 523 -40.37 -20.89 24.98
C LEU D 523 -39.88 -21.77 23.82
N PHE D 524 -39.37 -21.09 22.79
CA PHE D 524 -38.95 -21.72 21.51
C PHE D 524 -37.46 -21.74 21.59
N TYR D 525 -36.81 -22.82 21.15
CA TYR D 525 -35.40 -23.03 21.46
C TYR D 525 -34.62 -23.63 20.28
N THR D 526 -33.35 -23.27 20.20
CA THR D 526 -32.50 -23.80 19.13
C THR D 526 -31.07 -23.96 19.64
N PRO D 527 -30.13 -24.47 18.82
CA PRO D 527 -28.73 -24.53 19.33
C PRO D 527 -28.15 -23.20 19.64
N VAL D 528 -28.50 -22.10 18.95
CA VAL D 528 -27.90 -20.80 19.34
C VAL D 528 -28.08 -20.62 20.84
N ASP D 529 -29.19 -21.10 21.40
CA ASP D 529 -29.37 -20.74 22.75
C ASP D 529 -28.35 -21.38 23.67
N LEU D 530 -27.61 -22.43 23.21
CA LEU D 530 -26.71 -23.12 24.12
C LEU D 530 -25.31 -22.55 23.98
N VAL D 531 -25.05 -21.65 23.04
CA VAL D 531 -23.72 -21.09 22.91
C VAL D 531 -23.26 -20.46 24.22
N ASP D 532 -21.98 -20.50 24.55
CA ASP D 532 -21.53 -20.01 25.86
C ASP D 532 -21.01 -18.54 25.76
N ILE D 533 -21.50 -17.63 26.62
CA ILE D 533 -21.12 -16.25 26.46
C ILE D 533 -20.44 -15.65 27.68
N SER D 534 -19.99 -16.45 28.64
CA SER D 534 -19.32 -15.92 29.84
C SER D 534 -17.87 -15.53 29.57
N VAL D 535 -17.23 -14.87 30.52
CA VAL D 535 -15.87 -14.44 30.26
C VAL D 535 -15.22 -14.17 31.59
N GLU D 536 -13.88 -14.25 31.61
CA GLU D 536 -13.07 -14.04 32.81
C GLU D 536 -12.23 -12.81 32.61
N MET D 537 -12.02 -12.01 33.66
CA MET D 537 -11.24 -10.81 33.48
C MET D 537 -10.78 -10.42 34.87
N ALA D 538 -9.57 -9.86 34.94
CA ALA D 538 -8.91 -9.60 36.24
C ALA D 538 -9.14 -10.66 37.36
N GLY D 539 -9.28 -11.95 36.96
CA GLY D 539 -9.57 -13.01 37.94
C GLY D 539 -11.04 -13.20 38.33
N LEU D 540 -11.98 -12.50 37.69
CA LEU D 540 -13.41 -12.61 38.00
C LEU D 540 -14.14 -13.43 36.95
N LYS D 541 -15.10 -14.27 37.34
CA LYS D 541 -15.96 -14.89 36.31
C LYS D 541 -17.22 -14.01 36.09
N PHE D 542 -17.55 -13.71 34.81
CA PHE D 542 -18.75 -12.90 34.46
C PHE D 542 -19.65 -13.84 33.72
N ILE D 543 -20.88 -13.96 34.14
CA ILE D 543 -21.65 -14.93 33.39
C ILE D 543 -22.02 -14.46 31.99
N ASN D 544 -22.09 -13.16 31.73
CA ASN D 544 -22.16 -12.61 30.39
C ASN D 544 -21.40 -11.30 30.47
N PRO D 545 -20.89 -10.78 29.36
CA PRO D 545 -20.04 -9.59 29.47
C PRO D 545 -20.80 -8.28 29.64
N PHE D 546 -22.12 -8.33 29.80
CA PHE D 546 -22.95 -7.11 29.84
C PHE D 546 -23.21 -6.70 31.27
N GLY D 547 -22.95 -5.39 31.58
CA GLY D 547 -23.17 -4.86 32.95
C GLY D 547 -23.74 -3.44 32.94
N LEU D 548 -24.44 -3.01 34.04
CA LEU D 548 -24.87 -1.61 34.21
C LEU D 548 -23.68 -0.71 34.45
N ALA D 549 -23.46 0.33 33.62
CA ALA D 549 -22.45 1.29 34.06
C ALA D 549 -22.86 2.00 35.36
N SER D 550 -21.93 2.74 35.93
CA SER D 550 -22.19 3.42 37.18
C SER D 550 -22.86 4.72 36.77
N ALA D 551 -24.18 4.73 36.92
CA ALA D 551 -24.91 5.87 36.33
C ALA D 551 -26.35 5.90 36.87
N ALA D 552 -27.30 6.48 36.15
CA ALA D 552 -28.63 6.61 36.71
C ALA D 552 -29.41 5.33 36.77
N PRO D 553 -29.34 4.41 35.76
CA PRO D 553 -29.91 3.09 36.02
C PRO D 553 -29.35 2.47 37.31
N THR D 554 -28.32 3.01 38.00
CA THR D 554 -27.77 2.35 39.21
C THR D 554 -27.87 3.29 40.41
N THR D 555 -28.88 4.18 40.33
CA THR D 555 -29.22 5.12 41.40
C THR D 555 -29.51 4.42 42.73
N SER D 556 -30.21 3.29 42.74
CA SER D 556 -30.60 2.59 43.96
C SER D 556 -30.18 1.16 43.88
N SER D 557 -29.67 0.62 45.02
CA SER D 557 -29.34 -0.79 45.03
C SER D 557 -30.61 -1.64 44.68
N SER D 558 -31.82 -1.10 44.81
CA SER D 558 -32.91 -1.95 44.42
C SER D 558 -33.03 -2.09 42.91
N MET D 559 -32.60 -1.09 42.16
CA MET D 559 -32.57 -1.23 40.72
C MET D 559 -31.57 -2.31 40.36
N ILE D 560 -30.53 -2.42 41.17
CA ILE D 560 -29.50 -3.37 40.82
C ILE D 560 -30.06 -4.76 40.97
N ARG D 561 -30.80 -4.98 42.05
CA ARG D 561 -31.44 -6.28 42.28
C ARG D 561 -32.35 -6.69 41.11
N ARG D 562 -33.13 -5.73 40.58
CA ARG D 562 -34.05 -6.03 39.49
C ARG D 562 -33.26 -6.28 38.21
N ALA D 563 -32.09 -5.67 38.06
CA ALA D 563 -31.31 -5.81 36.85
C ALA D 563 -30.64 -7.17 36.81
N PHE D 564 -29.99 -7.51 37.91
CA PHE D 564 -29.55 -8.90 38.03
C PHE D 564 -30.72 -9.89 37.84
N GLU D 565 -31.90 -9.57 38.34
CA GLU D 565 -32.94 -10.58 38.12
C GLU D 565 -33.36 -10.55 36.66
N ALA D 566 -33.14 -9.44 35.96
CA ALA D 566 -33.45 -9.58 34.57
C ALA D 566 -32.41 -10.36 33.82
N GLY D 567 -31.23 -10.64 34.38
CA GLY D 567 -30.16 -11.24 33.57
C GLY D 567 -28.86 -10.43 33.41
N TRP D 568 -28.67 -9.23 33.99
CA TRP D 568 -27.44 -8.49 33.71
C TRP D 568 -26.28 -9.29 34.32
N GLY D 569 -25.14 -9.35 33.66
CA GLY D 569 -24.10 -10.12 34.35
C GLY D 569 -23.33 -9.42 35.48
N PHE D 570 -23.32 -8.10 35.52
CA PHE D 570 -22.65 -7.45 36.63
C PHE D 570 -23.16 -6.02 36.73
N ALA D 571 -22.67 -5.27 37.74
CA ALA D 571 -23.12 -3.89 37.74
C ALA D 571 -22.17 -3.01 38.55
N LEU D 572 -22.17 -1.76 38.26
CA LEU D 572 -21.47 -0.81 39.10
C LEU D 572 -22.54 -0.34 40.08
N THR D 573 -22.15 0.24 41.22
CA THR D 573 -23.04 1.08 42.04
C THR D 573 -22.96 2.47 41.44
N LYS D 574 -23.97 3.39 41.67
CA LYS D 574 -23.65 4.85 41.48
C LYS D 574 -22.39 5.18 42.27
N THR D 575 -21.53 6.07 41.70
CA THR D 575 -20.33 6.55 42.39
C THR D 575 -20.67 7.15 43.76
N PHE D 576 -19.92 6.71 44.83
CA PHE D 576 -20.24 7.18 46.21
C PHE D 576 -18.98 7.56 46.96
N SER D 577 -19.16 8.16 48.13
CA SER D 577 -18.01 8.71 48.82
C SER D 577 -18.26 8.78 50.29
N LEU D 578 -17.23 9.28 50.98
CA LEU D 578 -17.30 9.70 52.38
C LEU D 578 -18.33 10.79 52.55
N ASP D 579 -18.89 10.87 53.76
CA ASP D 579 -19.97 11.84 54.04
C ASP D 579 -19.54 13.28 53.81
N LYS D 580 -18.30 13.63 54.15
CA LYS D 580 -17.82 14.99 53.95
C LYS D 580 -17.90 15.40 52.51
N ASP D 581 -17.95 14.43 51.64
CA ASP D 581 -17.84 14.76 50.26
C ASP D 581 -19.19 14.90 49.59
N ILE D 582 -20.27 14.61 50.31
CA ILE D 582 -21.61 14.47 49.67
C ILE D 582 -22.14 15.79 49.08
N VAL D 583 -23.05 15.63 48.15
CA VAL D 583 -23.45 16.67 47.20
C VAL D 583 -24.96 16.66 47.04
N THR D 584 -25.49 17.78 46.52
CA THR D 584 -26.92 17.98 46.34
C THR D 584 -27.06 18.30 44.88
N ASN D 585 -27.62 17.34 44.15
CA ASN D 585 -27.87 17.56 42.77
C ASN D 585 -28.80 18.80 42.57
N VAL D 586 -28.72 19.40 41.41
CA VAL D 586 -29.72 20.36 40.95
C VAL D 586 -30.72 19.65 40.02
N SER D 587 -31.66 20.44 39.47
CA SER D 587 -32.64 19.96 38.56
C SER D 587 -33.04 21.16 37.73
N PRO D 588 -33.22 21.02 36.38
CA PRO D 588 -33.09 19.78 35.59
C PRO D 588 -31.67 19.37 35.59
N ARG D 589 -31.39 18.05 35.39
CA ARG D 589 -29.98 17.64 35.27
C ARG D 589 -29.67 16.60 34.19
N ILE D 590 -30.68 16.03 33.52
CA ILE D 590 -30.41 15.16 32.39
C ILE D 590 -31.33 15.68 31.32
N VAL D 591 -30.79 15.97 30.12
CA VAL D 591 -31.64 16.43 28.99
C VAL D 591 -31.22 15.57 27.80
N ARG D 592 -32.04 15.60 26.70
CA ARG D 592 -31.76 14.73 25.55
C ARG D 592 -30.72 15.38 24.66
N GLY D 593 -30.15 14.56 23.75
CA GLY D 593 -29.17 15.05 22.74
C GLY D 593 -29.83 15.72 21.52
N THR D 594 -29.09 16.65 20.87
CA THR D 594 -29.57 17.34 19.66
C THR D 594 -28.73 16.91 18.51
N THR D 595 -27.93 15.89 18.79
CA THR D 595 -26.95 15.31 17.91
C THR D 595 -27.56 14.59 16.75
N SER D 596 -28.84 14.21 16.76
CA SER D 596 -29.36 13.88 15.40
C SER D 596 -30.70 14.52 15.08
N GLY D 597 -30.79 15.89 15.21
CA GLY D 597 -31.98 16.56 14.75
C GLY D 597 -33.11 16.34 15.74
N PRO D 598 -34.41 16.91 15.42
CA PRO D 598 -35.62 16.85 16.30
C PRO D 598 -36.44 15.57 16.11
N MET D 599 -35.75 14.47 16.42
CA MET D 599 -36.22 13.12 16.73
C MET D 599 -36.55 12.99 18.21
N TYR D 600 -37.84 12.81 18.52
CA TYR D 600 -38.20 12.67 19.93
C TYR D 600 -38.62 11.22 20.20
N GLY D 601 -38.56 10.77 21.43
CA GLY D 601 -39.00 9.43 21.69
C GLY D 601 -37.80 8.51 21.71
N PRO D 602 -37.94 7.36 21.11
CA PRO D 602 -37.03 6.29 21.41
C PRO D 602 -35.77 6.54 20.68
N GLY D 603 -34.69 6.10 21.31
CA GLY D 603 -33.44 5.98 20.69
C GLY D 603 -32.72 7.28 20.48
N GLN D 604 -32.63 8.11 21.56
CA GLN D 604 -31.90 9.37 21.48
C GLN D 604 -30.44 9.06 21.16
N SER D 605 -29.80 9.93 20.38
CA SER D 605 -28.39 9.68 20.08
C SER D 605 -27.45 10.02 21.23
N SER D 606 -27.89 10.76 22.26
CA SER D 606 -26.98 11.06 23.39
C SER D 606 -27.85 11.61 24.50
N PHE D 607 -27.33 11.63 25.73
CA PHE D 607 -27.91 12.63 26.68
C PHE D 607 -26.81 13.57 27.14
N LEU D 608 -27.13 14.61 27.92
CA LEU D 608 -26.08 15.38 28.54
C LEU D 608 -26.49 15.37 29.99
N ASN D 609 -25.58 15.21 30.92
CA ASN D 609 -26.06 15.31 32.30
C ASN D 609 -25.15 16.25 33.09
N ILE D 610 -25.71 16.99 34.04
CA ILE D 610 -24.87 17.72 34.98
C ILE D 610 -25.12 17.15 36.38
N GLU D 611 -25.27 15.81 36.41
CA GLU D 611 -25.48 15.14 37.64
C GLU D 611 -24.15 14.95 38.34
N LEU D 612 -24.20 14.92 39.68
CA LEU D 612 -23.03 14.67 40.51
C LEU D 612 -22.96 13.18 40.90
N ILE D 613 -22.24 12.82 41.98
CA ILE D 613 -22.22 11.47 42.56
C ILE D 613 -23.40 11.17 43.52
N SER D 614 -23.42 9.92 44.09
CA SER D 614 -24.62 9.42 44.76
C SER D 614 -24.98 10.35 45.89
N GLU D 615 -26.26 10.53 46.12
CA GLU D 615 -26.60 11.35 47.26
C GLU D 615 -26.83 10.55 48.46
N LYS D 616 -26.82 9.21 48.32
CA LYS D 616 -26.86 8.21 49.40
C LYS D 616 -25.48 7.92 49.87
N THR D 617 -25.35 7.50 51.12
CA THR D 617 -24.10 7.46 51.89
C THR D 617 -23.35 6.19 51.66
N ALA D 618 -22.07 6.20 51.98
CA ALA D 618 -21.34 4.93 51.92
C ALA D 618 -21.91 3.90 52.89
N ALA D 619 -22.65 4.31 53.94
CA ALA D 619 -23.30 3.28 54.73
C ALA D 619 -24.37 2.58 53.89
N TYR D 620 -25.22 3.40 53.23
CA TYR D 620 -26.25 2.81 52.38
C TYR D 620 -25.60 1.88 51.34
N TRP D 621 -24.60 2.36 50.57
CA TRP D 621 -24.02 1.58 49.45
C TRP D 621 -23.33 0.30 49.96
N CYS D 622 -22.50 0.48 51.04
CA CYS D 622 -21.81 -0.60 51.73
C CYS D 622 -22.76 -1.71 52.13
N GLN D 623 -23.84 -1.36 52.85
CA GLN D 623 -24.76 -2.38 53.28
C GLN D 623 -25.42 -3.01 52.08
N SER D 624 -25.71 -2.16 51.10
CA SER D 624 -26.33 -2.65 49.90
C SER D 624 -25.50 -3.72 49.24
N VAL D 625 -24.22 -3.45 49.06
CA VAL D 625 -23.36 -4.39 48.36
C VAL D 625 -23.38 -5.69 49.11
N THR D 626 -23.19 -5.67 50.41
CA THR D 626 -23.25 -6.93 51.14
C THR D 626 -24.56 -7.67 50.83
N GLU D 627 -25.73 -6.94 50.82
CA GLU D 627 -27.02 -7.64 50.57
C GLU D 627 -27.01 -8.24 49.19
N LEU D 628 -26.54 -7.45 48.20
CA LEU D 628 -26.58 -7.92 46.81
C LEU D 628 -25.59 -9.08 46.57
N LYS D 629 -24.46 -9.10 47.24
CA LYS D 629 -23.59 -10.24 47.01
C LYS D 629 -24.04 -11.45 47.83
N ALA D 630 -24.73 -11.23 48.95
CA ALA D 630 -25.43 -12.32 49.64
C ALA D 630 -26.38 -13.05 48.71
N ASP D 631 -27.28 -12.29 48.09
CA ASP D 631 -28.33 -12.84 47.27
C ASP D 631 -27.93 -13.17 45.83
N PHE D 632 -26.90 -12.56 45.25
CA PHE D 632 -26.59 -12.88 43.87
C PHE D 632 -25.13 -13.28 43.77
N PRO D 633 -24.71 -14.43 44.33
CA PRO D 633 -23.25 -14.77 44.36
C PRO D 633 -22.58 -14.89 42.99
N ASP D 634 -23.34 -15.01 41.89
CA ASP D 634 -22.67 -15.12 40.60
C ASP D 634 -22.73 -13.85 39.74
N ASN D 635 -23.30 -12.77 40.24
CA ASN D 635 -23.14 -11.50 39.58
C ASN D 635 -22.02 -10.64 40.20
N ILE D 636 -21.14 -10.09 39.36
CA ILE D 636 -20.16 -9.07 39.79
C ILE D 636 -20.86 -7.78 40.27
N VAL D 637 -20.44 -7.28 41.43
CA VAL D 637 -20.80 -5.96 41.89
C VAL D 637 -19.56 -5.20 42.15
N ILE D 638 -19.33 -4.20 41.33
CA ILE D 638 -18.10 -3.42 41.46
C ILE D 638 -18.39 -2.09 42.17
N ALA D 639 -17.72 -1.79 43.30
CA ALA D 639 -18.07 -0.53 44.00
C ALA D 639 -17.40 0.61 43.26
N SER D 640 -18.18 1.60 42.76
CA SER D 640 -17.61 2.86 42.25
C SER D 640 -17.42 3.84 43.41
N ILE D 641 -16.17 4.40 43.61
CA ILE D 641 -16.01 5.32 44.73
C ILE D 641 -15.34 6.62 44.29
N MET D 642 -15.52 7.68 45.07
CA MET D 642 -14.79 8.88 44.73
C MET D 642 -14.24 9.61 45.93
N CYS D 643 -13.01 10.04 45.82
CA CYS D 643 -12.50 10.88 46.88
C CYS D 643 -11.75 12.05 46.29
N SER D 644 -11.59 13.12 47.08
CA SER D 644 -10.61 14.15 46.69
C SER D 644 -9.15 13.63 46.79
N TYR D 645 -8.21 14.47 46.36
CA TYR D 645 -6.81 14.02 46.26
C TYR D 645 -6.28 14.00 47.67
N ASN D 646 -6.36 12.84 48.29
CA ASN D 646 -6.27 12.78 49.71
C ASN D 646 -5.98 11.34 50.05
N LYS D 647 -4.75 10.95 50.41
CA LYS D 647 -4.37 9.52 50.57
C LYS D 647 -5.23 8.79 51.61
N ASN D 648 -5.62 9.48 52.67
CA ASN D 648 -6.36 8.76 53.70
C ASN D 648 -7.72 8.37 53.13
N ASP D 649 -8.60 9.36 52.86
CA ASP D 649 -9.88 9.14 52.20
C ASP D 649 -9.82 7.97 51.21
N TRP D 650 -8.93 8.03 50.20
CA TRP D 650 -8.92 6.97 49.18
C TRP D 650 -8.70 5.64 49.83
N MET D 651 -7.88 5.60 50.90
CA MET D 651 -7.55 4.31 51.47
C MET D 651 -8.69 3.77 52.34
N GLU D 652 -9.27 4.67 53.13
CA GLU D 652 -10.42 4.43 53.94
C GLU D 652 -11.63 4.00 53.13
N LEU D 653 -12.06 4.81 52.14
CA LEU D 653 -13.25 4.41 51.35
C LEU D 653 -13.02 3.15 50.54
N SER D 654 -11.84 2.92 50.02
CA SER D 654 -11.71 1.67 49.31
C SER D 654 -11.79 0.51 50.29
N ARG D 655 -11.29 0.68 51.50
CA ARG D 655 -11.33 -0.47 52.41
C ARG D 655 -12.73 -0.76 52.91
N LYS D 656 -13.43 0.27 53.32
CA LYS D 656 -14.84 0.08 53.66
C LYS D 656 -15.52 -0.72 52.53
N ALA D 657 -15.16 -0.46 51.26
CA ALA D 657 -16.09 -1.06 50.29
C ALA D 657 -15.64 -2.46 49.96
N GLU D 658 -14.35 -2.74 49.95
CA GLU D 658 -13.88 -4.12 49.98
C GLU D 658 -14.57 -4.92 51.14
N ALA D 659 -14.49 -4.37 52.32
CA ALA D 659 -15.00 -5.04 53.51
C ALA D 659 -16.46 -5.41 53.35
N SER D 660 -17.28 -4.43 53.05
CA SER D 660 -18.62 -4.89 52.86
C SER D 660 -18.78 -5.83 51.62
N GLY D 661 -17.70 -6.19 50.84
CA GLY D 661 -17.89 -7.41 50.08
C GLY D 661 -17.91 -7.19 48.58
N ALA D 662 -17.39 -6.12 48.04
CA ALA D 662 -17.57 -5.96 46.61
C ALA D 662 -16.51 -6.74 45.89
N ASP D 663 -16.81 -7.19 44.67
CA ASP D 663 -15.81 -7.97 43.99
C ASP D 663 -14.72 -7.11 43.41
N ALA D 664 -14.97 -5.85 43.18
CA ALA D 664 -13.87 -5.02 42.70
C ALA D 664 -14.26 -3.59 42.92
N LEU D 665 -13.30 -2.68 42.86
CA LEU D 665 -13.58 -1.25 42.89
C LEU D 665 -13.38 -0.67 41.47
N GLU D 666 -14.26 0.25 41.07
CA GLU D 666 -13.89 1.19 40.06
C GLU D 666 -13.58 2.57 40.68
N LEU D 667 -12.49 3.23 40.29
CA LEU D 667 -12.24 4.52 40.91
C LEU D 667 -12.73 5.59 39.99
N ASN D 668 -13.66 6.43 40.48
CA ASN D 668 -14.17 7.56 39.65
C ASN D 668 -13.17 8.70 39.69
N LEU D 669 -12.49 8.97 38.59
CA LEU D 669 -11.40 9.96 38.71
C LEU D 669 -11.84 11.36 38.30
N SER D 670 -13.08 11.70 38.55
CA SER D 670 -13.55 13.00 38.19
C SER D 670 -13.29 14.03 39.28
N SER D 671 -12.61 13.87 40.11
CA SER D 671 -12.77 14.97 41.06
C SER D 671 -11.74 16.12 40.90
N PRO D 672 -12.05 17.28 41.23
CA PRO D 672 -11.15 18.47 41.13
C PRO D 672 -10.25 18.71 42.34
N HIS D 673 -8.98 19.08 42.03
CA HIS D 673 -7.71 19.00 42.86
C HIS D 673 -7.44 20.02 44.03
N MET D 680 -2.54 20.65 32.55
CA MET D 680 -3.13 19.31 32.41
C MET D 680 -4.40 18.98 33.23
N GLY D 681 -5.36 19.94 33.34
CA GLY D 681 -6.76 19.70 33.68
C GLY D 681 -7.10 19.91 35.16
N LEU D 682 -8.36 20.30 35.41
CA LEU D 682 -8.74 20.51 36.80
C LEU D 682 -9.10 19.17 37.49
N ALA D 683 -9.27 18.04 36.76
CA ALA D 683 -9.67 16.74 37.35
C ALA D 683 -8.46 15.85 37.58
N CYS D 684 -8.51 15.07 38.66
CA CYS D 684 -7.61 13.90 38.82
C CYS D 684 -7.31 13.15 37.50
N GLY D 685 -8.33 12.68 36.75
CA GLY D 685 -8.00 11.81 35.65
C GLY D 685 -7.33 12.50 34.48
N GLN D 686 -7.01 13.77 34.62
CA GLN D 686 -6.46 14.51 33.51
C GLN D 686 -5.00 14.69 33.70
N ASP D 687 -4.44 14.15 34.77
CA ASP D 687 -3.00 14.26 35.02
C ASP D 687 -2.40 12.87 35.34
N PRO D 688 -1.52 12.30 34.45
CA PRO D 688 -0.84 11.01 34.75
C PRO D 688 -0.26 10.84 36.13
N GLU D 689 0.52 11.82 36.61
CA GLU D 689 1.21 11.75 37.91
C GLU D 689 0.22 11.51 39.07
N LEU D 690 -0.93 12.15 39.01
CA LEU D 690 -1.93 11.93 40.04
C LEU D 690 -2.56 10.55 39.92
N VAL D 691 -3.04 10.18 38.72
CA VAL D 691 -3.67 8.85 38.57
C VAL D 691 -2.78 7.76 39.14
N ARG D 692 -1.49 7.75 38.75
CA ARG D 692 -0.56 6.81 39.42
C ARG D 692 -0.58 6.91 40.96
N ASN D 693 -0.53 8.13 41.54
CA ASN D 693 -0.55 8.23 43.00
C ASN D 693 -1.85 7.60 43.58
N ILE D 694 -3.04 7.99 43.06
CA ILE D 694 -4.29 7.40 43.55
C ILE D 694 -4.23 5.89 43.44
N CYS D 695 -3.64 5.40 42.39
CA CYS D 695 -3.74 3.96 42.29
C CYS D 695 -2.77 3.30 43.27
N ARG D 696 -1.54 3.81 43.38
CA ARG D 696 -0.63 3.32 44.42
C ARG D 696 -1.32 3.25 45.79
N TRP D 697 -2.01 4.28 46.18
CA TRP D 697 -2.78 4.37 47.39
C TRP D 697 -3.81 3.25 47.60
N VAL D 698 -4.81 3.20 46.74
CA VAL D 698 -5.74 2.08 46.68
C VAL D 698 -5.01 0.70 46.59
N ARG D 699 -4.01 0.53 45.69
CA ARG D 699 -3.34 -0.76 45.59
C ARG D 699 -2.82 -1.23 46.94
N GLN D 700 -2.30 -0.29 47.69
CA GLN D 700 -1.75 -0.58 48.97
C GLN D 700 -2.84 -0.59 50.04
N ALA D 701 -4.12 -0.43 49.67
CA ALA D 701 -5.13 -0.42 50.71
C ALA D 701 -6.01 -1.68 50.74
N VAL D 702 -6.21 -2.33 49.58
CA VAL D 702 -7.22 -3.36 49.43
C VAL D 702 -6.51 -4.45 48.67
N GLN D 703 -7.03 -5.67 48.73
CA GLN D 703 -6.47 -6.78 48.00
C GLN D 703 -7.36 -7.27 46.87
N ILE D 704 -8.57 -6.73 46.71
CA ILE D 704 -9.46 -7.06 45.61
C ILE D 704 -9.04 -6.26 44.36
N PRO D 705 -9.39 -6.72 43.11
CA PRO D 705 -8.95 -6.00 41.89
C PRO D 705 -9.56 -4.62 41.92
N PHE D 706 -8.91 -3.63 41.30
CA PHE D 706 -9.67 -2.39 40.97
C PHE D 706 -9.31 -1.86 39.59
N PHE D 707 -10.20 -0.99 39.13
CA PHE D 707 -10.07 -0.46 37.81
C PHE D 707 -10.15 1.06 37.90
N ALA D 708 -9.41 1.74 37.11
CA ALA D 708 -9.51 3.20 37.16
C ALA D 708 -10.35 3.67 35.99
N LYS D 709 -11.22 4.67 36.21
CA LYS D 709 -12.15 5.00 35.18
C LYS D 709 -11.66 6.26 34.53
N LEU D 710 -11.44 6.18 33.23
CA LEU D 710 -10.72 7.20 32.51
C LEU D 710 -11.70 8.15 31.85
N THR D 711 -11.34 9.43 31.86
CA THR D 711 -12.13 10.39 31.20
C THR D 711 -11.62 10.49 29.77
N PRO D 712 -12.46 10.50 28.70
CA PRO D 712 -11.91 10.87 27.38
C PRO D 712 -11.42 12.33 27.34
N ASN D 713 -11.66 13.17 28.39
CA ASN D 713 -11.36 14.59 28.20
C ASN D 713 -9.86 14.91 28.45
N VAL D 714 -8.99 14.24 27.62
CA VAL D 714 -7.53 14.43 27.67
C VAL D 714 -6.81 14.38 26.30
N THR D 715 -5.68 15.17 26.20
CA THR D 715 -4.84 15.13 25.02
C THR D 715 -4.49 13.70 24.67
N ASP D 716 -4.06 12.94 25.68
CA ASP D 716 -3.58 11.57 25.55
C ASP D 716 -4.13 10.52 26.52
N ILE D 717 -5.13 9.75 26.11
CA ILE D 717 -5.68 8.87 27.13
C ILE D 717 -4.70 7.69 27.48
N VAL D 718 -3.84 7.26 26.53
CA VAL D 718 -2.89 6.17 26.82
C VAL D 718 -2.01 6.48 28.02
N SER D 719 -1.46 7.70 28.09
CA SER D 719 -0.57 8.08 29.17
C SER D 719 -1.31 7.99 30.50
N ILE D 720 -2.61 8.33 30.54
CA ILE D 720 -3.32 8.18 31.82
C ILE D 720 -3.56 6.70 32.14
N ALA D 721 -3.90 5.89 31.11
CA ALA D 721 -3.97 4.43 31.24
C ALA D 721 -2.64 3.82 31.72
N ARG D 722 -1.53 4.29 31.20
CA ARG D 722 -0.30 3.69 31.63
C ARG D 722 -0.05 4.06 33.08
N ALA D 723 -0.34 5.31 33.45
CA ALA D 723 -0.15 5.82 34.83
C ALA D 723 -0.86 4.92 35.86
N ALA D 724 -2.17 4.60 35.57
CA ALA D 724 -2.94 3.67 36.41
C ALA D 724 -2.26 2.33 36.42
N LYS D 725 -1.72 1.88 35.28
CA LYS D 725 -1.09 0.55 35.31
C LYS D 725 0.18 0.58 36.15
N GLU D 726 0.99 1.64 36.00
CA GLU D 726 2.21 1.80 36.81
C GLU D 726 1.88 1.87 38.32
N GLY D 727 0.79 2.63 38.71
CA GLY D 727 0.32 2.64 40.09
C GLY D 727 -0.33 1.32 40.54
N GLY D 728 -0.53 0.36 39.65
CA GLY D 728 -1.00 -0.91 40.08
C GLY D 728 -2.47 -1.21 39.93
N ALA D 729 -3.27 -0.40 39.18
CA ALA D 729 -4.62 -0.79 38.79
C ALA D 729 -4.65 -2.13 38.02
N ASP D 730 -5.70 -2.88 38.21
CA ASP D 730 -5.87 -4.12 37.51
C ASP D 730 -6.54 -4.04 36.16
N GLY D 731 -6.81 -2.83 35.66
CA GLY D 731 -7.48 -2.60 34.38
C GLY D 731 -7.99 -1.19 34.44
N VAL D 732 -8.68 -0.74 33.34
CA VAL D 732 -9.17 0.66 33.13
C VAL D 732 -10.57 0.60 32.53
N THR D 733 -11.48 1.50 32.98
CA THR D 733 -12.75 1.66 32.30
C THR D 733 -12.64 2.80 31.30
N ALA D 734 -12.98 2.52 30.05
CA ALA D 734 -12.81 3.50 28.99
C ALA D 734 -14.14 3.53 28.27
N THR D 735 -14.91 4.60 28.46
CA THR D 735 -14.50 5.85 29.04
C THR D 735 -15.71 6.53 29.67
N ASN D 736 -15.50 7.58 30.49
CA ASN D 736 -16.59 8.38 31.04
C ASN D 736 -17.16 9.35 29.99
N THR D 737 -17.99 10.34 30.36
CA THR D 737 -18.65 11.05 29.30
C THR D 737 -17.76 12.18 28.77
N VAL D 738 -18.07 12.65 27.47
CA VAL D 738 -17.36 13.78 26.84
C VAL D 738 -17.89 15.14 27.30
N SER D 739 -16.97 16.13 27.45
CA SER D 739 -17.40 17.34 28.09
C SER D 739 -18.18 18.14 27.09
N GLY D 740 -19.30 18.79 27.43
CA GLY D 740 -20.04 19.31 26.27
C GLY D 740 -21.12 20.28 26.65
N LEU D 741 -21.65 20.95 25.64
CA LEU D 741 -22.80 21.83 25.82
C LEU D 741 -23.78 21.46 24.77
N MET D 742 -24.97 21.15 25.19
CA MET D 742 -25.86 20.42 24.33
C MET D 742 -26.72 21.38 23.51
N GLY D 743 -26.98 22.60 23.95
CA GLY D 743 -27.48 23.62 23.04
C GLY D 743 -28.14 24.82 23.73
N LEU D 744 -28.62 25.75 22.92
CA LEU D 744 -29.45 26.80 23.51
C LEU D 744 -30.76 26.94 22.74
N LYS D 745 -31.79 27.40 23.48
CA LYS D 745 -33.02 27.86 22.88
C LYS D 745 -32.74 29.13 22.03
N ALA D 746 -33.63 29.47 21.11
CA ALA D 746 -33.36 30.66 20.25
C ALA D 746 -33.24 31.96 21.02
N ASP D 747 -33.83 32.04 22.30
CA ASP D 747 -33.47 33.26 23.09
C ASP D 747 -32.07 33.18 23.64
N GLY D 748 -31.28 32.15 23.42
CA GLY D 748 -30.02 32.17 24.11
C GLY D 748 -29.95 31.55 25.50
N THR D 749 -31.08 31.21 26.16
CA THR D 749 -30.90 30.53 27.46
C THR D 749 -30.60 29.04 27.26
N PRO D 750 -30.00 28.36 28.20
CA PRO D 750 -29.60 26.98 27.91
C PRO D 750 -30.67 25.94 28.20
N TRP D 751 -30.34 24.68 27.94
CA TRP D 751 -31.01 23.55 28.52
C TRP D 751 -29.93 22.48 28.75
N PRO D 752 -29.76 21.93 29.96
CA PRO D 752 -30.63 22.02 31.19
C PRO D 752 -30.64 23.51 31.66
N ALA D 753 -31.72 24.16 32.15
CA ALA D 753 -31.56 25.55 32.65
C ALA D 753 -31.98 25.43 34.08
N VAL D 754 -31.12 25.84 35.02
CA VAL D 754 -31.47 25.63 36.44
C VAL D 754 -31.88 26.97 37.08
N GLY D 755 -32.89 26.89 38.00
CA GLY D 755 -33.24 28.05 38.79
C GLY D 755 -33.87 29.12 37.91
N ALA D 756 -34.26 30.20 38.55
CA ALA D 756 -34.98 31.20 37.79
C ALA D 756 -34.03 32.03 36.94
N GLY D 757 -32.76 32.01 37.22
CA GLY D 757 -31.81 32.67 36.34
C GLY D 757 -31.46 31.93 35.04
N LYS D 758 -32.04 30.73 34.83
CA LYS D 758 -31.76 29.87 33.68
C LYS D 758 -30.26 29.66 33.50
N ARG D 759 -29.62 29.05 34.52
CA ARG D 759 -28.18 28.85 34.41
C ARG D 759 -27.87 27.40 34.00
N THR D 760 -26.72 27.22 33.40
CA THR D 760 -26.28 25.84 33.25
C THR D 760 -24.78 25.80 33.56
N THR D 761 -24.24 24.58 33.60
CA THR D 761 -22.81 24.50 33.46
C THR D 761 -22.46 23.49 32.34
N TYR D 762 -21.16 23.26 32.06
CA TYR D 762 -20.75 22.18 31.11
C TYR D 762 -21.16 20.81 31.59
N GLY D 763 -21.68 19.95 30.70
CA GLY D 763 -22.19 18.64 31.21
C GLY D 763 -21.42 17.45 30.61
N GLY D 764 -21.88 16.19 30.65
CA GLY D 764 -21.10 15.12 30.01
C GLY D 764 -22.03 14.57 28.94
N VAL D 765 -21.60 14.41 27.64
CA VAL D 765 -22.36 13.74 26.58
C VAL D 765 -22.21 12.21 26.69
N SER D 766 -23.33 11.47 26.68
CA SER D 766 -23.26 9.99 26.80
C SER D 766 -23.92 9.37 25.61
N GLY D 767 -23.72 8.07 25.41
CA GLY D 767 -24.61 7.45 24.41
C GLY D 767 -24.01 7.44 22.99
N THR D 768 -24.85 7.03 22.01
CA THR D 768 -24.26 6.53 20.76
C THR D 768 -23.52 7.61 20.05
N ALA D 769 -23.81 8.86 20.38
CA ALA D 769 -23.02 9.95 19.76
C ALA D 769 -21.53 9.85 20.13
N ILE D 770 -21.15 9.32 21.32
CA ILE D 770 -19.73 9.28 21.69
C ILE D 770 -19.04 7.95 21.44
N ARG D 771 -19.76 6.96 20.93
CA ARG D 771 -19.12 5.70 20.58
C ARG D 771 -17.80 5.89 19.82
N PRO D 772 -17.71 6.80 18.83
CA PRO D 772 -16.45 6.82 18.04
C PRO D 772 -15.26 7.19 18.92
N ILE D 773 -15.49 8.14 19.85
CA ILE D 773 -14.46 8.55 20.79
C ILE D 773 -14.10 7.39 21.67
N ALA D 774 -15.14 6.69 22.22
CA ALA D 774 -14.92 5.61 23.19
C ALA D 774 -14.13 4.50 22.52
N LEU D 775 -14.54 4.14 21.30
CA LEU D 775 -13.85 3.07 20.60
C LEU D 775 -12.43 3.46 20.17
N ARG D 776 -12.17 4.71 19.75
CA ARG D 776 -10.77 5.07 19.51
C ARG D 776 -9.98 4.80 20.77
N ALA D 777 -10.64 4.99 21.94
CA ALA D 777 -10.01 4.97 23.25
C ALA D 777 -9.65 3.54 23.64
N VAL D 778 -10.68 2.63 23.70
CA VAL D 778 -10.40 1.20 23.87
C VAL D 778 -9.31 0.72 22.92
N THR D 779 -9.40 1.03 21.57
CA THR D 779 -8.35 0.50 20.67
C THR D 779 -7.03 1.09 21.03
N THR D 780 -7.00 2.32 21.57
CA THR D 780 -5.66 2.93 21.73
C THR D 780 -4.96 2.36 22.96
N ILE D 781 -5.72 2.20 24.07
CA ILE D 781 -5.27 1.48 25.22
C ILE D 781 -4.91 0.05 24.84
N ALA D 782 -5.71 -0.64 24.07
CA ALA D 782 -5.42 -2.07 23.88
C ALA D 782 -4.23 -2.32 22.94
N ARG D 783 -3.97 -1.47 22.04
CA ARG D 783 -2.75 -1.65 21.26
C ARG D 783 -1.49 -1.27 22.02
N ALA D 784 -1.60 -0.32 22.98
CA ALA D 784 -0.47 0.23 23.73
C ALA D 784 -0.17 -0.60 24.97
N LEU D 785 -1.19 -1.07 25.68
CA LEU D 785 -1.03 -1.79 26.94
C LEU D 785 -1.61 -3.16 26.69
N PRO D 786 -0.99 -3.94 25.82
CA PRO D 786 -1.66 -5.16 25.32
C PRO D 786 -1.85 -6.08 26.49
N GLY D 787 -3.03 -6.72 26.59
CA GLY D 787 -3.28 -7.63 27.66
C GLY D 787 -3.94 -7.01 28.85
N PHE D 788 -3.90 -5.70 28.96
CA PHE D 788 -4.47 -4.96 30.11
C PHE D 788 -5.98 -4.99 30.01
N PRO D 789 -6.70 -5.47 31.02
CA PRO D 789 -8.18 -5.52 30.92
C PRO D 789 -8.74 -4.12 30.72
N ILE D 790 -9.63 -3.98 29.74
CA ILE D 790 -10.45 -2.80 29.56
C ILE D 790 -11.92 -3.19 29.68
N LEU D 791 -12.64 -2.52 30.64
CA LEU D 791 -14.08 -2.44 30.63
C LEU D 791 -14.51 -1.30 29.69
N ALA D 792 -15.28 -1.58 28.62
CA ALA D 792 -15.66 -0.52 27.67
C ALA D 792 -16.93 0.15 28.12
N THR D 793 -16.98 1.48 27.91
CA THR D 793 -18.29 2.18 27.99
C THR D 793 -18.27 3.34 27.02
N GLY D 794 -19.41 3.53 26.35
CA GLY D 794 -19.54 4.65 25.47
C GLY D 794 -20.47 4.27 24.35
N GLY D 795 -21.74 4.30 24.59
CA GLY D 795 -22.58 3.97 23.46
C GLY D 795 -22.85 2.50 23.20
N ILE D 796 -22.61 1.58 24.13
CA ILE D 796 -23.01 0.20 23.77
C ILE D 796 -24.53 0.12 23.87
N ASP D 797 -25.16 -0.27 22.78
CA ASP D 797 -26.61 -0.47 22.90
C ASP D 797 -27.10 -1.70 22.15
N SER D 798 -26.21 -2.60 21.71
CA SER D 798 -26.67 -3.84 21.09
C SER D 798 -25.55 -4.89 21.26
N ALA D 799 -25.93 -6.17 21.03
CA ALA D 799 -24.86 -7.19 21.03
C ALA D 799 -23.88 -6.83 19.95
N GLU D 800 -24.40 -6.33 18.80
CA GLU D 800 -23.54 -6.01 17.70
C GLU D 800 -22.57 -4.88 18.07
N SER D 801 -23.05 -3.84 18.79
CA SER D 801 -22.07 -2.79 19.12
C SER D 801 -21.19 -3.23 20.27
N GLY D 802 -21.67 -4.09 21.13
CA GLY D 802 -20.73 -4.66 22.09
C GLY D 802 -19.65 -5.52 21.45
N LEU D 803 -20.06 -6.33 20.44
CA LEU D 803 -19.12 -7.16 19.71
C LEU D 803 -17.99 -6.27 19.20
N GLN D 804 -18.35 -5.05 18.74
CA GLN D 804 -17.34 -4.13 18.26
C GLN D 804 -16.35 -3.79 19.39
N PHE D 805 -16.86 -3.55 20.61
CA PHE D 805 -15.92 -3.19 21.67
C PHE D 805 -15.09 -4.37 22.11
N LEU D 806 -15.64 -5.58 22.01
CA LEU D 806 -14.83 -6.77 22.27
C LEU D 806 -13.71 -6.92 21.20
N HIS D 807 -14.10 -6.84 19.92
CA HIS D 807 -13.06 -6.94 18.90
C HIS D 807 -11.94 -5.92 19.13
N SER D 808 -12.26 -4.72 19.70
CA SER D 808 -11.31 -3.65 19.96
C SER D 808 -10.56 -3.89 21.27
N GLY D 809 -10.72 -5.03 21.92
CA GLY D 809 -9.89 -5.31 23.05
C GLY D 809 -10.56 -5.26 24.41
N ALA D 810 -11.80 -4.73 24.53
CA ALA D 810 -12.43 -4.70 25.83
C ALA D 810 -12.78 -6.13 26.26
N SER D 811 -12.96 -6.36 27.57
CA SER D 811 -13.36 -7.70 27.96
C SER D 811 -14.82 -7.79 28.37
N VAL D 812 -15.36 -6.69 28.95
CA VAL D 812 -16.74 -6.60 29.41
C VAL D 812 -17.26 -5.22 29.04
N LEU D 813 -18.58 -5.07 29.12
CA LEU D 813 -19.27 -4.05 28.34
C LEU D 813 -20.21 -3.29 29.24
N GLN D 814 -20.03 -2.01 29.39
CA GLN D 814 -20.88 -1.38 30.38
C GLN D 814 -21.91 -0.52 29.68
N VAL D 815 -23.15 -0.42 30.26
CA VAL D 815 -24.25 0.26 29.56
C VAL D 815 -24.93 1.22 30.48
N CYS D 816 -25.31 2.40 29.95
CA CYS D 816 -26.13 3.43 30.62
C CYS D 816 -27.17 3.95 29.63
N SER D 817 -26.75 4.68 28.57
CA SER D 817 -27.78 5.38 27.81
C SER D 817 -28.76 4.44 27.15
N ALA D 818 -28.37 3.19 26.79
CA ALA D 818 -29.37 2.36 26.13
C ALA D 818 -30.40 1.93 27.11
N VAL D 819 -30.08 1.82 28.39
CA VAL D 819 -31.14 1.46 29.33
C VAL D 819 -32.12 2.65 29.56
N GLN D 820 -31.57 3.86 29.77
CA GLN D 820 -32.34 5.11 29.82
C GLN D 820 -33.29 5.30 28.63
N ASN D 821 -32.90 4.81 27.43
CA ASN D 821 -33.76 4.88 26.26
C ASN D 821 -34.79 3.83 26.32
N GLN D 822 -34.54 2.81 27.11
CA GLN D 822 -35.52 1.75 27.10
C GLN D 822 -35.78 1.32 28.57
N ASP D 823 -35.17 0.21 29.03
CA ASP D 823 -35.54 -0.51 30.25
C ASP D 823 -34.56 -1.69 30.35
N PHE D 824 -34.44 -2.23 31.59
CA PHE D 824 -33.49 -3.29 31.88
C PHE D 824 -33.62 -4.49 30.95
N THR D 825 -34.79 -4.71 30.31
CA THR D 825 -34.95 -6.04 29.72
C THR D 825 -34.13 -6.14 28.47
N VAL D 826 -33.50 -5.02 28.05
CA VAL D 826 -32.67 -5.05 26.85
C VAL D 826 -31.64 -6.18 26.95
N ILE D 827 -31.27 -6.58 28.17
CA ILE D 827 -30.23 -7.58 28.38
C ILE D 827 -30.64 -8.79 27.64
N GLN D 828 -31.99 -9.06 27.54
CA GLN D 828 -32.31 -10.36 26.93
C GLN D 828 -31.99 -10.32 25.43
N ASP D 829 -32.06 -9.11 24.89
CA ASP D 829 -31.73 -8.93 23.52
C ASP D 829 -30.19 -8.93 23.33
N TYR D 830 -29.48 -8.22 24.17
CA TYR D 830 -28.02 -8.30 24.09
C TYR D 830 -27.54 -9.73 24.20
N CYS D 831 -28.09 -10.54 25.12
CA CYS D 831 -27.52 -11.87 25.28
C CYS D 831 -27.88 -12.82 24.13
N THR D 832 -29.11 -12.83 23.57
CA THR D 832 -29.31 -13.69 22.37
C THR D 832 -28.62 -13.11 21.15
N GLY D 833 -28.42 -11.78 21.16
CA GLY D 833 -27.67 -11.16 20.07
C GLY D 833 -26.27 -11.74 20.02
N LEU D 834 -25.55 -11.69 21.14
CA LEU D 834 -24.14 -12.15 21.20
C LEU D 834 -23.97 -13.65 20.88
N LYS D 835 -24.79 -14.46 21.55
CA LYS D 835 -24.94 -15.86 21.20
C LYS D 835 -25.11 -16.07 19.70
N ALA D 836 -26.08 -15.35 19.01
CA ALA D 836 -26.27 -15.62 17.58
C ALA D 836 -25.04 -15.22 16.81
N LEU D 837 -24.49 -14.07 17.14
CA LEU D 837 -23.30 -13.61 16.48
C LEU D 837 -22.19 -14.64 16.56
N LEU D 838 -21.98 -15.27 17.70
CA LEU D 838 -20.84 -16.22 17.73
C LEU D 838 -21.18 -17.50 16.97
N TYR D 839 -22.39 -18.05 17.20
CA TYR D 839 -22.89 -19.25 16.47
C TYR D 839 -22.76 -19.07 14.95
N LEU D 840 -23.26 -17.98 14.40
CA LEU D 840 -23.06 -17.84 12.97
C LEU D 840 -21.55 -17.85 12.60
N LYS D 841 -20.64 -17.65 13.57
CA LYS D 841 -19.27 -17.61 13.11
C LYS D 841 -18.85 -19.01 12.76
N SER D 842 -19.54 -20.04 13.22
CA SER D 842 -19.10 -21.36 12.84
C SER D 842 -19.80 -21.92 11.60
N ILE D 843 -20.76 -21.22 11.00
CA ILE D 843 -21.56 -21.78 9.91
C ILE D 843 -20.90 -21.47 8.56
N GLU D 844 -20.59 -22.49 7.79
CA GLU D 844 -19.70 -22.22 6.71
C GLU D 844 -20.46 -21.61 5.53
N GLU D 845 -21.75 -21.89 5.36
CA GLU D 845 -22.42 -21.37 4.18
C GLU D 845 -23.09 -20.03 4.44
N LEU D 846 -22.92 -19.46 5.62
CA LEU D 846 -23.36 -18.09 5.79
C LEU D 846 -22.17 -17.13 5.84
N GLN D 847 -21.09 -17.42 5.06
CA GLN D 847 -19.91 -16.57 5.22
C GLN D 847 -20.10 -15.26 4.51
N GLY D 848 -21.05 -15.15 3.57
CA GLY D 848 -21.47 -13.83 3.03
C GLY D 848 -22.16 -12.84 4.01
N TRP D 849 -22.90 -13.30 5.01
CA TRP D 849 -23.62 -12.31 5.83
C TRP D 849 -22.66 -11.45 6.64
N ASP D 850 -22.98 -10.18 6.76
CA ASP D 850 -22.29 -9.37 7.74
C ASP D 850 -23.09 -9.56 9.02
N GLY D 851 -22.52 -10.29 9.96
CA GLY D 851 -23.37 -10.30 11.10
C GLY D 851 -24.56 -11.22 10.92
N GLN D 852 -25.57 -11.01 11.75
CA GLN D 852 -26.84 -11.60 11.44
C GLN D 852 -27.52 -10.97 10.17
N SER D 853 -26.91 -9.98 9.33
CA SER D 853 -27.61 -9.39 8.13
C SER D 853 -27.27 -10.12 6.83
N PRO D 854 -28.24 -10.58 6.05
CA PRO D 854 -27.83 -11.39 4.88
C PRO D 854 -27.23 -10.52 3.77
N GLY D 855 -26.23 -11.07 3.09
CA GLY D 855 -25.59 -10.40 1.96
C GLY D 855 -26.63 -10.00 0.93
N THR D 856 -26.78 -8.68 0.68
CA THR D 856 -27.99 -8.15 0.02
C THR D 856 -28.17 -8.69 -1.39
N GLU D 857 -29.44 -8.93 -1.72
CA GLU D 857 -29.99 -8.98 -3.06
C GLU D 857 -30.71 -7.65 -3.33
N SER D 858 -31.08 -7.44 -4.60
CA SER D 858 -31.67 -6.17 -5.03
C SER D 858 -33.02 -5.84 -4.36
N HIS D 859 -33.11 -5.74 -3.00
CA HIS D 859 -34.40 -5.68 -2.27
C HIS D 859 -35.10 -4.30 -2.37
N GLN D 860 -35.76 -4.07 -3.55
CA GLN D 860 -36.66 -2.93 -3.89
C GLN D 860 -38.07 -3.16 -3.38
N LYS D 861 -38.53 -2.34 -2.43
CA LYS D 861 -39.71 -2.62 -1.59
C LYS D 861 -39.55 -3.94 -0.80
N GLY D 862 -38.32 -4.51 -0.72
CA GLY D 862 -38.02 -5.76 -0.03
C GLY D 862 -37.80 -6.95 -0.94
N LYS D 863 -38.07 -6.76 -2.25
CA LYS D 863 -38.36 -7.78 -3.27
C LYS D 863 -37.22 -7.79 -4.30
N PRO D 864 -36.21 -8.80 -4.21
CA PRO D 864 -35.00 -8.75 -5.07
C PRO D 864 -35.21 -8.68 -6.59
N VAL D 865 -34.84 -7.54 -7.18
CA VAL D 865 -35.35 -7.16 -8.50
C VAL D 865 -34.74 -8.07 -9.57
N PRO D 866 -35.54 -8.55 -10.53
CA PRO D 866 -35.12 -9.71 -11.33
C PRO D 866 -33.85 -9.49 -12.15
N ARG D 867 -33.12 -10.61 -12.32
CA ARG D 867 -31.88 -10.75 -13.08
C ARG D 867 -32.15 -11.38 -14.47
N ILE D 868 -33.27 -10.96 -15.09
CA ILE D 868 -33.60 -11.35 -16.46
C ILE D 868 -32.48 -10.88 -17.42
N ALA D 869 -32.32 -11.59 -18.57
CA ALA D 869 -31.12 -11.48 -19.41
C ALA D 869 -30.89 -10.07 -19.95
N GLU D 870 -31.91 -9.46 -20.55
CA GLU D 870 -31.80 -8.08 -21.05
C GLU D 870 -32.46 -7.08 -20.10
N LEU D 871 -31.97 -7.06 -18.83
CA LEU D 871 -32.34 -6.19 -17.71
C LEU D 871 -32.05 -6.82 -16.32
N MET D 872 -30.79 -7.20 -16.05
CA MET D 872 -30.04 -6.83 -14.83
C MET D 872 -29.10 -5.67 -15.13
N GLY D 873 -29.54 -4.78 -16.06
CA GLY D 873 -28.72 -3.97 -16.92
C GLY D 873 -29.34 -3.88 -18.31
N LYS D 874 -30.47 -3.14 -18.40
CA LYS D 874 -30.88 -2.57 -19.68
C LYS D 874 -31.43 -1.12 -19.62
N LYS D 875 -31.28 -0.41 -18.46
CA LYS D 875 -31.33 1.06 -18.24
C LYS D 875 -32.74 1.68 -18.11
N LEU D 876 -33.74 1.00 -17.51
CA LEU D 876 -35.12 1.53 -17.34
C LEU D 876 -35.42 1.60 -15.87
N PRO D 877 -35.63 2.80 -15.30
CA PRO D 877 -36.02 2.87 -13.89
C PRO D 877 -37.47 2.41 -13.80
N ASN D 878 -37.91 2.31 -12.54
CA ASN D 878 -39.25 2.01 -12.11
C ASN D 878 -40.19 3.20 -12.02
N PHE D 879 -40.28 4.06 -13.06
CA PHE D 879 -41.31 5.06 -13.01
C PHE D 879 -41.77 5.41 -14.42
N GLY D 880 -42.86 6.24 -14.50
CA GLY D 880 -43.22 6.83 -15.79
C GLY D 880 -43.38 5.79 -16.86
N PRO D 881 -43.18 6.09 -18.16
CA PRO D 881 -43.40 5.03 -19.17
C PRO D 881 -42.40 3.93 -19.05
N TYR D 882 -41.24 4.17 -18.52
CA TYR D 882 -40.36 3.05 -18.29
C TYR D 882 -41.00 1.94 -17.42
N LEU D 883 -41.64 2.30 -16.32
CA LEU D 883 -42.28 1.32 -15.45
C LEU D 883 -43.08 0.28 -16.23
N GLU D 884 -43.86 0.77 -17.19
CA GLU D 884 -44.54 -0.05 -18.21
C GLU D 884 -43.60 -1.07 -18.85
N GLN D 885 -42.54 -0.58 -19.51
CA GLN D 885 -41.68 -1.52 -20.20
C GLN D 885 -40.97 -2.47 -19.23
N ARG D 886 -40.79 -2.11 -17.97
CA ARG D 886 -40.30 -3.12 -17.05
C ARG D 886 -41.38 -4.16 -16.75
N LYS D 887 -42.64 -3.79 -16.88
CA LYS D 887 -43.63 -4.81 -16.65
C LYS D 887 -43.74 -5.78 -17.83
N LYS D 888 -43.67 -5.33 -19.09
CA LYS D 888 -43.70 -6.31 -20.19
C LYS D 888 -42.43 -7.13 -20.30
N ILE D 889 -41.40 -6.88 -19.50
CA ILE D 889 -40.18 -7.67 -19.56
C ILE D 889 -40.05 -8.62 -18.38
N ILE D 890 -40.65 -8.29 -17.24
CA ILE D 890 -40.74 -9.26 -16.16
C ILE D 890 -41.98 -10.16 -16.37
N ALA D 891 -43.00 -9.63 -17.08
CA ALA D 891 -44.24 -10.33 -17.45
C ALA D 891 -44.23 -10.85 -18.89
N GLU D 892 -43.04 -11.18 -19.38
CA GLU D 892 -42.82 -12.19 -20.39
C GLU D 892 -41.64 -12.99 -19.89
N GLU D 893 -41.74 -13.43 -18.63
CA GLU D 893 -40.69 -14.22 -18.01
C GLU D 893 -41.18 -15.44 -17.18
N GLU D 908 -33.54 -28.02 -0.73
CA GLU D 908 -34.25 -28.75 0.32
C GLU D 908 -34.05 -28.06 1.68
N ARG D 909 -34.76 -28.54 2.72
CA ARG D 909 -34.54 -28.14 4.11
C ARG D 909 -33.29 -28.92 4.62
N LYS D 910 -32.16 -28.22 4.80
CA LYS D 910 -30.81 -28.78 4.95
C LYS D 910 -30.10 -28.10 6.12
N PRO D 911 -30.55 -28.34 7.39
CA PRO D 911 -29.96 -27.59 8.53
C PRO D 911 -28.41 -27.52 8.62
N PHE D 912 -27.90 -26.32 8.34
CA PHE D 912 -26.45 -26.07 8.40
C PHE D 912 -25.80 -26.49 9.73
N ILE D 913 -24.69 -27.17 9.64
CA ILE D 913 -24.10 -27.83 10.79
C ILE D 913 -22.77 -27.13 11.06
N PRO D 914 -22.52 -26.62 12.27
CA PRO D 914 -21.33 -25.78 12.50
C PRO D 914 -20.06 -26.50 12.19
N LYS D 915 -19.07 -25.78 11.68
CA LYS D 915 -17.87 -26.40 11.14
C LYS D 915 -16.57 -26.07 11.90
N LYS D 916 -16.47 -24.99 12.62
CA LYS D 916 -15.35 -25.00 13.52
C LYS D 916 -16.00 -24.93 14.88
N PRO D 917 -15.26 -24.99 16.00
CA PRO D 917 -15.91 -24.79 17.30
C PRO D 917 -16.49 -23.39 17.35
N ILE D 918 -17.59 -23.22 18.07
CA ILE D 918 -18.15 -21.87 18.13
C ILE D 918 -17.27 -21.00 19.01
N PRO D 919 -16.63 -19.94 18.53
CA PRO D 919 -15.76 -19.16 19.42
C PRO D 919 -16.40 -18.83 20.77
N ALA D 920 -15.54 -18.71 21.78
CA ALA D 920 -15.80 -18.10 23.06
C ALA D 920 -15.47 -16.59 23.02
N ILE D 921 -15.91 -15.82 24.02
CA ILE D 921 -15.47 -14.42 24.08
C ILE D 921 -13.95 -14.33 24.09
N LYS D 922 -13.28 -15.17 24.89
CA LYS D 922 -11.83 -15.06 24.94
C LYS D 922 -11.18 -15.11 23.53
N ASP D 923 -11.89 -15.51 22.47
CA ASP D 923 -11.29 -15.64 21.15
C ASP D 923 -11.63 -14.51 20.22
N VAL D 924 -12.71 -13.76 20.48
CA VAL D 924 -12.89 -12.59 19.63
C VAL D 924 -12.21 -11.34 20.23
N ILE D 925 -11.78 -11.38 21.51
CA ILE D 925 -11.26 -10.15 22.12
C ILE D 925 -10.05 -9.69 21.35
N GLY D 926 -10.08 -8.45 20.85
CA GLY D 926 -8.84 -7.87 20.28
C GLY D 926 -8.55 -8.22 18.82
N LYS D 927 -9.43 -9.00 18.13
CA LYS D 927 -9.05 -9.44 16.78
C LYS D 927 -9.08 -8.28 15.79
N ALA D 928 -9.79 -7.23 16.09
CA ALA D 928 -9.73 -6.13 15.19
C ALA D 928 -8.39 -5.45 15.23
N LEU D 929 -7.64 -5.52 16.31
CA LEU D 929 -6.50 -4.63 16.36
C LEU D 929 -5.55 -4.92 15.17
N GLN D 930 -5.54 -6.16 14.62
CA GLN D 930 -4.64 -6.48 13.49
C GLN D 930 -4.85 -5.51 12.33
N TYR D 931 -5.97 -4.75 12.32
CA TYR D 931 -6.30 -3.97 11.15
C TYR D 931 -5.91 -2.54 11.30
N LEU D 932 -5.76 -2.04 12.50
CA LEU D 932 -5.51 -0.61 12.73
C LEU D 932 -4.05 -0.29 12.46
N GLY D 933 -3.74 0.93 12.09
CA GLY D 933 -2.34 1.27 11.94
C GLY D 933 -2.12 2.79 11.97
N THR D 934 -0.97 3.22 11.41
CA THR D 934 -0.77 4.64 11.10
C THR D 934 -1.31 4.89 9.66
N PHE D 935 -1.54 6.17 9.29
CA PHE D 935 -1.85 6.36 7.87
C PHE D 935 -0.81 5.69 6.91
N GLY D 936 0.51 5.75 7.31
CA GLY D 936 1.66 5.33 6.52
C GLY D 936 1.60 3.86 6.20
N GLU D 937 0.79 3.12 6.98
CA GLU D 937 0.59 1.68 6.86
C GLU D 937 -0.58 1.38 5.95
N LEU D 938 -1.27 2.42 5.44
CA LEU D 938 -2.43 2.31 4.57
C LEU D 938 -1.92 2.36 3.14
N SER D 939 -2.47 1.52 2.25
CA SER D 939 -1.98 1.46 0.86
C SER D 939 -2.59 2.56 0.00
N ASN D 940 -1.77 3.29 -0.73
CA ASN D 940 -2.32 4.21 -1.72
C ASN D 940 -2.25 3.67 -3.13
N ILE D 941 -1.71 2.49 -3.37
CA ILE D 941 -1.88 1.88 -4.69
C ILE D 941 -3.28 1.38 -4.79
N GLU D 942 -3.83 0.87 -3.69
CA GLU D 942 -5.10 0.19 -3.77
C GLU D 942 -6.25 1.18 -3.69
N GLN D 943 -6.50 1.89 -4.77
CA GLN D 943 -7.64 2.80 -4.84
C GLN D 943 -8.91 2.08 -5.31
N VAL D 944 -10.06 2.67 -4.95
CA VAL D 944 -11.34 2.14 -5.32
C VAL D 944 -12.13 3.19 -6.07
N VAL D 945 -13.20 2.74 -6.72
CA VAL D 945 -14.10 3.68 -7.42
C VAL D 945 -15.49 3.22 -7.11
N ALA D 946 -16.47 4.05 -7.37
CA ALA D 946 -17.83 3.67 -6.99
C ALA D 946 -18.52 3.09 -8.21
N VAL D 947 -19.43 2.17 -7.94
CA VAL D 947 -20.27 1.55 -8.95
C VAL D 947 -21.72 1.42 -8.44
N ILE D 948 -22.71 1.80 -9.25
CA ILE D 948 -24.06 1.99 -8.77
C ILE D 948 -24.94 0.88 -9.37
N ASP D 949 -25.63 0.01 -8.54
CA ASP D 949 -26.50 -1.06 -9.06
C ASP D 949 -27.81 -0.43 -9.42
N GLU D 950 -28.03 -0.17 -10.70
CA GLU D 950 -29.21 0.59 -11.15
C GLU D 950 -30.56 -0.08 -10.80
N GLU D 951 -30.69 -1.43 -10.89
CA GLU D 951 -31.89 -2.12 -10.38
C GLU D 951 -32.21 -1.87 -8.88
N MET D 952 -31.40 -1.09 -8.16
CA MET D 952 -31.65 -0.82 -6.75
C MET D 952 -31.92 0.67 -6.53
N CYS D 953 -31.70 1.50 -7.54
CA CYS D 953 -31.54 2.93 -7.30
C CYS D 953 -32.95 3.50 -7.19
N ILE D 954 -33.17 4.58 -6.41
CA ILE D 954 -34.56 5.10 -6.42
C ILE D 954 -34.60 6.50 -7.01
N ASN D 955 -33.48 6.83 -7.68
CA ASN D 955 -33.35 7.93 -8.63
C ASN D 955 -33.34 9.28 -7.93
N CYS D 956 -32.66 9.40 -6.82
CA CYS D 956 -32.81 10.58 -5.99
C CYS D 956 -31.89 11.71 -6.39
N GLY D 957 -30.86 11.40 -7.18
CA GLY D 957 -29.65 12.25 -7.32
C GLY D 957 -28.89 12.62 -6.04
N LYS D 958 -28.93 11.82 -4.92
CA LYS D 958 -28.07 12.31 -3.81
C LYS D 958 -26.58 11.97 -4.08
N CYS D 959 -26.29 10.86 -4.75
CA CYS D 959 -24.86 10.63 -5.02
C CYS D 959 -24.33 11.82 -5.83
N TYR D 960 -25.14 12.23 -6.83
CA TYR D 960 -24.89 13.32 -7.77
C TYR D 960 -24.68 14.66 -7.03
N MET D 961 -25.61 15.06 -6.16
CA MET D 961 -25.40 16.38 -5.56
C MET D 961 -24.16 16.38 -4.69
N THR D 962 -23.93 15.24 -3.99
CA THR D 962 -22.78 15.12 -3.17
C THR D 962 -21.51 15.11 -4.03
N CYS D 963 -21.50 14.37 -5.18
CA CYS D 963 -20.21 14.46 -5.92
C CYS D 963 -20.08 15.89 -6.50
N ASN D 964 -21.21 16.61 -6.70
CA ASN D 964 -21.15 17.95 -7.28
C ASN D 964 -20.57 18.99 -6.35
N ASP D 965 -21.21 19.22 -5.23
CA ASP D 965 -20.83 20.21 -4.26
C ASP D 965 -19.97 19.70 -3.14
N SER D 966 -19.54 18.43 -3.15
CA SER D 966 -18.60 18.01 -2.12
C SER D 966 -17.61 17.05 -2.64
N GLY D 967 -17.49 16.90 -3.91
CA GLY D 967 -16.68 15.77 -4.36
C GLY D 967 -15.91 16.14 -5.62
N TYR D 968 -15.99 15.38 -6.75
CA TYR D 968 -15.13 15.67 -7.94
C TYR D 968 -15.95 15.75 -9.21
N GLN D 969 -17.24 16.12 -9.12
CA GLN D 969 -18.15 16.30 -10.28
C GLN D 969 -18.03 15.06 -11.17
N ALA D 970 -18.08 13.87 -10.54
CA ALA D 970 -17.78 12.65 -11.27
C ALA D 970 -19.01 11.82 -11.64
N ILE D 971 -20.24 12.23 -11.34
CA ILE D 971 -21.41 11.42 -11.69
C ILE D 971 -22.25 12.10 -12.79
N GLN D 972 -22.59 11.33 -13.84
CA GLN D 972 -23.52 11.76 -14.89
C GLN D 972 -24.86 11.33 -14.44
N PHE D 973 -25.80 12.25 -14.36
CA PHE D 973 -27.10 11.94 -13.78
C PHE D 973 -28.12 12.18 -14.88
N ASP D 974 -28.75 11.12 -15.39
CA ASP D 974 -29.41 11.23 -16.65
C ASP D 974 -30.75 11.94 -16.53
N PRO D 975 -30.98 13.07 -17.27
CA PRO D 975 -32.27 13.89 -17.17
C PRO D 975 -33.57 13.25 -17.63
N GLU D 976 -33.58 12.19 -18.46
CA GLU D 976 -34.84 11.54 -18.77
C GLU D 976 -35.16 10.39 -17.76
N THR D 977 -34.11 9.70 -17.24
CA THR D 977 -34.32 8.53 -16.39
C THR D 977 -33.86 8.73 -14.93
N HIS D 978 -33.16 9.80 -14.60
CA HIS D 978 -32.79 9.97 -13.21
C HIS D 978 -32.03 8.74 -12.76
N LEU D 979 -31.19 8.27 -13.71
CA LEU D 979 -30.23 7.28 -13.25
C LEU D 979 -28.76 7.82 -13.33
N PRO D 980 -27.93 7.52 -12.27
CA PRO D 980 -26.59 8.09 -12.22
C PRO D 980 -25.62 7.13 -12.78
N THR D 981 -24.54 7.64 -13.39
CA THR D 981 -23.38 6.81 -13.72
C THR D 981 -22.14 7.39 -13.07
N VAL D 982 -21.37 6.56 -12.37
CA VAL D 982 -20.02 6.96 -11.99
C VAL D 982 -19.10 6.92 -13.21
N THR D 983 -18.42 8.02 -13.49
CA THR D 983 -17.53 8.21 -14.63
C THR D 983 -16.09 8.06 -14.18
N ASP D 984 -15.17 8.11 -15.15
CA ASP D 984 -13.81 7.83 -14.79
C ASP D 984 -13.18 8.91 -13.92
N THR D 985 -13.71 10.07 -13.85
CA THR D 985 -12.90 10.94 -12.89
C THR D 985 -13.03 10.55 -11.29
N CYS D 986 -13.72 9.45 -10.96
CA CYS D 986 -14.02 9.17 -9.55
C CYS D 986 -12.72 8.90 -8.81
N THR D 987 -12.56 9.55 -7.68
CA THR D 987 -11.38 9.35 -6.89
C THR D 987 -11.67 8.49 -5.72
N GLY D 988 -12.78 7.80 -5.72
CA GLY D 988 -12.98 6.91 -4.58
C GLY D 988 -13.19 7.55 -3.20
N CYS D 989 -13.55 8.86 -3.09
CA CYS D 989 -13.70 9.52 -1.79
C CYS D 989 -14.61 8.73 -0.81
N THR D 990 -15.74 8.28 -1.30
CA THR D 990 -16.81 7.43 -0.67
C THR D 990 -17.97 8.21 -0.03
N LEU D 991 -17.93 9.55 -0.24
CA LEU D 991 -19.12 10.39 -0.12
C LEU D 991 -20.38 9.77 -0.71
N CYS D 992 -20.49 9.47 -2.03
CA CYS D 992 -21.80 9.01 -2.58
C CYS D 992 -22.37 7.82 -1.83
N LEU D 993 -21.58 6.83 -1.57
CA LEU D 993 -22.03 5.66 -0.87
C LEU D 993 -22.62 6.01 0.47
N SER D 994 -21.99 6.96 1.13
CA SER D 994 -22.30 7.22 2.53
C SER D 994 -23.61 8.04 2.68
N VAL D 995 -23.96 8.85 1.64
CA VAL D 995 -25.29 9.45 1.63
C VAL D 995 -26.35 8.68 0.82
N CYS D 996 -26.03 7.57 0.12
CA CYS D 996 -27.06 6.84 -0.67
C CYS D 996 -28.08 6.30 0.33
N PRO D 997 -29.39 6.54 0.18
CA PRO D 997 -30.30 6.02 1.24
C PRO D 997 -30.74 4.56 1.04
N ILE D 998 -30.38 3.93 -0.12
CA ILE D 998 -30.53 2.50 -0.38
C ILE D 998 -29.22 1.83 -0.06
N ILE D 999 -29.31 0.69 0.63
CA ILE D 999 -28.20 -0.04 1.23
C ILE D 999 -27.53 -0.99 0.24
N ASP D 1000 -26.20 -0.88 0.02
CA ASP D 1000 -25.56 -1.73 -1.00
C ASP D 1000 -25.91 -1.42 -2.43
N CYS D 1001 -26.70 -0.35 -2.70
CA CYS D 1001 -26.90 0.08 -4.06
C CYS D 1001 -25.61 0.57 -4.76
N ILE D 1002 -24.72 1.26 -4.03
CA ILE D 1002 -23.41 1.71 -4.47
C ILE D 1002 -22.38 0.86 -3.78
N ARG D 1003 -21.51 0.18 -4.53
CA ARG D 1003 -20.36 -0.57 -3.98
C ARG D 1003 -19.03 0.09 -4.30
N MET D 1004 -18.01 -0.12 -3.47
CA MET D 1004 -16.69 0.38 -3.77
C MET D 1004 -15.90 -0.81 -4.26
N VAL D 1005 -15.43 -0.76 -5.55
CA VAL D 1005 -14.66 -1.79 -6.25
C VAL D 1005 -13.26 -1.25 -6.59
N SER D 1006 -12.27 -2.16 -6.74
CA SER D 1006 -10.90 -1.81 -7.19
C SER D 1006 -10.89 -1.03 -8.50
N ARG D 1007 -10.13 0.06 -8.60
CA ARG D 1007 -9.79 0.30 -9.98
C ARG D 1007 -8.97 -0.92 -10.33
N THR D 1008 -8.96 -1.26 -11.61
CA THR D 1008 -7.81 -2.04 -12.08
C THR D 1008 -7.27 -1.44 -13.39
N THR D 1009 -7.78 -0.22 -13.78
CA THR D 1009 -7.74 0.74 -14.90
C THR D 1009 -7.27 2.17 -14.46
N PRO D 1010 -6.45 2.87 -15.28
CA PRO D 1010 -5.59 3.92 -14.72
C PRO D 1010 -6.26 5.23 -14.35
N TYR D 1011 -5.72 5.80 -13.26
CA TYR D 1011 -6.03 7.10 -12.68
C TYR D 1011 -4.77 7.57 -11.96
N GLU D 1012 -4.59 8.92 -11.89
CA GLU D 1012 -3.55 9.83 -11.38
C GLU D 1012 -4.09 10.76 -10.29
N PRO D 1013 -3.30 11.11 -9.25
CA PRO D 1013 -3.75 12.12 -8.28
C PRO D 1013 -4.15 13.41 -9.00
N LYS D 1014 -4.98 14.22 -8.35
CA LYS D 1014 -5.67 15.32 -9.02
C LYS D 1014 -5.11 16.69 -8.62
N ARG D 1015 -3.90 17.01 -9.14
CA ARG D 1015 -3.01 18.08 -8.63
C ARG D 1015 -3.30 19.51 -9.12
N GLY D 1016 -4.25 19.68 -10.10
CA GLY D 1016 -4.77 20.94 -10.67
C GLY D 1016 -4.01 21.60 -11.82
N LEU D 1017 -2.70 21.89 -11.59
CA LEU D 1017 -1.60 22.40 -12.45
C LEU D 1017 -0.46 21.36 -12.59
N PRO D 1018 0.06 21.04 -13.84
CA PRO D 1018 1.13 20.03 -14.06
C PRO D 1018 2.56 20.41 -13.51
#